data_2JQI
#
_entry.id   2JQI
#
loop_
_entity.id
_entity.type
_entity.pdbx_description
1 polymer 'Serine/threonine-protein kinase RAD53'
2 polymer 'Serine/threonine-protein kinase RAD53'
#
loop_
_entity_poly.entity_id
_entity_poly.type
_entity_poly.pdbx_seq_one_letter_code
_entity_poly.pdbx_strand_id
1 'polypeptide(L)'
;ATQRFLIEKFSQEQIGENIVCRVICTTGQIPIRDLSADISQVLKEKRSIKKVWTFGRNPACDYHLGNISRLSNKHFQILL
GEDGNLLLNDISTNGTWLNGQKVEKNSNQLLSQGDEITVGVGVESDILSLVIFINDKFKQCLEQNKVDRIR
;
A
2 'polypeptide(L)' NI(TPO)QPTQQST B
#
# COMPACT_ATOMS: atom_id res chain seq x y z
N ALA A 1 -35.38 -1.91 20.14
CA ALA A 1 -34.07 -2.17 19.49
C ALA A 1 -33.03 -1.14 19.93
N THR A 2 -32.08 -1.57 20.75
CA THR A 2 -31.02 -0.70 21.25
C THR A 2 -29.65 -1.30 21.02
N GLN A 3 -29.41 -2.47 21.60
CA GLN A 3 -28.13 -3.15 21.46
C GLN A 3 -27.98 -3.72 20.06
N ARG A 4 -29.04 -4.30 19.53
CA ARG A 4 -29.03 -4.89 18.20
C ARG A 4 -28.67 -3.83 17.15
N PHE A 5 -29.20 -2.62 17.33
CA PHE A 5 -28.94 -1.53 16.41
C PHE A 5 -27.44 -1.23 16.32
N LEU A 6 -26.77 -1.30 17.47
CA LEU A 6 -25.33 -1.05 17.52
C LEU A 6 -24.57 -2.10 16.70
N ILE A 7 -25.11 -3.32 16.67
CA ILE A 7 -24.48 -4.40 15.92
C ILE A 7 -24.64 -4.19 14.42
N GLU A 8 -25.78 -3.65 14.02
CA GLU A 8 -26.05 -3.39 12.61
C GLU A 8 -24.97 -2.50 12.01
N LYS A 9 -24.62 -1.44 12.73
CA LYS A 9 -23.60 -0.52 12.28
C LYS A 9 -22.23 -1.20 12.26
N PHE A 10 -22.09 -2.24 13.08
CA PHE A 10 -20.84 -2.98 13.17
C PHE A 10 -20.42 -3.51 11.80
N SER A 11 -21.35 -4.13 11.09
CA SER A 11 -21.08 -4.67 9.77
C SER A 11 -21.11 -3.58 8.70
N GLN A 12 -22.05 -2.64 8.86
CA GLN A 12 -22.20 -1.54 7.92
C GLN A 12 -21.53 -0.28 8.45
N GLU A 13 -20.20 -0.24 8.37
CA GLU A 13 -19.45 0.91 8.84
C GLU A 13 -19.13 1.85 7.69
N GLN A 14 -19.31 3.15 7.93
CA GLN A 14 -19.04 4.16 6.91
C GLN A 14 -17.55 4.23 6.58
N ILE A 15 -17.17 3.62 5.46
CA ILE A 15 -15.78 3.61 5.03
C ILE A 15 -15.43 4.84 4.22
N GLY A 16 -14.26 5.37 4.49
CA GLY A 16 -13.78 6.55 3.80
C GLY A 16 -13.48 7.70 4.74
N GLU A 17 -12.95 7.37 5.93
CA GLU A 17 -12.62 8.39 6.91
C GLU A 17 -11.54 9.33 6.39
N ASN A 18 -10.52 8.75 5.77
CA ASN A 18 -9.42 9.53 5.21
C ASN A 18 -8.43 8.56 4.61
N ILE A 19 -9.01 7.53 3.99
CA ILE A 19 -8.25 6.47 3.41
C ILE A 19 -7.62 6.85 2.08
N VAL A 20 -6.37 6.47 1.92
CA VAL A 20 -5.60 6.74 0.75
C VAL A 20 -5.73 5.58 -0.22
N CYS A 21 -5.31 4.41 0.24
CA CYS A 21 -5.38 3.20 -0.56
C CYS A 21 -5.67 1.99 0.33
N ARG A 22 -6.05 0.87 -0.27
CA ARG A 22 -6.36 -0.34 0.50
C ARG A 22 -5.58 -1.55 -0.02
N VAL A 23 -4.81 -2.18 0.85
CA VAL A 23 -4.03 -3.35 0.48
C VAL A 23 -4.81 -4.63 0.70
N ILE A 24 -4.98 -5.40 -0.37
CA ILE A 24 -5.73 -6.65 -0.30
C ILE A 24 -4.91 -7.82 -0.81
N CYS A 25 -4.69 -8.82 0.03
CA CYS A 25 -3.93 -10.00 -0.35
C CYS A 25 -4.82 -10.97 -1.13
N THR A 26 -4.43 -11.28 -2.37
CA THR A 26 -5.20 -12.18 -3.21
C THR A 26 -4.75 -13.63 -3.03
N THR A 27 -3.49 -13.81 -2.63
CA THR A 27 -2.95 -15.15 -2.44
C THR A 27 -3.37 -15.74 -1.09
N GLY A 28 -4.10 -14.96 -0.31
CA GLY A 28 -4.58 -15.43 0.98
C GLY A 28 -3.45 -15.71 1.95
N GLN A 29 -2.87 -14.63 2.51
CA GLN A 29 -1.77 -14.76 3.47
C GLN A 29 -1.84 -13.66 4.52
N ILE A 30 -2.13 -12.44 4.08
CA ILE A 30 -2.22 -11.30 4.98
C ILE A 30 -3.63 -10.71 4.97
N PRO A 31 -4.15 -10.28 6.14
CA PRO A 31 -5.49 -9.69 6.23
C PRO A 31 -5.55 -8.30 5.61
N ILE A 32 -6.66 -8.03 4.93
CA ILE A 32 -6.86 -6.73 4.27
C ILE A 32 -6.72 -5.58 5.25
N ARG A 33 -5.96 -4.56 4.84
CA ARG A 33 -5.75 -3.37 5.66
C ARG A 33 -6.08 -2.12 4.87
N ASP A 34 -6.25 -0.99 5.57
CA ASP A 34 -6.59 0.26 4.90
C ASP A 34 -5.55 1.34 5.16
N LEU A 35 -4.94 1.83 4.09
CA LEU A 35 -3.93 2.88 4.18
C LEU A 35 -4.62 4.23 4.16
N SER A 36 -4.29 5.11 5.09
CA SER A 36 -4.91 6.43 5.12
C SER A 36 -3.95 7.55 5.42
N ALA A 37 -4.34 8.72 4.96
CA ALA A 37 -3.55 9.93 5.16
C ALA A 37 -4.44 11.16 5.25
N ASP A 38 -3.87 12.26 5.72
CA ASP A 38 -4.61 13.51 5.86
C ASP A 38 -4.72 14.25 4.52
N ILE A 39 -5.94 14.59 4.14
CA ILE A 39 -6.19 15.29 2.89
C ILE A 39 -5.58 16.68 2.88
N SER A 40 -5.72 17.39 4.00
CA SER A 40 -5.20 18.75 4.11
C SER A 40 -3.69 18.74 3.98
N GLN A 41 -3.07 17.74 4.59
CA GLN A 41 -1.63 17.59 4.56
C GLN A 41 -1.15 17.23 3.15
N VAL A 42 -1.94 16.42 2.46
CA VAL A 42 -1.61 16.01 1.10
C VAL A 42 -1.81 17.15 0.11
N LEU A 43 -2.91 17.89 0.27
CA LEU A 43 -3.21 19.01 -0.60
C LEU A 43 -2.26 20.18 -0.34
N LYS A 44 -1.95 20.41 0.92
CA LYS A 44 -1.05 21.49 1.31
C LYS A 44 0.40 21.14 0.98
N GLU A 45 0.77 19.89 1.23
CA GLU A 45 2.12 19.42 0.97
C GLU A 45 2.24 18.86 -0.44
N LYS A 46 3.20 19.37 -1.19
CA LYS A 46 3.42 18.92 -2.57
C LYS A 46 4.91 18.77 -2.85
N ARG A 47 5.67 18.38 -1.83
CA ARG A 47 7.11 18.19 -1.99
C ARG A 47 7.61 17.09 -1.06
N SER A 48 8.72 16.46 -1.46
CA SER A 48 9.29 15.38 -0.67
C SER A 48 8.32 14.21 -0.54
N ILE A 49 7.43 14.29 0.45
CA ILE A 49 6.44 13.23 0.67
C ILE A 49 5.52 13.58 1.84
N LYS A 50 4.37 12.91 1.91
CA LYS A 50 3.42 13.16 2.99
C LYS A 50 3.41 12.03 4.01
N LYS A 51 2.91 10.86 3.60
CA LYS A 51 2.84 9.71 4.50
C LYS A 51 3.08 8.39 3.77
N VAL A 52 4.14 7.68 4.16
CA VAL A 52 4.48 6.43 3.54
C VAL A 52 4.30 5.22 4.47
N TRP A 53 3.80 4.16 3.88
CA TRP A 53 3.55 2.90 4.59
C TRP A 53 4.65 1.87 4.32
N THR A 54 5.04 1.15 5.37
CA THR A 54 6.05 0.10 5.23
C THR A 54 5.39 -1.26 5.43
N PHE A 55 5.67 -2.19 4.51
CA PHE A 55 5.09 -3.52 4.57
C PHE A 55 6.16 -4.61 4.66
N GLY A 56 5.85 -5.68 5.39
CA GLY A 56 6.79 -6.77 5.54
C GLY A 56 6.48 -7.65 6.74
N ARG A 57 7.41 -8.54 7.09
CA ARG A 57 7.23 -9.45 8.22
C ARG A 57 7.55 -8.78 9.56
N ASN A 58 7.88 -7.49 9.51
CA ASN A 58 8.23 -6.76 10.72
C ASN A 58 6.97 -6.24 11.43
N PRO A 59 6.86 -6.45 12.76
CA PRO A 59 5.73 -5.98 13.54
C PRO A 59 5.64 -4.46 13.58
N ALA A 60 6.73 -3.82 13.17
CA ALA A 60 6.79 -2.37 13.13
C ALA A 60 6.14 -1.90 11.86
N CYS A 61 6.48 -2.61 10.80
CA CYS A 61 5.95 -2.31 9.49
C CYS A 61 4.48 -2.05 9.55
N ASP A 62 4.06 -1.04 8.83
CA ASP A 62 2.65 -0.69 8.77
C ASP A 62 1.82 -1.89 8.31
N TYR A 63 2.48 -2.88 7.69
CA TYR A 63 1.78 -4.07 7.22
C TYR A 63 2.47 -5.34 7.70
N HIS A 64 1.74 -6.15 8.47
CA HIS A 64 2.29 -7.39 9.00
C HIS A 64 1.83 -8.58 8.16
N LEU A 65 2.77 -9.20 7.46
CA LEU A 65 2.45 -10.36 6.62
C LEU A 65 2.55 -11.64 7.43
N GLY A 66 3.76 -11.97 7.85
CA GLY A 66 3.98 -13.17 8.63
C GLY A 66 5.43 -13.36 8.99
N ASN A 67 6.18 -14.06 8.14
CA ASN A 67 7.59 -14.31 8.39
C ASN A 67 8.20 -15.15 7.27
N ILE A 68 8.03 -14.70 6.03
CA ILE A 68 8.58 -15.41 4.88
C ILE A 68 10.09 -15.23 4.78
N SER A 69 10.80 -16.35 4.69
CA SER A 69 12.26 -16.31 4.60
C SER A 69 12.72 -15.45 3.43
N ARG A 70 12.02 -15.57 2.31
CA ARG A 70 12.35 -14.80 1.12
C ARG A 70 12.07 -13.32 1.32
N LEU A 71 10.91 -13.01 1.89
CA LEU A 71 10.52 -11.62 2.12
C LEU A 71 11.32 -11.01 3.27
N SER A 72 11.54 -9.69 3.19
CA SER A 72 12.30 -8.98 4.22
C SER A 72 11.37 -8.35 5.27
N ASN A 73 11.96 -7.92 6.40
CA ASN A 73 11.21 -7.28 7.48
C ASN A 73 10.22 -6.28 6.90
N LYS A 74 10.76 -5.39 6.07
CA LYS A 74 9.97 -4.38 5.37
C LYS A 74 10.20 -4.60 3.90
N HIS A 75 9.45 -5.55 3.34
CA HIS A 75 9.59 -5.93 1.95
C HIS A 75 9.31 -4.79 1.01
N PHE A 76 8.23 -4.06 1.25
CA PHE A 76 7.87 -2.95 0.38
C PHE A 76 7.29 -1.77 1.15
N GLN A 77 7.32 -0.60 0.54
CA GLN A 77 6.81 0.62 1.16
C GLN A 77 5.97 1.44 0.19
N ILE A 78 4.92 2.08 0.68
CA ILE A 78 4.07 2.90 -0.19
C ILE A 78 4.05 4.34 0.30
N LEU A 79 4.38 5.28 -0.59
CA LEU A 79 4.41 6.69 -0.21
C LEU A 79 3.34 7.48 -0.96
N LEU A 80 2.66 8.36 -0.22
CA LEU A 80 1.62 9.20 -0.80
C LEU A 80 2.06 10.66 -0.84
N GLY A 81 1.94 11.27 -2.01
CA GLY A 81 2.34 12.65 -2.17
C GLY A 81 1.99 13.21 -3.54
N GLU A 82 2.95 13.83 -4.19
CA GLU A 82 2.73 14.40 -5.52
C GLU A 82 1.56 15.38 -5.50
N ASP A 83 1.07 15.73 -6.69
CA ASP A 83 -0.05 16.66 -6.82
C ASP A 83 -1.37 15.92 -6.77
N GLY A 84 -1.57 15.12 -5.73
CA GLY A 84 -2.80 14.36 -5.60
C GLY A 84 -2.69 12.97 -6.18
N ASN A 85 -1.55 12.32 -5.95
CA ASN A 85 -1.33 10.96 -6.45
C ASN A 85 -0.55 10.12 -5.44
N LEU A 86 -0.56 8.81 -5.64
CA LEU A 86 0.14 7.89 -4.76
C LEU A 86 1.40 7.34 -5.42
N LEU A 87 2.35 6.90 -4.61
CA LEU A 87 3.59 6.34 -5.11
C LEU A 87 3.92 5.04 -4.40
N LEU A 88 4.53 4.11 -5.12
CA LEU A 88 4.91 2.81 -4.54
C LEU A 88 6.42 2.69 -4.44
N ASN A 89 6.91 2.39 -3.25
CA ASN A 89 8.35 2.26 -3.04
C ASN A 89 8.72 0.85 -2.62
N ASP A 90 9.48 0.17 -3.47
CA ASP A 90 9.92 -1.18 -3.17
C ASP A 90 11.12 -1.13 -2.22
N ILE A 91 11.09 -1.94 -1.17
CA ILE A 91 12.16 -1.96 -0.18
C ILE A 91 12.50 -3.38 0.28
N SER A 92 12.53 -4.33 -0.65
CA SER A 92 12.82 -5.70 -0.32
C SER A 92 14.27 -6.06 -0.64
N THR A 93 14.77 -7.10 0.01
CA THR A 93 16.11 -7.57 -0.22
C THR A 93 16.22 -8.19 -1.61
N ASN A 94 15.16 -8.88 -2.03
CA ASN A 94 15.15 -9.54 -3.34
C ASN A 94 14.43 -8.72 -4.41
N GLY A 95 13.59 -7.76 -3.99
CA GLY A 95 12.88 -6.96 -4.95
C GLY A 95 11.37 -7.02 -4.81
N THR A 96 10.71 -6.03 -5.38
CA THR A 96 9.25 -5.94 -5.36
C THR A 96 8.72 -6.01 -6.78
N TRP A 97 7.63 -6.75 -6.97
CA TRP A 97 7.06 -6.90 -8.31
C TRP A 97 5.70 -6.27 -8.47
N LEU A 98 5.44 -5.80 -9.69
CA LEU A 98 4.16 -5.22 -10.03
C LEU A 98 3.61 -5.99 -11.23
N ASN A 99 2.52 -6.70 -11.02
CA ASN A 99 1.90 -7.51 -12.08
C ASN A 99 2.92 -8.32 -12.86
N GLY A 100 3.87 -8.93 -12.17
CA GLY A 100 4.87 -9.75 -12.83
C GLY A 100 6.07 -8.96 -13.32
N GLN A 101 6.02 -7.65 -13.20
CA GLN A 101 7.13 -6.81 -13.63
C GLN A 101 7.91 -6.27 -12.45
N LYS A 102 9.18 -6.64 -12.37
CA LYS A 102 10.05 -6.20 -11.30
C LYS A 102 10.46 -4.75 -11.47
N VAL A 103 10.25 -3.95 -10.43
CA VAL A 103 10.59 -2.53 -10.46
C VAL A 103 11.90 -2.26 -9.72
N GLU A 104 12.46 -1.08 -9.93
CA GLU A 104 13.70 -0.69 -9.28
C GLU A 104 13.47 -0.47 -7.79
N LYS A 105 14.26 -1.16 -6.96
CA LYS A 105 14.13 -1.02 -5.51
C LYS A 105 14.18 0.44 -5.09
N ASN A 106 13.70 0.71 -3.89
CA ASN A 106 13.67 2.06 -3.34
C ASN A 106 13.39 3.12 -4.40
N SER A 107 12.58 2.75 -5.38
CA SER A 107 12.22 3.66 -6.47
C SER A 107 10.74 4.05 -6.39
N ASN A 108 10.44 5.28 -6.77
CA ASN A 108 9.06 5.78 -6.75
C ASN A 108 8.34 5.43 -8.04
N GLN A 109 7.15 4.85 -7.91
CA GLN A 109 6.34 4.48 -9.07
C GLN A 109 4.93 5.03 -8.93
N LEU A 110 4.31 5.36 -10.05
CA LEU A 110 2.95 5.89 -10.04
C LEU A 110 1.96 4.77 -9.73
N LEU A 111 1.00 5.06 -8.87
CA LEU A 111 0.01 4.07 -8.48
C LEU A 111 -0.89 3.68 -9.66
N SER A 112 -1.44 2.48 -9.55
CA SER A 112 -2.33 1.94 -10.58
C SER A 112 -3.66 1.53 -9.97
N GLN A 113 -4.72 1.55 -10.77
CA GLN A 113 -6.04 1.17 -10.29
C GLN A 113 -6.10 -0.34 -10.06
N GLY A 114 -6.44 -0.73 -8.83
CA GLY A 114 -6.51 -2.14 -8.49
C GLY A 114 -5.20 -2.85 -8.75
N ASP A 115 -4.11 -2.09 -8.76
CA ASP A 115 -2.78 -2.63 -9.01
C ASP A 115 -2.50 -3.80 -8.07
N GLU A 116 -1.40 -4.49 -8.34
CA GLU A 116 -1.01 -5.64 -7.53
C GLU A 116 0.50 -5.73 -7.41
N ILE A 117 0.99 -5.99 -6.20
CA ILE A 117 2.42 -6.10 -5.97
C ILE A 117 2.79 -7.52 -5.57
N THR A 118 3.74 -8.10 -6.30
CA THR A 118 4.20 -9.45 -6.03
C THR A 118 5.56 -9.41 -5.34
N VAL A 119 5.75 -10.26 -4.33
CA VAL A 119 7.00 -10.28 -3.60
C VAL A 119 7.46 -11.69 -3.26
N GLY A 120 8.76 -11.83 -3.00
CA GLY A 120 9.32 -13.11 -2.67
C GLY A 120 9.68 -13.92 -3.89
N VAL A 121 10.05 -13.21 -4.95
CA VAL A 121 10.40 -13.84 -6.20
C VAL A 121 11.75 -14.53 -6.14
N GLY A 122 11.80 -15.69 -6.78
CA GLY A 122 12.99 -16.50 -6.80
C GLY A 122 12.63 -17.96 -6.89
N VAL A 123 11.57 -18.31 -6.18
CA VAL A 123 11.04 -19.64 -6.16
C VAL A 123 9.55 -19.59 -6.50
N GLU A 124 9.12 -20.38 -7.47
CA GLU A 124 7.73 -20.39 -7.91
C GLU A 124 6.76 -20.54 -6.72
N SER A 125 7.17 -21.32 -5.73
CA SER A 125 6.34 -21.56 -4.56
C SER A 125 6.62 -20.59 -3.41
N ASP A 126 7.46 -19.59 -3.64
CA ASP A 126 7.79 -18.65 -2.57
C ASP A 126 7.47 -17.20 -2.91
N ILE A 127 6.49 -17.03 -3.77
CA ILE A 127 6.05 -15.72 -4.18
C ILE A 127 4.70 -15.38 -3.57
N LEU A 128 4.57 -14.14 -3.13
CA LEU A 128 3.34 -13.65 -2.52
C LEU A 128 2.83 -12.41 -3.26
N SER A 129 1.54 -12.36 -3.54
CA SER A 129 0.97 -11.23 -4.25
C SER A 129 0.02 -10.41 -3.39
N LEU A 130 -0.04 -9.13 -3.70
CA LEU A 130 -0.91 -8.19 -2.99
C LEU A 130 -1.62 -7.28 -3.99
N VAL A 131 -2.80 -6.80 -3.60
CA VAL A 131 -3.58 -5.92 -4.48
C VAL A 131 -3.81 -4.56 -3.81
N ILE A 132 -3.72 -3.50 -4.61
CA ILE A 132 -3.91 -2.15 -4.14
C ILE A 132 -5.25 -1.59 -4.59
N PHE A 133 -6.09 -1.20 -3.62
CA PHE A 133 -7.39 -0.65 -3.92
C PHE A 133 -7.42 0.84 -3.60
N ILE A 134 -7.58 1.67 -4.63
CA ILE A 134 -7.62 3.11 -4.45
C ILE A 134 -9.01 3.60 -4.08
N ASN A 135 -9.09 4.45 -3.07
CA ASN A 135 -10.36 4.99 -2.62
C ASN A 135 -10.81 6.14 -3.53
N ASP A 136 -11.88 5.89 -4.28
CA ASP A 136 -12.41 6.90 -5.20
C ASP A 136 -12.79 8.17 -4.46
N LYS A 137 -13.16 8.02 -3.18
CA LYS A 137 -13.55 9.16 -2.36
C LYS A 137 -12.41 10.17 -2.27
N PHE A 138 -11.21 9.67 -2.01
CA PHE A 138 -10.03 10.50 -1.88
C PHE A 138 -9.80 11.31 -3.16
N LYS A 139 -9.95 10.65 -4.30
CA LYS A 139 -9.76 11.30 -5.59
C LYS A 139 -10.80 12.39 -5.82
N GLN A 140 -12.06 12.08 -5.52
CA GLN A 140 -13.15 13.03 -5.69
C GLN A 140 -12.92 14.28 -4.85
N CYS A 141 -12.35 14.10 -3.66
CA CYS A 141 -12.08 15.22 -2.77
C CYS A 141 -11.05 16.17 -3.38
N LEU A 142 -9.98 15.59 -3.93
CA LEU A 142 -8.93 16.39 -4.54
C LEU A 142 -9.46 17.17 -5.74
N GLU A 143 -10.31 16.51 -6.53
CA GLU A 143 -10.90 17.15 -7.71
C GLU A 143 -11.69 18.39 -7.32
N GLN A 144 -12.32 18.34 -6.14
CA GLN A 144 -13.12 19.46 -5.65
C GLN A 144 -12.25 20.42 -4.83
N ASN A 145 -11.27 19.86 -4.12
CA ASN A 145 -10.37 20.65 -3.29
C ASN A 145 -11.11 21.72 -2.51
N LYS A 146 -11.52 21.38 -1.29
CA LYS A 146 -12.25 22.31 -0.43
C LYS A 146 -11.30 23.32 0.20
N VAL A 147 -11.80 24.54 0.41
CA VAL A 147 -10.99 25.60 1.01
C VAL A 147 -11.25 25.69 2.52
N ASP A 148 -10.19 25.80 3.29
CA ASP A 148 -10.29 25.90 4.74
C ASP A 148 -10.21 27.36 5.20
N ARG A 149 -11.36 27.91 5.58
CA ARG A 149 -11.42 29.30 6.03
C ARG A 149 -12.21 29.41 7.34
N ILE A 150 -11.69 30.19 8.27
CA ILE A 150 -12.33 30.38 9.56
C ILE A 150 -13.47 31.39 9.45
N ARG A 151 -14.68 30.95 9.77
CA ARG A 151 -15.86 31.82 9.72
C ARG A 151 -16.07 32.35 8.31
N ASN B 1 13.88 -14.32 11.22
CA ASN B 1 15.32 -14.33 11.57
C ASN B 1 16.19 -13.96 10.38
N ILE B 2 16.62 -12.69 10.34
CA ILE B 2 17.45 -12.17 9.26
C ILE B 2 16.85 -12.45 7.88
N TPO B 3 17.31 -11.72 6.87
CA TPO B 3 16.80 -11.89 5.51
CB TPO B 3 16.49 -10.53 4.86
CG2 TPO B 3 15.99 -10.71 3.43
OG1 TPO B 3 15.51 -9.86 5.61
P TPO B 3 15.93 -8.56 6.37
O1P TPO B 3 17.37 -8.87 6.90
O2P TPO B 3 16.02 -7.48 5.29
O3P TPO B 3 14.98 -8.21 7.49
C TPO B 3 17.81 -12.64 4.65
O TPO B 3 18.99 -12.28 4.60
H TPO B 3 17.99 -11.04 7.05
HA TPO B 3 15.89 -12.47 5.56
HB TPO B 3 17.38 -9.94 4.84
HG21 TPO B 3 15.97 -11.76 3.19
HG22 TPO B 3 16.65 -10.19 2.75
HG23 TPO B 3 14.99 -10.31 3.34
N GLN B 4 17.34 -13.68 3.97
CA GLN B 4 18.20 -14.49 3.11
C GLN B 4 18.05 -14.07 1.65
N PRO B 5 19.17 -13.79 0.96
CA PRO B 5 19.15 -13.36 -0.44
C PRO B 5 18.83 -14.52 -1.38
N THR B 6 17.81 -14.33 -2.22
CA THR B 6 17.40 -15.36 -3.18
C THR B 6 18.32 -15.37 -4.39
N GLN B 7 18.11 -16.33 -5.28
CA GLN B 7 18.93 -16.45 -6.48
C GLN B 7 18.69 -15.27 -7.42
N GLN B 8 19.48 -15.21 -8.49
CA GLN B 8 19.36 -14.12 -9.46
C GLN B 8 20.03 -14.50 -10.78
N SER B 9 19.31 -14.31 -11.88
CA SER B 9 19.83 -14.63 -13.20
C SER B 9 20.56 -13.43 -13.80
N THR B 10 21.88 -13.53 -13.90
CA THR B 10 22.69 -12.46 -14.45
C THR B 10 22.68 -12.49 -15.98
N ALA A 1 -38.83 8.86 17.34
CA ALA A 1 -37.62 8.01 17.21
C ALA A 1 -36.35 8.82 17.47
N THR A 2 -35.38 8.20 18.14
CA THR A 2 -34.12 8.87 18.46
C THR A 2 -33.02 7.85 18.73
N GLN A 3 -33.28 6.94 19.67
CA GLN A 3 -32.30 5.92 20.02
C GLN A 3 -32.15 4.90 18.89
N ARG A 4 -33.28 4.44 18.37
CA ARG A 4 -33.27 3.47 17.28
C ARG A 4 -32.57 4.03 16.05
N PHE A 5 -32.79 5.31 15.78
CA PHE A 5 -32.19 5.96 14.63
C PHE A 5 -30.66 5.95 14.74
N LEU A 6 -30.16 6.07 15.96
CA LEU A 6 -28.72 6.07 16.20
C LEU A 6 -28.11 4.71 15.87
N ILE A 7 -28.81 3.65 16.27
CA ILE A 7 -28.35 2.29 16.02
C ILE A 7 -28.46 1.93 14.54
N GLU A 8 -29.51 2.44 13.88
CA GLU A 8 -29.72 2.17 12.47
C GLU A 8 -28.51 2.61 11.66
N LYS A 9 -27.98 3.78 11.98
CA LYS A 9 -26.80 4.30 11.29
C LYS A 9 -25.57 3.45 11.61
N PHE A 10 -25.62 2.75 12.74
CA PHE A 10 -24.52 1.89 13.16
C PHE A 10 -24.20 0.85 12.10
N SER A 11 -25.24 0.19 11.59
CA SER A 11 -25.07 -0.83 10.56
C SER A 11 -24.52 -0.22 9.27
N GLN A 12 -24.99 0.97 8.94
CA GLN A 12 -24.56 1.67 7.73
C GLN A 12 -23.39 2.60 8.04
N GLU A 13 -22.21 2.02 8.23
CA GLU A 13 -21.01 2.80 8.53
C GLU A 13 -20.46 3.45 7.27
N GLN A 14 -20.17 4.75 7.35
CA GLN A 14 -19.64 5.49 6.21
C GLN A 14 -18.23 5.01 5.86
N ILE A 15 -18.10 4.36 4.71
CA ILE A 15 -16.80 3.86 4.26
C ILE A 15 -15.97 4.93 3.61
N GLY A 16 -14.70 4.92 3.94
CA GLY A 16 -13.76 5.89 3.39
C GLY A 16 -13.67 7.14 4.24
N GLU A 17 -13.10 7.00 5.44
CA GLU A 17 -12.93 8.11 6.35
C GLU A 17 -11.87 9.09 5.84
N ASN A 18 -10.79 8.54 5.29
CA ASN A 18 -9.70 9.34 4.76
C ASN A 18 -8.66 8.40 4.22
N ILE A 19 -9.16 7.34 3.62
CA ILE A 19 -8.36 6.29 3.09
C ILE A 19 -7.68 6.68 1.79
N VAL A 20 -6.40 6.34 1.71
CA VAL A 20 -5.60 6.62 0.56
C VAL A 20 -5.62 5.44 -0.39
N CYS A 21 -5.16 4.31 0.10
CA CYS A 21 -5.13 3.07 -0.67
C CYS A 21 -5.37 1.87 0.24
N ARG A 22 -6.02 0.84 -0.30
CA ARG A 22 -6.32 -0.37 0.46
C ARG A 22 -5.57 -1.57 -0.08
N VAL A 23 -4.86 -2.28 0.81
CA VAL A 23 -4.10 -3.45 0.41
C VAL A 23 -4.93 -4.73 0.62
N ILE A 24 -5.11 -5.49 -0.45
CA ILE A 24 -5.89 -6.72 -0.39
C ILE A 24 -5.08 -7.93 -0.84
N CYS A 25 -4.76 -8.82 0.08
CA CYS A 25 -4.01 -10.02 -0.23
C CYS A 25 -4.96 -11.17 -0.55
N THR A 26 -5.06 -11.52 -1.83
CA THR A 26 -5.96 -12.59 -2.27
C THR A 26 -5.24 -13.92 -2.43
N THR A 27 -3.91 -13.91 -2.40
CA THR A 27 -3.14 -15.14 -2.57
C THR A 27 -3.10 -15.95 -1.27
N GLY A 28 -3.69 -15.40 -0.22
CA GLY A 28 -3.72 -16.09 1.07
C GLY A 28 -2.42 -15.92 1.83
N GLN A 29 -2.30 -14.81 2.55
CA GLN A 29 -1.09 -14.54 3.32
C GLN A 29 -1.35 -13.48 4.39
N ILE A 30 -1.99 -12.39 4.00
CA ILE A 30 -2.27 -11.29 4.91
C ILE A 30 -3.71 -10.80 4.79
N PRO A 31 -4.35 -10.42 5.92
CA PRO A 31 -5.72 -9.93 5.92
C PRO A 31 -5.81 -8.50 5.39
N ILE A 32 -6.90 -8.18 4.70
CA ILE A 32 -7.10 -6.85 4.14
C ILE A 32 -6.93 -5.75 5.19
N ARG A 33 -6.22 -4.69 4.80
CA ARG A 33 -5.98 -3.56 5.69
C ARG A 33 -6.30 -2.25 4.97
N ASP A 34 -6.47 -1.17 5.73
CA ASP A 34 -6.80 0.12 5.13
C ASP A 34 -5.73 1.17 5.42
N LEU A 35 -5.14 1.70 4.35
CA LEU A 35 -4.13 2.74 4.46
C LEU A 35 -4.80 4.10 4.28
N SER A 36 -4.44 5.08 5.10
CA SER A 36 -5.07 6.39 4.99
C SER A 36 -4.16 7.56 5.31
N ALA A 37 -4.58 8.70 4.81
CA ALA A 37 -3.87 9.95 5.02
C ALA A 37 -4.82 11.14 4.96
N ASP A 38 -4.60 12.12 5.82
CA ASP A 38 -5.45 13.31 5.85
C ASP A 38 -4.99 14.35 4.84
N ILE A 39 -5.94 14.91 4.12
CA ILE A 39 -5.67 15.92 3.09
C ILE A 39 -5.09 17.18 3.71
N SER A 40 -5.63 17.57 4.86
CA SER A 40 -5.18 18.77 5.54
C SER A 40 -3.70 18.71 5.83
N GLN A 41 -3.24 17.54 6.25
CA GLN A 41 -1.83 17.33 6.55
C GLN A 41 -0.99 17.38 5.27
N VAL A 42 -1.54 16.86 4.18
CA VAL A 42 -0.86 16.84 2.90
C VAL A 42 -0.59 18.26 2.40
N LEU A 43 -1.62 19.09 2.43
CA LEU A 43 -1.49 20.47 1.97
C LEU A 43 -0.65 21.29 2.93
N LYS A 44 -0.66 20.91 4.21
CA LYS A 44 0.11 21.61 5.23
C LYS A 44 1.58 21.20 5.19
N GLU A 45 1.84 19.99 4.73
CA GLU A 45 3.21 19.48 4.64
C GLU A 45 4.04 20.32 3.68
N LYS A 46 4.84 21.22 4.24
CA LYS A 46 5.69 22.09 3.43
C LYS A 46 6.91 21.32 2.92
N ARG A 47 6.80 20.78 1.71
CA ARG A 47 7.89 20.03 1.10
C ARG A 47 8.18 18.76 1.90
N SER A 48 7.60 17.65 1.46
CA SER A 48 7.80 16.37 2.13
C SER A 48 7.02 15.26 1.41
N ILE A 49 6.93 14.10 2.05
CA ILE A 49 6.23 12.97 1.47
C ILE A 49 4.85 12.76 2.12
N LYS A 50 4.45 13.72 2.96
CA LYS A 50 3.16 13.64 3.65
C LYS A 50 3.08 12.42 4.54
N LYS A 51 2.87 11.25 3.94
CA LYS A 51 2.76 10.01 4.71
C LYS A 51 3.13 8.79 3.85
N VAL A 52 3.91 7.88 4.43
CA VAL A 52 4.33 6.69 3.72
C VAL A 52 4.13 5.43 4.56
N TRP A 53 3.68 4.38 3.92
CA TRP A 53 3.46 3.09 4.58
C TRP A 53 4.59 2.11 4.30
N THR A 54 5.01 1.40 5.34
CA THR A 54 6.05 0.39 5.19
C THR A 54 5.45 -0.99 5.42
N PHE A 55 5.66 -1.88 4.47
CA PHE A 55 5.11 -3.23 4.56
C PHE A 55 6.22 -4.26 4.66
N GLY A 56 5.96 -5.33 5.41
CA GLY A 56 6.94 -6.38 5.57
C GLY A 56 6.70 -7.22 6.81
N ARG A 57 7.65 -8.10 7.11
CA ARG A 57 7.54 -8.99 8.27
C ARG A 57 7.87 -8.27 9.57
N ASN A 58 8.10 -6.96 9.50
CA ASN A 58 8.43 -6.19 10.70
C ASN A 58 7.18 -5.74 11.42
N PRO A 59 7.11 -5.93 12.76
CA PRO A 59 5.95 -5.53 13.56
C PRO A 59 5.79 -4.01 13.59
N ALA A 60 6.84 -3.31 13.16
CA ALA A 60 6.83 -1.87 13.10
C ALA A 60 6.17 -1.43 11.83
N CYS A 61 6.53 -2.14 10.76
CA CYS A 61 6.01 -1.88 9.46
C CYS A 61 4.53 -1.61 9.51
N ASP A 62 4.11 -0.63 8.74
CA ASP A 62 2.71 -0.26 8.66
C ASP A 62 1.87 -1.48 8.26
N TYR A 63 2.53 -2.50 7.69
CA TYR A 63 1.85 -3.71 7.26
C TYR A 63 2.51 -4.96 7.81
N HIS A 64 1.82 -5.65 8.71
CA HIS A 64 2.35 -6.86 9.31
C HIS A 64 1.94 -8.09 8.49
N LEU A 65 2.93 -8.80 7.97
CA LEU A 65 2.67 -9.98 7.16
C LEU A 65 3.44 -11.19 7.67
N GLY A 66 3.15 -12.36 7.10
CA GLY A 66 3.83 -13.57 7.52
C GLY A 66 5.34 -13.46 7.42
N ASN A 67 6.02 -13.97 8.44
CA ASN A 67 7.48 -13.92 8.49
C ASN A 67 8.09 -14.89 7.47
N ILE A 68 8.16 -14.46 6.21
CA ILE A 68 8.73 -15.29 5.16
C ILE A 68 10.23 -15.07 5.04
N SER A 69 10.99 -16.16 5.08
CA SER A 69 12.44 -16.09 4.98
C SER A 69 12.87 -15.35 3.72
N ARG A 70 12.00 -15.35 2.72
CA ARG A 70 12.28 -14.67 1.45
C ARG A 70 12.02 -13.17 1.56
N LEU A 71 10.87 -12.81 2.14
CA LEU A 71 10.49 -11.41 2.29
C LEU A 71 11.33 -10.74 3.37
N SER A 72 11.52 -9.43 3.25
CA SER A 72 12.31 -8.68 4.21
C SER A 72 11.43 -8.02 5.27
N ASN A 73 12.07 -7.55 6.36
CA ASN A 73 11.34 -6.88 7.45
C ASN A 73 10.34 -5.90 6.87
N LYS A 74 10.85 -5.02 6.02
CA LYS A 74 10.05 -4.03 5.31
C LYS A 74 10.19 -4.32 3.83
N HIS A 75 9.42 -5.28 3.37
CA HIS A 75 9.48 -5.73 1.99
C HIS A 75 9.18 -4.62 1.00
N PHE A 76 8.14 -3.86 1.26
CA PHE A 76 7.77 -2.77 0.37
C PHE A 76 7.20 -1.58 1.13
N GLN A 77 7.26 -0.40 0.52
CA GLN A 77 6.77 0.82 1.15
C GLN A 77 5.96 1.67 0.17
N ILE A 78 4.88 2.28 0.66
CA ILE A 78 4.04 3.14 -0.19
C ILE A 78 4.05 4.58 0.30
N LEU A 79 4.32 5.52 -0.61
CA LEU A 79 4.35 6.94 -0.24
C LEU A 79 3.27 7.73 -0.96
N LEU A 80 2.65 8.67 -0.24
CA LEU A 80 1.62 9.53 -0.80
C LEU A 80 1.97 11.00 -0.61
N GLY A 81 2.03 11.74 -1.71
CA GLY A 81 2.36 13.14 -1.64
C GLY A 81 2.63 13.75 -3.01
N GLU A 82 3.63 14.62 -3.07
CA GLU A 82 4.00 15.27 -4.33
C GLU A 82 2.92 16.26 -4.77
N ASP A 83 1.75 15.73 -5.12
CA ASP A 83 0.63 16.56 -5.56
C ASP A 83 -0.69 16.03 -5.03
N GLY A 84 -0.89 14.72 -5.16
CA GLY A 84 -2.12 14.11 -4.69
C GLY A 84 -2.18 12.63 -4.98
N ASN A 85 -1.64 12.24 -6.13
CA ASN A 85 -1.63 10.83 -6.53
C ASN A 85 -0.89 9.98 -5.51
N LEU A 86 -0.83 8.67 -5.77
CA LEU A 86 -0.14 7.74 -4.88
C LEU A 86 1.12 7.19 -5.54
N LEU A 87 2.07 6.75 -4.71
CA LEU A 87 3.32 6.20 -5.22
C LEU A 87 3.64 4.89 -4.51
N LEU A 88 4.24 3.96 -5.24
CA LEU A 88 4.62 2.67 -4.69
C LEU A 88 6.13 2.55 -4.64
N ASN A 89 6.68 2.32 -3.44
CA ASN A 89 8.12 2.20 -3.28
C ASN A 89 8.52 0.82 -2.79
N ASP A 90 9.25 0.10 -3.63
CA ASP A 90 9.71 -1.24 -3.28
C ASP A 90 10.92 -1.14 -2.35
N ILE A 91 10.93 -1.96 -1.31
CA ILE A 91 12.03 -1.94 -0.34
C ILE A 91 12.37 -3.34 0.19
N SER A 92 12.34 -4.34 -0.68
CA SER A 92 12.63 -5.70 -0.28
C SER A 92 14.08 -6.08 -0.60
N THR A 93 14.56 -7.11 0.08
CA THR A 93 15.92 -7.59 -0.15
C THR A 93 16.03 -8.24 -1.52
N ASN A 94 14.96 -8.93 -1.94
CA ASN A 94 14.97 -9.61 -3.25
C ASN A 94 14.26 -8.79 -4.33
N GLY A 95 13.41 -7.84 -3.94
CA GLY A 95 12.72 -7.03 -4.91
C GLY A 95 11.21 -7.12 -4.81
N THR A 96 10.55 -6.14 -5.41
CA THR A 96 9.10 -6.06 -5.42
C THR A 96 8.59 -6.15 -6.85
N TRP A 97 7.53 -6.90 -7.08
CA TRP A 97 7.01 -7.08 -8.43
C TRP A 97 5.63 -6.46 -8.63
N LEU A 98 5.41 -6.01 -9.87
CA LEU A 98 4.15 -5.44 -10.26
C LEU A 98 3.63 -6.22 -11.47
N ASN A 99 2.53 -6.94 -11.28
CA ASN A 99 1.93 -7.74 -12.34
C ASN A 99 2.98 -8.53 -13.13
N GLY A 100 3.93 -9.14 -12.42
CA GLY A 100 4.95 -9.93 -13.06
C GLY A 100 6.14 -9.11 -13.54
N GLN A 101 6.06 -7.79 -13.40
CA GLN A 101 7.15 -6.93 -13.82
C GLN A 101 7.93 -6.43 -12.62
N LYS A 102 9.21 -6.77 -12.56
CA LYS A 102 10.07 -6.36 -11.48
C LYS A 102 10.48 -4.90 -11.62
N VAL A 103 10.24 -4.13 -10.56
CA VAL A 103 10.58 -2.71 -10.57
C VAL A 103 11.85 -2.43 -9.78
N GLU A 104 12.44 -1.26 -9.99
CA GLU A 104 13.66 -0.88 -9.30
C GLU A 104 13.38 -0.62 -7.83
N LYS A 105 14.14 -1.28 -6.95
CA LYS A 105 13.96 -1.09 -5.51
C LYS A 105 14.00 0.39 -5.16
N ASN A 106 13.51 0.72 -3.96
CA ASN A 106 13.46 2.10 -3.47
C ASN A 106 13.16 3.09 -4.60
N SER A 107 12.34 2.65 -5.54
CA SER A 107 11.96 3.49 -6.67
C SER A 107 10.48 3.87 -6.60
N ASN A 108 10.18 5.14 -6.88
CA ASN A 108 8.80 5.62 -6.85
C ASN A 108 8.06 5.24 -8.12
N GLN A 109 6.87 4.67 -7.97
CA GLN A 109 6.06 4.26 -9.12
C GLN A 109 4.65 4.79 -8.99
N LEU A 110 4.03 5.11 -10.12
CA LEU A 110 2.66 5.62 -10.13
C LEU A 110 1.68 4.51 -9.81
N LEU A 111 0.70 4.79 -8.97
CA LEU A 111 -0.29 3.80 -8.59
C LEU A 111 -1.13 3.33 -9.77
N SER A 112 -1.69 2.15 -9.63
CA SER A 112 -2.55 1.56 -10.67
C SER A 112 -3.90 1.17 -10.08
N GLN A 113 -4.93 1.15 -10.92
CA GLN A 113 -6.27 0.79 -10.45
C GLN A 113 -6.34 -0.69 -10.14
N GLY A 114 -6.56 -1.01 -8.86
CA GLY A 114 -6.63 -2.39 -8.43
C GLY A 114 -5.36 -3.14 -8.76
N ASP A 115 -4.24 -2.41 -8.76
CA ASP A 115 -2.94 -2.97 -9.06
C ASP A 115 -2.64 -4.15 -8.14
N GLU A 116 -1.52 -4.82 -8.40
CA GLU A 116 -1.11 -5.95 -7.60
C GLU A 116 0.41 -6.02 -7.48
N ILE A 117 0.90 -6.26 -6.26
CA ILE A 117 2.32 -6.36 -6.02
C ILE A 117 2.71 -7.79 -5.68
N THR A 118 3.68 -8.31 -6.42
CA THR A 118 4.16 -9.67 -6.20
C THR A 118 5.51 -9.64 -5.49
N VAL A 119 5.69 -10.53 -4.51
CA VAL A 119 6.94 -10.58 -3.77
C VAL A 119 7.38 -12.00 -3.46
N GLY A 120 8.67 -12.16 -3.19
CA GLY A 120 9.21 -13.46 -2.89
C GLY A 120 9.63 -14.21 -4.13
N VAL A 121 10.06 -13.47 -5.13
CA VAL A 121 10.47 -14.04 -6.40
C VAL A 121 11.83 -14.72 -6.30
N GLY A 122 11.92 -15.86 -6.98
CA GLY A 122 13.12 -16.66 -6.97
C GLY A 122 12.75 -18.12 -7.03
N VAL A 123 11.72 -18.46 -6.27
CA VAL A 123 11.19 -19.79 -6.22
C VAL A 123 9.69 -19.74 -6.50
N GLU A 124 9.25 -20.47 -7.51
CA GLU A 124 7.84 -20.47 -7.89
C GLU A 124 6.93 -20.72 -6.68
N SER A 125 7.46 -21.43 -5.69
CA SER A 125 6.71 -21.75 -4.50
C SER A 125 6.93 -20.74 -3.37
N ASP A 126 7.65 -19.65 -3.64
CA ASP A 126 7.92 -18.66 -2.61
C ASP A 126 7.50 -17.26 -2.99
N ILE A 127 6.57 -17.16 -3.90
CA ILE A 127 6.05 -15.89 -4.34
C ILE A 127 4.64 -15.65 -3.81
N LEU A 128 4.41 -14.42 -3.38
CA LEU A 128 3.11 -14.02 -2.85
C LEU A 128 2.60 -12.80 -3.60
N SER A 129 1.32 -12.82 -3.98
CA SER A 129 0.73 -11.70 -4.71
C SER A 129 -0.16 -10.84 -3.82
N LEU A 130 -0.06 -9.53 -4.00
CA LEU A 130 -0.85 -8.57 -3.24
C LEU A 130 -1.62 -7.65 -4.19
N VAL A 131 -2.76 -7.14 -3.73
CA VAL A 131 -3.58 -6.25 -4.56
C VAL A 131 -3.76 -4.88 -3.91
N ILE A 132 -3.58 -3.83 -4.70
CA ILE A 132 -3.71 -2.48 -4.23
C ILE A 132 -5.01 -1.85 -4.73
N PHE A 133 -5.85 -1.41 -3.80
CA PHE A 133 -7.12 -0.79 -4.16
C PHE A 133 -7.10 0.70 -3.83
N ILE A 134 -7.27 1.54 -4.85
CA ILE A 134 -7.26 2.98 -4.66
C ILE A 134 -8.64 3.48 -4.25
N ASN A 135 -8.67 4.35 -3.24
CA ASN A 135 -9.92 4.91 -2.75
C ASN A 135 -10.37 6.08 -3.62
N ASP A 136 -11.60 6.01 -4.11
CA ASP A 136 -12.16 7.06 -4.96
C ASP A 136 -12.45 8.32 -4.14
N LYS A 137 -12.66 8.14 -2.84
CA LYS A 137 -12.96 9.26 -1.96
C LYS A 137 -11.83 10.29 -2.01
N PHE A 138 -10.60 9.80 -1.98
CA PHE A 138 -9.43 10.67 -2.03
C PHE A 138 -9.44 11.53 -3.29
N LYS A 139 -9.83 10.92 -4.41
CA LYS A 139 -9.89 11.62 -5.68
C LYS A 139 -10.95 12.72 -5.64
N GLN A 140 -12.03 12.47 -4.91
CA GLN A 140 -13.11 13.44 -4.80
C GLN A 140 -12.65 14.70 -4.07
N CYS A 141 -11.95 14.52 -2.96
CA CYS A 141 -11.45 15.65 -2.18
C CYS A 141 -10.41 16.44 -2.97
N LEU A 142 -9.50 15.72 -3.63
CA LEU A 142 -8.45 16.35 -4.42
C LEU A 142 -9.04 17.10 -5.62
N GLU A 143 -10.09 16.53 -6.19
CA GLU A 143 -10.75 17.15 -7.34
C GLU A 143 -11.27 18.54 -7.00
N GLN A 144 -11.81 18.68 -5.79
CA GLN A 144 -12.35 19.97 -5.34
C GLN A 144 -11.28 20.78 -4.62
N ASN A 145 -10.40 20.08 -3.89
CA ASN A 145 -9.33 20.72 -3.14
C ASN A 145 -9.83 21.93 -2.36
N LYS A 146 -8.90 22.68 -1.76
CA LYS A 146 -9.26 23.86 -1.00
C LYS A 146 -9.76 24.98 -1.90
N VAL A 147 -10.64 25.82 -1.36
CA VAL A 147 -11.20 26.93 -2.12
C VAL A 147 -10.16 28.03 -2.33
N ASP A 148 -9.83 28.28 -3.60
CA ASP A 148 -8.85 29.31 -3.93
C ASP A 148 -9.35 30.18 -5.08
N ARG A 149 -9.83 29.55 -6.14
CA ARG A 149 -10.35 30.26 -7.30
C ARG A 149 -11.69 29.69 -7.74
N ILE A 150 -12.28 30.31 -8.76
CA ILE A 150 -13.57 29.86 -9.28
C ILE A 150 -13.39 28.81 -10.39
N ARG A 151 -13.85 27.60 -10.11
CA ARG A 151 -13.73 26.51 -11.08
C ARG A 151 -15.10 26.07 -11.56
N ASN B 1 16.21 -14.78 12.06
CA ASN B 1 17.43 -13.95 12.18
C ASN B 1 17.88 -13.45 10.80
N ILE B 2 18.02 -12.12 10.68
CA ILE B 2 18.44 -11.48 9.44
C ILE B 2 17.59 -11.94 8.25
N TPO B 3 17.57 -11.11 7.21
CA TPO B 3 16.80 -11.42 6.01
CB TPO B 3 16.34 -10.13 5.28
CG2 TPO B 3 15.56 -10.45 4.03
OG1 TPO B 3 15.53 -9.37 6.15
P TPO B 3 16.01 -7.93 6.50
O1P TPO B 3 17.49 -8.09 6.93
O2P TPO B 3 15.95 -7.15 5.17
O3P TPO B 3 15.18 -7.29 7.57
C TPO B 3 17.62 -12.26 5.03
O TPO B 3 18.67 -11.85 4.56
H TPO B 3 18.08 -10.28 7.24
HA TPO B 3 15.92 -11.97 6.30
HB TPO B 3 17.21 -9.55 5.01
HG21 TPO B 3 14.68 -11.03 4.28
HG22 TPO B 3 16.17 -11.04 3.36
HG23 TPO B 3 15.26 -9.54 3.53
N GLN B 4 17.11 -13.46 4.74
CA GLN B 4 17.80 -14.37 3.83
C GLN B 4 17.54 -13.98 2.37
N PRO B 5 18.55 -14.12 1.49
CA PRO B 5 18.42 -13.79 0.08
C PRO B 5 17.58 -14.81 -0.69
N THR B 6 17.46 -14.61 -1.99
CA THR B 6 16.69 -15.52 -2.84
C THR B 6 17.03 -15.33 -4.31
N GLN B 7 17.68 -16.34 -4.89
CA GLN B 7 18.06 -16.28 -6.29
C GLN B 7 18.98 -15.09 -6.56
N GLN B 8 20.28 -15.34 -6.58
CA GLN B 8 21.26 -14.29 -6.83
C GLN B 8 22.38 -14.79 -7.72
N SER B 9 22.95 -13.89 -8.53
CA SER B 9 24.04 -14.25 -9.43
C SER B 9 24.75 -13.00 -9.93
N THR B 10 25.94 -13.19 -10.49
CA THR B 10 26.73 -12.08 -11.01
C THR B 10 27.07 -11.09 -9.90
N ALA A 1 -35.30 -0.35 10.63
CA ALA A 1 -35.21 -1.83 10.61
C ALA A 1 -34.11 -2.33 11.55
N THR A 2 -34.19 -3.60 11.91
CA THR A 2 -33.20 -4.20 12.81
C THR A 2 -32.55 -5.43 12.17
N GLN A 3 -33.37 -6.27 11.55
CA GLN A 3 -32.88 -7.47 10.90
C GLN A 3 -31.95 -7.12 9.74
N ARG A 4 -32.37 -6.19 8.90
CA ARG A 4 -31.58 -5.76 7.75
C ARG A 4 -30.25 -5.19 8.21
N PHE A 5 -30.28 -4.38 9.27
CA PHE A 5 -29.08 -3.77 9.80
C PHE A 5 -28.08 -4.83 10.24
N LEU A 6 -28.59 -5.92 10.81
CA LEU A 6 -27.75 -7.02 11.27
C LEU A 6 -27.00 -7.64 10.09
N ILE A 7 -27.61 -7.62 8.92
CA ILE A 7 -27.00 -8.18 7.71
C ILE A 7 -25.89 -7.27 7.21
N GLU A 8 -26.09 -5.95 7.35
CA GLU A 8 -25.10 -4.99 6.92
C GLU A 8 -23.76 -5.24 7.61
N LYS A 9 -23.81 -5.59 8.88
CA LYS A 9 -22.61 -5.87 9.65
C LYS A 9 -21.94 -7.15 9.16
N PHE A 10 -22.72 -8.02 8.52
CA PHE A 10 -22.21 -9.27 7.99
C PHE A 10 -21.05 -9.03 7.02
N SER A 11 -21.25 -8.09 6.10
CA SER A 11 -20.23 -7.77 5.11
C SER A 11 -19.14 -6.88 5.74
N GLN A 12 -19.55 -5.99 6.63
CA GLN A 12 -18.61 -5.09 7.29
C GLN A 12 -17.88 -4.23 6.28
N GLU A 13 -18.54 -3.15 5.84
CA GLU A 13 -17.95 -2.24 4.86
C GLU A 13 -16.98 -1.27 5.54
N GLN A 14 -15.99 -0.82 4.81
CA GLN A 14 -15.00 0.11 5.33
C GLN A 14 -15.35 1.55 4.96
N ILE A 15 -15.38 2.43 5.95
CA ILE A 15 -15.69 3.83 5.72
C ILE A 15 -14.49 4.61 5.24
N GLY A 16 -14.75 5.47 4.27
CA GLY A 16 -13.70 6.30 3.70
C GLY A 16 -13.45 7.55 4.51
N GLU A 17 -12.93 7.37 5.73
CA GLU A 17 -12.64 8.49 6.62
C GLU A 17 -11.55 9.38 6.03
N ASN A 18 -10.54 8.76 5.42
CA ASN A 18 -9.43 9.50 4.83
C ASN A 18 -8.43 8.51 4.30
N ILE A 19 -8.99 7.45 3.74
CA ILE A 19 -8.24 6.35 3.22
C ILE A 19 -7.58 6.70 1.89
N VAL A 20 -6.31 6.33 1.79
CA VAL A 20 -5.51 6.58 0.63
C VAL A 20 -5.57 5.38 -0.31
N CYS A 21 -5.09 4.25 0.19
CA CYS A 21 -5.08 3.01 -0.58
C CYS A 21 -5.08 1.80 0.34
N ARG A 22 -5.87 0.79 0.01
CA ARG A 22 -5.97 -0.41 0.82
C ARG A 22 -5.40 -1.63 0.08
N VAL A 23 -4.66 -2.46 0.80
CA VAL A 23 -4.05 -3.66 0.22
C VAL A 23 -4.92 -4.88 0.46
N ILE A 24 -5.15 -5.66 -0.61
CA ILE A 24 -5.96 -6.85 -0.52
C ILE A 24 -5.20 -8.08 -1.03
N CYS A 25 -4.97 -9.05 -0.14
CA CYS A 25 -4.27 -10.27 -0.52
C CYS A 25 -5.26 -11.32 -1.02
N THR A 26 -5.24 -11.58 -2.31
CA THR A 26 -6.15 -12.55 -2.92
C THR A 26 -5.53 -13.94 -3.01
N THR A 27 -4.21 -14.02 -2.94
CA THR A 27 -3.53 -15.30 -3.02
C THR A 27 -3.56 -16.04 -1.69
N GLY A 28 -4.13 -15.39 -0.67
CA GLY A 28 -4.24 -16.01 0.64
C GLY A 28 -2.94 -16.07 1.40
N GLN A 29 -2.51 -14.93 1.94
CA GLN A 29 -1.27 -14.85 2.70
C GLN A 29 -1.36 -13.80 3.81
N ILE A 30 -1.98 -12.66 3.48
CA ILE A 30 -2.12 -11.57 4.43
C ILE A 30 -3.54 -11.01 4.42
N PRO A 31 -4.08 -10.64 5.60
CA PRO A 31 -5.43 -10.08 5.70
C PRO A 31 -5.49 -8.64 5.20
N ILE A 32 -6.61 -8.27 4.59
CA ILE A 32 -6.79 -6.92 4.06
C ILE A 32 -6.57 -5.85 5.11
N ARG A 33 -6.13 -4.68 4.67
CA ARG A 33 -5.88 -3.55 5.55
C ARG A 33 -6.13 -2.25 4.80
N ASP A 34 -6.37 -1.16 5.53
CA ASP A 34 -6.63 0.13 4.90
C ASP A 34 -5.60 1.19 5.29
N LEU A 35 -4.93 1.73 4.28
CA LEU A 35 -3.93 2.78 4.48
C LEU A 35 -4.61 4.14 4.29
N SER A 36 -4.30 5.11 5.15
CA SER A 36 -4.92 6.41 5.04
C SER A 36 -4.00 7.56 5.36
N ALA A 37 -4.38 8.71 4.84
CA ALA A 37 -3.63 9.95 5.05
C ALA A 37 -4.58 11.13 5.26
N ASP A 38 -4.18 12.05 6.13
CA ASP A 38 -4.99 13.22 6.43
C ASP A 38 -4.71 14.35 5.44
N ILE A 39 -5.72 14.68 4.65
CA ILE A 39 -5.63 15.73 3.64
C ILE A 39 -5.41 17.11 4.27
N SER A 40 -6.11 17.38 5.35
CA SER A 40 -6.01 18.67 6.03
C SER A 40 -4.57 18.96 6.43
N GLN A 41 -3.88 17.92 6.85
CA GLN A 41 -2.50 18.03 7.27
C GLN A 41 -1.60 18.33 6.08
N VAL A 42 -1.94 17.73 4.93
CA VAL A 42 -1.17 17.93 3.70
C VAL A 42 -1.28 19.38 3.22
N LEU A 43 -2.52 19.86 3.13
CA LEU A 43 -2.76 21.22 2.66
C LEU A 43 -2.02 22.24 3.54
N LYS A 44 -1.81 21.87 4.80
CA LYS A 44 -1.13 22.75 5.74
C LYS A 44 0.39 22.69 5.54
N GLU A 45 0.88 21.51 5.14
CA GLU A 45 2.31 21.33 4.91
C GLU A 45 2.64 21.49 3.43
N LYS A 46 3.55 22.40 3.13
CA LYS A 46 3.96 22.65 1.76
C LYS A 46 5.14 21.76 1.37
N ARG A 47 4.85 20.57 0.87
CA ARG A 47 5.88 19.62 0.47
C ARG A 47 5.34 18.65 -0.57
N SER A 48 6.24 17.84 -1.14
CA SER A 48 5.86 16.86 -2.15
C SER A 48 5.66 15.47 -1.52
N ILE A 49 5.26 15.46 -0.25
CA ILE A 49 5.03 14.21 0.46
C ILE A 49 3.97 14.37 1.54
N LYS A 50 3.18 13.33 1.76
CA LYS A 50 2.12 13.37 2.76
C LYS A 50 2.34 12.29 3.82
N LYS A 51 2.23 11.04 3.43
CA LYS A 51 2.42 9.92 4.35
C LYS A 51 2.88 8.67 3.60
N VAL A 52 3.76 7.90 4.23
CA VAL A 52 4.28 6.69 3.61
C VAL A 52 4.14 5.47 4.53
N TRP A 53 3.77 4.36 3.92
CA TRP A 53 3.59 3.09 4.64
C TRP A 53 4.70 2.09 4.34
N THR A 54 5.17 1.40 5.37
CA THR A 54 6.20 0.38 5.18
C THR A 54 5.60 -1.00 5.43
N PHE A 55 5.76 -1.89 4.46
CA PHE A 55 5.22 -3.24 4.53
C PHE A 55 6.31 -4.28 4.76
N GLY A 56 5.96 -5.32 5.51
CA GLY A 56 6.91 -6.38 5.79
C GLY A 56 6.46 -7.29 6.91
N ARG A 57 7.31 -8.27 7.23
CA ARG A 57 7.00 -9.23 8.29
C ARG A 57 7.23 -8.63 9.68
N ASN A 58 7.72 -7.40 9.72
CA ASN A 58 7.99 -6.73 10.99
C ASN A 58 6.74 -6.05 11.53
N PRO A 59 6.47 -6.18 12.84
CA PRO A 59 5.31 -5.56 13.48
C PRO A 59 5.43 -4.05 13.55
N ALA A 60 6.60 -3.53 13.13
CA ALA A 60 6.84 -2.11 13.13
C ALA A 60 6.26 -1.54 11.86
N CYS A 61 6.54 -2.25 10.78
CA CYS A 61 6.08 -1.87 9.48
C CYS A 61 4.62 -1.47 9.54
N ASP A 62 4.29 -0.42 8.81
CA ASP A 62 2.92 0.05 8.78
C ASP A 62 1.98 -1.07 8.34
N TYR A 63 2.54 -2.12 7.72
CA TYR A 63 1.74 -3.25 7.27
C TYR A 63 2.35 -4.56 7.76
N HIS A 64 1.52 -5.42 8.33
CA HIS A 64 1.98 -6.71 8.84
C HIS A 64 1.56 -7.84 7.90
N LEU A 65 2.51 -8.71 7.55
CA LEU A 65 2.23 -9.83 6.67
C LEU A 65 2.84 -11.12 7.23
N GLY A 66 2.67 -12.21 6.49
CA GLY A 66 3.20 -13.49 6.91
C GLY A 66 4.72 -13.49 6.99
N ASN A 67 5.25 -14.05 8.07
CA ASN A 67 6.69 -14.12 8.26
C ASN A 67 7.34 -15.09 7.28
N ILE A 68 7.72 -14.58 6.11
CA ILE A 68 8.34 -15.40 5.08
C ILE A 68 9.84 -15.14 5.02
N SER A 69 10.63 -16.21 5.09
CA SER A 69 12.09 -16.09 5.04
C SER A 69 12.55 -15.34 3.80
N ARG A 70 11.72 -15.37 2.76
CA ARG A 70 12.04 -14.70 1.51
C ARG A 70 11.86 -13.18 1.62
N LEU A 71 10.73 -12.77 2.19
CA LEU A 71 10.44 -11.35 2.34
C LEU A 71 11.30 -10.72 3.44
N SER A 72 11.58 -9.43 3.30
CA SER A 72 12.40 -8.72 4.27
C SER A 72 11.55 -7.99 5.32
N ASN A 73 12.20 -7.56 6.42
CA ASN A 73 11.51 -6.84 7.50
C ASN A 73 10.54 -5.83 6.92
N LYS A 74 11.07 -4.98 6.04
CA LYS A 74 10.28 -3.99 5.33
C LYS A 74 10.41 -4.29 3.86
N HIS A 75 9.60 -5.23 3.40
CA HIS A 75 9.66 -5.68 2.03
C HIS A 75 9.38 -4.57 1.05
N PHE A 76 8.33 -3.80 1.30
CA PHE A 76 7.98 -2.71 0.40
C PHE A 76 7.36 -1.55 1.16
N GLN A 77 7.38 -0.36 0.56
CA GLN A 77 6.83 0.83 1.20
C GLN A 77 6.00 1.66 0.22
N ILE A 78 4.89 2.22 0.70
CA ILE A 78 4.03 3.04 -0.17
C ILE A 78 4.03 4.50 0.29
N LEU A 79 4.21 5.42 -0.65
CA LEU A 79 4.22 6.84 -0.32
C LEU A 79 3.15 7.60 -1.11
N LEU A 80 2.56 8.60 -0.46
CA LEU A 80 1.53 9.42 -1.10
C LEU A 80 1.92 10.90 -1.03
N GLY A 81 1.99 11.54 -2.19
CA GLY A 81 2.34 12.95 -2.24
C GLY A 81 2.15 13.54 -3.62
N GLU A 82 3.15 14.28 -4.09
CA GLU A 82 3.09 14.91 -5.41
C GLU A 82 1.95 15.92 -5.48
N ASP A 83 0.74 15.44 -5.69
CA ASP A 83 -0.42 16.30 -5.79
C ASP A 83 -1.71 15.48 -5.78
N GLY A 84 -1.77 14.48 -4.90
CA GLY A 84 -2.94 13.64 -4.80
C GLY A 84 -2.69 12.23 -5.31
N ASN A 85 -1.79 12.10 -6.26
CA ASN A 85 -1.45 10.80 -6.83
C ASN A 85 -0.77 9.92 -5.80
N LEU A 86 -0.75 8.62 -6.06
CA LEU A 86 -0.12 7.66 -5.16
C LEU A 86 1.19 7.14 -5.73
N LEU A 87 2.12 6.80 -4.85
CA LEU A 87 3.42 6.28 -5.27
C LEU A 87 3.78 5.03 -4.49
N LEU A 88 4.37 4.05 -5.16
CA LEU A 88 4.75 2.81 -4.52
C LEU A 88 6.27 2.69 -4.49
N ASN A 89 6.82 2.46 -3.29
CA ASN A 89 8.26 2.35 -3.15
C ASN A 89 8.66 0.95 -2.69
N ASP A 90 9.37 0.23 -3.53
CA ASP A 90 9.84 -1.10 -3.19
C ASP A 90 11.05 -1.01 -2.27
N ILE A 91 11.13 -1.90 -1.28
CA ILE A 91 12.24 -1.87 -0.34
C ILE A 91 12.58 -3.28 0.19
N SER A 92 12.50 -4.29 -0.68
CA SER A 92 12.78 -5.65 -0.27
C SER A 92 14.20 -6.05 -0.62
N THR A 93 14.69 -7.07 0.07
CA THR A 93 16.02 -7.59 -0.19
C THR A 93 16.09 -8.28 -1.54
N ASN A 94 14.99 -8.92 -1.93
CA ASN A 94 14.94 -9.63 -3.22
C ASN A 94 14.26 -8.81 -4.31
N GLY A 95 13.46 -7.82 -3.92
CA GLY A 95 12.79 -7.00 -4.90
C GLY A 95 11.28 -7.05 -4.79
N THR A 96 10.64 -6.06 -5.41
CA THR A 96 9.18 -5.94 -5.41
C THR A 96 8.67 -6.07 -6.85
N TRP A 97 7.58 -6.79 -7.04
CA TRP A 97 7.05 -6.98 -8.39
C TRP A 97 5.68 -6.37 -8.59
N LEU A 98 5.45 -5.94 -9.83
CA LEU A 98 4.18 -5.37 -10.21
C LEU A 98 3.64 -6.16 -11.41
N ASN A 99 2.54 -6.86 -11.19
CA ASN A 99 1.92 -7.67 -12.24
C ASN A 99 2.95 -8.49 -13.02
N GLY A 100 3.91 -9.08 -12.32
CA GLY A 100 4.91 -9.90 -12.97
C GLY A 100 6.11 -9.11 -13.44
N GLN A 101 6.03 -7.79 -13.39
CA GLN A 101 7.15 -6.96 -13.81
C GLN A 101 7.85 -6.35 -12.61
N LYS A 102 9.13 -6.70 -12.46
CA LYS A 102 9.93 -6.22 -11.36
C LYS A 102 10.30 -4.75 -11.55
N VAL A 103 10.09 -3.96 -10.50
CA VAL A 103 10.40 -2.54 -10.52
C VAL A 103 11.71 -2.25 -9.80
N GLU A 104 12.27 -1.07 -10.02
CA GLU A 104 13.52 -0.68 -9.38
C GLU A 104 13.30 -0.46 -7.89
N LYS A 105 14.10 -1.12 -7.06
CA LYS A 105 13.99 -0.98 -5.62
C LYS A 105 14.04 0.49 -5.21
N ASN A 106 13.57 0.78 -4.00
CA ASN A 106 13.54 2.13 -3.46
C ASN A 106 13.25 3.18 -4.53
N SER A 107 12.42 2.79 -5.49
CA SER A 107 12.04 3.68 -6.59
C SER A 107 10.56 4.05 -6.50
N ASN A 108 10.25 5.29 -6.88
CA ASN A 108 8.87 5.77 -6.84
C ASN A 108 8.16 5.47 -8.16
N GLN A 109 7.00 4.82 -8.08
CA GLN A 109 6.23 4.48 -9.26
C GLN A 109 4.78 4.92 -9.10
N LEU A 110 4.16 5.31 -10.20
CA LEU A 110 2.77 5.73 -10.18
C LEU A 110 1.85 4.52 -9.99
N LEU A 111 1.07 4.55 -8.92
CA LEU A 111 0.17 3.44 -8.61
C LEU A 111 -0.80 3.17 -9.74
N SER A 112 -1.42 2.00 -9.65
CA SER A 112 -2.40 1.56 -10.63
C SER A 112 -3.71 1.20 -9.94
N GLN A 113 -4.82 1.31 -10.65
CA GLN A 113 -6.12 0.99 -10.08
C GLN A 113 -6.26 -0.52 -9.90
N GLY A 114 -6.48 -0.93 -8.65
CA GLY A 114 -6.61 -2.34 -8.35
C GLY A 114 -5.38 -3.13 -8.76
N ASP A 115 -4.23 -2.46 -8.78
CA ASP A 115 -2.98 -3.08 -9.15
C ASP A 115 -2.63 -4.21 -8.20
N GLU A 116 -1.52 -4.87 -8.46
CA GLU A 116 -1.07 -5.98 -7.61
C GLU A 116 0.46 -6.01 -7.52
N ILE A 117 0.96 -6.20 -6.31
CA ILE A 117 2.41 -6.27 -6.09
C ILE A 117 2.81 -7.68 -5.68
N THR A 118 3.77 -8.24 -6.39
CA THR A 118 4.25 -9.59 -6.10
C THR A 118 5.62 -9.52 -5.41
N VAL A 119 5.83 -10.40 -4.43
CA VAL A 119 7.08 -10.40 -3.70
C VAL A 119 7.57 -11.81 -3.40
N GLY A 120 8.87 -11.93 -3.14
CA GLY A 120 9.46 -13.23 -2.85
C GLY A 120 9.73 -14.03 -4.10
N VAL A 121 10.26 -13.36 -5.11
CA VAL A 121 10.55 -14.00 -6.37
C VAL A 121 11.90 -14.71 -6.36
N GLY A 122 11.92 -15.87 -6.98
CA GLY A 122 13.10 -16.70 -7.05
C GLY A 122 12.70 -18.15 -6.95
N VAL A 123 11.72 -18.41 -6.10
CA VAL A 123 11.17 -19.72 -5.90
C VAL A 123 9.66 -19.67 -6.09
N GLU A 124 9.14 -20.44 -7.03
CA GLU A 124 7.70 -20.43 -7.30
C GLU A 124 6.89 -20.63 -6.03
N SER A 125 7.49 -21.29 -5.04
CA SER A 125 6.83 -21.55 -3.79
C SER A 125 7.12 -20.48 -2.73
N ASP A 126 7.81 -19.40 -3.12
CA ASP A 126 8.14 -18.35 -2.16
C ASP A 126 7.72 -16.97 -2.62
N ILE A 127 6.73 -16.94 -3.49
CA ILE A 127 6.20 -15.69 -4.00
C ILE A 127 4.83 -15.39 -3.42
N LEU A 128 4.62 -14.13 -3.10
CA LEU A 128 3.36 -13.66 -2.52
C LEU A 128 2.77 -12.55 -3.39
N SER A 129 1.46 -12.63 -3.65
CA SER A 129 0.80 -11.63 -4.49
C SER A 129 -0.17 -10.78 -3.67
N LEU A 130 -0.02 -9.46 -3.80
CA LEU A 130 -0.88 -8.51 -3.09
C LEU A 130 -1.58 -7.58 -4.07
N VAL A 131 -2.77 -7.13 -3.71
CA VAL A 131 -3.54 -6.23 -4.55
C VAL A 131 -3.70 -4.86 -3.90
N ILE A 132 -3.54 -3.81 -4.69
CA ILE A 132 -3.65 -2.46 -4.19
C ILE A 132 -4.96 -1.81 -4.65
N PHE A 133 -5.77 -1.40 -3.68
CA PHE A 133 -7.05 -0.76 -3.97
C PHE A 133 -7.00 0.73 -3.66
N ILE A 134 -7.45 1.54 -4.60
CA ILE A 134 -7.45 2.99 -4.43
C ILE A 134 -8.85 3.51 -4.11
N ASN A 135 -8.94 4.35 -3.09
CA ASN A 135 -10.22 4.92 -2.67
C ASN A 135 -10.56 6.15 -3.51
N ASP A 136 -11.66 6.06 -4.26
CA ASP A 136 -12.10 7.16 -5.11
C ASP A 136 -12.48 8.38 -4.28
N LYS A 137 -12.86 8.14 -3.02
CA LYS A 137 -13.25 9.21 -2.12
C LYS A 137 -12.13 10.21 -1.95
N PHE A 138 -10.92 9.70 -1.72
CA PHE A 138 -9.74 10.53 -1.55
C PHE A 138 -9.54 11.44 -2.75
N LYS A 139 -9.71 10.87 -3.94
CA LYS A 139 -9.53 11.63 -5.18
C LYS A 139 -10.57 12.74 -5.30
N GLN A 140 -11.77 12.47 -4.81
CA GLN A 140 -12.86 13.45 -4.87
C GLN A 140 -12.48 14.72 -4.11
N CYS A 141 -11.93 14.55 -2.91
CA CYS A 141 -11.53 15.68 -2.09
C CYS A 141 -10.36 16.43 -2.72
N LEU A 142 -9.36 15.67 -3.19
CA LEU A 142 -8.18 16.25 -3.83
C LEU A 142 -8.56 17.00 -5.10
N GLU A 143 -9.37 16.37 -5.94
CA GLU A 143 -9.81 16.99 -7.19
C GLU A 143 -10.55 18.29 -6.92
N GLN A 144 -11.35 18.31 -5.86
CA GLN A 144 -12.10 19.50 -5.50
C GLN A 144 -11.19 20.60 -4.99
N ASN A 145 -10.04 20.20 -4.43
CA ASN A 145 -9.07 21.16 -3.90
C ASN A 145 -7.77 21.10 -4.69
N LYS A 146 -7.84 21.48 -5.96
CA LYS A 146 -6.67 21.47 -6.83
C LYS A 146 -5.74 22.64 -6.50
N VAL A 147 -4.45 22.33 -6.33
CA VAL A 147 -3.47 23.35 -6.00
C VAL A 147 -3.05 24.13 -7.24
N ASP A 148 -3.20 25.45 -7.19
CA ASP A 148 -2.86 26.31 -8.32
C ASP A 148 -1.92 27.44 -7.86
N ARG A 149 -0.96 27.78 -8.71
CA ARG A 149 -0.01 28.83 -8.40
C ARG A 149 0.00 29.90 -9.50
N ILE A 150 0.04 31.16 -9.09
CA ILE A 150 0.05 32.27 -10.04
C ILE A 150 1.46 32.82 -10.22
N ARG A 151 1.86 33.01 -11.47
CA ARG A 151 3.18 33.53 -11.79
C ARG A 151 3.09 34.92 -12.43
N ASN B 1 23.01 -6.92 10.72
CA ASN B 1 21.70 -7.41 10.22
C ASN B 1 21.74 -7.65 8.72
N ILE B 2 21.45 -8.89 8.32
CA ILE B 2 21.45 -9.26 6.92
C ILE B 2 20.30 -10.22 6.60
N TPO B 3 19.42 -9.79 5.69
CA TPO B 3 18.28 -10.61 5.29
CB TPO B 3 17.16 -9.74 4.67
CG2 TPO B 3 15.98 -10.60 4.24
OG1 TPO B 3 16.73 -8.79 5.61
P TPO B 3 16.25 -9.29 7.01
O1P TPO B 3 17.50 -9.11 7.93
O2P TPO B 3 15.16 -8.27 7.44
O3P TPO B 3 15.76 -10.70 6.99
C TPO B 3 18.70 -11.69 4.29
O TPO B 3 19.41 -11.40 3.33
H TPO B 3 19.55 -8.91 5.27
HA TPO B 3 17.90 -11.09 6.18
HB TPO B 3 17.55 -9.23 3.81
HG21 TPO B 3 16.00 -10.72 3.17
HG22 TPO B 3 15.06 -10.13 4.53
HG23 TPO B 3 16.05 -11.57 4.71
N GLN B 4 18.24 -12.91 4.51
CA GLN B 4 18.57 -14.02 3.63
C GLN B 4 18.05 -13.76 2.22
N PRO B 5 18.97 -13.54 1.26
CA PRO B 5 18.58 -13.29 -0.14
C PRO B 5 18.06 -14.54 -0.83
N THR B 6 17.91 -14.46 -2.15
CA THR B 6 17.41 -15.58 -2.93
C THR B 6 18.56 -16.26 -3.70
N GLN B 7 18.24 -17.36 -4.37
CA GLN B 7 19.23 -18.09 -5.15
C GLN B 7 19.42 -17.46 -6.52
N GLN B 8 20.14 -16.34 -6.56
CA GLN B 8 20.41 -15.64 -7.81
C GLN B 8 21.90 -15.53 -8.06
N SER B 9 22.28 -15.52 -9.34
CA SER B 9 23.68 -15.41 -9.73
C SER B 9 24.48 -16.59 -9.19
N THR B 10 24.38 -17.73 -9.88
CA THR B 10 25.10 -18.93 -9.46
C THR B 10 26.36 -19.13 -10.30
N ALA A 1 -27.23 -13.92 -4.63
CA ALA A 1 -26.35 -13.41 -5.71
C ALA A 1 -26.29 -11.89 -5.70
N THR A 2 -25.39 -11.34 -4.89
CA THR A 2 -25.23 -9.90 -4.79
C THR A 2 -26.52 -9.23 -4.32
N GLN A 3 -27.30 -9.97 -3.52
CA GLN A 3 -28.56 -9.45 -3.00
C GLN A 3 -28.31 -8.38 -1.94
N ARG A 4 -27.41 -8.69 -1.00
CA ARG A 4 -27.08 -7.76 0.06
C ARG A 4 -26.41 -6.50 -0.49
N PHE A 5 -25.60 -6.69 -1.53
CA PHE A 5 -24.90 -5.57 -2.15
C PHE A 5 -25.88 -4.56 -2.71
N LEU A 6 -26.96 -5.04 -3.30
CA LEU A 6 -27.99 -4.19 -3.86
C LEU A 6 -28.61 -3.30 -2.79
N ILE A 7 -28.89 -3.90 -1.64
CA ILE A 7 -29.49 -3.17 -0.52
C ILE A 7 -28.49 -2.22 0.11
N GLU A 8 -27.23 -2.63 0.15
CA GLU A 8 -26.17 -1.81 0.74
C GLU A 8 -26.11 -0.44 0.05
N LYS A 9 -26.40 -0.44 -1.25
CA LYS A 9 -26.39 0.79 -2.04
C LYS A 9 -27.52 1.72 -1.60
N PHE A 10 -28.57 1.13 -1.01
CA PHE A 10 -29.72 1.90 -0.54
C PHE A 10 -29.30 2.98 0.43
N SER A 11 -28.47 2.61 1.40
CA SER A 11 -27.99 3.55 2.41
C SER A 11 -26.92 4.45 1.83
N GLN A 12 -26.09 3.91 0.94
CA GLN A 12 -25.02 4.68 0.32
C GLN A 12 -24.04 5.19 1.36
N GLU A 13 -23.56 4.29 2.22
CA GLU A 13 -22.62 4.64 3.27
C GLU A 13 -21.23 4.87 2.68
N GLN A 14 -20.67 6.05 2.94
CA GLN A 14 -19.34 6.38 2.44
C GLN A 14 -18.25 5.73 3.28
N ILE A 15 -17.66 4.65 2.76
CA ILE A 15 -16.61 3.94 3.46
C ILE A 15 -15.27 4.60 3.28
N GLY A 16 -14.54 4.65 4.38
CA GLY A 16 -13.22 5.26 4.38
C GLY A 16 -13.20 6.57 5.13
N GLU A 17 -12.67 6.54 6.35
CA GLU A 17 -12.60 7.74 7.18
C GLU A 17 -11.64 8.77 6.57
N ASN A 18 -10.59 8.28 5.92
CA ASN A 18 -9.60 9.15 5.29
C ASN A 18 -8.55 8.26 4.65
N ILE A 19 -9.05 7.18 4.10
CA ILE A 19 -8.22 6.17 3.50
C ILE A 19 -7.65 6.61 2.16
N VAL A 20 -6.36 6.33 1.98
CA VAL A 20 -5.65 6.65 0.80
C VAL A 20 -5.68 5.48 -0.17
N CYS A 21 -5.13 4.37 0.29
CA CYS A 21 -5.08 3.14 -0.49
C CYS A 21 -5.21 1.92 0.41
N ARG A 22 -5.78 0.83 -0.11
CA ARG A 22 -5.97 -0.38 0.67
C ARG A 22 -5.16 -1.54 0.10
N VAL A 23 -4.54 -2.32 0.98
CA VAL A 23 -3.76 -3.47 0.56
C VAL A 23 -4.52 -4.77 0.80
N ILE A 24 -4.71 -5.54 -0.27
CA ILE A 24 -5.45 -6.79 -0.18
C ILE A 24 -4.65 -7.95 -0.77
N CYS A 25 -4.39 -8.98 0.03
CA CYS A 25 -3.65 -10.15 -0.42
C CYS A 25 -4.56 -11.08 -1.21
N THR A 26 -4.28 -11.23 -2.51
CA THR A 26 -5.10 -12.08 -3.37
C THR A 26 -4.74 -13.55 -3.22
N THR A 27 -3.50 -13.84 -2.79
CA THR A 27 -3.07 -15.21 -2.61
C THR A 27 -3.56 -15.79 -1.29
N GLY A 28 -4.26 -14.97 -0.51
CA GLY A 28 -4.79 -15.42 0.76
C GLY A 28 -3.71 -15.85 1.74
N GLN A 29 -3.05 -14.87 2.35
CA GLN A 29 -1.99 -15.14 3.31
C GLN A 29 -1.97 -14.08 4.40
N ILE A 30 -2.10 -12.82 3.99
CA ILE A 30 -2.09 -11.70 4.93
C ILE A 30 -3.45 -11.01 4.96
N PRO A 31 -3.91 -10.57 6.15
CA PRO A 31 -5.20 -9.90 6.30
C PRO A 31 -5.18 -8.49 5.71
N ILE A 32 -6.28 -8.11 5.06
CA ILE A 32 -6.40 -6.80 4.45
C ILE A 32 -6.18 -5.68 5.46
N ARG A 33 -5.48 -4.64 5.03
CA ARG A 33 -5.19 -3.49 5.89
C ARG A 33 -5.69 -2.21 5.22
N ASP A 34 -5.80 -1.14 5.99
CA ASP A 34 -6.27 0.14 5.46
C ASP A 34 -5.22 1.24 5.63
N LEU A 35 -4.78 1.79 4.51
CA LEU A 35 -3.81 2.89 4.52
C LEU A 35 -4.55 4.20 4.40
N SER A 36 -4.19 5.20 5.21
CA SER A 36 -4.89 6.47 5.15
C SER A 36 -4.01 7.67 5.44
N ALA A 37 -4.49 8.79 4.96
CA ALA A 37 -3.83 10.07 5.15
C ALA A 37 -4.85 11.19 5.37
N ASP A 38 -4.51 12.12 6.27
CA ASP A 38 -5.41 13.23 6.57
C ASP A 38 -5.32 14.33 5.52
N ILE A 39 -6.48 14.85 5.12
CA ILE A 39 -6.57 15.90 4.11
C ILE A 39 -5.92 17.19 4.58
N SER A 40 -6.21 17.58 5.82
CA SER A 40 -5.67 18.81 6.39
C SER A 40 -4.15 18.81 6.33
N GLN A 41 -3.58 17.64 6.61
CA GLN A 41 -2.14 17.47 6.61
C GLN A 41 -1.59 17.58 5.18
N VAL A 42 -2.34 17.03 4.23
CA VAL A 42 -1.93 17.07 2.83
C VAL A 42 -2.11 18.47 2.25
N LEU A 43 -3.17 19.15 2.65
CA LEU A 43 -3.45 20.50 2.18
C LEU A 43 -2.38 21.48 2.65
N LYS A 44 -1.81 21.22 3.81
CA LYS A 44 -0.78 22.09 4.37
C LYS A 44 0.61 21.67 3.90
N GLU A 45 0.78 20.38 3.64
CA GLU A 45 2.06 19.85 3.18
C GLU A 45 2.33 20.26 1.75
N LYS A 46 3.42 21.00 1.55
CA LYS A 46 3.81 21.46 0.22
C LYS A 46 4.96 20.63 -0.34
N ARG A 47 5.71 19.98 0.54
CA ARG A 47 6.83 19.15 0.14
C ARG A 47 6.41 18.12 -0.90
N SER A 48 7.38 17.35 -1.40
CA SER A 48 7.11 16.34 -2.40
C SER A 48 6.49 15.09 -1.76
N ILE A 49 6.85 14.84 -0.50
CA ILE A 49 6.33 13.68 0.22
C ILE A 49 5.39 14.11 1.33
N LYS A 50 4.44 13.24 1.66
CA LYS A 50 3.46 13.53 2.70
C LYS A 50 3.41 12.38 3.72
N LYS A 51 2.90 11.23 3.29
CA LYS A 51 2.79 10.07 4.15
C LYS A 51 3.10 8.78 3.39
N VAL A 52 3.98 7.96 3.95
CA VAL A 52 4.36 6.72 3.32
C VAL A 52 4.17 5.52 4.23
N TRP A 53 3.67 4.43 3.64
CA TRP A 53 3.42 3.20 4.38
C TRP A 53 4.52 2.17 4.15
N THR A 54 4.91 1.47 5.22
CA THR A 54 5.91 0.42 5.11
C THR A 54 5.25 -0.93 5.36
N PHE A 55 5.47 -1.87 4.45
CA PHE A 55 4.87 -3.20 4.55
C PHE A 55 5.94 -4.28 4.64
N GLY A 56 5.66 -5.33 5.41
CA GLY A 56 6.60 -6.42 5.55
C GLY A 56 6.32 -7.28 6.77
N ARG A 57 7.28 -8.15 7.10
CA ARG A 57 7.14 -9.05 8.25
C ARG A 57 7.46 -8.34 9.57
N ASN A 58 7.76 -7.05 9.51
CA ASN A 58 8.08 -6.30 10.72
C ASN A 58 6.81 -5.80 11.40
N PRO A 59 6.72 -5.97 12.74
CA PRO A 59 5.56 -5.52 13.52
C PRO A 59 5.45 -4.00 13.54
N ALA A 60 6.53 -3.33 13.14
CA ALA A 60 6.54 -1.89 13.09
C ALA A 60 5.92 -1.44 11.81
N CYS A 61 6.28 -2.14 10.76
CA CYS A 61 5.77 -1.88 9.44
C CYS A 61 4.30 -1.59 9.48
N ASP A 62 3.89 -0.62 8.70
CA ASP A 62 2.49 -0.27 8.62
C ASP A 62 1.65 -1.50 8.24
N TYR A 63 2.31 -2.51 7.66
CA TYR A 63 1.62 -3.73 7.27
C TYR A 63 2.35 -4.96 7.81
N HIS A 64 1.60 -5.82 8.50
CA HIS A 64 2.18 -7.05 9.06
C HIS A 64 1.77 -8.27 8.25
N LEU A 65 2.75 -8.86 7.56
CA LEU A 65 2.49 -10.04 6.74
C LEU A 65 3.23 -11.26 7.31
N GLY A 66 2.95 -12.42 6.74
CA GLY A 66 3.59 -13.65 7.20
C GLY A 66 5.10 -13.55 7.19
N ASN A 67 5.73 -14.00 8.27
CA ASN A 67 7.18 -13.96 8.38
C ASN A 67 7.82 -14.93 7.39
N ILE A 68 8.01 -14.47 6.15
CA ILE A 68 8.61 -15.29 5.12
C ILE A 68 10.08 -14.94 4.92
N SER A 69 10.94 -15.95 4.89
CA SER A 69 12.37 -15.75 4.71
C SER A 69 12.66 -14.98 3.42
N ARG A 70 11.87 -15.27 2.39
CA ARG A 70 12.04 -14.60 1.10
C ARG A 70 11.69 -13.13 1.19
N LEU A 71 10.79 -12.79 2.11
CA LEU A 71 10.37 -11.41 2.31
C LEU A 71 11.16 -10.74 3.44
N SER A 72 11.32 -9.43 3.37
CA SER A 72 12.06 -8.69 4.38
C SER A 72 11.12 -8.03 5.40
N ASN A 73 11.70 -7.59 6.53
CA ASN A 73 10.93 -6.92 7.58
C ASN A 73 9.96 -5.93 6.97
N LYS A 74 10.52 -5.05 6.14
CA LYS A 74 9.75 -4.06 5.41
C LYS A 74 9.94 -4.34 3.93
N HIS A 75 9.18 -5.30 3.43
CA HIS A 75 9.29 -5.73 2.06
C HIS A 75 9.03 -4.62 1.06
N PHE A 76 7.99 -3.85 1.30
CA PHE A 76 7.65 -2.76 0.38
C PHE A 76 7.10 -1.55 1.11
N GLN A 77 7.15 -0.39 0.45
CA GLN A 77 6.67 0.85 1.03
C GLN A 77 5.84 1.66 0.03
N ILE A 78 4.78 2.32 0.50
CA ILE A 78 3.94 3.13 -0.39
C ILE A 78 3.94 4.59 0.05
N LEU A 79 4.24 5.50 -0.88
CA LEU A 79 4.27 6.92 -0.56
C LEU A 79 3.12 7.67 -1.22
N LEU A 80 2.65 8.71 -0.54
CA LEU A 80 1.56 9.54 -1.06
C LEU A 80 1.96 11.00 -1.13
N GLY A 81 1.88 11.59 -2.31
CA GLY A 81 2.25 12.99 -2.48
C GLY A 81 2.18 13.43 -3.92
N GLU A 82 2.77 14.58 -4.21
CA GLU A 82 2.78 15.14 -5.55
C GLU A 82 1.36 15.46 -6.03
N ASP A 83 0.92 16.68 -5.77
CA ASP A 83 -0.41 17.12 -6.17
C ASP A 83 -1.49 16.32 -5.44
N GLY A 84 -1.74 15.10 -5.92
CA GLY A 84 -2.75 14.26 -5.31
C GLY A 84 -2.74 12.84 -5.87
N ASN A 85 -1.55 12.37 -6.24
CA ASN A 85 -1.40 11.02 -6.79
C ASN A 85 -0.75 10.09 -5.78
N LEU A 86 -0.59 8.83 -6.16
CA LEU A 86 0.01 7.84 -5.28
C LEU A 86 1.26 7.23 -5.92
N LEU A 87 2.21 6.82 -5.08
CA LEU A 87 3.45 6.22 -5.57
C LEU A 87 3.76 4.95 -4.79
N LEU A 88 4.38 3.98 -5.47
CA LEU A 88 4.74 2.73 -4.84
C LEU A 88 6.25 2.59 -4.72
N ASN A 89 6.74 2.36 -3.51
CA ASN A 89 8.17 2.24 -3.29
C ASN A 89 8.56 0.84 -2.81
N ASP A 90 9.33 0.13 -3.62
CA ASP A 90 9.79 -1.20 -3.26
C ASP A 90 10.94 -1.11 -2.26
N ILE A 91 10.90 -1.92 -1.22
CA ILE A 91 11.95 -1.89 -0.19
C ILE A 91 12.26 -3.29 0.35
N SER A 92 12.18 -4.31 -0.48
CA SER A 92 12.43 -5.66 -0.07
C SER A 92 13.88 -6.05 -0.30
N THR A 93 14.38 -6.97 0.50
CA THR A 93 15.74 -7.46 0.36
C THR A 93 15.85 -8.29 -0.92
N ASN A 94 14.76 -8.96 -1.28
CA ASN A 94 14.74 -9.81 -2.47
C ASN A 94 14.12 -9.12 -3.69
N GLY A 95 13.33 -8.06 -3.49
CA GLY A 95 12.73 -7.37 -4.60
C GLY A 95 11.22 -7.34 -4.54
N THR A 96 10.65 -6.32 -5.19
CA THR A 96 9.20 -6.13 -5.25
C THR A 96 8.75 -6.22 -6.70
N TRP A 97 7.62 -6.89 -6.94
CA TRP A 97 7.14 -7.07 -8.31
C TRP A 97 5.78 -6.45 -8.55
N LEU A 98 5.59 -5.99 -9.78
CA LEU A 98 4.33 -5.42 -10.20
C LEU A 98 3.84 -6.18 -11.43
N ASN A 99 2.73 -6.89 -11.27
CA ASN A 99 2.15 -7.67 -12.35
C ASN A 99 3.19 -8.53 -13.06
N GLY A 100 4.15 -9.04 -12.30
CA GLY A 100 5.17 -9.89 -12.87
C GLY A 100 6.37 -9.12 -13.36
N GLN A 101 6.36 -7.80 -13.21
CA GLN A 101 7.49 -6.99 -13.64
C GLN A 101 8.25 -6.45 -12.45
N LYS A 102 9.53 -6.82 -12.35
CA LYS A 102 10.38 -6.38 -11.27
C LYS A 102 10.77 -4.91 -11.45
N VAL A 103 10.29 -4.06 -10.54
CA VAL A 103 10.59 -2.64 -10.59
C VAL A 103 11.89 -2.32 -9.86
N GLU A 104 12.40 -1.11 -10.07
CA GLU A 104 13.63 -0.68 -9.42
C GLU A 104 13.40 -0.48 -7.93
N LYS A 105 14.22 -1.14 -7.11
CA LYS A 105 14.10 -1.04 -5.66
C LYS A 105 14.10 0.42 -5.22
N ASN A 106 13.55 0.65 -4.03
CA ASN A 106 13.45 1.98 -3.44
C ASN A 106 13.23 3.07 -4.49
N SER A 107 12.47 2.72 -5.52
CA SER A 107 12.16 3.65 -6.59
C SER A 107 10.68 4.02 -6.59
N ASN A 108 10.38 5.27 -6.95
CA ASN A 108 8.99 5.73 -6.99
C ASN A 108 8.32 5.29 -8.28
N GLN A 109 7.12 4.74 -8.15
CA GLN A 109 6.35 4.28 -9.31
C GLN A 109 4.94 4.84 -9.26
N LEU A 110 4.38 5.12 -10.43
CA LEU A 110 3.03 5.65 -10.52
C LEU A 110 2.01 4.57 -10.18
N LEU A 111 1.25 4.79 -9.12
CA LEU A 111 0.24 3.82 -8.69
C LEU A 111 -0.74 3.49 -9.80
N SER A 112 -1.30 2.31 -9.71
CA SER A 112 -2.27 1.82 -10.68
C SER A 112 -3.57 1.40 -9.98
N GLN A 113 -4.68 1.46 -10.70
CA GLN A 113 -5.96 1.08 -10.12
C GLN A 113 -6.04 -0.43 -9.95
N GLY A 114 -6.32 -0.87 -8.73
CA GLY A 114 -6.40 -2.29 -8.45
C GLY A 114 -5.08 -3.00 -8.72
N ASP A 115 -4.00 -2.24 -8.78
CA ASP A 115 -2.67 -2.79 -9.03
C ASP A 115 -2.37 -3.94 -8.08
N GLU A 116 -1.33 -4.70 -8.39
CA GLU A 116 -0.95 -5.83 -7.56
C GLU A 116 0.57 -5.93 -7.44
N ILE A 117 1.05 -6.17 -6.22
CA ILE A 117 2.47 -6.29 -5.99
C ILE A 117 2.84 -7.73 -5.62
N THR A 118 3.81 -8.28 -6.35
CA THR A 118 4.25 -9.65 -6.10
C THR A 118 5.60 -9.64 -5.38
N VAL A 119 5.77 -10.56 -4.44
CA VAL A 119 7.00 -10.63 -3.67
C VAL A 119 7.46 -12.06 -3.43
N GLY A 120 8.75 -12.22 -3.13
CA GLY A 120 9.31 -13.53 -2.89
C GLY A 120 9.60 -14.28 -4.16
N VAL A 121 10.17 -13.58 -5.12
CA VAL A 121 10.48 -14.17 -6.40
C VAL A 121 11.82 -14.89 -6.40
N GLY A 122 11.83 -16.02 -7.08
CA GLY A 122 12.99 -16.87 -7.18
C GLY A 122 12.56 -18.32 -7.22
N VAL A 123 11.55 -18.62 -6.41
CA VAL A 123 10.98 -19.94 -6.34
C VAL A 123 9.47 -19.82 -6.55
N GLU A 124 8.96 -20.48 -7.59
CA GLU A 124 7.54 -20.42 -7.90
C GLU A 124 6.68 -20.73 -6.67
N SER A 125 7.24 -21.48 -5.73
CA SER A 125 6.53 -21.84 -4.52
C SER A 125 6.80 -20.86 -3.37
N ASP A 126 7.51 -19.76 -3.63
CA ASP A 126 7.81 -18.81 -2.57
C ASP A 126 7.48 -17.39 -2.94
N ILE A 127 6.54 -17.23 -3.82
CA ILE A 127 6.08 -15.92 -4.25
C ILE A 127 4.71 -15.62 -3.67
N LEU A 128 4.53 -14.39 -3.23
CA LEU A 128 3.27 -13.92 -2.66
C LEU A 128 2.78 -12.69 -3.41
N SER A 129 1.50 -12.67 -3.75
CA SER A 129 0.93 -11.53 -4.46
C SER A 129 0.02 -10.70 -3.59
N LEU A 130 -0.03 -9.42 -3.91
CA LEU A 130 -0.85 -8.46 -3.19
C LEU A 130 -1.59 -7.54 -4.15
N VAL A 131 -2.70 -6.96 -3.69
CA VAL A 131 -3.49 -6.07 -4.52
C VAL A 131 -3.70 -4.73 -3.83
N ILE A 132 -3.60 -3.64 -4.59
CA ILE A 132 -3.76 -2.32 -4.08
C ILE A 132 -5.10 -1.73 -4.50
N PHE A 133 -5.93 -1.36 -3.53
CA PHE A 133 -7.24 -0.78 -3.80
C PHE A 133 -7.24 0.71 -3.48
N ILE A 134 -7.40 1.53 -4.51
CA ILE A 134 -7.42 2.98 -4.35
C ILE A 134 -8.81 3.48 -3.98
N ASN A 135 -8.87 4.35 -2.98
CA ASN A 135 -10.14 4.91 -2.52
C ASN A 135 -10.56 6.08 -3.41
N ASP A 136 -11.77 6.00 -3.95
CA ASP A 136 -12.29 7.07 -4.81
C ASP A 136 -12.62 8.31 -4.01
N LYS A 137 -12.90 8.13 -2.72
CA LYS A 137 -13.23 9.25 -1.85
C LYS A 137 -12.09 10.25 -1.81
N PHE A 138 -10.87 9.74 -1.66
CA PHE A 138 -9.69 10.59 -1.60
C PHE A 138 -9.57 11.43 -2.87
N LYS A 139 -9.81 10.81 -4.01
CA LYS A 139 -9.72 11.50 -5.30
C LYS A 139 -10.76 12.62 -5.38
N GLN A 140 -11.97 12.33 -4.93
CA GLN A 140 -13.05 13.30 -4.96
C GLN A 140 -12.69 14.56 -4.16
N CYS A 141 -12.16 14.35 -2.96
CA CYS A 141 -11.77 15.46 -2.09
C CYS A 141 -10.64 16.26 -2.72
N LEU A 142 -9.63 15.56 -3.22
CA LEU A 142 -8.47 16.20 -3.83
C LEU A 142 -8.89 16.98 -5.08
N GLU A 143 -9.86 16.44 -5.82
CA GLU A 143 -10.34 17.08 -7.04
C GLU A 143 -10.97 18.44 -6.71
N GLN A 144 -11.63 18.53 -5.57
CA GLN A 144 -12.28 19.76 -5.15
C GLN A 144 -11.34 20.61 -4.29
N ASN A 145 -10.50 19.93 -3.52
CA ASN A 145 -9.53 20.61 -2.64
C ASN A 145 -10.18 21.79 -1.91
N LYS A 146 -10.74 21.52 -0.74
CA LYS A 146 -11.39 22.55 0.06
C LYS A 146 -10.35 23.44 0.75
N VAL A 147 -10.62 24.74 0.79
CA VAL A 147 -9.71 25.68 1.42
C VAL A 147 -9.99 25.80 2.91
N ASP A 148 -8.94 25.78 3.72
CA ASP A 148 -9.07 25.90 5.16
C ASP A 148 -8.15 26.98 5.71
N ARG A 149 -8.27 27.25 7.01
CA ARG A 149 -7.45 28.26 7.66
C ARG A 149 -7.77 28.34 9.15
N ILE A 150 -9.04 28.20 9.49
CA ILE A 150 -9.47 28.27 10.89
C ILE A 150 -9.72 26.87 11.44
N ARG A 151 -9.30 26.65 12.69
CA ARG A 151 -9.47 25.36 13.35
C ARG A 151 -9.18 25.47 14.83
N ASN B 1 18.80 -11.84 14.07
CA ASN B 1 18.62 -12.52 12.77
C ASN B 1 18.91 -11.59 11.60
N ILE B 2 18.80 -12.12 10.38
CA ILE B 2 19.04 -11.32 9.19
C ILE B 2 18.18 -11.81 8.02
N TPO B 3 17.72 -10.86 7.21
CA TPO B 3 16.88 -11.19 6.06
CB TPO B 3 16.31 -9.92 5.39
CG2 TPO B 3 15.47 -10.26 4.18
OG1 TPO B 3 15.53 -9.20 6.32
P TPO B 3 16.03 -7.80 6.75
O1P TPO B 3 16.51 -7.13 5.43
O2P TPO B 3 14.76 -7.07 7.25
O3P TPO B 3 17.12 -7.85 7.79
C TPO B 3 17.66 -12.00 5.02
O TPO B 3 18.56 -11.47 4.36
H TPO B 3 17.95 -9.92 7.38
HA TPO B 3 16.05 -11.79 6.41
HB TPO B 3 17.14 -9.31 5.07
HG21 TPO B 3 15.06 -11.26 4.29
HG22 TPO B 3 16.07 -10.22 3.28
HG23 TPO B 3 14.65 -9.56 4.10
N GLN B 4 17.32 -13.27 4.89
CA GLN B 4 17.99 -14.14 3.94
C GLN B 4 17.40 -13.98 2.54
N PRO B 5 18.25 -13.73 1.52
CA PRO B 5 17.80 -13.56 0.14
C PRO B 5 17.35 -14.87 -0.49
N THR B 6 17.17 -14.87 -1.81
CA THR B 6 16.75 -16.06 -2.53
C THR B 6 17.95 -16.93 -2.87
N GLN B 7 17.68 -18.12 -3.40
CA GLN B 7 18.74 -19.05 -3.78
C GLN B 7 18.96 -19.05 -5.28
N GLN B 8 20.22 -19.25 -5.69
CA GLN B 8 20.56 -19.27 -7.11
C GLN B 8 21.52 -20.41 -7.41
N SER B 9 21.13 -21.62 -7.00
CA SER B 9 21.96 -22.81 -7.23
C SER B 9 23.30 -22.70 -6.50
N THR B 10 23.35 -23.27 -5.30
CA THR B 10 24.57 -23.23 -4.49
C THR B 10 25.63 -24.17 -5.08
N ALA A 1 -38.16 -6.37 8.57
CA ALA A 1 -37.83 -5.36 7.54
C ALA A 1 -37.28 -4.09 8.15
N THR A 2 -36.40 -3.41 7.42
CA THR A 2 -35.80 -2.16 7.90
C THR A 2 -34.73 -2.44 8.98
N GLN A 3 -35.16 -3.07 10.07
CA GLN A 3 -34.25 -3.39 11.16
C GLN A 3 -33.11 -4.28 10.69
N ARG A 4 -33.45 -5.31 9.90
CA ARG A 4 -32.46 -6.23 9.38
C ARG A 4 -31.42 -5.49 8.54
N PHE A 5 -31.86 -4.49 7.79
CA PHE A 5 -30.96 -3.71 6.96
C PHE A 5 -29.92 -3.00 7.81
N LEU A 6 -30.36 -2.46 8.94
CA LEU A 6 -29.46 -1.76 9.85
C LEU A 6 -28.35 -2.68 10.33
N ILE A 7 -28.67 -3.97 10.45
CA ILE A 7 -27.68 -4.96 10.89
C ILE A 7 -26.64 -5.22 9.82
N GLU A 8 -27.09 -5.20 8.56
CA GLU A 8 -26.19 -5.44 7.43
C GLU A 8 -25.04 -4.44 7.46
N LYS A 9 -25.36 -3.18 7.74
CA LYS A 9 -24.34 -2.13 7.81
C LYS A 9 -23.41 -2.36 8.98
N PHE A 10 -23.88 -3.10 9.99
CA PHE A 10 -23.09 -3.40 11.17
C PHE A 10 -21.78 -4.08 10.80
N SER A 11 -21.87 -5.09 9.94
CA SER A 11 -20.71 -5.84 9.50
C SER A 11 -19.92 -5.05 8.46
N GLN A 12 -20.63 -4.24 7.68
CA GLN A 12 -20.00 -3.43 6.64
C GLN A 12 -19.87 -1.98 7.09
N GLU A 13 -18.79 -1.68 7.79
CA GLU A 13 -18.55 -0.32 8.29
C GLU A 13 -18.38 0.65 7.12
N GLN A 14 -18.75 1.91 7.36
CA GLN A 14 -18.64 2.93 6.32
C GLN A 14 -17.18 3.29 6.05
N ILE A 15 -16.65 2.75 4.95
CA ILE A 15 -15.27 3.01 4.57
C ILE A 15 -15.14 4.23 3.70
N GLY A 16 -14.11 5.00 3.99
CA GLY A 16 -13.85 6.23 3.23
C GLY A 16 -13.75 7.45 4.12
N GLU A 17 -13.14 7.27 5.29
CA GLU A 17 -12.97 8.38 6.23
C GLU A 17 -11.83 9.29 5.79
N ASN A 18 -10.71 8.70 5.41
CA ASN A 18 -9.54 9.43 4.96
C ASN A 18 -8.57 8.45 4.37
N ILE A 19 -9.14 7.43 3.76
CA ILE A 19 -8.39 6.36 3.19
C ILE A 19 -7.76 6.74 1.86
N VAL A 20 -6.50 6.38 1.73
CA VAL A 20 -5.72 6.66 0.56
C VAL A 20 -5.78 5.47 -0.39
N CYS A 21 -5.27 4.34 0.08
CA CYS A 21 -5.26 3.09 -0.69
C CYS A 21 -5.44 1.90 0.24
N ARG A 22 -5.93 0.79 -0.32
CA ARG A 22 -6.15 -0.42 0.48
C ARG A 22 -5.39 -1.61 -0.10
N VAL A 23 -4.70 -2.34 0.77
CA VAL A 23 -3.94 -3.51 0.34
C VAL A 23 -4.73 -4.79 0.56
N ILE A 24 -4.93 -5.55 -0.52
CA ILE A 24 -5.69 -6.79 -0.44
C ILE A 24 -4.85 -7.97 -0.95
N CYS A 25 -4.67 -8.97 -0.09
CA CYS A 25 -3.91 -10.15 -0.45
C CYS A 25 -4.79 -11.17 -1.18
N THR A 26 -4.51 -11.40 -2.45
CA THR A 26 -5.29 -12.35 -3.25
C THR A 26 -4.79 -13.77 -3.09
N THR A 27 -3.53 -13.92 -2.68
CA THR A 27 -2.94 -15.25 -2.50
C THR A 27 -3.35 -15.86 -1.16
N GLY A 28 -4.11 -15.12 -0.38
CA GLY A 28 -4.57 -15.62 0.91
C GLY A 28 -3.43 -15.87 1.88
N GLN A 29 -2.89 -14.80 2.46
CA GLN A 29 -1.80 -14.90 3.41
C GLN A 29 -1.89 -13.81 4.47
N ILE A 30 -2.19 -12.59 4.04
CA ILE A 30 -2.31 -11.46 4.95
C ILE A 30 -3.73 -10.88 4.92
N PRO A 31 -4.25 -10.45 6.08
CA PRO A 31 -5.60 -9.87 6.15
C PRO A 31 -5.66 -8.47 5.55
N ILE A 32 -6.72 -8.20 4.80
CA ILE A 32 -6.89 -6.90 4.15
C ILE A 32 -6.84 -5.76 5.16
N ARG A 33 -6.13 -4.69 4.79
CA ARG A 33 -6.00 -3.51 5.64
C ARG A 33 -6.30 -2.25 4.85
N ASP A 34 -6.55 -1.15 5.54
CA ASP A 34 -6.85 0.11 4.87
C ASP A 34 -5.81 1.18 5.18
N LEU A 35 -5.16 1.67 4.13
CA LEU A 35 -4.16 2.72 4.26
C LEU A 35 -4.84 4.08 4.15
N SER A 36 -4.45 5.03 5.00
CA SER A 36 -5.08 6.34 4.96
C SER A 36 -4.15 7.46 5.32
N ALA A 37 -4.53 8.63 4.86
CA ALA A 37 -3.78 9.86 5.12
C ALA A 37 -4.72 11.01 5.46
N ASP A 38 -4.30 11.87 6.37
CA ASP A 38 -5.12 13.01 6.79
C ASP A 38 -5.13 14.09 5.71
N ILE A 39 -6.31 14.63 5.45
CA ILE A 39 -6.51 15.67 4.45
C ILE A 39 -5.77 16.95 4.82
N SER A 40 -5.84 17.32 6.09
CA SER A 40 -5.21 18.54 6.57
C SER A 40 -3.72 18.54 6.26
N GLN A 41 -3.09 17.38 6.41
CA GLN A 41 -1.66 17.25 6.13
C GLN A 41 -1.41 17.39 4.64
N VAL A 42 -2.28 16.80 3.83
CA VAL A 42 -2.16 16.86 2.39
C VAL A 42 -2.31 18.28 1.87
N LEU A 43 -3.25 19.01 2.46
CA LEU A 43 -3.51 20.40 2.06
C LEU A 43 -2.39 21.31 2.51
N LYS A 44 -1.75 20.97 3.63
CA LYS A 44 -0.66 21.77 4.17
C LYS A 44 0.65 21.00 4.17
N GLU A 45 0.78 20.05 3.25
CA GLU A 45 2.00 19.25 3.14
C GLU A 45 3.17 20.10 2.65
N LYS A 46 4.01 20.54 3.58
CA LYS A 46 5.17 21.37 3.24
C LYS A 46 6.42 20.51 3.18
N ARG A 47 6.29 19.32 2.62
CA ARG A 47 7.43 18.40 2.50
C ARG A 47 7.40 17.69 1.15
N SER A 48 8.41 16.86 0.90
CA SER A 48 8.51 16.11 -0.34
C SER A 48 7.45 15.01 -0.40
N ILE A 49 6.93 14.62 0.75
CA ILE A 49 5.91 13.58 0.81
C ILE A 49 4.92 13.84 1.95
N LYS A 50 3.73 13.24 1.83
CA LYS A 50 2.70 13.41 2.84
C LYS A 50 2.74 12.30 3.88
N LYS A 51 2.48 11.06 3.45
CA LYS A 51 2.50 9.93 4.37
C LYS A 51 2.78 8.62 3.64
N VAL A 52 3.88 7.96 4.02
CA VAL A 52 4.28 6.71 3.39
C VAL A 52 4.11 5.50 4.31
N TRP A 53 3.65 4.43 3.69
CA TRP A 53 3.43 3.15 4.38
C TRP A 53 4.56 2.16 4.14
N THR A 54 4.95 1.44 5.18
CA THR A 54 5.97 0.41 5.07
C THR A 54 5.33 -0.96 5.28
N PHE A 55 5.56 -1.86 4.33
CA PHE A 55 4.99 -3.20 4.39
C PHE A 55 6.07 -4.27 4.43
N GLY A 56 5.78 -5.35 5.15
CA GLY A 56 6.74 -6.43 5.26
C GLY A 56 6.39 -7.41 6.37
N ARG A 57 7.33 -8.29 6.70
CA ARG A 57 7.12 -9.28 7.75
C ARG A 57 7.56 -8.76 9.12
N ASN A 58 7.50 -7.44 9.29
CA ASN A 58 7.90 -6.82 10.55
C ASN A 58 6.69 -6.24 11.28
N PRO A 59 6.62 -6.45 12.61
CA PRO A 59 5.52 -5.94 13.44
C PRO A 59 5.52 -4.42 13.49
N ALA A 60 6.62 -3.82 13.04
CA ALA A 60 6.76 -2.38 13.03
C ALA A 60 6.10 -1.84 11.79
N CYS A 61 6.43 -2.48 10.68
CA CYS A 61 5.91 -2.12 9.40
C CYS A 61 4.44 -1.80 9.48
N ASP A 62 4.05 -0.79 8.74
CA ASP A 62 2.65 -0.38 8.70
C ASP A 62 1.78 -1.56 8.27
N TYR A 63 2.40 -2.57 7.64
CA TYR A 63 1.68 -3.75 7.19
C TYR A 63 2.38 -5.02 7.67
N HIS A 64 1.64 -5.87 8.39
CA HIS A 64 2.18 -7.11 8.90
C HIS A 64 1.83 -8.29 8.00
N LEU A 65 2.85 -8.98 7.51
CA LEU A 65 2.65 -10.12 6.63
C LEU A 65 2.84 -11.44 7.40
N GLY A 66 4.06 -11.66 7.87
CA GLY A 66 4.36 -12.87 8.61
C GLY A 66 5.80 -12.92 9.08
N ASN A 67 6.61 -13.72 8.40
CA ASN A 67 8.02 -13.86 8.75
C ASN A 67 8.72 -14.82 7.79
N ILE A 68 8.53 -14.60 6.49
CA ILE A 68 9.15 -15.45 5.48
C ILE A 68 10.52 -14.91 5.08
N SER A 69 11.46 -15.81 4.85
CA SER A 69 12.82 -15.44 4.46
C SER A 69 12.82 -14.74 3.10
N ARG A 70 11.93 -15.17 2.21
CA ARG A 70 11.85 -14.58 0.89
C ARG A 70 11.51 -13.09 0.96
N LEU A 71 10.77 -12.72 1.99
CA LEU A 71 10.37 -11.33 2.18
C LEU A 71 11.18 -10.69 3.31
N SER A 72 11.36 -9.37 3.24
CA SER A 72 12.11 -8.64 4.25
C SER A 72 11.19 -7.98 5.27
N ASN A 73 11.75 -7.59 6.42
CA ASN A 73 10.99 -6.92 7.49
C ASN A 73 10.04 -5.91 6.86
N LYS A 74 10.62 -5.03 6.06
CA LYS A 74 9.88 -4.02 5.32
C LYS A 74 10.12 -4.27 3.85
N HIS A 75 9.33 -5.19 3.31
CA HIS A 75 9.46 -5.60 1.93
C HIS A 75 9.23 -4.46 0.97
N PHE A 76 8.16 -3.71 1.19
CA PHE A 76 7.84 -2.60 0.30
C PHE A 76 7.24 -1.42 1.05
N GLN A 77 7.33 -0.24 0.43
CA GLN A 77 6.82 0.98 1.05
C GLN A 77 6.02 1.82 0.04
N ILE A 78 4.92 2.41 0.49
CA ILE A 78 4.10 3.24 -0.40
C ILE A 78 4.01 4.67 0.12
N LEU A 79 4.32 5.65 -0.74
CA LEU A 79 4.26 7.05 -0.34
C LEU A 79 3.16 7.79 -1.09
N LEU A 80 2.54 8.75 -0.39
CA LEU A 80 1.49 9.56 -0.98
C LEU A 80 1.88 11.03 -0.99
N GLY A 81 1.87 11.64 -2.17
CA GLY A 81 2.23 13.04 -2.29
C GLY A 81 2.29 13.50 -3.74
N GLU A 82 2.47 14.81 -3.93
CA GLU A 82 2.54 15.37 -5.27
C GLU A 82 1.26 15.09 -6.05
N ASP A 83 0.44 16.13 -6.21
CA ASP A 83 -0.81 15.99 -6.95
C ASP A 83 -1.72 14.95 -6.30
N GLY A 84 -2.87 14.70 -6.90
CA GLY A 84 -3.79 13.72 -6.37
C GLY A 84 -3.49 12.32 -6.84
N ASN A 85 -2.25 11.87 -6.64
CA ASN A 85 -1.84 10.54 -7.05
C ASN A 85 -1.10 9.82 -5.91
N LEU A 86 -0.61 8.62 -6.21
CA LEU A 86 0.12 7.84 -5.21
C LEU A 86 1.42 7.29 -5.79
N LEU A 87 2.36 6.95 -4.92
CA LEU A 87 3.64 6.42 -5.35
C LEU A 87 3.94 5.10 -4.63
N LEU A 88 4.51 4.15 -5.35
CA LEU A 88 4.86 2.86 -4.79
C LEU A 88 6.37 2.69 -4.73
N ASN A 89 6.91 2.47 -3.54
CA ASN A 89 8.35 2.32 -3.38
C ASN A 89 8.72 0.94 -2.86
N ASP A 90 9.45 0.19 -3.66
CA ASP A 90 9.91 -1.14 -3.27
C ASP A 90 11.09 -1.03 -2.31
N ILE A 91 11.05 -1.80 -1.24
CA ILE A 91 12.13 -1.76 -0.24
C ILE A 91 12.46 -3.14 0.31
N SER A 92 12.47 -4.16 -0.54
CA SER A 92 12.75 -5.50 -0.12
C SER A 92 14.18 -5.91 -0.44
N THR A 93 14.72 -6.79 0.39
CA THR A 93 16.06 -7.30 0.18
C THR A 93 16.08 -8.20 -1.05
N ASN A 94 14.95 -8.87 -1.31
CA ASN A 94 14.85 -9.79 -2.43
C ASN A 94 14.21 -9.15 -3.67
N GLY A 95 13.48 -8.05 -3.49
CA GLY A 95 12.87 -7.39 -4.63
C GLY A 95 11.36 -7.34 -4.56
N THR A 96 10.80 -6.34 -5.22
CA THR A 96 9.35 -6.13 -5.29
C THR A 96 8.88 -6.25 -6.74
N TRP A 97 7.76 -6.91 -6.96
CA TRP A 97 7.25 -7.11 -8.30
C TRP A 97 5.92 -6.44 -8.56
N LEU A 98 5.74 -6.01 -9.81
CA LEU A 98 4.51 -5.40 -10.25
C LEU A 98 3.97 -6.18 -11.44
N ASN A 99 2.82 -6.83 -11.24
CA ASN A 99 2.19 -7.62 -12.28
C ASN A 99 3.19 -8.51 -13.04
N GLY A 100 4.10 -9.14 -12.31
CA GLY A 100 5.07 -10.02 -12.92
C GLY A 100 6.33 -9.32 -13.36
N GLN A 101 6.29 -7.99 -13.39
CA GLN A 101 7.46 -7.22 -13.79
C GLN A 101 8.15 -6.61 -12.57
N LYS A 102 9.40 -7.00 -12.36
CA LYS A 102 10.17 -6.51 -11.24
C LYS A 102 10.58 -5.05 -11.46
N VAL A 103 10.25 -4.21 -10.49
CA VAL A 103 10.58 -2.79 -10.56
C VAL A 103 11.89 -2.49 -9.83
N GLU A 104 12.44 -1.30 -10.07
CA GLU A 104 13.68 -0.89 -9.43
C GLU A 104 13.47 -0.64 -7.95
N LYS A 105 14.25 -1.30 -7.11
CA LYS A 105 14.13 -1.15 -5.66
C LYS A 105 14.22 0.33 -5.28
N ASN A 106 13.77 0.62 -4.06
CA ASN A 106 13.77 1.99 -3.53
C ASN A 106 13.46 3.03 -4.60
N SER A 107 12.65 2.63 -5.56
CA SER A 107 12.25 3.52 -6.64
C SER A 107 10.76 3.86 -6.55
N ASN A 108 10.41 5.09 -6.89
CA ASN A 108 9.01 5.52 -6.83
C ASN A 108 8.33 5.32 -8.18
N GLN A 109 7.13 4.74 -8.12
CA GLN A 109 6.35 4.49 -9.33
C GLN A 109 4.94 5.03 -9.18
N LEU A 110 4.33 5.43 -10.30
CA LEU A 110 2.98 5.97 -10.26
C LEU A 110 1.98 4.85 -10.02
N LEU A 111 1.19 4.99 -8.96
CA LEU A 111 0.20 3.98 -8.61
C LEU A 111 -0.70 3.63 -9.77
N SER A 112 -1.26 2.43 -9.71
CA SER A 112 -2.16 1.93 -10.75
C SER A 112 -3.49 1.51 -10.13
N GLN A 113 -4.56 1.56 -10.93
CA GLN A 113 -5.88 1.19 -10.45
C GLN A 113 -5.97 -0.32 -10.22
N GLY A 114 -6.27 -0.70 -8.98
CA GLY A 114 -6.36 -2.10 -8.64
C GLY A 114 -5.07 -2.84 -8.91
N ASP A 115 -3.96 -2.10 -8.92
CA ASP A 115 -2.65 -2.67 -9.16
C ASP A 115 -2.36 -3.83 -8.20
N GLU A 116 -1.28 -4.54 -8.46
CA GLU A 116 -0.89 -5.66 -7.63
C GLU A 116 0.64 -5.77 -7.54
N ILE A 117 1.14 -5.99 -6.33
CA ILE A 117 2.58 -6.13 -6.11
C ILE A 117 2.92 -7.55 -5.67
N THR A 118 3.87 -8.16 -6.35
CA THR A 118 4.28 -9.52 -6.03
C THR A 118 5.62 -9.49 -5.30
N VAL A 119 5.77 -10.35 -4.30
CA VAL A 119 7.00 -10.40 -3.52
C VAL A 119 7.43 -11.83 -3.19
N GLY A 120 8.71 -11.99 -2.89
CA GLY A 120 9.24 -13.29 -2.56
C GLY A 120 9.50 -14.13 -3.80
N VAL A 121 10.09 -13.50 -4.80
CA VAL A 121 10.38 -14.16 -6.05
C VAL A 121 11.69 -14.93 -6.01
N GLY A 122 11.66 -16.10 -6.64
CA GLY A 122 12.80 -16.97 -6.70
C GLY A 122 12.35 -18.40 -6.79
N VAL A 123 11.29 -18.70 -6.05
CA VAL A 123 10.67 -20.01 -6.03
C VAL A 123 9.19 -19.85 -6.31
N GLU A 124 8.71 -20.48 -7.39
CA GLU A 124 7.30 -20.39 -7.76
C GLU A 124 6.38 -20.68 -6.57
N SER A 125 6.88 -21.47 -5.63
CA SER A 125 6.11 -21.84 -4.46
C SER A 125 6.35 -20.91 -3.27
N ASP A 126 7.10 -19.82 -3.47
CA ASP A 126 7.39 -18.91 -2.38
C ASP A 126 7.17 -17.45 -2.74
N ILE A 127 6.25 -17.22 -3.63
CA ILE A 127 5.90 -15.87 -4.05
C ILE A 127 4.55 -15.47 -3.47
N LEU A 128 4.47 -14.23 -3.04
CA LEU A 128 3.25 -13.69 -2.45
C LEU A 128 2.81 -12.43 -3.20
N SER A 129 1.51 -12.34 -3.51
CA SER A 129 0.99 -11.18 -4.23
C SER A 129 0.06 -10.34 -3.37
N LEU A 130 0.05 -9.06 -3.67
CA LEU A 130 -0.78 -8.09 -2.97
C LEU A 130 -1.46 -7.14 -3.96
N VAL A 131 -2.73 -6.83 -3.72
CA VAL A 131 -3.47 -5.93 -4.60
C VAL A 131 -3.76 -4.60 -3.91
N ILE A 132 -3.63 -3.52 -4.67
CA ILE A 132 -3.85 -2.19 -4.15
C ILE A 132 -5.18 -1.62 -4.65
N PHE A 133 -6.05 -1.26 -3.71
CA PHE A 133 -7.35 -0.69 -4.04
C PHE A 133 -7.39 0.79 -3.69
N ILE A 134 -7.50 1.62 -4.72
CA ILE A 134 -7.53 3.07 -4.54
C ILE A 134 -8.94 3.56 -4.22
N ASN A 135 -9.08 4.31 -3.14
CA ASN A 135 -10.36 4.85 -2.73
C ASN A 135 -10.74 6.07 -3.56
N ASP A 136 -11.90 6.02 -4.20
CA ASP A 136 -12.37 7.12 -5.03
C ASP A 136 -12.73 8.33 -4.18
N LYS A 137 -13.12 8.09 -2.93
CA LYS A 137 -13.48 9.17 -2.02
C LYS A 137 -12.32 10.13 -1.83
N PHE A 138 -11.14 9.57 -1.59
CA PHE A 138 -9.95 10.37 -1.38
C PHE A 138 -9.66 11.28 -2.57
N LYS A 139 -9.80 10.72 -3.77
CA LYS A 139 -9.57 11.47 -5.00
C LYS A 139 -10.51 12.67 -5.09
N GLN A 140 -11.73 12.49 -4.59
CA GLN A 140 -12.73 13.55 -4.62
C GLN A 140 -12.33 14.70 -3.70
N CYS A 141 -11.87 14.38 -2.50
CA CYS A 141 -11.46 15.39 -1.53
C CYS A 141 -10.19 16.11 -2.00
N LEU A 142 -9.23 15.35 -2.49
CA LEU A 142 -7.98 15.90 -2.97
C LEU A 142 -8.21 16.81 -4.18
N GLU A 143 -9.17 16.43 -5.02
CA GLU A 143 -9.49 17.21 -6.21
C GLU A 143 -10.05 18.57 -5.84
N GLN A 144 -10.98 18.58 -4.89
CA GLN A 144 -11.61 19.83 -4.44
C GLN A 144 -10.70 20.56 -3.46
N ASN A 145 -10.00 19.80 -2.61
CA ASN A 145 -9.09 20.37 -1.62
C ASN A 145 -9.71 21.59 -0.94
N LYS A 146 -11.04 21.57 -0.79
CA LYS A 146 -11.75 22.66 -0.14
C LYS A 146 -12.61 22.15 1.01
N VAL A 147 -12.87 23.03 1.98
CA VAL A 147 -13.67 22.65 3.14
C VAL A 147 -15.15 22.95 2.89
N ASP A 148 -15.99 21.97 3.22
CA ASP A 148 -17.43 22.11 3.03
C ASP A 148 -18.20 21.15 3.93
N ARG A 149 -17.98 19.86 3.74
CA ARG A 149 -18.64 18.84 4.53
C ARG A 149 -18.04 18.75 5.92
N ILE A 150 -16.71 18.71 5.99
CA ILE A 150 -16.01 18.64 7.26
C ILE A 150 -15.44 19.99 7.67
N ARG A 151 -15.54 20.32 8.95
CA ARG A 151 -15.03 21.58 9.46
C ARG A 151 -14.59 21.45 10.91
N ASN B 1 17.76 -11.79 13.97
CA ASN B 1 16.96 -11.08 12.93
C ASN B 1 17.79 -10.86 11.67
N ILE B 2 17.64 -11.76 10.70
CA ILE B 2 18.37 -11.65 9.44
C ILE B 2 17.49 -12.01 8.25
N TPO B 3 17.46 -11.14 7.25
CA TPO B 3 16.66 -11.35 6.06
CB TPO B 3 16.23 -10.02 5.42
CG2 TPO B 3 15.41 -10.26 4.16
OG1 TPO B 3 15.46 -9.28 6.33
P TPO B 3 16.23 -8.30 7.28
O1P TPO B 3 15.41 -6.99 7.24
O2P TPO B 3 16.08 -8.94 8.69
O3P TPO B 3 17.66 -8.11 6.89
C TPO B 3 17.42 -12.18 5.03
O TPO B 3 18.12 -11.65 4.18
H TPO B 3 18.01 -10.32 7.31
HA TPO B 3 15.76 -11.90 6.35
HB TPO B 3 17.11 -9.46 5.15
HG21 TPO B 3 16.05 -10.24 3.30
HG22 TPO B 3 14.66 -9.48 4.06
HG23 TPO B 3 14.92 -11.23 4.21
N GLN B 4 17.27 -13.50 5.11
CA GLN B 4 17.95 -14.41 4.19
C GLN B 4 17.37 -14.29 2.78
N PRO B 5 18.15 -13.77 1.82
CA PRO B 5 17.69 -13.61 0.44
C PRO B 5 17.26 -14.93 -0.19
N THR B 6 17.02 -14.92 -1.49
CA THR B 6 16.60 -16.11 -2.20
C THR B 6 17.78 -16.81 -2.87
N GLN B 7 17.56 -18.04 -3.31
CA GLN B 7 18.62 -18.81 -3.97
C GLN B 7 18.41 -18.83 -5.48
N GLN B 8 19.46 -19.20 -6.21
CA GLN B 8 19.39 -19.26 -7.66
C GLN B 8 19.01 -20.66 -8.13
N SER B 9 18.01 -20.73 -9.01
CA SER B 9 17.54 -22.01 -9.54
C SER B 9 17.00 -22.89 -8.42
N THR B 10 15.70 -23.16 -8.46
CA THR B 10 15.07 -23.99 -7.45
C THR B 10 14.28 -25.13 -8.09
N ALA A 1 -24.43 17.04 -1.91
CA ALA A 1 -25.46 17.95 -2.46
C ALA A 1 -26.63 17.18 -3.05
N THR A 2 -26.33 16.29 -3.99
CA THR A 2 -27.36 15.48 -4.64
C THR A 2 -26.85 14.06 -4.90
N GLN A 3 -25.71 13.97 -5.57
CA GLN A 3 -25.12 12.67 -5.90
C GLN A 3 -24.60 11.99 -4.64
N ARG A 4 -24.01 12.78 -3.75
CA ARG A 4 -23.46 12.25 -2.50
C ARG A 4 -24.54 11.55 -1.68
N PHE A 5 -25.76 12.10 -1.72
CA PHE A 5 -26.87 11.53 -0.97
C PHE A 5 -27.22 10.14 -1.49
N LEU A 6 -27.22 9.99 -2.81
CA LEU A 6 -27.53 8.71 -3.44
C LEU A 6 -26.49 7.66 -3.06
N ILE A 7 -25.22 8.07 -3.07
CA ILE A 7 -24.13 7.16 -2.74
C ILE A 7 -24.16 6.80 -1.26
N GLU A 8 -24.29 7.81 -0.41
CA GLU A 8 -24.33 7.60 1.03
C GLU A 8 -25.49 6.70 1.43
N LYS A 9 -26.60 6.81 0.70
CA LYS A 9 -27.79 6.01 0.99
C LYS A 9 -27.50 4.51 0.94
N PHE A 10 -26.84 4.07 -0.13
CA PHE A 10 -26.53 2.64 -0.28
C PHE A 10 -25.45 2.22 0.71
N SER A 11 -24.39 3.00 0.77
CA SER A 11 -23.27 2.71 1.67
C SER A 11 -23.70 2.81 3.13
N GLN A 12 -24.71 3.65 3.39
CA GLN A 12 -25.22 3.82 4.75
C GLN A 12 -24.16 4.44 5.65
N GLU A 13 -23.21 3.61 6.11
CA GLU A 13 -22.14 4.08 6.97
C GLU A 13 -21.09 4.84 6.18
N GLN A 14 -20.50 5.85 6.80
CA GLN A 14 -19.47 6.66 6.14
C GLN A 14 -18.23 5.81 5.83
N ILE A 15 -18.08 5.45 4.56
CA ILE A 15 -16.93 4.65 4.14
C ILE A 15 -15.71 5.50 3.91
N GLY A 16 -14.59 4.97 4.37
CA GLY A 16 -13.32 5.65 4.23
C GLY A 16 -13.33 7.01 4.90
N GLU A 17 -12.63 7.12 6.03
CA GLU A 17 -12.57 8.37 6.77
C GLU A 17 -11.53 9.32 6.16
N ASN A 18 -10.52 8.75 5.52
CA ASN A 18 -9.46 9.53 4.90
C ASN A 18 -8.44 8.56 4.34
N ILE A 19 -8.98 7.50 3.78
CA ILE A 19 -8.21 6.43 3.23
C ILE A 19 -7.58 6.79 1.90
N VAL A 20 -6.30 6.46 1.79
CA VAL A 20 -5.52 6.73 0.62
C VAL A 20 -5.60 5.55 -0.34
N CYS A 21 -5.13 4.41 0.15
CA CYS A 21 -5.13 3.17 -0.63
C CYS A 21 -5.36 1.97 0.29
N ARG A 22 -6.04 0.95 -0.23
CA ARG A 22 -6.33 -0.26 0.53
C ARG A 22 -5.60 -1.46 -0.03
N VAL A 23 -4.79 -2.11 0.80
CA VAL A 23 -4.04 -3.29 0.37
C VAL A 23 -4.87 -4.55 0.61
N ILE A 24 -5.11 -5.31 -0.46
CA ILE A 24 -5.91 -6.52 -0.36
C ILE A 24 -5.17 -7.74 -0.91
N CYS A 25 -4.87 -8.69 -0.02
CA CYS A 25 -4.20 -9.92 -0.42
C CYS A 25 -5.24 -11.00 -0.73
N THR A 26 -5.25 -11.47 -1.97
CA THR A 26 -6.24 -12.48 -2.38
C THR A 26 -5.60 -13.83 -2.67
N THR A 27 -4.27 -13.87 -2.77
CA THR A 27 -3.58 -15.12 -3.04
C THR A 27 -3.41 -15.95 -1.78
N GLY A 28 -3.86 -15.42 -0.65
CA GLY A 28 -3.77 -16.14 0.60
C GLY A 28 -2.43 -15.94 1.29
N GLN A 29 -2.32 -14.86 2.07
CA GLN A 29 -1.09 -14.57 2.78
C GLN A 29 -1.28 -13.54 3.88
N ILE A 30 -1.93 -12.43 3.55
CA ILE A 30 -2.14 -11.36 4.51
C ILE A 30 -3.59 -10.86 4.50
N PRO A 31 -4.15 -10.51 5.68
CA PRO A 31 -5.52 -10.01 5.78
C PRO A 31 -5.62 -8.56 5.31
N ILE A 32 -6.75 -8.21 4.70
CA ILE A 32 -6.96 -6.86 4.19
C ILE A 32 -6.66 -5.80 5.25
N ARG A 33 -6.24 -4.62 4.78
CA ARG A 33 -5.91 -3.50 5.66
C ARG A 33 -6.16 -2.19 4.93
N ASP A 34 -6.36 -1.11 5.70
CA ASP A 34 -6.62 0.20 5.10
C ASP A 34 -5.54 1.23 5.43
N LEU A 35 -5.00 1.83 4.36
CA LEU A 35 -3.98 2.85 4.49
C LEU A 35 -4.63 4.22 4.32
N SER A 36 -4.26 5.21 5.14
CA SER A 36 -4.88 6.51 5.03
C SER A 36 -3.95 7.68 5.31
N ALA A 37 -4.36 8.82 4.80
CA ALA A 37 -3.64 10.07 4.98
C ALA A 37 -4.60 11.25 4.95
N ASP A 38 -4.35 12.25 5.80
CA ASP A 38 -5.20 13.43 5.87
C ASP A 38 -4.84 14.43 4.78
N ILE A 39 -5.87 14.94 4.10
CA ILE A 39 -5.71 15.90 3.03
C ILE A 39 -5.11 17.22 3.51
N SER A 40 -5.61 17.72 4.62
CA SER A 40 -5.15 18.99 5.18
C SER A 40 -3.65 18.95 5.42
N GLN A 41 -3.19 17.83 5.95
CA GLN A 41 -1.78 17.64 6.25
C GLN A 41 -0.95 17.54 4.97
N VAL A 42 -1.54 16.90 3.95
CA VAL A 42 -0.86 16.76 2.67
C VAL A 42 -0.69 18.10 1.97
N LEU A 43 -1.75 18.89 1.95
CA LEU A 43 -1.73 20.20 1.31
C LEU A 43 -0.84 21.17 2.10
N LYS A 44 -0.77 20.96 3.41
CA LYS A 44 0.03 21.81 4.27
C LYS A 44 1.52 21.48 4.14
N GLU A 45 1.83 20.19 4.05
CA GLU A 45 3.21 19.74 3.91
C GLU A 45 3.83 20.26 2.62
N LYS A 46 5.01 20.86 2.72
CA LYS A 46 5.70 21.41 1.56
C LYS A 46 7.18 21.09 1.63
N ARG A 47 7.52 19.96 2.23
CA ARG A 47 8.91 19.54 2.37
C ARG A 47 9.12 18.15 1.76
N SER A 48 8.59 17.96 0.56
CA SER A 48 8.72 16.68 -0.13
C SER A 48 8.02 15.56 0.65
N ILE A 49 7.30 14.71 -0.07
CA ILE A 49 6.58 13.59 0.53
C ILE A 49 5.61 14.09 1.62
N LYS A 50 4.70 13.21 2.03
CA LYS A 50 3.72 13.54 3.05
C LYS A 50 3.55 12.40 4.04
N LYS A 51 3.16 11.23 3.53
CA LYS A 51 2.97 10.05 4.38
C LYS A 51 3.30 8.78 3.61
N VAL A 52 4.14 7.93 4.19
CA VAL A 52 4.53 6.69 3.55
C VAL A 52 4.33 5.48 4.44
N TRP A 53 3.84 4.41 3.84
CA TRP A 53 3.60 3.14 4.55
C TRP A 53 4.71 2.14 4.31
N THR A 54 5.11 1.43 5.35
CA THR A 54 6.11 0.38 5.22
C THR A 54 5.46 -0.97 5.45
N PHE A 55 5.71 -1.89 4.53
CA PHE A 55 5.11 -3.22 4.61
C PHE A 55 6.18 -4.31 4.72
N GLY A 56 5.87 -5.36 5.46
CA GLY A 56 6.81 -6.46 5.63
C GLY A 56 6.49 -7.34 6.83
N ARG A 57 7.40 -8.24 7.17
CA ARG A 57 7.21 -9.14 8.30
C ARG A 57 7.51 -8.48 9.64
N ASN A 58 7.84 -7.19 9.61
CA ASN A 58 8.14 -6.47 10.84
C ASN A 58 6.88 -5.94 11.51
N PRO A 59 6.73 -6.14 12.84
CA PRO A 59 5.56 -5.68 13.58
C PRO A 59 5.48 -4.16 13.62
N ALA A 60 6.58 -3.51 13.27
CA ALA A 60 6.64 -2.07 13.23
C ALA A 60 6.05 -1.58 11.93
N CYS A 61 6.43 -2.29 10.88
CA CYS A 61 5.97 -2.00 9.56
C CYS A 61 4.49 -1.70 9.55
N ASP A 62 4.12 -0.71 8.77
CA ASP A 62 2.72 -0.33 8.66
C ASP A 62 1.89 -1.54 8.22
N TYR A 63 2.56 -2.56 7.67
CA TYR A 63 1.86 -3.76 7.22
C TYR A 63 2.52 -5.01 7.79
N HIS A 64 1.74 -5.82 8.49
CA HIS A 64 2.24 -7.06 9.09
C HIS A 64 1.78 -8.27 8.30
N LEU A 65 2.73 -9.00 7.73
CA LEU A 65 2.41 -10.19 6.94
C LEU A 65 2.61 -11.46 7.76
N GLY A 66 3.86 -11.78 8.06
CA GLY A 66 4.15 -12.97 8.84
C GLY A 66 5.63 -13.09 9.17
N ASN A 67 6.36 -13.79 8.31
CA ASN A 67 7.79 -13.98 8.52
C ASN A 67 8.40 -14.86 7.43
N ILE A 68 8.20 -14.46 6.17
CA ILE A 68 8.73 -15.22 5.05
C ILE A 68 10.21 -14.88 4.82
N SER A 69 11.06 -15.90 4.81
CA SER A 69 12.49 -15.72 4.60
C SER A 69 12.76 -14.96 3.30
N ARG A 70 12.01 -15.29 2.26
CA ARG A 70 12.18 -14.64 0.96
C ARG A 70 11.88 -13.14 1.06
N LEU A 71 11.01 -12.77 1.99
CA LEU A 71 10.65 -11.37 2.18
C LEU A 71 11.44 -10.75 3.31
N SER A 72 11.63 -9.44 3.23
CA SER A 72 12.39 -8.71 4.25
C SER A 72 11.48 -8.08 5.31
N ASN A 73 12.08 -7.62 6.40
CA ASN A 73 11.33 -6.99 7.49
C ASN A 73 10.33 -6.01 6.91
N LYS A 74 10.85 -5.09 6.10
CA LYS A 74 10.03 -4.11 5.40
C LYS A 74 10.20 -4.38 3.92
N HIS A 75 9.42 -5.34 3.43
CA HIS A 75 9.51 -5.77 2.05
C HIS A 75 9.23 -4.65 1.07
N PHE A 76 8.18 -3.89 1.33
CA PHE A 76 7.83 -2.80 0.43
C PHE A 76 7.27 -1.60 1.19
N GLN A 77 7.36 -0.42 0.57
CA GLN A 77 6.87 0.81 1.18
C GLN A 77 6.07 1.65 0.19
N ILE A 78 5.00 2.28 0.66
CA ILE A 78 4.18 3.12 -0.22
C ILE A 78 4.21 4.57 0.24
N LEU A 79 4.55 5.48 -0.68
CA LEU A 79 4.62 6.89 -0.34
C LEU A 79 3.44 7.68 -0.90
N LEU A 80 3.06 8.74 -0.19
CA LEU A 80 1.96 9.59 -0.61
C LEU A 80 2.44 11.02 -0.83
N GLY A 81 2.23 11.54 -2.02
CA GLY A 81 2.66 12.88 -2.35
C GLY A 81 1.50 13.81 -2.65
N GLU A 82 1.81 14.98 -3.21
CA GLU A 82 0.78 15.96 -3.56
C GLU A 82 -0.24 15.38 -4.53
N ASP A 83 -1.30 16.13 -4.80
CA ASP A 83 -2.34 15.69 -5.71
C ASP A 83 -2.95 14.37 -5.25
N GLY A 84 -3.78 13.78 -6.09
CA GLY A 84 -4.42 12.52 -5.75
C GLY A 84 -3.66 11.32 -6.31
N ASN A 85 -2.37 11.49 -6.52
CA ASN A 85 -1.53 10.42 -7.04
C ASN A 85 -0.67 9.81 -5.94
N LEU A 86 -0.60 8.48 -5.92
CA LEU A 86 0.19 7.77 -4.92
C LEU A 86 1.43 7.16 -5.55
N LEU A 87 2.42 6.86 -4.71
CA LEU A 87 3.66 6.25 -5.19
C LEU A 87 3.97 4.98 -4.42
N LEU A 88 4.51 3.99 -5.13
CA LEU A 88 4.85 2.72 -4.51
C LEU A 88 6.36 2.54 -4.50
N ASN A 89 6.94 2.37 -3.31
CA ASN A 89 8.37 2.21 -3.19
C ASN A 89 8.75 0.81 -2.73
N ASP A 90 9.44 0.09 -3.59
CA ASP A 90 9.89 -1.26 -3.27
C ASP A 90 11.09 -1.19 -2.33
N ILE A 91 11.03 -1.93 -1.22
CA ILE A 91 12.12 -1.92 -0.25
C ILE A 91 12.43 -3.32 0.28
N SER A 92 12.40 -4.33 -0.59
CA SER A 92 12.67 -5.68 -0.18
C SER A 92 14.09 -6.09 -0.51
N THR A 93 14.62 -7.02 0.27
CA THR A 93 15.96 -7.54 0.06
C THR A 93 15.99 -8.36 -1.23
N ASN A 94 14.87 -9.00 -1.56
CA ASN A 94 14.77 -9.84 -2.75
C ASN A 94 14.12 -9.12 -3.94
N GLY A 95 13.37 -8.05 -3.67
CA GLY A 95 12.75 -7.32 -4.74
C GLY A 95 11.23 -7.30 -4.65
N THR A 96 10.64 -6.28 -5.27
CA THR A 96 9.19 -6.11 -5.30
C THR A 96 8.70 -6.19 -6.75
N TRP A 97 7.59 -6.87 -6.97
CA TRP A 97 7.07 -7.04 -8.32
C TRP A 97 5.70 -6.42 -8.51
N LEU A 98 5.46 -5.95 -9.73
CA LEU A 98 4.16 -5.41 -10.09
C LEU A 98 3.66 -6.15 -11.32
N ASN A 99 2.58 -6.91 -11.14
CA ASN A 99 2.01 -7.68 -12.23
C ASN A 99 3.04 -8.52 -12.99
N GLY A 100 3.97 -9.13 -12.25
CA GLY A 100 4.97 -9.96 -12.88
C GLY A 100 6.18 -9.20 -13.37
N GLN A 101 6.15 -7.87 -13.28
CA GLN A 101 7.26 -7.06 -13.74
C GLN A 101 8.02 -6.48 -12.55
N LYS A 102 9.29 -6.85 -12.44
CA LYS A 102 10.15 -6.40 -11.36
C LYS A 102 10.54 -4.94 -11.56
N VAL A 103 10.32 -4.13 -10.53
CA VAL A 103 10.65 -2.70 -10.59
C VAL A 103 11.95 -2.41 -9.84
N GLU A 104 12.49 -1.23 -10.07
CA GLU A 104 13.74 -0.82 -9.41
C GLU A 104 13.51 -0.61 -7.92
N LYS A 105 14.27 -1.31 -7.08
CA LYS A 105 14.14 -1.17 -5.64
C LYS A 105 14.19 0.29 -5.23
N ASN A 106 13.79 0.56 -4.00
CA ASN A 106 13.77 1.90 -3.44
C ASN A 106 13.47 2.97 -4.49
N SER A 107 12.64 2.61 -5.46
CA SER A 107 12.25 3.52 -6.52
C SER A 107 10.78 3.90 -6.43
N ASN A 108 10.47 5.14 -6.79
CA ASN A 108 9.09 5.62 -6.75
C ASN A 108 8.38 5.37 -8.08
N GLN A 109 7.20 4.76 -8.01
CA GLN A 109 6.42 4.48 -9.20
C GLN A 109 5.00 4.99 -9.05
N LEU A 110 4.37 5.35 -10.15
CA LEU A 110 3.00 5.84 -10.13
C LEU A 110 2.03 4.70 -9.84
N LEU A 111 1.09 4.93 -8.93
CA LEU A 111 0.12 3.91 -8.56
C LEU A 111 -0.80 3.56 -9.72
N SER A 112 -1.35 2.36 -9.65
CA SER A 112 -2.26 1.86 -10.67
C SER A 112 -3.58 1.43 -10.05
N GLN A 113 -4.65 1.48 -10.84
CA GLN A 113 -5.97 1.10 -10.34
C GLN A 113 -6.03 -0.41 -10.13
N GLY A 114 -6.28 -0.81 -8.88
CA GLY A 114 -6.34 -2.21 -8.56
C GLY A 114 -5.03 -2.92 -8.84
N ASP A 115 -3.94 -2.16 -8.86
CA ASP A 115 -2.62 -2.71 -9.12
C ASP A 115 -2.34 -3.91 -8.22
N GLU A 116 -1.23 -4.59 -8.48
CA GLU A 116 -0.86 -5.75 -7.68
C GLU A 116 0.65 -5.85 -7.52
N ILE A 117 1.09 -6.13 -6.29
CA ILE A 117 2.50 -6.26 -6.02
C ILE A 117 2.84 -7.70 -5.62
N THR A 118 3.79 -8.29 -6.33
CA THR A 118 4.21 -9.66 -6.07
C THR A 118 5.55 -9.66 -5.35
N VAL A 119 5.72 -10.56 -4.38
CA VAL A 119 6.97 -10.62 -3.63
C VAL A 119 7.39 -12.06 -3.33
N GLY A 120 8.68 -12.25 -3.07
CA GLY A 120 9.20 -13.55 -2.78
C GLY A 120 9.60 -14.30 -4.02
N VAL A 121 9.97 -13.56 -5.05
CA VAL A 121 10.36 -14.14 -6.32
C VAL A 121 11.70 -14.84 -6.25
N GLY A 122 11.77 -15.98 -6.91
CA GLY A 122 12.96 -16.78 -6.93
C GLY A 122 12.60 -18.25 -6.95
N VAL A 123 11.54 -18.56 -6.21
CA VAL A 123 11.00 -19.90 -6.14
C VAL A 123 9.51 -19.87 -6.46
N GLU A 124 9.10 -20.65 -7.45
CA GLU A 124 7.70 -20.68 -7.86
C GLU A 124 6.77 -20.87 -6.67
N SER A 125 7.25 -21.58 -5.66
CA SER A 125 6.45 -21.86 -4.48
C SER A 125 6.69 -20.84 -3.37
N ASP A 126 7.45 -19.78 -3.63
CA ASP A 126 7.73 -18.79 -2.60
C ASP A 126 7.37 -17.38 -3.02
N ILE A 127 6.45 -17.27 -3.93
CA ILE A 127 5.98 -15.99 -4.41
C ILE A 127 4.58 -15.68 -3.88
N LEU A 128 4.39 -14.45 -3.48
CA LEU A 128 3.11 -13.98 -2.95
C LEU A 128 2.60 -12.78 -3.75
N SER A 129 1.32 -12.81 -4.10
CA SER A 129 0.72 -11.73 -4.87
C SER A 129 -0.17 -10.85 -3.99
N LEU A 130 0.01 -9.53 -4.11
CA LEU A 130 -0.76 -8.58 -3.34
C LEU A 130 -1.48 -7.61 -4.28
N VAL A 131 -2.70 -7.20 -3.90
CA VAL A 131 -3.47 -6.27 -4.71
C VAL A 131 -3.68 -4.96 -3.99
N ILE A 132 -3.44 -3.85 -4.69
CA ILE A 132 -3.58 -2.54 -4.12
C ILE A 132 -4.84 -1.84 -4.66
N PHE A 133 -5.73 -1.47 -3.75
CA PHE A 133 -6.97 -0.79 -4.12
C PHE A 133 -6.88 0.69 -3.79
N ILE A 134 -7.45 1.52 -4.66
CA ILE A 134 -7.44 2.96 -4.45
C ILE A 134 -8.83 3.50 -4.12
N ASN A 135 -8.89 4.35 -3.10
CA ASN A 135 -10.16 4.93 -2.69
C ASN A 135 -10.53 6.14 -3.55
N ASP A 136 -11.76 6.16 -4.04
CA ASP A 136 -12.22 7.27 -4.88
C ASP A 136 -12.46 8.53 -4.06
N LYS A 137 -12.64 8.36 -2.75
CA LYS A 137 -12.87 9.49 -1.87
C LYS A 137 -11.72 10.49 -1.95
N PHE A 138 -10.50 9.96 -1.95
CA PHE A 138 -9.31 10.78 -2.01
C PHE A 138 -9.31 11.63 -3.29
N LYS A 139 -9.74 11.03 -4.39
CA LYS A 139 -9.79 11.71 -5.67
C LYS A 139 -10.81 12.86 -5.64
N GLN A 140 -12.00 12.57 -5.13
CA GLN A 140 -13.06 13.58 -5.04
C GLN A 140 -12.61 14.77 -4.20
N CYS A 141 -12.02 14.49 -3.04
CA CYS A 141 -11.56 15.54 -2.15
C CYS A 141 -10.49 16.39 -2.82
N LEU A 142 -9.54 15.72 -3.48
CA LEU A 142 -8.45 16.42 -4.16
C LEU A 142 -8.97 17.19 -5.37
N GLU A 143 -9.91 16.60 -6.09
CA GLU A 143 -10.49 17.24 -7.27
C GLU A 143 -11.11 18.58 -6.92
N GLN A 144 -11.75 18.65 -5.76
CA GLN A 144 -12.40 19.87 -5.30
C GLN A 144 -11.44 20.71 -4.45
N ASN A 145 -10.62 20.02 -3.66
CA ASN A 145 -9.65 20.68 -2.78
C ASN A 145 -10.27 21.87 -2.04
N LYS A 146 -9.43 22.65 -1.35
CA LYS A 146 -9.90 23.80 -0.62
C LYS A 146 -9.38 25.10 -1.23
N VAL A 147 -10.13 26.18 -1.05
CA VAL A 147 -9.74 27.48 -1.59
C VAL A 147 -9.04 28.31 -0.53
N ASP A 148 -7.94 28.94 -0.92
CA ASP A 148 -7.17 29.79 0.00
C ASP A 148 -7.76 31.20 0.05
N ARG A 149 -7.50 31.90 1.15
CA ARG A 149 -8.00 33.25 1.33
C ARG A 149 -7.36 34.20 0.33
N ILE A 150 -8.18 34.84 -0.49
CA ILE A 150 -7.69 35.77 -1.50
C ILE A 150 -7.89 37.22 -1.05
N ARG A 151 -6.83 38.01 -1.13
CA ARG A 151 -6.89 39.41 -0.73
C ARG A 151 -6.31 40.31 -1.83
N ASN B 1 17.41 -12.46 13.69
CA ASN B 1 16.91 -11.47 12.69
C ASN B 1 17.86 -11.38 11.49
N ILE B 2 17.57 -12.15 10.45
CA ILE B 2 18.39 -12.16 9.25
C ILE B 2 17.56 -12.53 8.02
N TPO B 3 17.54 -11.64 7.04
CA TPO B 3 16.79 -11.88 5.81
CB TPO B 3 16.41 -10.55 5.11
CG2 TPO B 3 15.65 -10.80 3.82
OG1 TPO B 3 15.62 -9.77 5.97
P TPO B 3 16.29 -8.54 6.66
O1P TPO B 3 15.65 -7.30 5.96
O2P TPO B 3 15.81 -8.59 8.13
O3P TPO B 3 17.79 -8.55 6.54
C TPO B 3 17.58 -12.74 4.84
O TPO B 3 18.58 -12.31 4.28
H TPO B 3 18.04 -10.81 7.14
HA TPO B 3 15.87 -12.40 6.07
HB TPO B 3 17.32 -10.01 4.88
HG21 TPO B 3 15.36 -11.84 3.77
HG22 TPO B 3 16.29 -10.56 2.98
HG23 TPO B 3 14.77 -10.18 3.79
N GLN B 4 17.12 -13.98 4.64
CA GLN B 4 17.80 -14.91 3.74
C GLN B 4 17.61 -14.49 2.28
N PRO B 5 18.71 -14.24 1.55
CA PRO B 5 18.65 -13.83 0.15
C PRO B 5 18.22 -14.97 -0.77
N THR B 6 18.03 -14.65 -2.06
CA THR B 6 17.62 -15.66 -3.03
C THR B 6 18.01 -15.22 -4.44
N GLN B 7 17.99 -16.16 -5.38
CA GLN B 7 18.34 -15.88 -6.76
C GLN B 7 17.09 -15.57 -7.58
N GLN B 8 17.10 -14.41 -8.24
CA GLN B 8 15.96 -13.99 -9.06
C GLN B 8 16.12 -14.48 -10.50
N SER B 9 15.00 -14.70 -11.17
CA SER B 9 15.01 -15.17 -12.54
C SER B 9 14.62 -14.04 -13.50
N THR B 10 15.62 -13.33 -14.00
CA THR B 10 15.40 -12.23 -14.92
C THR B 10 15.27 -12.74 -16.35
N ALA A 1 -20.75 -9.56 23.51
CA ALA A 1 -19.64 -9.06 22.66
C ALA A 1 -19.81 -7.57 22.37
N THR A 2 -18.73 -6.81 22.57
CA THR A 2 -18.75 -5.38 22.33
C THR A 2 -17.62 -4.96 21.40
N GLN A 3 -16.41 -5.40 21.73
CA GLN A 3 -15.23 -5.08 20.93
C GLN A 3 -15.24 -5.83 19.61
N ARG A 4 -15.52 -7.12 19.67
CA ARG A 4 -15.57 -7.96 18.47
C ARG A 4 -16.66 -7.47 17.51
N PHE A 5 -17.80 -7.10 18.08
CA PHE A 5 -18.92 -6.63 17.27
C PHE A 5 -18.54 -5.37 16.50
N LEU A 6 -17.69 -4.54 17.11
CA LEU A 6 -17.25 -3.30 16.47
C LEU A 6 -16.41 -3.61 15.23
N ILE A 7 -15.49 -4.57 15.36
CA ILE A 7 -14.62 -4.95 14.25
C ILE A 7 -15.43 -5.61 13.13
N GLU A 8 -16.46 -6.36 13.51
CA GLU A 8 -17.29 -7.04 12.53
C GLU A 8 -17.89 -6.03 11.54
N LYS A 9 -18.35 -4.91 12.08
CA LYS A 9 -18.94 -3.85 11.26
C LYS A 9 -17.86 -3.22 10.37
N PHE A 10 -16.60 -3.33 10.81
CA PHE A 10 -15.47 -2.78 10.07
C PHE A 10 -15.42 -3.31 8.65
N SER A 11 -15.56 -4.63 8.52
CA SER A 11 -15.54 -5.27 7.21
C SER A 11 -16.85 -5.06 6.47
N GLN A 12 -17.96 -5.18 7.21
CA GLN A 12 -19.28 -5.00 6.62
C GLN A 12 -19.43 -3.60 6.04
N GLU A 13 -19.02 -2.60 6.82
CA GLU A 13 -19.12 -1.20 6.38
C GLU A 13 -17.82 -0.75 5.72
N GLN A 14 -17.94 0.08 4.70
CA GLN A 14 -16.76 0.59 3.98
C GLN A 14 -16.21 1.83 4.67
N ILE A 15 -14.92 1.80 5.00
CA ILE A 15 -14.26 2.92 5.66
C ILE A 15 -13.82 3.97 4.67
N GLY A 16 -14.03 5.21 5.06
CA GLY A 16 -13.67 6.35 4.23
C GLY A 16 -13.39 7.59 5.04
N GLU A 17 -12.80 7.40 6.22
CA GLU A 17 -12.46 8.52 7.09
C GLU A 17 -11.45 9.44 6.43
N ASN A 18 -10.46 8.85 5.75
CA ASN A 18 -9.43 9.62 5.07
C ASN A 18 -8.44 8.64 4.48
N ILE A 19 -9.01 7.57 3.98
CA ILE A 19 -8.26 6.49 3.41
C ILE A 19 -7.66 6.84 2.06
N VAL A 20 -6.40 6.47 1.91
CA VAL A 20 -5.65 6.72 0.70
C VAL A 20 -5.78 5.53 -0.24
N CYS A 21 -5.35 4.38 0.24
CA CYS A 21 -5.40 3.15 -0.54
C CYS A 21 -5.59 1.94 0.38
N ARG A 22 -6.19 0.87 -0.16
CA ARG A 22 -6.44 -0.34 0.61
C ARG A 22 -5.70 -1.53 0.00
N VAL A 23 -4.79 -2.13 0.78
CA VAL A 23 -4.04 -3.28 0.29
C VAL A 23 -4.75 -4.58 0.61
N ILE A 24 -5.02 -5.37 -0.43
CA ILE A 24 -5.71 -6.64 -0.28
C ILE A 24 -4.87 -7.79 -0.85
N CYS A 25 -4.64 -8.81 -0.02
CA CYS A 25 -3.86 -9.97 -0.46
C CYS A 25 -4.73 -10.93 -1.26
N THR A 26 -4.36 -11.15 -2.52
CA THR A 26 -5.11 -12.05 -3.40
C THR A 26 -4.71 -13.50 -3.19
N THR A 27 -3.48 -13.73 -2.76
CA THR A 27 -2.98 -15.07 -2.54
C THR A 27 -3.46 -15.63 -1.19
N GLY A 28 -4.18 -14.80 -0.44
CA GLY A 28 -4.69 -15.24 0.86
C GLY A 28 -3.60 -15.58 1.84
N GLN A 29 -2.98 -14.55 2.41
CA GLN A 29 -1.90 -14.74 3.38
C GLN A 29 -1.91 -13.63 4.43
N ILE A 30 -2.09 -12.40 3.97
CA ILE A 30 -2.11 -11.24 4.88
C ILE A 30 -3.51 -10.63 4.94
N PRO A 31 -3.94 -10.17 6.13
CA PRO A 31 -5.26 -9.57 6.29
C PRO A 31 -5.34 -8.18 5.66
N ILE A 32 -6.50 -7.86 5.10
CA ILE A 32 -6.71 -6.58 4.45
C ILE A 32 -6.52 -5.42 5.41
N ARG A 33 -5.79 -4.41 4.97
CA ARG A 33 -5.53 -3.22 5.77
C ARG A 33 -5.86 -1.96 4.98
N ASP A 34 -5.98 -0.83 5.68
CA ASP A 34 -6.32 0.43 5.01
C ASP A 34 -5.29 1.52 5.28
N LEU A 35 -4.68 2.01 4.21
CA LEU A 35 -3.69 3.08 4.29
C LEU A 35 -4.41 4.42 4.16
N SER A 36 -4.19 5.33 5.12
CA SER A 36 -4.86 6.62 5.05
C SER A 36 -3.94 7.79 5.27
N ALA A 37 -4.38 8.93 4.76
CA ALA A 37 -3.63 10.17 4.88
C ALA A 37 -4.56 11.38 4.79
N ASP A 38 -4.08 12.52 5.29
CA ASP A 38 -4.87 13.74 5.27
C ASP A 38 -4.70 14.47 3.94
N ILE A 39 -5.81 14.66 3.24
CA ILE A 39 -5.81 15.33 1.95
C ILE A 39 -5.40 16.80 2.07
N SER A 40 -5.92 17.48 3.09
CA SER A 40 -5.61 18.88 3.30
C SER A 40 -4.12 19.08 3.54
N GLN A 41 -3.56 18.16 4.32
CA GLN A 41 -2.14 18.20 4.66
C GLN A 41 -1.29 17.91 3.43
N VAL A 42 -1.76 17.00 2.58
CA VAL A 42 -1.04 16.63 1.37
C VAL A 42 -1.12 17.74 0.32
N LEU A 43 -2.31 18.30 0.15
CA LEU A 43 -2.53 19.37 -0.83
C LEU A 43 -1.74 20.63 -0.44
N LYS A 44 -1.64 20.87 0.86
CA LYS A 44 -0.92 22.04 1.35
C LYS A 44 0.58 21.92 1.09
N GLU A 45 1.15 20.79 1.50
CA GLU A 45 2.58 20.55 1.31
C GLU A 45 2.86 20.06 -0.11
N LYS A 46 3.92 20.59 -0.71
CA LYS A 46 4.31 20.21 -2.06
C LYS A 46 5.69 19.56 -2.08
N ARG A 47 6.11 19.05 -0.93
CA ARG A 47 7.41 18.40 -0.80
C ARG A 47 7.46 17.12 -1.65
N SER A 48 8.48 16.31 -1.42
CA SER A 48 8.64 15.06 -2.15
C SER A 48 7.74 13.97 -1.58
N ILE A 49 7.39 14.09 -0.31
CA ILE A 49 6.54 13.11 0.36
C ILE A 49 6.21 13.54 1.78
N LYS A 50 5.11 13.00 2.32
CA LYS A 50 4.69 13.33 3.68
C LYS A 50 4.37 12.08 4.49
N LYS A 51 3.58 11.18 3.93
CA LYS A 51 3.22 9.94 4.63
C LYS A 51 3.47 8.71 3.77
N VAL A 52 4.18 7.74 4.35
CA VAL A 52 4.50 6.51 3.65
C VAL A 52 4.29 5.28 4.52
N TRP A 53 3.76 4.23 3.90
CA TRP A 53 3.50 2.97 4.60
C TRP A 53 4.57 1.93 4.31
N THR A 54 4.98 1.19 5.34
CA THR A 54 5.97 0.13 5.17
C THR A 54 5.33 -1.23 5.39
N PHE A 55 5.58 -2.15 4.47
CA PHE A 55 4.99 -3.49 4.55
C PHE A 55 6.06 -4.56 4.77
N GLY A 56 5.71 -5.59 5.52
CA GLY A 56 6.63 -6.67 5.79
C GLY A 56 6.22 -7.53 6.98
N ARG A 57 7.08 -8.49 7.35
CA ARG A 57 6.79 -9.38 8.46
C ARG A 57 7.07 -8.72 9.81
N ASN A 58 7.52 -7.47 9.79
CA ASN A 58 7.81 -6.76 11.02
C ASN A 58 6.55 -6.11 11.60
N PRO A 59 6.35 -6.23 12.92
CA PRO A 59 5.18 -5.65 13.60
C PRO A 59 5.23 -4.12 13.60
N ALA A 60 6.37 -3.57 13.18
CA ALA A 60 6.55 -2.14 13.11
C ALA A 60 5.96 -1.66 11.82
N CYS A 61 6.26 -2.41 10.78
CA CYS A 61 5.79 -2.12 9.46
C CYS A 61 4.33 -1.76 9.48
N ASP A 62 3.98 -0.74 8.74
CA ASP A 62 2.60 -0.30 8.66
C ASP A 62 1.71 -1.46 8.20
N TYR A 63 2.33 -2.48 7.59
CA TYR A 63 1.59 -3.65 7.10
C TYR A 63 2.23 -4.94 7.61
N HIS A 64 1.50 -5.67 8.44
CA HIS A 64 2.00 -6.93 9.00
C HIS A 64 1.64 -8.10 8.09
N LEU A 65 2.67 -8.78 7.60
CA LEU A 65 2.47 -9.93 6.72
C LEU A 65 2.43 -11.24 7.52
N GLY A 66 3.60 -11.71 7.93
CA GLY A 66 3.69 -12.93 8.70
C GLY A 66 5.10 -13.22 9.17
N ASN A 67 5.89 -13.87 8.31
CA ASN A 67 7.28 -14.19 8.64
C ASN A 67 7.89 -15.08 7.56
N ILE A 68 7.73 -14.67 6.30
CA ILE A 68 8.28 -15.43 5.18
C ILE A 68 9.78 -15.19 5.04
N SER A 69 10.55 -16.26 5.02
CA SER A 69 12.00 -16.17 4.88
C SER A 69 12.39 -15.43 3.61
N ARG A 70 11.56 -15.57 2.58
CA ARG A 70 11.83 -14.92 1.30
C ARG A 70 11.68 -13.39 1.41
N LEU A 71 10.57 -12.96 1.99
CA LEU A 71 10.31 -11.53 2.16
C LEU A 71 11.14 -10.95 3.28
N SER A 72 11.42 -9.65 3.18
CA SER A 72 12.23 -8.96 4.18
C SER A 72 11.36 -8.31 5.25
N ASN A 73 12.00 -7.85 6.34
CA ASN A 73 11.29 -7.18 7.44
C ASN A 73 10.28 -6.20 6.88
N LYS A 74 10.78 -5.30 6.06
CA LYS A 74 9.98 -4.30 5.37
C LYS A 74 10.16 -4.53 3.89
N HIS A 75 9.40 -5.47 3.36
CA HIS A 75 9.50 -5.87 1.98
C HIS A 75 9.23 -4.73 1.02
N PHE A 76 8.18 -3.98 1.27
CA PHE A 76 7.84 -2.87 0.39
C PHE A 76 7.23 -1.70 1.16
N GLN A 77 7.28 -0.51 0.56
CA GLN A 77 6.75 0.69 1.20
C GLN A 77 5.94 1.53 0.21
N ILE A 78 4.85 2.15 0.69
CA ILE A 78 4.02 2.99 -0.18
C ILE A 78 4.04 4.44 0.30
N LEU A 79 4.35 5.36 -0.59
CA LEU A 79 4.42 6.77 -0.23
C LEU A 79 3.38 7.61 -0.96
N LEU A 80 2.73 8.51 -0.22
CA LEU A 80 1.72 9.38 -0.78
C LEU A 80 2.06 10.84 -0.49
N GLY A 81 2.05 11.67 -1.53
CA GLY A 81 2.36 13.07 -1.36
C GLY A 81 3.42 13.55 -2.33
N GLU A 82 3.11 13.49 -3.62
CA GLU A 82 4.05 13.92 -4.66
C GLU A 82 3.42 14.98 -5.55
N ASP A 83 2.30 14.65 -6.17
CA ASP A 83 1.60 15.59 -7.04
C ASP A 83 0.10 15.31 -7.04
N GLY A 84 -0.43 14.96 -5.88
CA GLY A 84 -1.85 14.69 -5.75
C GLY A 84 -2.19 13.24 -6.11
N ASN A 85 -1.18 12.38 -6.13
CA ASN A 85 -1.38 10.98 -6.45
C ASN A 85 -0.64 10.08 -5.46
N LEU A 86 -0.65 8.77 -5.73
CA LEU A 86 0.02 7.82 -4.86
C LEU A 86 1.27 7.25 -5.52
N LEU A 87 2.22 6.83 -4.70
CA LEU A 87 3.47 6.26 -5.21
C LEU A 87 3.80 4.96 -4.47
N LEU A 88 4.42 4.03 -5.18
CA LEU A 88 4.80 2.75 -4.59
C LEU A 88 6.31 2.64 -4.50
N ASN A 89 6.82 2.38 -3.30
CA ASN A 89 8.26 2.26 -3.10
C ASN A 89 8.65 0.85 -2.66
N ASP A 90 9.40 0.17 -3.51
CA ASP A 90 9.86 -1.17 -3.20
C ASP A 90 11.05 -1.11 -2.25
N ILE A 91 11.05 -1.97 -1.23
CA ILE A 91 12.13 -1.99 -0.25
C ILE A 91 12.43 -3.39 0.26
N SER A 92 12.41 -4.38 -0.64
CA SER A 92 12.67 -5.74 -0.25
C SER A 92 14.13 -6.14 -0.52
N THR A 93 14.56 -7.20 0.16
CA THR A 93 15.90 -7.70 -0.02
C THR A 93 16.06 -8.34 -1.40
N ASN A 94 15.01 -9.02 -1.86
CA ASN A 94 15.04 -9.70 -3.15
C ASN A 94 14.38 -8.87 -4.27
N GLY A 95 13.53 -7.91 -3.90
CA GLY A 95 12.88 -7.10 -4.90
C GLY A 95 11.36 -7.14 -4.82
N THR A 96 10.74 -6.14 -5.42
CA THR A 96 9.28 -6.00 -5.46
C THR A 96 8.80 -6.07 -6.90
N TRP A 97 7.70 -6.78 -7.13
CA TRP A 97 7.19 -6.94 -8.49
C TRP A 97 5.83 -6.30 -8.69
N LEU A 98 5.63 -5.84 -9.92
CA LEU A 98 4.37 -5.24 -10.32
C LEU A 98 3.84 -6.00 -11.54
N ASN A 99 2.73 -6.70 -11.36
CA ASN A 99 2.12 -7.48 -12.43
C ASN A 99 3.15 -8.28 -13.23
N GLY A 100 4.10 -8.91 -12.52
CA GLY A 100 5.09 -9.72 -13.17
C GLY A 100 6.31 -8.93 -13.60
N GLN A 101 6.25 -7.60 -13.50
CA GLN A 101 7.38 -6.77 -13.88
C GLN A 101 8.10 -6.24 -12.66
N LYS A 102 9.37 -6.60 -12.52
CA LYS A 102 10.18 -6.17 -11.40
C LYS A 102 10.57 -4.70 -11.55
N VAL A 103 10.23 -3.91 -10.54
CA VAL A 103 10.56 -2.48 -10.54
C VAL A 103 11.85 -2.20 -9.79
N GLU A 104 12.40 -1.01 -9.99
CA GLU A 104 13.64 -0.63 -9.33
C GLU A 104 13.40 -0.41 -7.83
N LYS A 105 14.19 -1.08 -7.00
CA LYS A 105 14.06 -0.96 -5.55
C LYS A 105 14.08 0.50 -5.13
N ASN A 106 13.58 0.76 -3.93
CA ASN A 106 13.52 2.10 -3.36
C ASN A 106 13.26 3.17 -4.42
N SER A 107 12.47 2.80 -5.41
CA SER A 107 12.12 3.72 -6.49
C SER A 107 10.64 4.10 -6.45
N ASN A 108 10.34 5.33 -6.82
CA ASN A 108 8.96 5.81 -6.82
C ASN A 108 8.24 5.42 -8.11
N GLN A 109 7.05 4.84 -7.97
CA GLN A 109 6.28 4.43 -9.13
C GLN A 109 4.85 4.95 -9.00
N LEU A 110 4.24 5.28 -10.15
CA LEU A 110 2.87 5.78 -10.15
C LEU A 110 1.90 4.66 -9.84
N LEU A 111 0.92 4.95 -8.98
CA LEU A 111 -0.06 3.96 -8.60
C LEU A 111 -0.96 3.58 -9.77
N SER A 112 -1.52 2.39 -9.68
CA SER A 112 -2.42 1.87 -10.71
C SER A 112 -3.75 1.47 -10.11
N GLN A 113 -4.81 1.51 -10.91
CA GLN A 113 -6.14 1.14 -10.43
C GLN A 113 -6.23 -0.36 -10.22
N GLY A 114 -6.40 -0.76 -8.95
CA GLY A 114 -6.47 -2.16 -8.62
C GLY A 114 -5.18 -2.88 -8.93
N ASP A 115 -4.07 -2.15 -8.88
CA ASP A 115 -2.77 -2.70 -9.16
C ASP A 115 -2.47 -3.89 -8.26
N GLU A 116 -1.37 -4.57 -8.54
CA GLU A 116 -0.96 -5.72 -7.74
C GLU A 116 0.56 -5.80 -7.64
N ILE A 117 1.06 -6.07 -6.43
CA ILE A 117 2.49 -6.19 -6.23
C ILE A 117 2.87 -7.61 -5.85
N THR A 118 3.84 -8.18 -6.55
CA THR A 118 4.29 -9.52 -6.29
C THR A 118 5.63 -9.49 -5.58
N VAL A 119 5.82 -10.39 -4.61
CA VAL A 119 7.06 -10.42 -3.85
C VAL A 119 7.54 -11.83 -3.57
N GLY A 120 8.82 -11.97 -3.28
CA GLY A 120 9.40 -13.27 -2.99
C GLY A 120 9.68 -14.06 -4.25
N VAL A 121 10.24 -13.38 -5.24
CA VAL A 121 10.56 -14.00 -6.51
C VAL A 121 11.90 -14.72 -6.48
N GLY A 122 11.92 -15.87 -7.13
CA GLY A 122 13.08 -16.70 -7.19
C GLY A 122 12.66 -18.15 -7.19
N VAL A 123 11.66 -18.43 -6.37
CA VAL A 123 11.07 -19.75 -6.25
C VAL A 123 9.58 -19.65 -6.48
N GLU A 124 9.08 -20.35 -7.50
CA GLU A 124 7.65 -20.31 -7.82
C GLU A 124 6.80 -20.56 -6.58
N SER A 125 7.35 -21.29 -5.62
CA SER A 125 6.63 -21.61 -4.40
C SER A 125 6.91 -20.61 -3.28
N ASP A 126 7.62 -19.52 -3.57
CA ASP A 126 7.94 -18.53 -2.54
C ASP A 126 7.57 -17.12 -2.92
N ILE A 127 6.61 -16.99 -3.81
CA ILE A 127 6.14 -15.70 -4.24
C ILE A 127 4.76 -15.40 -3.65
N LEU A 128 4.61 -14.15 -3.22
CA LEU A 128 3.36 -13.67 -2.64
C LEU A 128 2.84 -12.45 -3.38
N SER A 129 1.54 -12.42 -3.69
CA SER A 129 0.98 -11.29 -4.40
C SER A 129 0.06 -10.45 -3.52
N LEU A 130 0.02 -9.17 -3.84
CA LEU A 130 -0.81 -8.20 -3.11
C LEU A 130 -1.52 -7.27 -4.08
N VAL A 131 -2.76 -6.93 -3.79
CA VAL A 131 -3.53 -6.03 -4.65
C VAL A 131 -3.81 -4.70 -3.94
N ILE A 132 -3.72 -3.61 -4.69
CA ILE A 132 -3.94 -2.30 -4.15
C ILE A 132 -5.28 -1.74 -4.61
N PHE A 133 -6.14 -1.42 -3.64
CA PHE A 133 -7.46 -0.87 -3.94
C PHE A 133 -7.53 0.61 -3.58
N ILE A 134 -7.67 1.45 -4.60
CA ILE A 134 -7.74 2.88 -4.40
C ILE A 134 -9.16 3.33 -4.08
N ASN A 135 -9.30 4.12 -3.02
CA ASN A 135 -10.61 4.63 -2.60
C ASN A 135 -11.08 5.75 -3.52
N ASP A 136 -12.33 5.68 -3.95
CA ASP A 136 -12.90 6.68 -4.83
C ASP A 136 -13.19 7.97 -4.06
N LYS A 137 -13.46 7.85 -2.76
CA LYS A 137 -13.75 9.00 -1.93
C LYS A 137 -12.58 9.99 -1.97
N PHE A 138 -11.37 9.46 -1.86
CA PHE A 138 -10.17 10.27 -1.88
C PHE A 138 -10.09 11.08 -3.17
N LYS A 139 -10.38 10.43 -4.28
CA LYS A 139 -10.35 11.08 -5.59
C LYS A 139 -11.41 12.17 -5.69
N GLN A 140 -12.59 11.89 -5.17
CA GLN A 140 -13.69 12.84 -5.19
C GLN A 140 -13.31 14.13 -4.49
N CYS A 141 -12.72 14.00 -3.30
CA CYS A 141 -12.31 15.16 -2.51
C CYS A 141 -11.32 16.03 -3.29
N LEU A 142 -10.33 15.38 -3.90
CA LEU A 142 -9.31 16.08 -4.67
C LEU A 142 -9.96 16.92 -5.77
N GLU A 143 -10.88 16.32 -6.51
CA GLU A 143 -11.57 17.02 -7.59
C GLU A 143 -12.33 18.23 -7.06
N GLN A 144 -12.90 18.09 -5.86
CA GLN A 144 -13.64 19.17 -5.24
C GLN A 144 -12.72 20.33 -4.86
N ASN A 145 -11.44 20.02 -4.66
CA ASN A 145 -10.46 21.03 -4.29
C ASN A 145 -9.27 21.02 -5.25
N LYS A 146 -9.35 21.87 -6.28
CA LYS A 146 -8.30 21.97 -7.28
C LYS A 146 -7.50 23.26 -7.09
N VAL A 147 -6.18 23.13 -7.07
CA VAL A 147 -5.30 24.28 -6.91
C VAL A 147 -5.21 25.09 -8.20
N ASP A 148 -5.24 26.41 -8.06
CA ASP A 148 -5.15 27.30 -9.22
C ASP A 148 -6.32 27.07 -10.17
N ARG A 149 -7.20 28.06 -10.28
CA ARG A 149 -8.36 27.96 -11.16
C ARG A 149 -8.29 29.02 -12.25
N ILE A 150 -7.68 28.68 -13.38
CA ILE A 150 -7.55 29.59 -14.50
C ILE A 150 -8.73 29.46 -15.46
N ARG A 151 -9.25 30.58 -15.92
CA ARG A 151 -10.38 30.58 -16.85
C ARG A 151 -9.94 30.12 -18.24
N ASN B 1 23.76 -9.90 10.67
CA ASN B 1 23.08 -10.26 9.41
C ASN B 1 21.62 -10.63 9.64
N ILE B 2 20.84 -10.67 8.56
CA ILE B 2 19.43 -11.00 8.65
C ILE B 2 18.78 -11.03 7.27
N TPO B 3 17.65 -11.73 7.17
CA TPO B 3 16.94 -11.83 5.90
CB TPO B 3 16.57 -10.44 5.33
CG2 TPO B 3 15.84 -10.56 4.00
OG1 TPO B 3 15.76 -9.75 6.25
P TPO B 3 16.00 -8.24 6.46
O1P TPO B 3 15.35 -7.91 7.82
O2P TPO B 3 17.54 -8.10 6.58
O3P TPO B 3 15.43 -7.40 5.34
C TPO B 3 17.76 -12.59 4.86
O TPO B 3 18.84 -12.16 4.47
H TPO B 3 17.30 -12.18 7.95
HA TPO B 3 16.02 -12.38 6.08
HB TPO B 3 17.48 -9.89 5.18
HG21 TPO B 3 16.48 -10.20 3.21
HG22 TPO B 3 14.94 -9.97 4.03
HG23 TPO B 3 15.59 -11.60 3.82
N GLN B 4 17.24 -13.73 4.42
CA GLN B 4 17.93 -14.56 3.44
C GLN B 4 17.56 -14.12 2.01
N PRO B 5 18.56 -13.77 1.19
CA PRO B 5 18.33 -13.34 -0.19
C PRO B 5 17.95 -14.51 -1.10
N THR B 6 16.98 -14.27 -1.98
CA THR B 6 16.53 -15.30 -2.91
C THR B 6 17.50 -15.46 -4.07
N GLN B 7 17.51 -16.64 -4.67
CA GLN B 7 18.39 -16.91 -5.80
C GLN B 7 17.86 -16.28 -7.08
N GLN B 8 18.77 -15.88 -7.96
CA GLN B 8 18.39 -15.26 -9.22
C GLN B 8 19.60 -15.14 -10.15
N SER B 9 19.85 -16.18 -10.93
CA SER B 9 20.98 -16.19 -11.86
C SER B 9 22.29 -16.02 -11.12
N THR B 10 22.86 -17.14 -10.66
CA THR B 10 24.12 -17.11 -9.93
C THR B 10 25.21 -17.84 -10.71
N ALA A 1 -36.30 14.16 -5.74
CA ALA A 1 -37.15 13.51 -6.76
C ALA A 1 -36.79 12.03 -6.90
N THR A 2 -35.50 11.74 -6.99
CA THR A 2 -35.03 10.37 -7.13
C THR A 2 -34.93 9.68 -5.77
N GLN A 3 -36.07 9.46 -5.13
CA GLN A 3 -36.12 8.82 -3.83
C GLN A 3 -35.63 7.38 -3.91
N ARG A 4 -36.13 6.65 -4.91
CA ARG A 4 -35.74 5.26 -5.09
C ARG A 4 -34.25 5.14 -5.41
N PHE A 5 -33.73 6.10 -6.16
CA PHE A 5 -32.32 6.12 -6.52
C PHE A 5 -31.44 6.31 -5.29
N LEU A 6 -31.91 7.14 -4.37
CA LEU A 6 -31.17 7.41 -3.14
C LEU A 6 -30.95 6.14 -2.33
N ILE A 7 -32.01 5.33 -2.23
CA ILE A 7 -31.94 4.09 -1.48
C ILE A 7 -31.02 3.08 -2.17
N GLU A 8 -31.02 3.10 -3.50
CA GLU A 8 -30.17 2.19 -4.27
C GLU A 8 -28.71 2.37 -3.87
N LYS A 9 -28.30 3.62 -3.68
CA LYS A 9 -26.93 3.91 -3.28
C LYS A 9 -26.66 3.40 -1.87
N PHE A 10 -27.73 3.26 -1.08
CA PHE A 10 -27.62 2.79 0.30
C PHE A 10 -26.93 1.43 0.35
N SER A 11 -27.36 0.52 -0.50
CA SER A 11 -26.79 -0.82 -0.55
C SER A 11 -25.29 -0.76 -0.86
N GLN A 12 -24.93 0.10 -1.80
CA GLN A 12 -23.54 0.25 -2.20
C GLN A 12 -22.82 1.25 -1.29
N GLU A 13 -22.65 0.86 -0.02
CA GLU A 13 -21.99 1.72 0.95
C GLU A 13 -20.50 1.83 0.66
N GLN A 14 -20.03 3.06 0.44
CA GLN A 14 -18.62 3.30 0.14
C GLN A 14 -17.93 3.95 1.33
N ILE A 15 -17.11 3.18 2.04
CA ILE A 15 -16.39 3.69 3.19
C ILE A 15 -15.13 4.43 2.78
N GLY A 16 -14.90 5.53 3.45
CA GLY A 16 -13.74 6.35 3.18
C GLY A 16 -13.61 7.52 4.14
N GLU A 17 -13.11 7.25 5.34
CA GLU A 17 -12.95 8.29 6.35
C GLU A 17 -11.77 9.19 6.00
N ASN A 18 -10.73 8.60 5.43
CA ASN A 18 -9.53 9.35 5.06
C ASN A 18 -8.55 8.36 4.47
N ILE A 19 -9.10 7.42 3.73
CA ILE A 19 -8.36 6.36 3.14
C ILE A 19 -7.65 6.78 1.87
N VAL A 20 -6.39 6.41 1.79
CA VAL A 20 -5.54 6.72 0.68
C VAL A 20 -5.59 5.59 -0.34
N CYS A 21 -5.14 4.41 0.08
CA CYS A 21 -5.15 3.22 -0.76
C CYS A 21 -5.51 1.99 0.07
N ARG A 22 -5.85 0.88 -0.61
CA ARG A 22 -6.24 -0.34 0.09
C ARG A 22 -5.37 -1.52 -0.36
N VAL A 23 -4.98 -2.35 0.61
CA VAL A 23 -4.17 -3.52 0.31
C VAL A 23 -4.98 -4.80 0.48
N ILE A 24 -5.06 -5.60 -0.58
CA ILE A 24 -5.82 -6.84 -0.56
C ILE A 24 -4.98 -8.03 -1.01
N CYS A 25 -4.83 -9.01 -0.12
CA CYS A 25 -4.05 -10.21 -0.45
C CYS A 25 -4.93 -11.21 -1.19
N THR A 26 -4.76 -11.28 -2.51
CA THR A 26 -5.53 -12.18 -3.35
C THR A 26 -5.05 -13.62 -3.24
N THR A 27 -3.78 -13.81 -2.90
CA THR A 27 -3.22 -15.15 -2.77
C THR A 27 -3.59 -15.79 -1.44
N GLY A 28 -4.30 -15.06 -0.60
CA GLY A 28 -4.73 -15.59 0.69
C GLY A 28 -3.57 -15.86 1.63
N GLN A 29 -3.08 -14.81 2.27
CA GLN A 29 -1.97 -14.93 3.21
C GLN A 29 -2.11 -13.91 4.34
N ILE A 30 -2.52 -12.71 3.99
CA ILE A 30 -2.70 -11.63 4.96
C ILE A 30 -4.08 -11.00 4.85
N PRO A 31 -4.69 -10.60 5.98
CA PRO A 31 -6.02 -9.98 5.98
C PRO A 31 -6.00 -8.59 5.33
N ILE A 32 -7.05 -8.29 4.59
CA ILE A 32 -7.15 -7.00 3.91
C ILE A 32 -7.04 -5.83 4.89
N ARG A 33 -6.33 -4.79 4.46
CA ARG A 33 -6.15 -3.59 5.27
C ARG A 33 -6.36 -2.34 4.41
N ASP A 34 -6.54 -1.20 5.06
CA ASP A 34 -6.77 0.05 4.33
C ASP A 34 -5.77 1.12 4.73
N LEU A 35 -4.99 1.59 3.75
CA LEU A 35 -4.01 2.64 3.98
C LEU A 35 -4.74 3.98 4.01
N SER A 36 -4.40 4.84 4.97
CA SER A 36 -5.06 6.13 5.05
C SER A 36 -4.16 7.24 5.55
N ALA A 37 -4.55 8.44 5.16
CA ALA A 37 -3.85 9.65 5.55
C ALA A 37 -4.82 10.79 5.75
N ASP A 38 -4.56 11.63 6.75
CA ASP A 38 -5.43 12.75 7.06
C ASP A 38 -5.23 13.88 6.04
N ILE A 39 -6.33 14.52 5.68
CA ILE A 39 -6.31 15.63 4.72
C ILE A 39 -5.51 16.81 5.25
N SER A 40 -5.68 17.11 6.53
CA SER A 40 -4.98 18.23 7.16
C SER A 40 -3.48 18.08 6.99
N GLN A 41 -3.00 16.85 7.12
CA GLN A 41 -1.57 16.58 6.98
C GLN A 41 -1.14 16.78 5.53
N VAL A 42 -2.01 16.41 4.60
CA VAL A 42 -1.72 16.55 3.19
C VAL A 42 -1.64 18.02 2.78
N LEU A 43 -2.58 18.81 3.30
CA LEU A 43 -2.62 20.24 3.00
C LEU A 43 -1.46 20.97 3.68
N LYS A 44 -1.16 20.57 4.91
CA LYS A 44 -0.08 21.19 5.66
C LYS A 44 1.27 20.95 4.99
N GLU A 45 1.46 19.73 4.49
CA GLU A 45 2.70 19.38 3.81
C GLU A 45 2.74 19.93 2.39
N LYS A 46 3.59 20.92 2.17
CA LYS A 46 3.71 21.54 0.86
C LYS A 46 4.91 20.96 0.10
N ARG A 47 5.22 19.70 0.37
CA ARG A 47 6.35 19.03 -0.28
C ARG A 47 5.85 17.87 -1.14
N SER A 48 6.79 17.03 -1.58
CA SER A 48 6.45 15.88 -2.41
C SER A 48 6.27 14.63 -1.56
N ILE A 49 5.57 14.77 -0.43
CA ILE A 49 5.32 13.65 0.47
C ILE A 49 4.23 13.99 1.48
N LYS A 50 3.30 13.05 1.67
CA LYS A 50 2.21 13.25 2.61
C LYS A 50 2.17 12.12 3.64
N LYS A 51 2.03 10.89 3.14
CA LYS A 51 1.98 9.72 4.01
C LYS A 51 2.57 8.49 3.32
N VAL A 52 3.30 7.68 4.06
CA VAL A 52 3.92 6.49 3.50
C VAL A 52 3.77 5.28 4.41
N TRP A 53 3.49 4.15 3.79
CA TRP A 53 3.33 2.87 4.51
C TRP A 53 4.47 1.92 4.24
N THR A 54 4.93 1.23 5.28
CA THR A 54 5.98 0.25 5.14
C THR A 54 5.42 -1.14 5.44
N PHE A 55 5.63 -2.07 4.51
CA PHE A 55 5.13 -3.43 4.63
C PHE A 55 6.26 -4.44 4.76
N GLY A 56 6.02 -5.49 5.54
CA GLY A 56 7.01 -6.52 5.73
C GLY A 56 6.77 -7.36 6.98
N ARG A 57 7.75 -8.17 7.34
CA ARG A 57 7.64 -9.02 8.52
C ARG A 57 7.97 -8.26 9.80
N ASN A 58 8.21 -6.96 9.68
CA ASN A 58 8.54 -6.13 10.83
C ASN A 58 7.27 -5.66 11.54
N PRO A 59 7.18 -5.86 12.88
CA PRO A 59 6.01 -5.43 13.64
C PRO A 59 5.87 -3.91 13.66
N ALA A 60 6.93 -3.23 13.21
CA ALA A 60 6.94 -1.78 13.13
C ALA A 60 6.26 -1.36 11.87
N CYS A 61 6.60 -2.08 10.80
CA CYS A 61 6.06 -1.83 9.50
C CYS A 61 4.57 -1.53 9.58
N ASP A 62 4.16 -0.54 8.83
CA ASP A 62 2.76 -0.16 8.80
C ASP A 62 1.91 -1.36 8.41
N TYR A 63 2.54 -2.38 7.80
CA TYR A 63 1.83 -3.58 7.39
C TYR A 63 2.54 -4.83 7.89
N HIS A 64 1.85 -5.59 8.75
CA HIS A 64 2.43 -6.81 9.30
C HIS A 64 2.03 -8.02 8.48
N LEU A 65 3.04 -8.75 7.96
CA LEU A 65 2.79 -9.93 7.15
C LEU A 65 2.96 -11.20 7.97
N GLY A 66 4.20 -11.49 8.35
CA GLY A 66 4.48 -12.69 9.14
C GLY A 66 5.95 -12.84 9.44
N ASN A 67 6.65 -13.63 8.62
CA ASN A 67 8.08 -13.85 8.81
C ASN A 67 8.63 -14.78 7.72
N ILE A 68 8.42 -14.39 6.46
CA ILE A 68 8.90 -15.18 5.34
C ILE A 68 10.37 -14.91 5.07
N SER A 69 11.17 -15.97 5.03
CA SER A 69 12.60 -15.85 4.79
C SER A 69 12.87 -15.12 3.47
N ARG A 70 12.02 -15.39 2.48
CA ARG A 70 12.17 -14.76 1.17
C ARG A 70 11.87 -13.27 1.23
N LEU A 71 11.00 -12.89 2.16
CA LEU A 71 10.62 -11.49 2.33
C LEU A 71 11.46 -10.83 3.42
N SER A 72 11.65 -9.52 3.31
CA SER A 72 12.44 -8.78 4.30
C SER A 72 11.55 -8.12 5.35
N ASN A 73 12.17 -7.69 6.46
CA ASN A 73 11.45 -7.03 7.55
C ASN A 73 10.43 -6.04 6.97
N LYS A 74 10.93 -5.16 6.12
CA LYS A 74 10.12 -4.18 5.42
C LYS A 74 10.29 -4.45 3.94
N HIS A 75 9.50 -5.40 3.45
CA HIS A 75 9.60 -5.82 2.08
C HIS A 75 9.31 -4.71 1.10
N PHE A 76 8.25 -3.97 1.35
CA PHE A 76 7.88 -2.88 0.45
C PHE A 76 7.25 -1.72 1.20
N GLN A 77 7.32 -0.53 0.60
CA GLN A 77 6.76 0.67 1.22
C GLN A 77 5.98 1.51 0.21
N ILE A 78 4.80 1.99 0.60
CA ILE A 78 3.99 2.82 -0.28
C ILE A 78 3.97 4.27 0.19
N LEU A 79 4.21 5.21 -0.72
CA LEU A 79 4.21 6.62 -0.36
C LEU A 79 3.18 7.40 -1.16
N LEU A 80 2.69 8.49 -0.56
CA LEU A 80 1.71 9.35 -1.22
C LEU A 80 2.20 10.79 -1.25
N GLY A 81 2.29 11.36 -2.45
CA GLY A 81 2.74 12.72 -2.59
C GLY A 81 2.55 13.26 -3.99
N GLU A 82 3.37 14.24 -4.38
CA GLU A 82 3.28 14.84 -5.70
C GLU A 82 1.89 15.44 -5.93
N ASP A 83 1.64 15.87 -7.15
CA ASP A 83 0.35 16.46 -7.51
C ASP A 83 -0.72 15.39 -7.64
N GLY A 84 -1.01 14.72 -6.52
CA GLY A 84 -2.02 13.67 -6.53
C GLY A 84 -1.44 12.30 -6.85
N ASN A 85 -2.32 11.32 -7.03
CA ASN A 85 -1.89 9.96 -7.34
C ASN A 85 -1.05 9.38 -6.19
N LEU A 86 -0.91 8.06 -6.20
CA LEU A 86 -0.13 7.38 -5.16
C LEU A 86 1.19 6.88 -5.73
N LEU A 87 2.15 6.61 -4.85
CA LEU A 87 3.46 6.13 -5.27
C LEU A 87 3.81 4.85 -4.51
N LEU A 88 4.45 3.92 -5.20
CA LEU A 88 4.84 2.65 -4.59
C LEU A 88 6.36 2.56 -4.52
N ASN A 89 6.88 2.29 -3.33
CA ASN A 89 8.32 2.18 -3.15
C ASN A 89 8.71 0.78 -2.70
N ASP A 90 9.46 0.10 -3.54
CA ASP A 90 9.92 -1.25 -3.22
C ASP A 90 11.12 -1.18 -2.29
N ILE A 91 11.11 -1.96 -1.22
CA ILE A 91 12.19 -1.95 -0.24
C ILE A 91 12.50 -3.35 0.28
N SER A 92 12.47 -4.35 -0.60
CA SER A 92 12.74 -5.71 -0.20
C SER A 92 14.15 -6.14 -0.53
N THR A 93 14.66 -7.08 0.25
CA THR A 93 15.99 -7.62 0.01
C THR A 93 16.01 -8.43 -1.28
N ASN A 94 14.87 -9.06 -1.59
CA ASN A 94 14.75 -9.89 -2.79
C ASN A 94 14.10 -9.16 -3.96
N GLY A 95 13.38 -8.07 -3.69
CA GLY A 95 12.76 -7.32 -4.75
C GLY A 95 11.25 -7.29 -4.68
N THR A 96 10.67 -6.28 -5.32
CA THR A 96 9.22 -6.09 -5.35
C THR A 96 8.75 -6.19 -6.80
N TRP A 97 7.62 -6.87 -7.02
CA TRP A 97 7.12 -7.04 -8.38
C TRP A 97 5.77 -6.39 -8.61
N LEU A 98 5.57 -5.95 -9.85
CA LEU A 98 4.33 -5.36 -10.26
C LEU A 98 3.81 -6.13 -11.47
N ASN A 99 2.68 -6.81 -11.29
CA ASN A 99 2.08 -7.60 -12.35
C ASN A 99 3.10 -8.45 -13.11
N GLY A 100 4.01 -9.08 -12.38
CA GLY A 100 5.02 -9.93 -13.00
C GLY A 100 6.24 -9.17 -13.45
N GLN A 101 6.20 -7.85 -13.40
CA GLN A 101 7.33 -7.04 -13.81
C GLN A 101 8.03 -6.45 -12.59
N LYS A 102 9.30 -6.81 -12.43
CA LYS A 102 10.09 -6.33 -11.31
C LYS A 102 10.50 -4.87 -11.52
N VAL A 103 10.25 -4.06 -10.49
CA VAL A 103 10.57 -2.64 -10.56
C VAL A 103 11.88 -2.35 -9.82
N GLU A 104 12.42 -1.15 -10.03
CA GLU A 104 13.66 -0.74 -9.38
C GLU A 104 13.44 -0.53 -7.89
N LYS A 105 14.24 -1.20 -7.06
CA LYS A 105 14.11 -1.07 -5.61
C LYS A 105 14.14 0.40 -5.22
N ASN A 106 13.68 0.68 -4.00
CA ASN A 106 13.63 2.03 -3.46
C ASN A 106 13.34 3.07 -4.54
N SER A 107 12.50 2.69 -5.49
CA SER A 107 12.12 3.57 -6.59
C SER A 107 10.65 3.97 -6.48
N ASN A 108 10.34 5.20 -6.87
CA ASN A 108 8.97 5.70 -6.82
C ASN A 108 8.26 5.44 -8.14
N GLN A 109 7.10 4.79 -8.06
CA GLN A 109 6.32 4.49 -9.27
C GLN A 109 4.88 4.94 -9.10
N LEU A 110 4.27 5.36 -10.20
CA LEU A 110 2.88 5.81 -10.19
C LEU A 110 1.96 4.61 -10.02
N LEU A 111 1.23 4.57 -8.90
CA LEU A 111 0.33 3.47 -8.63
C LEU A 111 -0.64 3.22 -9.78
N SER A 112 -1.30 2.08 -9.69
CA SER A 112 -2.28 1.68 -10.70
C SER A 112 -3.61 1.36 -10.02
N GLN A 113 -4.70 1.50 -10.76
CA GLN A 113 -6.02 1.22 -10.21
C GLN A 113 -6.20 -0.28 -10.02
N GLY A 114 -6.32 -0.71 -8.76
CA GLY A 114 -6.47 -2.12 -8.47
C GLY A 114 -5.23 -2.91 -8.84
N ASP A 115 -4.09 -2.23 -8.84
CA ASP A 115 -2.82 -2.86 -9.17
C ASP A 115 -2.50 -4.00 -8.21
N GLU A 116 -1.39 -4.68 -8.46
CA GLU A 116 -0.97 -5.79 -7.62
C GLU A 116 0.55 -5.86 -7.51
N ILE A 117 1.03 -6.08 -6.30
CA ILE A 117 2.47 -6.18 -6.07
C ILE A 117 2.85 -7.61 -5.65
N THR A 118 3.79 -8.20 -6.36
CA THR A 118 4.23 -9.56 -6.07
C THR A 118 5.60 -9.52 -5.37
N VAL A 119 5.79 -10.41 -4.40
CA VAL A 119 7.04 -10.45 -3.66
C VAL A 119 7.49 -11.87 -3.37
N GLY A 120 8.79 -12.03 -3.12
CA GLY A 120 9.35 -13.32 -2.82
C GLY A 120 9.60 -14.12 -4.08
N VAL A 121 10.15 -13.47 -5.08
CA VAL A 121 10.42 -14.10 -6.35
C VAL A 121 11.75 -14.85 -6.36
N GLY A 122 11.72 -16.01 -6.99
CA GLY A 122 12.87 -16.87 -7.08
C GLY A 122 12.42 -18.31 -7.12
N VAL A 123 11.44 -18.61 -6.28
CA VAL A 123 10.85 -19.91 -6.20
C VAL A 123 9.34 -19.79 -6.35
N GLU A 124 8.78 -20.45 -7.34
CA GLU A 124 7.34 -20.38 -7.60
C GLU A 124 6.53 -20.63 -6.33
N SER A 125 7.11 -21.35 -5.39
CA SER A 125 6.44 -21.68 -4.14
C SER A 125 6.74 -20.67 -3.03
N ASP A 126 7.44 -19.57 -3.35
CA ASP A 126 7.77 -18.59 -2.32
C ASP A 126 7.43 -17.17 -2.74
N ILE A 127 6.48 -17.05 -3.61
CA ILE A 127 6.02 -15.76 -4.09
C ILE A 127 4.66 -15.41 -3.50
N LEU A 128 4.51 -14.15 -3.13
CA LEU A 128 3.27 -13.64 -2.54
C LEU A 128 2.72 -12.49 -3.37
N SER A 129 1.42 -12.51 -3.64
CA SER A 129 0.78 -11.48 -4.43
C SER A 129 -0.15 -10.62 -3.58
N LEU A 130 -0.09 -9.31 -3.81
CA LEU A 130 -0.93 -8.36 -3.09
C LEU A 130 -1.59 -7.40 -4.07
N VAL A 131 -2.82 -6.99 -3.77
CA VAL A 131 -3.55 -6.08 -4.63
C VAL A 131 -3.73 -4.71 -3.99
N ILE A 132 -3.50 -3.65 -4.76
CA ILE A 132 -3.62 -2.30 -4.28
C ILE A 132 -4.88 -1.65 -4.86
N PHE A 133 -5.75 -1.18 -3.96
CA PHE A 133 -6.99 -0.53 -4.37
C PHE A 133 -6.99 0.95 -4.01
N ILE A 134 -7.10 1.80 -5.01
CA ILE A 134 -7.11 3.24 -4.79
C ILE A 134 -8.52 3.74 -4.45
N ASN A 135 -8.63 4.45 -3.33
CA ASN A 135 -9.91 4.97 -2.90
C ASN A 135 -10.25 6.28 -3.62
N ASP A 136 -11.31 6.25 -4.43
CA ASP A 136 -11.73 7.43 -5.17
C ASP A 136 -12.24 8.51 -4.23
N LYS A 137 -12.67 8.11 -3.03
CA LYS A 137 -13.17 9.06 -2.05
C LYS A 137 -12.13 10.12 -1.74
N PHE A 138 -10.89 9.69 -1.58
CA PHE A 138 -9.79 10.60 -1.29
C PHE A 138 -9.67 11.66 -2.38
N LYS A 139 -9.90 11.26 -3.62
CA LYS A 139 -9.82 12.17 -4.76
C LYS A 139 -10.91 13.24 -4.67
N GLN A 140 -12.06 12.85 -4.14
CA GLN A 140 -13.18 13.77 -4.00
C GLN A 140 -12.81 14.97 -3.13
N CYS A 141 -12.19 14.70 -1.99
CA CYS A 141 -11.78 15.76 -1.07
C CYS A 141 -10.75 16.68 -1.73
N LEU A 142 -9.76 16.09 -2.38
CA LEU A 142 -8.72 16.86 -3.05
C LEU A 142 -9.32 17.80 -4.09
N GLU A 143 -10.26 17.28 -4.87
CA GLU A 143 -10.92 18.07 -5.90
C GLU A 143 -11.83 19.12 -5.28
N GLN A 144 -12.45 18.77 -4.16
CA GLN A 144 -13.35 19.69 -3.46
C GLN A 144 -12.55 20.72 -2.66
N ASN A 145 -11.32 20.36 -2.29
CA ASN A 145 -10.47 21.25 -1.52
C ASN A 145 -9.14 21.49 -2.24
N LYS A 146 -9.16 22.34 -3.26
CA LYS A 146 -7.97 22.65 -4.03
C LYS A 146 -7.72 24.14 -4.06
N VAL A 147 -6.45 24.53 -4.17
CA VAL A 147 -6.07 25.94 -4.22
C VAL A 147 -6.18 26.49 -5.63
N ASP A 148 -7.07 27.47 -5.82
CA ASP A 148 -7.27 28.08 -7.12
C ASP A 148 -6.71 29.51 -7.15
N ARG A 149 -5.75 29.74 -8.02
CA ARG A 149 -5.13 31.05 -8.15
C ARG A 149 -5.71 31.81 -9.34
N ILE A 150 -5.81 33.13 -9.19
CA ILE A 150 -6.34 33.97 -10.26
C ILE A 150 -5.23 34.64 -11.05
N ARG A 151 -5.28 34.50 -12.38
CA ARG A 151 -4.28 35.08 -13.25
C ARG A 151 -2.88 34.55 -12.92
N ASN B 1 18.12 -7.18 12.67
CA ASN B 1 18.27 -7.14 11.18
C ASN B 1 18.80 -8.47 10.66
N ILE B 2 17.95 -9.20 9.95
CA ILE B 2 18.32 -10.49 9.38
C ILE B 2 17.42 -10.87 8.21
N TPO B 3 18.04 -11.28 7.10
CA TPO B 3 17.28 -11.66 5.91
CB TPO B 3 16.74 -10.43 5.16
CG2 TPO B 3 16.00 -10.83 3.91
OG1 TPO B 3 15.90 -9.70 6.00
P TPO B 3 16.29 -8.23 6.37
O1P TPO B 3 15.57 -7.95 7.71
O2P TPO B 3 17.82 -8.30 6.61
O3P TPO B 3 15.92 -7.26 5.30
C TPO B 3 18.15 -12.49 4.97
O TPO B 3 19.28 -12.08 4.65
H TPO B 3 19.01 -11.32 7.09
HA TPO B 3 16.44 -12.27 6.23
HB TPO B 3 17.58 -9.81 4.88
HG21 TPO B 3 15.91 -11.90 3.87
HG22 TPO B 3 16.53 -10.48 3.04
HG23 TPO B 3 15.00 -10.39 3.92
N GLN B 4 17.63 -13.62 4.52
CA GLN B 4 18.37 -14.49 3.61
C GLN B 4 17.98 -14.22 2.16
N PRO B 5 18.96 -14.09 1.27
CA PRO B 5 18.70 -13.83 -0.16
C PRO B 5 18.23 -15.08 -0.90
N THR B 6 17.76 -14.88 -2.13
CA THR B 6 17.29 -15.98 -2.95
C THR B 6 17.77 -15.84 -4.39
N GLN B 7 18.02 -16.98 -5.04
CA GLN B 7 18.49 -16.98 -6.42
C GLN B 7 17.50 -16.27 -7.34
N GLN B 8 17.86 -16.14 -8.61
CA GLN B 8 17.00 -15.49 -9.59
C GLN B 8 16.83 -16.37 -10.82
N SER B 9 16.21 -15.82 -11.85
CA SER B 9 15.96 -16.55 -13.10
C SER B 9 17.01 -16.19 -14.15
N THR B 10 17.70 -17.20 -14.67
CA THR B 10 18.72 -16.98 -15.68
C THR B 10 18.42 -17.80 -16.93
N ALA A 1 -24.79 -12.97 19.46
CA ALA A 1 -24.44 -13.49 18.11
C ALA A 1 -23.06 -13.02 17.69
N THR A 2 -22.64 -13.42 16.50
CA THR A 2 -21.33 -13.04 15.97
C THR A 2 -21.47 -12.29 14.65
N GLN A 3 -22.27 -12.85 13.74
CA GLN A 3 -22.49 -12.23 12.44
C GLN A 3 -23.21 -10.90 12.58
N ARG A 4 -24.27 -10.88 13.37
CA ARG A 4 -25.05 -9.67 13.60
C ARG A 4 -24.18 -8.57 14.19
N PHE A 5 -23.25 -8.95 15.06
CA PHE A 5 -22.34 -8.00 15.68
C PHE A 5 -21.53 -7.26 14.61
N LEU A 6 -21.05 -8.01 13.63
CA LEU A 6 -20.25 -7.43 12.55
C LEU A 6 -21.06 -6.38 11.80
N ILE A 7 -22.36 -6.59 11.71
CA ILE A 7 -23.24 -5.66 11.03
C ILE A 7 -23.44 -4.38 11.84
N GLU A 8 -23.48 -4.54 13.17
CA GLU A 8 -23.65 -3.41 14.06
C GLU A 8 -22.56 -2.38 13.83
N LYS A 9 -21.35 -2.86 13.58
CA LYS A 9 -20.20 -1.98 13.33
C LYS A 9 -20.38 -1.22 12.02
N PHE A 10 -21.18 -1.78 11.12
CA PHE A 10 -21.43 -1.17 9.82
C PHE A 10 -21.98 0.24 9.98
N SER A 11 -22.98 0.38 10.85
CA SER A 11 -23.61 1.67 11.09
C SER A 11 -22.77 2.50 12.07
N GLN A 12 -22.19 1.82 13.07
CA GLN A 12 -21.37 2.49 14.06
C GLN A 12 -20.16 3.16 13.42
N GLU A 13 -19.24 2.35 12.92
CA GLU A 13 -18.03 2.86 12.28
C GLU A 13 -18.33 3.30 10.85
N GLN A 14 -17.74 4.42 10.44
CA GLN A 14 -17.94 4.94 9.09
C GLN A 14 -16.78 4.56 8.19
N ILE A 15 -17.09 4.01 7.01
CA ILE A 15 -16.13 3.60 6.06
C ILE A 15 -15.64 4.79 5.24
N GLY A 16 -14.33 4.84 5.04
CA GLY A 16 -13.73 5.91 4.27
C GLY A 16 -13.57 7.19 5.10
N GLU A 17 -12.75 7.11 6.14
CA GLU A 17 -12.51 8.26 7.01
C GLU A 17 -11.54 9.24 6.36
N ASN A 18 -10.53 8.70 5.69
CA ASN A 18 -9.52 9.51 5.02
C ASN A 18 -8.49 8.58 4.43
N ILE A 19 -9.01 7.48 3.91
CA ILE A 19 -8.21 6.42 3.36
C ILE A 19 -7.61 6.80 2.02
N VAL A 20 -6.34 6.47 1.87
CA VAL A 20 -5.60 6.74 0.68
C VAL A 20 -5.67 5.56 -0.27
N CYS A 21 -5.19 4.42 0.23
CA CYS A 21 -5.20 3.18 -0.54
C CYS A 21 -5.38 1.98 0.40
N ARG A 22 -6.01 0.92 -0.11
CA ARG A 22 -6.25 -0.27 0.70
C ARG A 22 -5.46 -1.47 0.17
N VAL A 23 -4.74 -2.14 1.07
CA VAL A 23 -3.95 -3.31 0.70
C VAL A 23 -4.75 -4.59 0.92
N ILE A 24 -4.92 -5.36 -0.14
CA ILE A 24 -5.68 -6.60 -0.08
C ILE A 24 -4.92 -7.76 -0.71
N CYS A 25 -4.80 -8.86 0.04
CA CYS A 25 -4.11 -10.04 -0.47
C CYS A 25 -5.14 -11.02 -1.05
N THR A 26 -5.12 -11.16 -2.37
CA THR A 26 -6.05 -12.06 -3.05
C THR A 26 -5.54 -13.49 -3.12
N THR A 27 -4.22 -13.65 -3.05
CA THR A 27 -3.61 -14.96 -3.12
C THR A 27 -3.69 -15.69 -1.78
N GLY A 28 -4.22 -15.01 -0.77
CA GLY A 28 -4.37 -15.61 0.54
C GLY A 28 -3.05 -15.77 1.28
N GLN A 29 -2.54 -14.69 1.84
CA GLN A 29 -1.29 -14.71 2.59
C GLN A 29 -1.28 -13.69 3.71
N ILE A 30 -1.82 -12.51 3.43
CA ILE A 30 -1.88 -11.43 4.42
C ILE A 30 -3.29 -10.85 4.52
N PRO A 31 -3.75 -10.49 5.73
CA PRO A 31 -5.08 -9.92 5.95
C PRO A 31 -5.16 -8.48 5.44
N ILE A 32 -6.33 -8.11 4.93
CA ILE A 32 -6.55 -6.76 4.41
C ILE A 32 -6.25 -5.69 5.45
N ARG A 33 -5.95 -4.49 4.97
CA ARG A 33 -5.64 -3.36 5.84
C ARG A 33 -6.06 -2.04 5.18
N ASP A 34 -6.15 -0.99 5.98
CA ASP A 34 -6.55 0.32 5.44
C ASP A 34 -5.46 1.37 5.65
N LEU A 35 -4.99 1.92 4.54
CA LEU A 35 -3.97 2.97 4.57
C LEU A 35 -4.64 4.32 4.38
N SER A 36 -4.27 5.32 5.18
CA SER A 36 -4.91 6.61 5.07
C SER A 36 -3.97 7.77 5.34
N ALA A 37 -4.37 8.92 4.82
CA ALA A 37 -3.61 10.15 4.99
C ALA A 37 -4.55 11.36 5.11
N ASP A 38 -4.10 12.37 5.85
CA ASP A 38 -4.90 13.57 6.04
C ASP A 38 -4.89 14.45 4.80
N ILE A 39 -6.08 14.69 4.26
CA ILE A 39 -6.25 15.52 3.06
C ILE A 39 -5.83 16.96 3.29
N SER A 40 -6.20 17.52 4.44
CA SER A 40 -5.88 18.90 4.76
C SER A 40 -4.38 19.13 4.70
N GLN A 41 -3.64 18.15 5.19
CA GLN A 41 -2.19 18.21 5.20
C GLN A 41 -1.63 18.13 3.78
N VAL A 42 -2.25 17.28 2.96
CA VAL A 42 -1.83 17.11 1.58
C VAL A 42 -1.99 18.41 0.78
N LEU A 43 -3.12 19.08 1.00
CA LEU A 43 -3.39 20.33 0.29
C LEU A 43 -2.49 21.46 0.81
N LYS A 44 -1.97 21.30 2.03
CA LYS A 44 -1.11 22.31 2.62
C LYS A 44 0.34 21.82 2.71
N GLU A 45 0.65 20.72 2.02
CA GLU A 45 2.00 20.17 2.04
C GLU A 45 2.68 20.38 0.70
N LYS A 46 3.95 20.78 0.74
CA LYS A 46 4.72 21.00 -0.48
C LYS A 46 4.76 19.75 -1.35
N ARG A 47 4.33 19.89 -2.60
CA ARG A 47 4.32 18.76 -3.53
C ARG A 47 5.65 18.01 -3.52
N SER A 48 5.70 16.90 -2.80
CA SER A 48 6.91 16.10 -2.72
C SER A 48 6.67 14.82 -1.93
N ILE A 49 5.99 14.95 -0.79
CA ILE A 49 5.68 13.80 0.05
C ILE A 49 4.77 14.18 1.21
N LYS A 50 3.95 13.23 1.66
CA LYS A 50 3.03 13.47 2.75
C LYS A 50 3.11 12.35 3.79
N LYS A 51 2.73 11.15 3.37
CA LYS A 51 2.76 9.99 4.26
C LYS A 51 3.12 8.72 3.51
N VAL A 52 3.99 7.91 4.10
CA VAL A 52 4.42 6.68 3.47
C VAL A 52 4.22 5.47 4.37
N TRP A 53 3.73 4.39 3.77
CA TRP A 53 3.50 3.13 4.50
C TRP A 53 4.59 2.12 4.24
N THR A 54 4.98 1.40 5.30
CA THR A 54 5.99 0.36 5.17
C THR A 54 5.32 -0.99 5.40
N PHE A 55 5.57 -1.92 4.48
CA PHE A 55 4.98 -3.25 4.57
C PHE A 55 6.05 -4.32 4.65
N GLY A 56 5.76 -5.39 5.41
CA GLY A 56 6.71 -6.47 5.56
C GLY A 56 6.42 -7.36 6.75
N ARG A 57 7.38 -8.20 7.12
CA ARG A 57 7.21 -9.12 8.24
C ARG A 57 7.55 -8.44 9.57
N ASN A 58 7.86 -7.15 9.53
CA ASN A 58 8.19 -6.41 10.74
C ASN A 58 6.93 -5.91 11.45
N PRO A 59 6.84 -6.11 12.78
CA PRO A 59 5.69 -5.66 13.56
C PRO A 59 5.58 -4.14 13.59
N ALA A 60 6.65 -3.48 13.19
CA ALA A 60 6.69 -2.03 13.14
C ALA A 60 6.05 -1.58 11.86
N CYS A 61 6.41 -2.28 10.80
CA CYS A 61 5.91 -2.01 9.49
C CYS A 61 4.42 -1.78 9.53
N ASP A 62 3.98 -0.81 8.76
CA ASP A 62 2.56 -0.50 8.69
C ASP A 62 1.78 -1.75 8.28
N TYR A 63 2.47 -2.73 7.70
CA TYR A 63 1.83 -3.98 7.27
C TYR A 63 2.59 -5.19 7.80
N HIS A 64 1.88 -6.09 8.45
CA HIS A 64 2.48 -7.30 9.00
C HIS A 64 2.13 -8.52 8.14
N LEU A 65 3.11 -9.02 7.40
CA LEU A 65 2.91 -10.18 6.54
C LEU A 65 2.87 -11.47 7.37
N GLY A 66 2.97 -12.61 6.68
CA GLY A 66 2.94 -13.89 7.36
C GLY A 66 4.32 -14.38 7.75
N ASN A 67 5.29 -13.48 7.76
CA ASN A 67 6.67 -13.83 8.11
C ASN A 67 7.24 -14.86 7.14
N ILE A 68 7.67 -14.39 5.98
CA ILE A 68 8.26 -15.28 4.97
C ILE A 68 9.75 -15.01 4.79
N SER A 69 10.55 -16.06 4.79
CA SER A 69 11.99 -15.94 4.64
C SER A 69 12.35 -15.17 3.36
N ARG A 70 11.54 -15.35 2.33
CA ARG A 70 11.78 -14.68 1.05
C ARG A 70 11.50 -13.18 1.16
N LEU A 71 10.62 -12.81 2.08
CA LEU A 71 10.26 -11.40 2.27
C LEU A 71 11.07 -10.79 3.42
N SER A 72 11.29 -9.48 3.34
CA SER A 72 12.06 -8.78 4.39
C SER A 72 11.14 -8.12 5.41
N ASN A 73 11.72 -7.73 6.56
CA ASN A 73 10.97 -7.07 7.63
C ASN A 73 10.04 -6.04 7.03
N LYS A 74 10.62 -5.17 6.22
CA LYS A 74 9.90 -4.13 5.50
C LYS A 74 10.12 -4.37 4.02
N HIS A 75 9.32 -5.28 3.48
CA HIS A 75 9.43 -5.68 2.09
C HIS A 75 9.20 -4.53 1.13
N PHE A 76 8.15 -3.76 1.36
CA PHE A 76 7.85 -2.63 0.47
C PHE A 76 7.31 -1.42 1.22
N GLN A 77 7.35 -0.27 0.56
CA GLN A 77 6.89 0.99 1.16
C GLN A 77 6.03 1.78 0.17
N ILE A 78 4.90 2.30 0.61
CA ILE A 78 4.04 3.10 -0.26
C ILE A 78 4.02 4.56 0.17
N LEU A 79 4.30 5.47 -0.75
CA LEU A 79 4.32 6.90 -0.42
C LEU A 79 3.21 7.65 -1.15
N LEU A 80 2.70 8.68 -0.50
CA LEU A 80 1.63 9.50 -1.07
C LEU A 80 2.04 10.97 -1.07
N GLY A 81 2.04 11.57 -2.26
CA GLY A 81 2.41 12.97 -2.38
C GLY A 81 3.08 13.28 -3.70
N GLU A 82 3.89 14.34 -3.72
CA GLU A 82 4.61 14.77 -4.92
C GLU A 82 3.75 15.66 -5.81
N ASP A 83 2.43 15.57 -5.66
CA ASP A 83 1.51 16.37 -6.46
C ASP A 83 0.07 16.12 -6.03
N GLY A 84 -0.29 14.85 -5.89
CA GLY A 84 -1.64 14.50 -5.49
C GLY A 84 -1.91 13.01 -5.62
N ASN A 85 -1.27 12.38 -6.60
CA ASN A 85 -1.44 10.95 -6.83
C ASN A 85 -0.68 10.14 -5.78
N LEU A 86 -0.63 8.82 -5.98
CA LEU A 86 0.06 7.94 -5.06
C LEU A 86 1.32 7.35 -5.70
N LEU A 87 2.26 6.92 -4.86
CA LEU A 87 3.50 6.34 -5.35
C LEU A 87 3.82 5.05 -4.59
N LEU A 88 4.43 4.10 -5.29
CA LEU A 88 4.80 2.83 -4.68
C LEU A 88 6.31 2.71 -4.60
N ASN A 89 6.82 2.47 -3.39
CA ASN A 89 8.26 2.35 -3.19
C ASN A 89 8.65 0.97 -2.70
N ASP A 90 9.40 0.25 -3.51
CA ASP A 90 9.86 -1.09 -3.13
C ASP A 90 11.04 -0.98 -2.16
N ILE A 91 11.06 -1.85 -1.15
CA ILE A 91 12.13 -1.83 -0.15
C ILE A 91 12.43 -3.23 0.38
N SER A 92 12.42 -4.24 -0.49
CA SER A 92 12.65 -5.60 -0.08
C SER A 92 14.09 -6.03 -0.38
N THR A 93 14.58 -6.95 0.43
CA THR A 93 15.92 -7.49 0.24
C THR A 93 15.97 -8.33 -1.04
N ASN A 94 14.85 -8.96 -1.38
CA ASN A 94 14.77 -9.81 -2.56
C ASN A 94 14.16 -9.10 -3.77
N GLY A 95 13.42 -8.02 -3.55
CA GLY A 95 12.83 -7.31 -4.66
C GLY A 95 11.31 -7.26 -4.60
N THR A 96 10.76 -6.24 -5.25
CA THR A 96 9.32 -6.04 -5.32
C THR A 96 8.86 -6.13 -6.77
N TRP A 97 7.74 -6.80 -7.02
CA TRP A 97 7.25 -6.97 -8.38
C TRP A 97 5.90 -6.32 -8.63
N LEU A 98 5.72 -5.86 -9.86
CA LEU A 98 4.47 -5.26 -10.29
C LEU A 98 3.96 -6.03 -11.51
N ASN A 99 2.84 -6.71 -11.34
CA ASN A 99 2.25 -7.50 -12.42
C ASN A 99 3.29 -8.33 -13.18
N GLY A 100 4.19 -8.97 -12.45
CA GLY A 100 5.20 -9.80 -13.08
C GLY A 100 6.43 -9.03 -13.49
N GLN A 101 6.37 -7.70 -13.43
CA GLN A 101 7.51 -6.89 -13.80
C GLN A 101 8.20 -6.32 -12.57
N LYS A 102 9.46 -6.69 -12.40
CA LYS A 102 10.24 -6.24 -11.27
C LYS A 102 10.65 -4.77 -11.43
N VAL A 103 10.27 -3.96 -10.45
CA VAL A 103 10.59 -2.54 -10.46
C VAL A 103 11.88 -2.26 -9.70
N GLU A 104 12.44 -1.07 -9.91
CA GLU A 104 13.67 -0.67 -9.23
C GLU A 104 13.42 -0.46 -7.75
N LYS A 105 14.22 -1.10 -6.91
CA LYS A 105 14.07 -0.96 -5.46
C LYS A 105 14.10 0.51 -5.06
N ASN A 106 13.60 0.78 -3.87
CA ASN A 106 13.54 2.13 -3.32
C ASN A 106 13.30 3.19 -4.40
N SER A 107 12.52 2.82 -5.39
CA SER A 107 12.18 3.73 -6.48
C SER A 107 10.70 4.11 -6.46
N ASN A 108 10.40 5.34 -6.85
CA ASN A 108 9.03 5.83 -6.86
C ASN A 108 8.33 5.42 -8.15
N GLN A 109 7.13 4.85 -8.02
CA GLN A 109 6.36 4.41 -9.17
C GLN A 109 4.93 4.95 -9.08
N LEU A 110 4.34 5.24 -10.23
CA LEU A 110 2.97 5.75 -10.27
C LEU A 110 1.99 4.64 -9.92
N LEU A 111 1.05 4.94 -9.04
CA LEU A 111 0.05 3.96 -8.62
C LEU A 111 -0.85 3.56 -9.77
N SER A 112 -1.40 2.36 -9.66
CA SER A 112 -2.30 1.81 -10.66
C SER A 112 -3.62 1.39 -10.01
N GLN A 113 -4.70 1.40 -10.79
CA GLN A 113 -6.00 1.02 -10.29
C GLN A 113 -6.07 -0.49 -10.03
N GLY A 114 -6.37 -0.86 -8.79
CA GLY A 114 -6.44 -2.25 -8.44
C GLY A 114 -5.14 -2.99 -8.72
N ASP A 115 -4.05 -2.24 -8.75
CA ASP A 115 -2.73 -2.80 -9.02
C ASP A 115 -2.42 -3.93 -8.04
N GLU A 116 -1.33 -4.64 -8.33
CA GLU A 116 -0.91 -5.74 -7.47
C GLU A 116 0.61 -5.84 -7.41
N ILE A 117 1.14 -6.04 -6.21
CA ILE A 117 2.58 -6.16 -6.02
C ILE A 117 2.95 -7.60 -5.66
N THR A 118 3.91 -8.16 -6.39
CA THR A 118 4.35 -9.51 -6.16
C THR A 118 5.70 -9.51 -5.45
N VAL A 119 5.88 -10.42 -4.50
CA VAL A 119 7.12 -10.48 -3.74
C VAL A 119 7.57 -11.92 -3.49
N GLY A 120 8.86 -12.08 -3.22
CA GLY A 120 9.41 -13.39 -2.95
C GLY A 120 9.66 -14.18 -4.22
N VAL A 121 10.21 -13.51 -5.21
CA VAL A 121 10.49 -14.13 -6.48
C VAL A 121 11.81 -14.89 -6.48
N GLY A 122 11.78 -16.04 -7.13
CA GLY A 122 12.91 -16.91 -7.21
C GLY A 122 12.46 -18.35 -7.21
N VAL A 123 11.45 -18.61 -6.38
CA VAL A 123 10.85 -19.91 -6.27
C VAL A 123 9.35 -19.79 -6.47
N GLU A 124 8.81 -20.53 -7.43
CA GLU A 124 7.38 -20.46 -7.73
C GLU A 124 6.54 -20.63 -6.46
N SER A 125 7.07 -21.36 -5.50
CA SER A 125 6.37 -21.59 -4.24
C SER A 125 6.73 -20.57 -3.16
N ASP A 126 7.51 -19.55 -3.50
CA ASP A 126 7.91 -18.56 -2.52
C ASP A 126 7.55 -17.14 -2.90
N ILE A 127 6.57 -17.02 -3.76
CA ILE A 127 6.08 -15.73 -4.20
C ILE A 127 4.73 -15.41 -3.59
N LEU A 128 4.58 -14.14 -3.21
CA LEU A 128 3.34 -13.66 -2.60
C LEU A 128 2.79 -12.50 -3.43
N SER A 129 1.48 -12.52 -3.67
CA SER A 129 0.84 -11.47 -4.46
C SER A 129 -0.10 -10.62 -3.61
N LEU A 130 0.09 -9.30 -3.69
CA LEU A 130 -0.73 -8.35 -2.95
C LEU A 130 -1.41 -7.38 -3.90
N VAL A 131 -2.69 -7.10 -3.64
CA VAL A 131 -3.45 -6.18 -4.49
C VAL A 131 -3.76 -4.88 -3.75
N ILE A 132 -3.61 -3.76 -4.44
CA ILE A 132 -3.86 -2.46 -3.87
C ILE A 132 -5.16 -1.88 -4.41
N PHE A 133 -5.99 -1.38 -3.51
CA PHE A 133 -7.27 -0.79 -3.88
C PHE A 133 -7.30 0.70 -3.55
N ILE A 134 -7.50 1.52 -4.58
CA ILE A 134 -7.54 2.97 -4.39
C ILE A 134 -8.94 3.44 -3.98
N ASN A 135 -9.00 4.24 -2.93
CA ASN A 135 -10.28 4.76 -2.45
C ASN A 135 -10.81 5.86 -3.36
N ASP A 136 -11.97 5.63 -3.95
CA ASP A 136 -12.58 6.60 -4.83
C ASP A 136 -12.98 7.86 -4.07
N LYS A 137 -13.32 7.70 -2.80
CA LYS A 137 -13.71 8.82 -1.96
C LYS A 137 -12.59 9.85 -1.87
N PHE A 138 -11.37 9.36 -1.64
CA PHE A 138 -10.21 10.21 -1.53
C PHE A 138 -10.02 11.04 -2.80
N LYS A 139 -10.18 10.39 -3.95
CA LYS A 139 -10.03 11.05 -5.23
C LYS A 139 -11.10 12.13 -5.43
N GLN A 140 -12.32 11.83 -4.96
CA GLN A 140 -13.42 12.77 -5.09
C GLN A 140 -13.11 14.08 -4.39
N CYS A 141 -12.57 14.00 -3.17
CA CYS A 141 -12.21 15.19 -2.40
C CYS A 141 -11.17 16.02 -3.13
N LEU A 142 -10.14 15.35 -3.65
CA LEU A 142 -9.07 16.03 -4.37
C LEU A 142 -9.58 16.59 -5.69
N GLU A 143 -10.49 15.86 -6.33
CA GLU A 143 -11.06 16.29 -7.61
C GLU A 143 -11.76 17.63 -7.46
N GLN A 144 -12.50 17.79 -6.37
CA GLN A 144 -13.23 19.03 -6.12
C GLN A 144 -12.32 20.06 -5.44
N ASN A 145 -11.37 19.57 -4.65
CA ASN A 145 -10.42 20.44 -3.94
C ASN A 145 -11.11 21.66 -3.33
N LYS A 146 -11.17 22.76 -4.09
CA LYS A 146 -11.80 23.98 -3.60
C LYS A 146 -13.32 23.83 -3.58
N VAL A 147 -13.93 24.24 -2.47
CA VAL A 147 -15.38 24.16 -2.33
C VAL A 147 -16.03 25.53 -2.53
N ASP A 148 -17.08 25.56 -3.34
CA ASP A 148 -17.80 26.79 -3.61
C ASP A 148 -19.31 26.61 -3.44
N ARG A 149 -19.68 25.70 -2.54
CA ARG A 149 -21.09 25.43 -2.28
C ARG A 149 -21.33 25.20 -0.79
N ILE A 150 -22.10 26.09 -0.17
CA ILE A 150 -22.40 25.99 1.25
C ILE A 150 -23.59 25.06 1.48
N ARG A 151 -23.33 23.93 2.13
CA ARG A 151 -24.38 22.95 2.42
C ARG A 151 -24.93 23.15 3.83
N ASN B 1 21.81 -6.51 10.43
CA ASN B 1 20.78 -7.00 9.48
C ASN B 1 21.30 -8.18 8.66
N ILE B 2 20.55 -9.28 8.66
CA ILE B 2 20.93 -10.48 7.92
C ILE B 2 19.72 -11.14 7.29
N TPO B 3 19.03 -10.42 6.42
CA TPO B 3 17.85 -10.95 5.74
CB TPO B 3 17.22 -9.89 4.82
CG2 TPO B 3 16.01 -10.45 4.09
OG1 TPO B 3 16.85 -8.76 5.55
P TPO B 3 15.92 -8.95 6.80
O1P TPO B 3 16.89 -8.96 8.01
O2P TPO B 3 15.05 -7.67 6.85
O3P TPO B 3 15.09 -10.21 6.73
C TPO B 3 18.20 -12.19 4.94
O TPO B 3 19.34 -12.37 4.53
H TPO B 3 19.33 -9.51 6.22
HA TPO B 3 17.12 -11.22 6.51
HB TPO B 3 17.96 -9.60 4.08
HG21 TPO B 3 16.33 -10.98 3.20
HG22 TPO B 3 15.35 -9.63 3.81
HG23 TPO B 3 15.48 -11.13 4.74
N GLN B 4 17.21 -13.05 4.71
CA GLN B 4 17.41 -14.27 3.95
C GLN B 4 16.97 -14.10 2.50
N PRO B 5 17.93 -13.83 1.58
CA PRO B 5 17.62 -13.65 0.16
C PRO B 5 17.17 -14.94 -0.51
N THR B 6 17.13 -14.93 -1.84
CA THR B 6 16.72 -16.10 -2.61
C THR B 6 17.93 -16.94 -3.02
N GLN B 7 17.75 -18.25 -3.06
CA GLN B 7 18.83 -19.15 -3.44
C GLN B 7 19.00 -19.20 -4.95
N GLN B 8 20.19 -18.84 -5.42
CA GLN B 8 20.48 -18.83 -6.85
C GLN B 8 21.33 -20.04 -7.24
N SER B 9 21.54 -20.21 -8.54
CA SER B 9 22.35 -21.32 -9.03
C SER B 9 23.83 -21.00 -8.98
N THR B 10 24.47 -21.35 -7.87
CA THR B 10 25.90 -21.09 -7.70
C THR B 10 26.70 -22.39 -7.73
N ALA A 1 -21.33 -8.41 17.56
CA ALA A 1 -22.81 -8.30 17.61
C ALA A 1 -23.43 -8.89 16.35
N THR A 2 -24.77 -8.86 16.29
CA THR A 2 -25.50 -9.39 15.14
C THR A 2 -26.67 -8.48 14.77
N GLN A 3 -27.44 -8.10 15.79
CA GLN A 3 -28.59 -7.24 15.57
C GLN A 3 -28.16 -5.82 15.23
N ARG A 4 -27.20 -5.31 15.98
CA ARG A 4 -26.68 -3.95 15.76
C ARG A 4 -26.13 -3.81 14.34
N PHE A 5 -25.33 -4.79 13.93
CA PHE A 5 -24.73 -4.77 12.59
C PHE A 5 -25.82 -4.73 11.51
N LEU A 6 -26.92 -5.41 11.77
CA LEU A 6 -28.03 -5.46 10.83
C LEU A 6 -28.61 -4.06 10.60
N ILE A 7 -28.73 -3.29 11.67
CA ILE A 7 -29.27 -1.93 11.58
C ILE A 7 -28.26 -1.00 10.91
N GLU A 8 -26.98 -1.22 11.16
CA GLU A 8 -25.94 -0.39 10.59
C GLU A 8 -26.04 -0.39 9.06
N LYS A 9 -26.37 -1.55 8.50
CA LYS A 9 -26.51 -1.68 7.06
C LYS A 9 -27.73 -0.90 6.56
N PHE A 10 -28.68 -0.65 7.46
CA PHE A 10 -29.89 0.08 7.12
C PHE A 10 -29.55 1.47 6.57
N SER A 11 -28.66 2.16 7.27
CA SER A 11 -28.24 3.50 6.86
C SER A 11 -27.17 3.42 5.77
N GLN A 12 -26.36 2.37 5.82
CA GLN A 12 -25.29 2.17 4.84
C GLN A 12 -24.26 3.28 4.95
N GLU A 13 -23.45 3.24 6.01
CA GLU A 13 -22.41 4.24 6.22
C GLU A 13 -21.26 4.05 5.24
N GLN A 14 -21.00 5.09 4.46
CA GLN A 14 -19.92 5.04 3.47
C GLN A 14 -18.56 5.04 4.15
N ILE A 15 -17.74 4.04 3.83
CA ILE A 15 -16.42 3.93 4.41
C ILE A 15 -15.40 4.80 3.70
N GLY A 16 -14.57 5.43 4.50
CA GLY A 16 -13.55 6.31 3.97
C GLY A 16 -13.42 7.59 4.76
N GLU A 17 -12.56 7.57 5.78
CA GLU A 17 -12.35 8.75 6.61
C GLU A 17 -11.28 9.66 6.02
N ASN A 18 -10.26 9.05 5.42
CA ASN A 18 -9.17 9.80 4.80
C ASN A 18 -8.18 8.79 4.26
N ILE A 19 -8.76 7.74 3.71
CA ILE A 19 -8.01 6.64 3.18
C ILE A 19 -7.38 6.96 1.84
N VAL A 20 -6.11 6.61 1.72
CA VAL A 20 -5.33 6.83 0.54
C VAL A 20 -5.43 5.63 -0.39
N CYS A 21 -4.96 4.49 0.11
CA CYS A 21 -4.99 3.24 -0.64
C CYS A 21 -5.14 2.05 0.30
N ARG A 22 -5.78 0.99 -0.18
CA ARG A 22 -5.99 -0.21 0.63
C ARG A 22 -5.22 -1.40 0.08
N VAL A 23 -4.61 -2.17 0.97
CA VAL A 23 -3.83 -3.34 0.57
C VAL A 23 -4.64 -4.62 0.76
N ILE A 24 -4.81 -5.37 -0.33
CA ILE A 24 -5.57 -6.61 -0.30
C ILE A 24 -4.79 -7.76 -0.93
N CYS A 25 -4.54 -8.80 -0.14
CA CYS A 25 -3.82 -9.98 -0.63
C CYS A 25 -4.78 -10.88 -1.41
N THR A 26 -4.29 -11.47 -2.49
CA THR A 26 -5.12 -12.35 -3.32
C THR A 26 -4.67 -13.80 -3.23
N THR A 27 -3.42 -14.03 -2.82
CA THR A 27 -2.91 -15.39 -2.71
C THR A 27 -3.26 -16.03 -1.37
N GLY A 28 -3.91 -15.24 -0.51
CA GLY A 28 -4.32 -15.75 0.80
C GLY A 28 -3.15 -15.93 1.75
N GLN A 29 -2.79 -14.86 2.46
CA GLN A 29 -1.69 -14.92 3.41
C GLN A 29 -1.78 -13.80 4.43
N ILE A 30 -2.14 -12.61 3.94
CA ILE A 30 -2.25 -11.44 4.80
C ILE A 30 -3.66 -10.84 4.73
N PRO A 31 -4.21 -10.39 5.88
CA PRO A 31 -5.54 -9.79 5.92
C PRO A 31 -5.55 -8.36 5.40
N ILE A 32 -6.66 -7.98 4.77
CA ILE A 32 -6.81 -6.63 4.21
C ILE A 32 -6.60 -5.56 5.26
N ARG A 33 -6.08 -4.41 4.83
CA ARG A 33 -5.84 -3.28 5.71
C ARG A 33 -6.12 -1.97 4.98
N ASP A 34 -6.29 -0.89 5.73
CA ASP A 34 -6.58 0.41 5.12
C ASP A 34 -5.50 1.44 5.43
N LEU A 35 -4.86 1.95 4.37
CA LEU A 35 -3.83 2.96 4.51
C LEU A 35 -4.45 4.33 4.29
N SER A 36 -4.09 5.32 5.12
CA SER A 36 -4.67 6.64 4.98
C SER A 36 -3.72 7.77 5.28
N ALA A 37 -4.09 8.92 4.74
CA ALA A 37 -3.31 10.15 4.93
C ALA A 37 -4.23 11.35 5.10
N ASP A 38 -3.83 12.27 5.98
CA ASP A 38 -4.62 13.46 6.25
C ASP A 38 -4.50 14.47 5.10
N ILE A 39 -5.63 14.72 4.44
CA ILE A 39 -5.68 15.65 3.31
C ILE A 39 -5.36 17.08 3.74
N SER A 40 -5.94 17.50 4.86
CA SER A 40 -5.73 18.85 5.36
C SER A 40 -4.25 19.09 5.66
N GLN A 41 -3.62 18.08 6.23
CA GLN A 41 -2.21 18.15 6.58
C GLN A 41 -1.35 18.18 5.32
N VAL A 42 -1.77 17.44 4.30
CA VAL A 42 -1.04 17.39 3.04
C VAL A 42 -1.03 18.76 2.36
N LEU A 43 -2.16 19.47 2.46
CA LEU A 43 -2.28 20.79 1.85
C LEU A 43 -1.42 21.81 2.59
N LYS A 44 -1.27 21.61 3.90
CA LYS A 44 -0.48 22.51 4.72
C LYS A 44 1.01 22.31 4.48
N GLU A 45 1.45 21.05 4.55
CA GLU A 45 2.86 20.72 4.34
C GLU A 45 3.25 20.92 2.88
N LYS A 46 4.17 21.84 2.64
CA LYS A 46 4.63 22.13 1.28
C LYS A 46 5.90 21.35 0.96
N ARG A 47 5.72 20.12 0.46
CA ARG A 47 6.86 19.28 0.10
C ARG A 47 6.45 18.19 -0.88
N SER A 48 7.41 17.41 -1.32
CA SER A 48 7.16 16.33 -2.27
C SER A 48 6.48 15.14 -1.58
N ILE A 49 7.14 14.60 -0.56
CA ILE A 49 6.61 13.47 0.19
C ILE A 49 5.73 13.93 1.34
N LYS A 50 4.74 13.12 1.69
CA LYS A 50 3.83 13.46 2.78
C LYS A 50 3.76 12.32 3.80
N LYS A 51 3.21 11.19 3.38
CA LYS A 51 3.09 10.03 4.27
C LYS A 51 3.38 8.74 3.52
N VAL A 52 4.31 7.95 4.04
CA VAL A 52 4.69 6.69 3.43
C VAL A 52 4.51 5.51 4.38
N TRP A 53 4.00 4.41 3.85
CA TRP A 53 3.79 3.20 4.63
C TRP A 53 4.89 2.17 4.40
N THR A 54 5.32 1.50 5.48
CA THR A 54 6.32 0.45 5.38
C THR A 54 5.67 -0.91 5.59
N PHE A 55 5.86 -1.79 4.63
CA PHE A 55 5.28 -3.13 4.67
C PHE A 55 6.37 -4.19 4.81
N GLY A 56 6.07 -5.27 5.54
CA GLY A 56 7.04 -6.33 5.72
C GLY A 56 6.71 -7.26 6.86
N ARG A 57 7.64 -8.16 7.16
CA ARG A 57 7.45 -9.13 8.24
C ARG A 57 7.69 -8.52 9.62
N ASN A 58 8.04 -7.23 9.65
CA ASN A 58 8.30 -6.55 10.92
C ASN A 58 7.00 -6.02 11.53
N PRO A 59 6.80 -6.24 12.84
CA PRO A 59 5.60 -5.77 13.55
C PRO A 59 5.55 -4.25 13.65
N ALA A 60 6.67 -3.61 13.30
CA ALA A 60 6.76 -2.16 13.33
C ALA A 60 6.17 -1.62 12.07
N CYS A 61 6.53 -2.28 10.98
CA CYS A 61 6.06 -1.92 9.68
C CYS A 61 4.60 -1.55 9.70
N ASP A 62 4.27 -0.53 8.96
CA ASP A 62 2.89 -0.07 8.88
C ASP A 62 1.98 -1.23 8.44
N TYR A 63 2.58 -2.27 7.87
CA TYR A 63 1.81 -3.43 7.41
C TYR A 63 2.41 -4.73 7.95
N HIS A 64 1.58 -5.52 8.62
CA HIS A 64 2.03 -6.79 9.18
C HIS A 64 1.59 -7.95 8.31
N LEU A 65 2.55 -8.64 7.69
CA LEU A 65 2.25 -9.77 6.82
C LEU A 65 2.85 -11.06 7.38
N GLY A 66 2.57 -12.18 6.72
CA GLY A 66 3.08 -13.45 7.16
C GLY A 66 4.59 -13.46 7.28
N ASN A 67 5.13 -14.48 7.95
CA ASN A 67 6.57 -14.60 8.13
C ASN A 67 7.19 -15.47 7.04
N ILE A 68 7.65 -14.83 5.97
CA ILE A 68 8.26 -15.54 4.86
C ILE A 68 9.75 -15.21 4.76
N SER A 69 10.59 -16.25 4.86
CA SER A 69 12.03 -16.06 4.78
C SER A 69 12.42 -15.34 3.49
N ARG A 70 11.58 -15.45 2.48
CA ARG A 70 11.85 -14.81 1.20
C ARG A 70 11.61 -13.30 1.29
N LEU A 71 10.71 -12.89 2.16
CA LEU A 71 10.39 -11.48 2.35
C LEU A 71 11.25 -10.87 3.46
N SER A 72 11.51 -9.57 3.36
CA SER A 72 12.32 -8.87 4.35
C SER A 72 11.45 -8.20 5.42
N ASN A 73 12.08 -7.84 6.55
CA ASN A 73 11.37 -7.16 7.64
C ASN A 73 10.43 -6.11 7.07
N LYS A 74 10.99 -5.25 6.25
CA LYS A 74 10.26 -4.20 5.55
C LYS A 74 10.42 -4.47 4.06
N HIS A 75 9.56 -5.34 3.56
CA HIS A 75 9.62 -5.76 2.17
C HIS A 75 9.36 -4.64 1.19
N PHE A 76 8.36 -3.84 1.46
CA PHE A 76 8.03 -2.74 0.55
C PHE A 76 7.34 -1.59 1.26
N GLN A 77 7.32 -0.42 0.62
CA GLN A 77 6.68 0.77 1.20
C GLN A 77 5.82 1.50 0.18
N ILE A 78 4.83 2.24 0.67
CA ILE A 78 3.96 3.01 -0.20
C ILE A 78 3.98 4.48 0.21
N LEU A 79 4.15 5.38 -0.76
CA LEU A 79 4.19 6.81 -0.46
C LEU A 79 3.00 7.54 -1.06
N LEU A 80 2.57 8.60 -0.37
CA LEU A 80 1.44 9.41 -0.82
C LEU A 80 1.83 10.87 -0.93
N GLY A 81 1.63 11.46 -2.10
CA GLY A 81 1.96 12.85 -2.30
C GLY A 81 1.39 13.42 -3.58
N GLU A 82 1.92 14.56 -4.02
CA GLU A 82 1.44 15.21 -5.24
C GLU A 82 -0.02 15.59 -5.11
N ASP A 83 -0.63 15.98 -6.23
CA ASP A 83 -2.03 16.39 -6.25
C ASP A 83 -2.92 15.24 -6.72
N GLY A 84 -3.53 14.54 -5.77
CA GLY A 84 -4.40 13.43 -6.10
C GLY A 84 -3.67 12.31 -6.82
N ASN A 85 -2.56 11.86 -6.24
CA ASN A 85 -1.77 10.80 -6.84
C ASN A 85 -1.10 9.95 -5.75
N LEU A 86 -0.65 8.76 -6.13
CA LEU A 86 0.00 7.86 -5.20
C LEU A 86 1.26 7.24 -5.81
N LEU A 87 2.22 6.90 -4.96
CA LEU A 87 3.46 6.30 -5.42
C LEU A 87 3.81 5.07 -4.57
N LEU A 88 4.41 4.07 -5.20
CA LEU A 88 4.79 2.85 -4.49
C LEU A 88 6.30 2.73 -4.42
N ASN A 89 6.82 2.43 -3.23
CA ASN A 89 8.27 2.30 -3.06
C ASN A 89 8.65 0.91 -2.57
N ASP A 90 9.39 0.18 -3.40
CA ASP A 90 9.84 -1.17 -3.03
C ASP A 90 11.05 -1.06 -2.10
N ILE A 91 11.13 -1.98 -1.11
CA ILE A 91 12.24 -1.95 -0.15
C ILE A 91 12.56 -3.35 0.37
N SER A 92 12.48 -4.37 -0.49
CA SER A 92 12.74 -5.72 -0.09
C SER A 92 14.17 -6.16 -0.42
N THR A 93 14.68 -7.09 0.37
CA THR A 93 16.01 -7.64 0.13
C THR A 93 16.02 -8.46 -1.14
N ASN A 94 14.88 -9.08 -1.44
CA ASN A 94 14.75 -9.92 -2.63
C ASN A 94 14.12 -9.19 -3.81
N GLY A 95 13.43 -8.08 -3.55
CA GLY A 95 12.82 -7.32 -4.62
C GLY A 95 11.31 -7.30 -4.56
N THR A 96 10.74 -6.30 -5.22
CA THR A 96 9.29 -6.12 -5.29
C THR A 96 8.84 -6.23 -6.73
N TRP A 97 7.73 -6.92 -6.97
CA TRP A 97 7.25 -7.12 -8.33
C TRP A 97 5.91 -6.47 -8.60
N LEU A 98 5.74 -6.04 -9.84
CA LEU A 98 4.50 -5.44 -10.31
C LEU A 98 3.99 -6.23 -11.51
N ASN A 99 2.86 -6.89 -11.33
CA ASN A 99 2.25 -7.70 -12.38
C ASN A 99 3.28 -8.55 -13.14
N GLY A 100 4.19 -9.18 -12.40
CA GLY A 100 5.17 -10.03 -13.02
C GLY A 100 6.44 -9.29 -13.42
N GLN A 101 6.38 -7.96 -13.43
CA GLN A 101 7.54 -7.18 -13.80
C GLN A 101 8.18 -6.56 -12.56
N LYS A 102 9.42 -6.92 -12.31
CA LYS A 102 10.16 -6.43 -11.17
C LYS A 102 10.52 -4.96 -11.33
N VAL A 103 10.19 -4.16 -10.32
CA VAL A 103 10.49 -2.73 -10.34
C VAL A 103 11.78 -2.44 -9.59
N GLU A 104 12.34 -1.26 -9.84
CA GLU A 104 13.58 -0.85 -9.19
C GLU A 104 13.35 -0.60 -7.71
N LYS A 105 14.15 -1.23 -6.86
CA LYS A 105 14.01 -1.07 -5.41
C LYS A 105 14.05 0.42 -5.05
N ASN A 106 13.56 0.72 -3.84
CA ASN A 106 13.50 2.09 -3.33
C ASN A 106 13.24 3.11 -4.43
N SER A 107 12.44 2.71 -5.41
CA SER A 107 12.09 3.58 -6.52
C SER A 107 10.60 3.96 -6.48
N ASN A 108 10.30 5.19 -6.90
CA ASN A 108 8.92 5.66 -6.90
C ASN A 108 8.23 5.34 -8.22
N GLN A 109 7.05 4.76 -8.14
CA GLN A 109 6.27 4.41 -9.32
C GLN A 109 4.85 4.94 -9.19
N LEU A 110 4.25 5.29 -10.33
CA LEU A 110 2.88 5.79 -10.34
C LEU A 110 1.89 4.68 -10.05
N LEU A 111 1.11 4.85 -8.98
CA LEU A 111 0.14 3.82 -8.60
C LEU A 111 -0.81 3.50 -9.73
N SER A 112 -1.38 2.31 -9.67
CA SER A 112 -2.32 1.82 -10.67
C SER A 112 -3.64 1.41 -10.03
N GLN A 113 -4.72 1.48 -10.80
CA GLN A 113 -6.02 1.11 -10.29
C GLN A 113 -6.10 -0.40 -10.10
N GLY A 114 -6.35 -0.82 -8.87
CA GLY A 114 -6.42 -2.24 -8.57
C GLY A 114 -5.10 -2.93 -8.84
N ASP A 115 -4.02 -2.15 -8.84
CA ASP A 115 -2.68 -2.67 -9.10
C ASP A 115 -2.39 -3.88 -8.22
N GLU A 116 -1.28 -4.55 -8.52
CA GLU A 116 -0.88 -5.73 -7.77
C GLU A 116 0.64 -5.82 -7.65
N ILE A 117 1.12 -6.13 -6.45
CA ILE A 117 2.55 -6.24 -6.21
C ILE A 117 2.90 -7.65 -5.76
N THR A 118 3.87 -8.26 -6.43
CA THR A 118 4.30 -9.61 -6.10
C THR A 118 5.63 -9.57 -5.35
N VAL A 119 5.78 -10.43 -4.35
CA VAL A 119 7.01 -10.47 -3.57
C VAL A 119 7.43 -11.88 -3.23
N GLY A 120 8.71 -12.05 -2.91
CA GLY A 120 9.24 -13.34 -2.57
C GLY A 120 9.61 -14.15 -3.80
N VAL A 121 10.13 -13.45 -4.80
CA VAL A 121 10.51 -14.08 -6.05
C VAL A 121 11.86 -14.77 -5.97
N GLY A 122 11.93 -15.93 -6.60
CA GLY A 122 13.11 -16.74 -6.61
C GLY A 122 12.74 -18.19 -6.80
N VAL A 123 11.66 -18.58 -6.14
CA VAL A 123 11.12 -19.90 -6.23
C VAL A 123 9.64 -19.82 -6.62
N GLU A 124 9.28 -20.46 -7.73
CA GLU A 124 7.91 -20.42 -8.21
C GLU A 124 6.91 -20.78 -7.09
N SER A 125 7.36 -21.59 -6.15
CA SER A 125 6.53 -22.01 -5.05
C SER A 125 6.67 -21.12 -3.82
N ASP A 126 7.41 -20.02 -3.93
CA ASP A 126 7.62 -19.13 -2.80
C ASP A 126 7.34 -17.68 -3.11
N ILE A 127 6.45 -17.46 -4.03
CA ILE A 127 6.06 -16.12 -4.41
C ILE A 127 4.66 -15.80 -3.90
N LEU A 128 4.51 -14.57 -3.41
CA LEU A 128 3.23 -14.10 -2.88
C LEU A 128 2.79 -12.82 -3.59
N SER A 129 1.51 -12.76 -3.98
CA SER A 129 0.99 -11.60 -4.67
C SER A 129 0.09 -10.76 -3.78
N LEU A 130 0.08 -9.47 -4.07
CA LEU A 130 -0.72 -8.51 -3.33
C LEU A 130 -1.44 -7.55 -4.27
N VAL A 131 -2.64 -7.10 -3.88
CA VAL A 131 -3.40 -6.18 -4.70
C VAL A 131 -3.68 -4.88 -3.95
N ILE A 132 -3.59 -3.76 -4.66
CA ILE A 132 -3.82 -2.46 -4.07
C ILE A 132 -5.16 -1.90 -4.51
N PHE A 133 -5.87 -1.26 -3.57
CA PHE A 133 -7.17 -0.68 -3.87
C PHE A 133 -7.17 0.82 -3.58
N ILE A 134 -7.37 1.62 -4.62
CA ILE A 134 -7.40 3.07 -4.46
C ILE A 134 -8.78 3.56 -4.04
N ASN A 135 -8.82 4.42 -3.03
CA ASN A 135 -10.07 4.96 -2.53
C ASN A 135 -10.53 6.16 -3.37
N ASP A 136 -11.63 5.99 -4.08
CA ASP A 136 -12.17 7.05 -4.93
C ASP A 136 -12.54 8.28 -4.10
N LYS A 137 -12.86 8.05 -2.82
CA LYS A 137 -13.23 9.13 -1.93
C LYS A 137 -12.09 10.15 -1.83
N PHE A 138 -10.87 9.64 -1.68
CA PHE A 138 -9.69 10.49 -1.57
C PHE A 138 -9.56 11.39 -2.80
N LYS A 139 -9.78 10.81 -3.97
CA LYS A 139 -9.69 11.55 -5.22
C LYS A 139 -10.77 12.63 -5.30
N GLN A 140 -11.97 12.29 -4.86
CA GLN A 140 -13.08 13.23 -4.87
C GLN A 140 -12.77 14.45 -4.01
N CYS A 141 -12.22 14.21 -2.82
CA CYS A 141 -11.88 15.29 -1.91
C CYS A 141 -10.84 16.22 -2.52
N LEU A 142 -9.80 15.62 -3.11
CA LEU A 142 -8.73 16.39 -3.74
C LEU A 142 -9.24 17.15 -4.96
N GLU A 143 -10.16 16.52 -5.69
CA GLU A 143 -10.73 17.14 -6.88
C GLU A 143 -11.46 18.43 -6.53
N GLN A 144 -12.09 18.45 -5.37
CA GLN A 144 -12.82 19.63 -4.91
C GLN A 144 -11.93 20.53 -4.06
N ASN A 145 -11.07 19.91 -3.26
CA ASN A 145 -10.14 20.63 -2.38
C ASN A 145 -10.85 21.79 -1.66
N LYS A 146 -10.07 22.62 -0.98
CA LYS A 146 -10.62 23.75 -0.24
C LYS A 146 -10.37 25.05 -0.98
N VAL A 147 -11.13 26.08 -0.62
CA VAL A 147 -10.98 27.39 -1.25
C VAL A 147 -10.07 28.30 -0.44
N ASP A 148 -9.10 28.91 -1.11
CA ASP A 148 -8.15 29.80 -0.44
C ASP A 148 -8.83 31.11 -0.05
N ARG A 149 -8.35 31.72 1.03
CA ARG A 149 -8.92 32.98 1.51
C ARG A 149 -8.64 34.11 0.53
N ILE A 150 -7.48 34.05 -0.13
CA ILE A 150 -7.11 35.06 -1.10
C ILE A 150 -7.32 34.57 -2.53
N ARG A 151 -7.82 35.45 -3.39
CA ARG A 151 -8.06 35.11 -4.79
C ARG A 151 -6.98 35.67 -5.69
N ASN B 1 15.24 -10.83 13.52
CA ASN B 1 15.65 -11.98 12.68
C ASN B 1 16.54 -11.53 11.53
N ILE B 2 16.89 -12.47 10.66
CA ILE B 2 17.74 -12.18 9.51
C ILE B 2 17.03 -12.50 8.20
N TPO B 3 17.31 -11.72 7.17
CA TPO B 3 16.70 -11.93 5.86
CB TPO B 3 16.34 -10.60 5.19
CG2 TPO B 3 15.75 -10.82 3.81
OG1 TPO B 3 15.45 -9.88 5.98
P TPO B 3 16.03 -8.98 7.12
O1P TPO B 3 15.25 -7.64 6.98
O2P TPO B 3 15.62 -9.68 8.43
O3P TPO B 3 17.52 -8.78 7.00
C TPO B 3 17.63 -12.74 4.95
O TPO B 3 18.36 -12.17 4.14
H TPO B 3 17.95 -10.99 7.29
HA TPO B 3 15.78 -12.49 6.00
HB TPO B 3 17.25 -10.02 5.07
HG21 TPO B 3 15.34 -9.88 3.43
HG22 TPO B 3 14.96 -11.55 3.88
HG23 TPO B 3 16.50 -11.18 3.14
N GLN B 4 17.59 -14.06 5.09
CA GLN B 4 18.42 -14.94 4.28
C GLN B 4 18.16 -14.72 2.79
N PRO B 5 19.12 -14.12 2.07
CA PRO B 5 18.98 -13.85 0.63
C PRO B 5 18.73 -15.13 -0.17
N THR B 6 17.79 -15.05 -1.11
CA THR B 6 17.46 -16.19 -1.96
C THR B 6 18.32 -16.21 -3.21
N GLN B 7 18.37 -17.37 -3.87
CA GLN B 7 19.15 -17.52 -5.09
C GLN B 7 18.71 -16.51 -6.15
N GLN B 8 19.69 -15.82 -6.73
CA GLN B 8 19.40 -14.82 -7.77
C GLN B 8 20.34 -15.00 -8.96
N SER B 9 20.19 -14.12 -9.95
CA SER B 9 21.02 -14.18 -11.15
C SER B 9 22.37 -13.51 -10.91
N THR B 10 23.39 -14.31 -10.65
CA THR B 10 24.72 -13.79 -10.40
C THR B 10 25.75 -14.43 -11.35
N ALA A 1 -19.94 8.55 27.35
CA ALA A 1 -18.57 8.01 27.63
C ALA A 1 -17.67 8.14 26.41
N THR A 2 -16.38 8.01 26.61
CA THR A 2 -15.40 8.12 25.52
C THR A 2 -14.81 6.75 25.20
N GLN A 3 -14.63 5.93 26.22
CA GLN A 3 -14.06 4.60 26.03
C GLN A 3 -15.07 3.68 25.34
N ARG A 4 -16.30 3.69 25.83
CA ARG A 4 -17.36 2.85 25.26
C ARG A 4 -17.61 3.24 23.80
N PHE A 5 -17.50 4.53 23.51
CA PHE A 5 -17.72 5.03 22.16
C PHE A 5 -16.71 4.41 21.19
N LEU A 6 -15.49 4.22 21.66
CA LEU A 6 -14.44 3.63 20.85
C LEU A 6 -14.76 2.18 20.53
N ILE A 7 -15.42 1.50 21.46
CA ILE A 7 -15.78 0.10 21.28
C ILE A 7 -16.93 -0.04 20.28
N GLU A 8 -17.85 0.93 20.31
CA GLU A 8 -18.99 0.91 19.41
C GLU A 8 -18.53 0.87 17.95
N LYS A 9 -17.55 1.71 17.61
CA LYS A 9 -17.01 1.75 16.27
C LYS A 9 -16.26 0.46 15.94
N PHE A 10 -15.81 -0.22 16.99
CA PHE A 10 -15.08 -1.47 16.83
C PHE A 10 -15.89 -2.50 16.05
N SER A 11 -17.15 -2.65 16.43
CA SER A 11 -18.04 -3.60 15.77
C SER A 11 -18.50 -3.06 14.42
N GLN A 12 -18.62 -1.73 14.33
CA GLN A 12 -19.06 -1.09 13.10
C GLN A 12 -18.18 0.12 12.78
N GLU A 13 -17.13 -0.11 11.99
CA GLU A 13 -16.22 0.96 11.61
C GLU A 13 -16.67 1.62 10.30
N GLN A 14 -16.45 2.92 10.21
CA GLN A 14 -16.83 3.68 9.02
C GLN A 14 -15.68 3.72 8.02
N ILE A 15 -15.86 3.04 6.88
CA ILE A 15 -14.84 3.02 5.84
C ILE A 15 -14.90 4.25 4.96
N GLY A 16 -13.72 4.75 4.65
CA GLY A 16 -13.61 5.94 3.82
C GLY A 16 -13.47 7.21 4.63
N GLU A 17 -12.90 7.09 5.83
CA GLU A 17 -12.71 8.23 6.70
C GLU A 17 -11.71 9.22 6.12
N ASN A 18 -10.69 8.69 5.46
CA ASN A 18 -9.65 9.51 4.85
C ASN A 18 -8.61 8.58 4.26
N ILE A 19 -9.13 7.50 3.70
CA ILE A 19 -8.34 6.46 3.13
C ILE A 19 -7.69 6.87 1.81
N VAL A 20 -6.42 6.53 1.69
CA VAL A 20 -5.63 6.83 0.54
C VAL A 20 -5.70 5.66 -0.44
N CYS A 21 -5.24 4.51 0.02
CA CYS A 21 -5.25 3.28 -0.76
C CYS A 21 -5.40 2.07 0.15
N ARG A 22 -6.00 1.00 -0.36
CA ARG A 22 -6.21 -0.20 0.43
C ARG A 22 -5.39 -1.37 -0.11
N VAL A 23 -4.74 -2.10 0.80
CA VAL A 23 -3.93 -3.25 0.41
C VAL A 23 -4.68 -4.55 0.66
N ILE A 24 -4.85 -5.35 -0.38
CA ILE A 24 -5.56 -6.61 -0.28
C ILE A 24 -4.75 -7.76 -0.88
N CYS A 25 -4.49 -8.78 -0.08
CA CYS A 25 -3.75 -9.95 -0.53
C CYS A 25 -4.67 -10.92 -1.26
N THR A 26 -4.38 -11.18 -2.53
CA THR A 26 -5.19 -12.08 -3.34
C THR A 26 -4.81 -13.55 -3.11
N THR A 27 -3.57 -13.78 -2.70
CA THR A 27 -3.10 -15.15 -2.47
C THR A 27 -3.56 -15.67 -1.11
N GLY A 28 -4.26 -14.83 -0.36
CA GLY A 28 -4.76 -15.23 0.95
C GLY A 28 -3.67 -15.58 1.93
N GLN A 29 -3.02 -14.56 2.48
CA GLN A 29 -1.94 -14.77 3.44
C GLN A 29 -1.94 -13.66 4.49
N ILE A 30 -2.08 -12.42 4.03
CA ILE A 30 -2.09 -11.27 4.92
C ILE A 30 -3.49 -10.66 5.01
N PRO A 31 -3.91 -10.21 6.21
CA PRO A 31 -5.24 -9.62 6.41
C PRO A 31 -5.34 -8.23 5.80
N ILE A 32 -6.42 -7.98 5.06
CA ILE A 32 -6.64 -6.69 4.43
C ILE A 32 -6.52 -5.54 5.42
N ARG A 33 -5.88 -4.46 4.99
CA ARG A 33 -5.69 -3.29 5.82
C ARG A 33 -6.08 -2.02 5.07
N ASP A 34 -6.30 -0.93 5.81
CA ASP A 34 -6.69 0.33 5.20
C ASP A 34 -5.63 1.40 5.39
N LEU A 35 -5.09 1.90 4.29
CA LEU A 35 -4.08 2.96 4.33
C LEU A 35 -4.78 4.31 4.17
N SER A 36 -4.42 5.28 5.00
CA SER A 36 -5.06 6.59 4.92
C SER A 36 -4.14 7.73 5.25
N ALA A 37 -4.53 8.89 4.76
CA ALA A 37 -3.80 10.12 4.99
C ALA A 37 -4.75 11.29 5.21
N ASP A 38 -4.36 12.23 6.06
CA ASP A 38 -5.19 13.38 6.37
C ASP A 38 -5.18 14.39 5.22
N ILE A 39 -6.36 14.66 4.68
CA ILE A 39 -6.53 15.60 3.58
C ILE A 39 -6.18 17.04 3.99
N SER A 40 -6.56 17.41 5.20
CA SER A 40 -6.32 18.76 5.70
C SER A 40 -4.84 19.11 5.72
N GLN A 41 -4.02 18.18 6.18
CA GLN A 41 -2.57 18.41 6.26
C GLN A 41 -1.99 18.49 4.85
N VAL A 42 -2.52 17.66 3.95
CA VAL A 42 -2.05 17.63 2.57
C VAL A 42 -2.46 18.89 1.83
N LEU A 43 -3.72 19.29 1.98
CA LEU A 43 -4.23 20.48 1.32
C LEU A 43 -3.61 21.75 1.92
N LYS A 44 -3.30 21.69 3.20
CA LYS A 44 -2.70 22.83 3.89
C LYS A 44 -1.19 22.86 3.66
N GLU A 45 -0.54 21.72 3.82
CA GLU A 45 0.90 21.62 3.63
C GLU A 45 1.24 21.17 2.22
N LYS A 46 2.11 21.92 1.55
CA LYS A 46 2.52 21.60 0.19
C LYS A 46 3.99 21.19 0.14
N ARG A 47 4.27 19.94 0.48
CA ARG A 47 5.63 19.42 0.48
C ARG A 47 5.80 18.33 -0.58
N SER A 48 6.98 17.72 -0.60
CA SER A 48 7.27 16.65 -1.56
C SER A 48 6.65 15.33 -1.11
N ILE A 49 6.58 15.13 0.21
CA ILE A 49 6.02 13.92 0.76
C ILE A 49 4.99 14.23 1.85
N LYS A 50 3.95 13.41 1.92
CA LYS A 50 2.90 13.59 2.91
C LYS A 50 2.88 12.45 3.92
N LYS A 51 2.69 11.23 3.43
CA LYS A 51 2.65 10.05 4.28
C LYS A 51 3.04 8.80 3.51
N VAL A 52 3.83 7.94 4.14
CA VAL A 52 4.28 6.72 3.50
C VAL A 52 4.07 5.49 4.40
N TRP A 53 3.63 4.41 3.76
CA TRP A 53 3.39 3.15 4.47
C TRP A 53 4.50 2.14 4.23
N THR A 54 4.88 1.43 5.28
CA THR A 54 5.90 0.39 5.17
C THR A 54 5.26 -0.98 5.36
N PHE A 55 5.53 -1.89 4.44
CA PHE A 55 4.96 -3.23 4.49
C PHE A 55 6.06 -4.30 4.56
N GLY A 56 5.79 -5.38 5.29
CA GLY A 56 6.76 -6.45 5.41
C GLY A 56 6.51 -7.34 6.62
N ARG A 57 7.50 -8.17 6.95
CA ARG A 57 7.40 -9.08 8.08
C ARG A 57 7.70 -8.39 9.41
N ASN A 58 7.91 -7.07 9.37
CA ASN A 58 8.21 -6.31 10.58
C ASN A 58 6.92 -5.91 11.31
N PRO A 59 6.84 -6.15 12.63
CA PRO A 59 5.65 -5.81 13.43
C PRO A 59 5.45 -4.30 13.50
N ALA A 60 6.49 -3.55 13.12
CA ALA A 60 6.44 -2.11 13.10
C ALA A 60 5.79 -1.67 11.82
N CYS A 61 6.22 -2.31 10.75
CA CYS A 61 5.73 -2.05 9.43
C CYS A 61 4.24 -1.79 9.45
N ASP A 62 3.82 -0.83 8.68
CA ASP A 62 2.41 -0.49 8.60
C ASP A 62 1.59 -1.72 8.20
N TYR A 63 2.27 -2.73 7.63
CA TYR A 63 1.60 -3.95 7.23
C TYR A 63 2.35 -5.17 7.75
N HIS A 64 1.67 -5.98 8.57
CA HIS A 64 2.29 -7.17 9.14
C HIS A 64 2.07 -8.38 8.23
N LEU A 65 3.15 -8.83 7.60
CA LEU A 65 3.08 -9.98 6.69
C LEU A 65 3.72 -11.20 7.33
N GLY A 66 3.40 -12.37 6.79
CA GLY A 66 3.96 -13.60 7.32
C GLY A 66 5.48 -13.61 7.29
N ASN A 67 6.09 -13.92 8.42
CA ASN A 67 7.54 -13.95 8.52
C ASN A 67 8.14 -15.00 7.59
N ILE A 68 8.24 -14.67 6.30
CA ILE A 68 8.79 -15.59 5.32
C ILE A 68 10.20 -15.17 4.91
N SER A 69 11.08 -16.15 4.75
CA SER A 69 12.46 -15.89 4.36
C SER A 69 12.54 -15.17 3.02
N ARG A 70 11.59 -15.46 2.15
CA ARG A 70 11.56 -14.85 0.81
C ARG A 70 11.24 -13.36 0.90
N LEU A 71 10.48 -12.96 1.93
CA LEU A 71 10.12 -11.56 2.11
C LEU A 71 10.96 -10.94 3.22
N SER A 72 11.16 -9.63 3.12
CA SER A 72 11.96 -8.91 4.11
C SER A 72 11.09 -8.22 5.16
N ASN A 73 11.70 -7.86 6.29
CA ASN A 73 11.00 -7.17 7.38
C ASN A 73 10.08 -6.10 6.81
N LYS A 74 10.68 -5.26 5.98
CA LYS A 74 9.97 -4.19 5.29
C LYS A 74 10.13 -4.46 3.80
N HIS A 75 9.30 -5.35 3.30
CA HIS A 75 9.36 -5.77 1.91
C HIS A 75 9.10 -4.62 0.96
N PHE A 76 8.09 -3.83 1.23
CA PHE A 76 7.77 -2.71 0.36
C PHE A 76 7.18 -1.54 1.13
N GLN A 77 7.24 -0.36 0.52
CA GLN A 77 6.74 0.86 1.14
C GLN A 77 5.93 1.70 0.14
N ILE A 78 4.85 2.32 0.60
CA ILE A 78 4.04 3.15 -0.28
C ILE A 78 4.04 4.61 0.18
N LEU A 79 4.37 5.53 -0.71
CA LEU A 79 4.42 6.94 -0.36
C LEU A 79 3.30 7.74 -1.04
N LEU A 80 2.88 8.82 -0.39
CA LEU A 80 1.83 9.67 -0.91
C LEU A 80 2.31 11.11 -1.00
N GLY A 81 2.25 11.69 -2.20
CA GLY A 81 2.69 13.06 -2.39
C GLY A 81 2.45 13.55 -3.80
N GLU A 82 3.42 14.29 -4.34
CA GLU A 82 3.31 14.83 -5.70
C GLU A 82 2.25 15.91 -5.77
N ASP A 83 0.99 15.52 -5.61
CA ASP A 83 -0.13 16.45 -5.65
C ASP A 83 -1.45 15.74 -5.39
N GLY A 84 -1.84 14.87 -6.31
CA GLY A 84 -3.08 14.14 -6.16
C GLY A 84 -2.97 12.70 -6.62
N ASN A 85 -1.77 12.14 -6.54
CA ASN A 85 -1.52 10.76 -6.96
C ASN A 85 -0.76 10.00 -5.88
N LEU A 86 -0.57 8.71 -6.10
CA LEU A 86 0.15 7.86 -5.16
C LEU A 86 1.40 7.28 -5.80
N LEU A 87 2.35 6.85 -4.96
CA LEU A 87 3.59 6.28 -5.44
C LEU A 87 3.91 4.99 -4.69
N LEU A 88 4.53 4.04 -5.38
CA LEU A 88 4.87 2.76 -4.77
C LEU A 88 6.39 2.63 -4.65
N ASN A 89 6.87 2.40 -3.43
CA ASN A 89 8.30 2.26 -3.20
C ASN A 89 8.66 0.88 -2.69
N ASP A 90 9.42 0.13 -3.48
CA ASP A 90 9.84 -1.20 -3.08
C ASP A 90 11.01 -1.10 -2.10
N ILE A 91 11.02 -1.95 -1.09
CA ILE A 91 12.09 -1.93 -0.09
C ILE A 91 12.45 -3.34 0.38
N SER A 92 12.29 -4.33 -0.50
CA SER A 92 12.57 -5.70 -0.16
C SER A 92 14.03 -6.07 -0.44
N THR A 93 14.47 -7.12 0.22
CA THR A 93 15.83 -7.63 0.06
C THR A 93 16.02 -8.28 -1.31
N ASN A 94 15.10 -9.16 -1.68
CA ASN A 94 15.18 -9.88 -2.96
C ASN A 94 14.40 -9.16 -4.06
N GLY A 95 13.83 -7.99 -3.76
CA GLY A 95 13.10 -7.26 -4.75
C GLY A 95 11.60 -7.34 -4.60
N THR A 96 10.93 -6.34 -5.17
CA THR A 96 9.47 -6.23 -5.15
C THR A 96 8.95 -6.28 -6.58
N TRP A 97 7.87 -7.01 -6.81
CA TRP A 97 7.33 -7.14 -8.16
C TRP A 97 6.01 -6.44 -8.36
N LEU A 98 5.81 -5.98 -9.59
CA LEU A 98 4.59 -5.33 -9.98
C LEU A 98 4.01 -6.08 -11.19
N ASN A 99 2.87 -6.71 -10.99
CA ASN A 99 2.21 -7.48 -12.04
C ASN A 99 3.18 -8.35 -12.84
N GLY A 100 4.10 -9.01 -12.14
CA GLY A 100 5.04 -9.88 -12.80
C GLY A 100 6.30 -9.18 -13.25
N GLN A 101 6.29 -7.85 -13.25
CA GLN A 101 7.46 -7.09 -13.66
C GLN A 101 8.17 -6.52 -12.46
N LYS A 102 9.41 -6.93 -12.27
CA LYS A 102 10.22 -6.48 -11.16
C LYS A 102 10.62 -5.02 -11.31
N VAL A 103 10.29 -4.22 -10.32
CA VAL A 103 10.61 -2.79 -10.33
C VAL A 103 11.90 -2.52 -9.57
N GLU A 104 12.48 -1.33 -9.79
CA GLU A 104 13.70 -0.94 -9.12
C GLU A 104 13.45 -0.70 -7.64
N LYS A 105 14.24 -1.35 -6.79
CA LYS A 105 14.09 -1.20 -5.34
C LYS A 105 14.14 0.27 -4.96
N ASN A 106 13.64 0.57 -3.77
CA ASN A 106 13.60 1.92 -3.23
C ASN A 106 13.38 2.98 -4.32
N SER A 107 12.58 2.61 -5.31
CA SER A 107 12.27 3.50 -6.41
C SER A 107 10.80 3.91 -6.39
N ASN A 108 10.52 5.14 -6.79
CA ASN A 108 9.15 5.64 -6.81
C ASN A 108 8.48 5.33 -8.15
N GLN A 109 7.26 4.79 -8.07
CA GLN A 109 6.50 4.46 -9.28
C GLN A 109 5.10 5.05 -9.21
N LEU A 110 4.52 5.33 -10.36
CA LEU A 110 3.17 5.89 -10.41
C LEU A 110 2.14 4.82 -10.05
N LEU A 111 1.17 5.20 -9.23
CA LEU A 111 0.13 4.27 -8.80
C LEU A 111 -0.70 3.79 -9.98
N SER A 112 -1.24 2.60 -9.83
CA SER A 112 -2.08 1.98 -10.84
C SER A 112 -3.44 1.58 -10.25
N GLN A 113 -4.47 1.54 -11.09
CA GLN A 113 -5.79 1.16 -10.64
C GLN A 113 -5.84 -0.34 -10.36
N GLY A 114 -6.17 -0.70 -9.13
CA GLY A 114 -6.23 -2.10 -8.76
C GLY A 114 -4.89 -2.79 -8.94
N ASP A 115 -3.81 -2.00 -8.89
CA ASP A 115 -2.46 -2.51 -9.06
C ASP A 115 -2.22 -3.72 -8.16
N GLU A 116 -1.15 -4.46 -8.45
CA GLU A 116 -0.80 -5.63 -7.68
C GLU A 116 0.71 -5.77 -7.55
N ILE A 117 1.18 -6.07 -6.35
CA ILE A 117 2.60 -6.25 -6.11
C ILE A 117 2.91 -7.69 -5.73
N THR A 118 3.88 -8.28 -6.42
CA THR A 118 4.28 -9.66 -6.15
C THR A 118 5.60 -9.67 -5.39
N VAL A 119 5.72 -10.59 -4.43
CA VAL A 119 6.93 -10.66 -3.63
C VAL A 119 7.36 -12.09 -3.34
N GLY A 120 8.64 -12.26 -3.01
CA GLY A 120 9.17 -13.57 -2.71
C GLY A 120 9.50 -14.35 -3.97
N VAL A 121 10.12 -13.67 -4.92
CA VAL A 121 10.48 -14.28 -6.18
C VAL A 121 11.82 -15.00 -6.10
N GLY A 122 11.85 -16.15 -6.75
CA GLY A 122 13.02 -16.99 -6.76
C GLY A 122 12.61 -18.45 -6.76
N VAL A 123 11.52 -18.71 -6.03
CA VAL A 123 10.93 -20.01 -5.93
C VAL A 123 9.46 -19.91 -6.30
N GLU A 124 9.05 -20.62 -7.34
CA GLU A 124 7.66 -20.57 -7.79
C GLU A 124 6.68 -20.81 -6.65
N SER A 125 7.11 -21.57 -5.65
CA SER A 125 6.29 -21.87 -4.51
C SER A 125 6.49 -20.90 -3.35
N ASP A 126 7.28 -19.84 -3.55
CA ASP A 126 7.54 -18.90 -2.48
C ASP A 126 7.25 -17.45 -2.86
N ILE A 127 6.34 -17.28 -3.78
CA ILE A 127 5.93 -15.97 -4.20
C ILE A 127 4.54 -15.62 -3.66
N LEU A 128 4.41 -14.39 -3.23
CA LEU A 128 3.15 -13.89 -2.67
C LEU A 128 2.69 -12.64 -3.42
N SER A 129 1.41 -12.60 -3.76
CA SER A 129 0.87 -11.45 -4.49
C SER A 129 0.01 -10.57 -3.60
N LEU A 130 0.01 -9.30 -3.93
CA LEU A 130 -0.76 -8.30 -3.20
C LEU A 130 -1.46 -7.36 -4.18
N VAL A 131 -2.67 -6.92 -3.84
CA VAL A 131 -3.43 -6.02 -4.69
C VAL A 131 -3.76 -4.72 -3.97
N ILE A 132 -3.61 -3.60 -4.68
CA ILE A 132 -3.87 -2.30 -4.11
C ILE A 132 -5.18 -1.72 -4.65
N PHE A 133 -6.01 -1.22 -3.74
CA PHE A 133 -7.29 -0.65 -4.11
C PHE A 133 -7.31 0.85 -3.80
N ILE A 134 -7.52 1.66 -4.84
CA ILE A 134 -7.55 3.11 -4.67
C ILE A 134 -8.94 3.58 -4.25
N ASN A 135 -8.99 4.41 -3.22
CA ASN A 135 -10.26 4.93 -2.72
C ASN A 135 -10.69 6.15 -3.52
N ASP A 136 -11.72 5.97 -4.36
CA ASP A 136 -12.23 7.05 -5.18
C ASP A 136 -12.71 8.22 -4.32
N LYS A 137 -13.12 7.92 -3.10
CA LYS A 137 -13.60 8.94 -2.18
C LYS A 137 -12.52 9.99 -1.94
N PHE A 138 -11.30 9.52 -1.69
CA PHE A 138 -10.17 10.42 -1.45
C PHE A 138 -9.97 11.36 -2.62
N LYS A 139 -10.03 10.82 -3.83
CA LYS A 139 -9.85 11.62 -5.04
C LYS A 139 -10.98 12.65 -5.19
N GLN A 140 -12.19 12.23 -4.86
CA GLN A 140 -13.35 13.12 -4.95
C GLN A 140 -13.17 14.36 -4.09
N CYS A 141 -12.67 14.16 -2.87
CA CYS A 141 -12.44 15.27 -1.95
C CYS A 141 -11.31 16.17 -2.45
N LEU A 142 -10.24 15.55 -2.94
CA LEU A 142 -9.10 16.31 -3.45
C LEU A 142 -9.47 17.08 -4.71
N GLU A 143 -10.22 16.44 -5.60
CA GLU A 143 -10.65 17.07 -6.84
C GLU A 143 -11.46 18.32 -6.56
N GLN A 144 -12.34 18.24 -5.57
CA GLN A 144 -13.19 19.37 -5.19
C GLN A 144 -12.45 20.32 -4.27
N ASN A 145 -11.62 19.77 -3.38
CA ASN A 145 -10.85 20.55 -2.42
C ASN A 145 -11.69 21.69 -1.82
N LYS A 146 -12.41 21.36 -0.75
CA LYS A 146 -13.25 22.35 -0.08
C LYS A 146 -12.42 23.29 0.77
N VAL A 147 -12.54 24.59 0.49
CA VAL A 147 -11.78 25.59 1.23
C VAL A 147 -12.33 25.76 2.65
N ASP A 148 -11.43 25.75 3.63
CA ASP A 148 -11.81 25.89 5.03
C ASP A 148 -11.37 27.24 5.58
N ARG A 149 -10.23 27.73 5.10
CA ARG A 149 -9.69 29.01 5.54
C ARG A 149 -10.14 30.14 4.62
N ILE A 150 -10.71 31.18 5.21
CA ILE A 150 -11.19 32.33 4.45
C ILE A 150 -10.18 33.47 4.49
N ARG A 151 -9.68 33.87 3.32
CA ARG A 151 -8.72 34.95 3.22
C ARG A 151 -7.45 34.61 4.00
N ASN B 1 18.66 -9.54 13.61
CA ASN B 1 18.64 -10.63 12.60
C ASN B 1 18.87 -10.08 11.20
N ILE B 2 18.91 -10.98 10.22
CA ILE B 2 19.13 -10.59 8.84
C ILE B 2 18.20 -11.35 7.90
N TPO B 3 17.58 -10.62 6.97
CA TPO B 3 16.66 -11.23 6.01
CB TPO B 3 15.88 -10.16 5.23
CG2 TPO B 3 14.94 -10.80 4.21
OG1 TPO B 3 15.12 -9.38 6.13
P TPO B 3 15.76 -8.05 6.65
O1P TPO B 3 14.67 -6.98 6.39
O2P TPO B 3 15.92 -8.27 8.17
O3P TPO B 3 17.06 -7.73 5.97
C TPO B 3 17.42 -12.12 5.02
O TPO B 3 18.16 -11.63 4.18
H TPO B 3 17.73 -9.66 6.94
HA TPO B 3 15.95 -11.84 6.56
HB TPO B 3 16.57 -9.53 4.71
HG21 TPO B 3 15.52 -11.33 3.47
HG22 TPO B 3 14.35 -10.04 3.73
HG23 TPO B 3 14.28 -11.50 4.71
N GLN B 4 17.22 -13.43 5.14
CA GLN B 4 17.88 -14.38 4.27
C GLN B 4 17.41 -14.20 2.82
N PRO B 5 18.31 -13.72 1.93
CA PRO B 5 17.98 -13.51 0.52
C PRO B 5 17.43 -14.77 -0.15
N THR B 6 17.29 -14.73 -1.47
CA THR B 6 16.77 -15.88 -2.22
C THR B 6 17.92 -16.65 -2.86
N GLN B 7 17.60 -17.85 -3.36
CA GLN B 7 18.60 -18.69 -4.00
C GLN B 7 18.81 -18.28 -5.45
N GLN B 8 20.05 -18.44 -5.92
CA GLN B 8 20.38 -18.09 -7.30
C GLN B 8 20.36 -19.31 -8.20
N SER B 9 19.28 -20.08 -8.13
CA SER B 9 19.14 -21.29 -8.93
C SER B 9 18.52 -20.97 -10.29
N THR B 10 19.35 -20.96 -11.32
CA THR B 10 18.89 -20.67 -12.68
C THR B 10 19.92 -21.11 -13.71
N ALA A 1 -38.05 -12.56 1.96
CA ALA A 1 -36.93 -12.49 2.94
C ALA A 1 -35.88 -11.47 2.50
N THR A 2 -35.34 -10.74 3.48
CA THR A 2 -34.33 -9.72 3.19
C THR A 2 -32.98 -10.13 3.78
N GLN A 3 -32.39 -11.20 3.23
CA GLN A 3 -31.11 -11.69 3.70
C GLN A 3 -30.01 -10.67 3.44
N ARG A 4 -29.98 -10.12 2.22
CA ARG A 4 -28.98 -9.13 1.84
C ARG A 4 -29.06 -7.91 2.76
N PHE A 5 -30.28 -7.51 3.11
CA PHE A 5 -30.49 -6.36 3.99
C PHE A 5 -29.81 -6.59 5.33
N LEU A 6 -29.89 -7.81 5.83
CA LEU A 6 -29.28 -8.16 7.11
C LEU A 6 -27.77 -7.98 7.05
N ILE A 7 -27.20 -8.21 5.88
CA ILE A 7 -25.76 -8.08 5.69
C ILE A 7 -25.35 -6.61 5.68
N GLU A 8 -26.21 -5.76 5.11
CA GLU A 8 -25.93 -4.34 5.05
C GLU A 8 -25.70 -3.78 6.44
N LYS A 9 -26.53 -4.20 7.39
CA LYS A 9 -26.41 -3.76 8.78
C LYS A 9 -25.12 -4.29 9.40
N PHE A 10 -24.61 -5.39 8.85
CA PHE A 10 -23.39 -6.01 9.36
C PHE A 10 -22.24 -5.01 9.35
N SER A 11 -22.07 -4.31 8.24
CA SER A 11 -21.01 -3.33 8.11
C SER A 11 -21.28 -2.11 8.98
N GLN A 12 -22.56 -1.79 9.16
CA GLN A 12 -22.97 -0.64 9.97
C GLN A 12 -22.50 0.67 9.35
N GLU A 13 -21.21 0.96 9.50
CA GLU A 13 -20.63 2.19 8.96
C GLU A 13 -19.89 1.91 7.66
N GLN A 14 -19.88 2.91 6.77
CA GLN A 14 -19.20 2.78 5.49
C GLN A 14 -17.72 3.11 5.62
N ILE A 15 -16.88 2.38 4.90
CA ILE A 15 -15.48 2.57 4.92
C ILE A 15 -15.08 3.72 4.01
N GLY A 16 -14.17 4.55 4.50
CA GLY A 16 -13.70 5.68 3.73
C GLY A 16 -13.60 6.94 4.57
N GLU A 17 -13.04 6.80 5.77
CA GLU A 17 -12.89 7.93 6.68
C GLU A 17 -11.88 8.94 6.15
N ASN A 18 -10.80 8.43 5.56
CA ASN A 18 -9.75 9.28 5.01
C ASN A 18 -8.68 8.39 4.45
N ILE A 19 -9.14 7.29 3.86
CA ILE A 19 -8.29 6.29 3.32
C ILE A 19 -7.65 6.71 2.01
N VAL A 20 -6.36 6.42 1.89
CA VAL A 20 -5.58 6.74 0.74
C VAL A 20 -5.63 5.58 -0.25
N CYS A 21 -5.17 4.43 0.22
CA CYS A 21 -5.15 3.21 -0.58
C CYS A 21 -5.41 1.98 0.30
N ARG A 22 -5.70 0.85 -0.34
CA ARG A 22 -5.98 -0.38 0.39
C ARG A 22 -5.15 -1.55 -0.16
N VAL A 23 -4.61 -2.37 0.74
CA VAL A 23 -3.82 -3.52 0.34
C VAL A 23 -4.57 -4.83 0.61
N ILE A 24 -4.76 -5.62 -0.43
CA ILE A 24 -5.48 -6.88 -0.32
C ILE A 24 -4.66 -8.05 -0.89
N CYS A 25 -4.37 -9.04 -0.05
CA CYS A 25 -3.62 -10.20 -0.48
C CYS A 25 -4.52 -11.17 -1.23
N THR A 26 -4.37 -11.22 -2.55
CA THR A 26 -5.18 -12.10 -3.39
C THR A 26 -4.80 -13.57 -3.21
N THR A 27 -3.55 -13.81 -2.80
CA THR A 27 -3.08 -15.18 -2.61
C THR A 27 -3.56 -15.76 -1.27
N GLY A 28 -4.27 -14.94 -0.51
CA GLY A 28 -4.78 -15.40 0.78
C GLY A 28 -3.68 -15.81 1.74
N GLN A 29 -3.00 -14.83 2.31
CA GLN A 29 -1.93 -15.09 3.27
C GLN A 29 -1.88 -14.01 4.35
N ILE A 30 -1.99 -12.76 3.91
CA ILE A 30 -1.96 -11.62 4.83
C ILE A 30 -3.33 -10.95 4.90
N PRO A 31 -3.75 -10.49 6.09
CA PRO A 31 -5.06 -9.83 6.26
C PRO A 31 -5.08 -8.45 5.62
N ILE A 32 -6.19 -8.13 4.96
CA ILE A 32 -6.35 -6.85 4.30
C ILE A 32 -6.10 -5.68 5.26
N ARG A 33 -5.55 -4.60 4.71
CA ARG A 33 -5.26 -3.41 5.50
C ARG A 33 -5.74 -2.16 4.78
N ASP A 34 -5.83 -1.04 5.51
CA ASP A 34 -6.28 0.21 4.92
C ASP A 34 -5.30 1.35 5.19
N LEU A 35 -4.78 1.92 4.13
CA LEU A 35 -3.84 3.03 4.22
C LEU A 35 -4.61 4.35 4.18
N SER A 36 -4.32 5.27 5.10
CA SER A 36 -5.03 6.53 5.10
C SER A 36 -4.14 7.71 5.41
N ALA A 37 -4.60 8.85 4.95
CA ALA A 37 -3.91 10.12 5.17
C ALA A 37 -4.91 11.26 5.32
N ASP A 38 -4.61 12.19 6.23
CA ASP A 38 -5.50 13.32 6.47
C ASP A 38 -5.33 14.40 5.40
N ILE A 39 -6.45 15.03 5.04
CA ILE A 39 -6.47 16.07 4.03
C ILE A 39 -5.66 17.29 4.47
N SER A 40 -5.83 17.69 5.72
CA SER A 40 -5.13 18.85 6.25
C SER A 40 -3.62 18.69 6.09
N GLN A 41 -3.14 17.48 6.26
CA GLN A 41 -1.72 17.19 6.12
C GLN A 41 -1.30 17.35 4.66
N VAL A 42 -2.19 16.96 3.76
CA VAL A 42 -1.94 17.05 2.32
C VAL A 42 -1.96 18.50 1.86
N LEU A 43 -2.95 19.25 2.31
CA LEU A 43 -3.07 20.66 1.94
C LEU A 43 -1.92 21.49 2.51
N LYS A 44 -1.37 21.03 3.63
CA LYS A 44 -0.26 21.72 4.27
C LYS A 44 1.02 21.59 3.46
N GLU A 45 1.39 20.37 3.12
CA GLU A 45 2.59 20.10 2.34
C GLU A 45 2.43 20.62 0.91
N LYS A 46 3.43 21.36 0.45
CA LYS A 46 3.41 21.92 -0.91
C LYS A 46 4.20 21.05 -1.87
N ARG A 47 3.65 19.90 -2.23
CA ARG A 47 4.31 18.98 -3.14
C ARG A 47 5.66 18.53 -2.59
N SER A 48 5.69 17.32 -2.02
CA SER A 48 6.92 16.78 -1.46
C SER A 48 6.69 15.39 -0.90
N ILE A 49 5.83 15.28 0.11
CA ILE A 49 5.52 14.00 0.73
C ILE A 49 4.49 14.18 1.84
N LYS A 50 3.44 13.36 1.81
CA LYS A 50 2.39 13.42 2.82
C LYS A 50 2.54 12.30 3.83
N LYS A 51 2.43 11.06 3.37
CA LYS A 51 2.56 9.91 4.26
C LYS A 51 3.01 8.67 3.51
N VAL A 52 3.89 7.89 4.14
CA VAL A 52 4.41 6.67 3.53
C VAL A 52 4.22 5.47 4.44
N TRP A 53 3.75 4.38 3.85
CA TRP A 53 3.53 3.14 4.58
C TRP A 53 4.63 2.11 4.34
N THR A 54 5.02 1.41 5.39
CA THR A 54 6.04 0.36 5.28
C THR A 54 5.39 -1.00 5.49
N PHE A 55 5.66 -1.92 4.58
CA PHE A 55 5.10 -3.27 4.64
C PHE A 55 6.19 -4.32 4.73
N GLY A 56 5.92 -5.39 5.46
CA GLY A 56 6.89 -6.46 5.60
C GLY A 56 6.61 -7.37 6.77
N ARG A 57 7.58 -8.22 7.12
CA ARG A 57 7.43 -9.15 8.22
C ARG A 57 7.75 -8.49 9.57
N ASN A 58 8.05 -7.20 9.55
CA ASN A 58 8.38 -6.47 10.76
C ASN A 58 7.11 -5.99 11.47
N PRO A 59 7.02 -6.21 12.80
CA PRO A 59 5.87 -5.78 13.59
C PRO A 59 5.74 -4.26 13.64
N ALA A 60 6.80 -3.58 13.22
CA ALA A 60 6.81 -2.14 13.19
C ALA A 60 6.14 -1.67 11.93
N CYS A 61 6.50 -2.35 10.85
CA CYS A 61 5.97 -2.06 9.55
C CYS A 61 4.48 -1.85 9.62
N ASP A 62 4.02 -0.87 8.88
CA ASP A 62 2.60 -0.57 8.84
C ASP A 62 1.81 -1.81 8.40
N TYR A 63 2.50 -2.78 7.79
CA TYR A 63 1.85 -4.00 7.34
C TYR A 63 2.60 -5.24 7.82
N HIS A 64 1.90 -6.12 8.52
CA HIS A 64 2.50 -7.35 9.03
C HIS A 64 2.06 -8.54 8.18
N LEU A 65 2.99 -9.07 7.38
CA LEU A 65 2.70 -10.20 6.51
C LEU A 65 3.40 -11.46 6.99
N GLY A 66 2.84 -12.10 8.01
CA GLY A 66 3.44 -13.32 8.54
C GLY A 66 4.93 -13.21 8.75
N ASN A 67 5.69 -14.04 8.02
CA ASN A 67 7.14 -14.03 8.12
C ASN A 67 7.77 -15.00 7.13
N ILE A 68 8.11 -14.51 5.95
CA ILE A 68 8.72 -15.33 4.91
C ILE A 68 10.18 -14.95 4.72
N SER A 69 11.06 -15.95 4.73
CA SER A 69 12.49 -15.72 4.55
C SER A 69 12.77 -14.95 3.27
N ARG A 70 12.02 -15.26 2.22
CA ARG A 70 12.19 -14.59 0.94
C ARG A 70 11.86 -13.10 1.06
N LEU A 71 10.98 -12.76 2.00
CA LEU A 71 10.58 -11.39 2.21
C LEU A 71 11.37 -10.75 3.36
N SER A 72 11.56 -9.43 3.30
CA SER A 72 12.30 -8.73 4.33
C SER A 72 11.38 -8.09 5.38
N ASN A 73 11.95 -7.74 6.54
CA ASN A 73 11.18 -7.10 7.62
C ASN A 73 10.24 -6.05 7.02
N LYS A 74 10.82 -5.17 6.22
CA LYS A 74 10.09 -4.14 5.52
C LYS A 74 10.28 -4.40 4.04
N HIS A 75 9.45 -5.28 3.51
CA HIS A 75 9.54 -5.69 2.13
C HIS A 75 9.26 -4.57 1.15
N PHE A 76 8.21 -3.81 1.41
CA PHE A 76 7.85 -2.72 0.50
C PHE A 76 7.16 -1.58 1.22
N GLN A 77 7.12 -0.40 0.58
CA GLN A 77 6.49 0.77 1.17
C GLN A 77 5.63 1.51 0.14
N ILE A 78 4.65 2.25 0.63
CA ILE A 78 3.79 3.03 -0.25
C ILE A 78 3.76 4.49 0.20
N LEU A 79 3.94 5.42 -0.74
CA LEU A 79 3.94 6.83 -0.39
C LEU A 79 2.99 7.64 -1.26
N LEU A 80 2.38 8.65 -0.64
CA LEU A 80 1.44 9.52 -1.35
C LEU A 80 1.87 10.97 -1.19
N GLY A 81 1.91 11.70 -2.30
CA GLY A 81 2.31 13.10 -2.27
C GLY A 81 1.99 13.82 -3.57
N GLU A 82 2.73 14.89 -3.84
CA GLU A 82 2.53 15.67 -5.05
C GLU A 82 1.10 16.20 -5.12
N ASP A 83 0.70 16.66 -6.30
CA ASP A 83 -0.65 17.20 -6.49
C ASP A 83 -1.62 16.08 -6.83
N GLY A 84 -1.70 15.09 -5.96
CA GLY A 84 -2.60 13.97 -6.17
C GLY A 84 -1.86 12.70 -6.54
N ASN A 85 -2.62 11.69 -6.98
CA ASN A 85 -2.03 10.41 -7.37
C ASN A 85 -1.34 9.74 -6.19
N LEU A 86 -0.92 8.50 -6.39
CA LEU A 86 -0.24 7.74 -5.34
C LEU A 86 1.08 7.18 -5.85
N LEU A 87 1.97 6.84 -4.93
CA LEU A 87 3.27 6.29 -5.29
C LEU A 87 3.57 5.03 -4.49
N LEU A 88 4.20 4.06 -5.13
CA LEU A 88 4.56 2.80 -4.47
C LEU A 88 6.08 2.66 -4.42
N ASN A 89 6.62 2.45 -3.23
CA ASN A 89 8.06 2.32 -3.08
C ASN A 89 8.46 0.93 -2.58
N ASP A 90 9.19 0.21 -3.42
CA ASP A 90 9.67 -1.12 -3.06
C ASP A 90 10.87 -1.00 -2.11
N ILE A 91 10.97 -1.90 -1.14
CA ILE A 91 12.07 -1.85 -0.18
C ILE A 91 12.45 -3.24 0.34
N SER A 92 12.39 -4.24 -0.53
CA SER A 92 12.70 -5.59 -0.14
C SER A 92 14.12 -5.98 -0.50
N THR A 93 14.69 -6.89 0.27
CA THR A 93 16.02 -7.39 0.03
C THR A 93 16.03 -8.22 -1.25
N ASN A 94 14.91 -8.88 -1.54
CA ASN A 94 14.80 -9.74 -2.71
C ASN A 94 14.11 -9.03 -3.89
N GLY A 95 13.37 -7.96 -3.62
CA GLY A 95 12.72 -7.24 -4.69
C GLY A 95 11.21 -7.24 -4.59
N THR A 96 10.60 -6.23 -5.21
CA THR A 96 9.15 -6.07 -5.24
C THR A 96 8.67 -6.16 -6.68
N TRP A 97 7.56 -6.87 -6.90
CA TRP A 97 7.05 -7.04 -8.25
C TRP A 97 5.70 -6.38 -8.49
N LEU A 98 5.51 -5.93 -9.72
CA LEU A 98 4.27 -5.33 -10.15
C LEU A 98 3.73 -6.10 -11.35
N ASN A 99 2.61 -6.77 -11.16
CA ASN A 99 1.98 -7.55 -12.22
C ASN A 99 2.99 -8.40 -12.99
N GLY A 100 3.91 -9.05 -12.27
CA GLY A 100 4.89 -9.90 -12.90
C GLY A 100 6.13 -9.16 -13.34
N GLN A 101 6.08 -7.83 -13.34
CA GLN A 101 7.24 -7.04 -13.73
C GLN A 101 7.92 -6.44 -12.51
N LYS A 102 9.17 -6.81 -12.31
CA LYS A 102 9.95 -6.33 -11.19
C LYS A 102 10.33 -4.87 -11.37
N VAL A 103 10.03 -4.06 -10.35
CA VAL A 103 10.34 -2.64 -10.39
C VAL A 103 11.64 -2.35 -9.64
N GLU A 104 12.20 -1.17 -9.87
CA GLU A 104 13.44 -0.77 -9.21
C GLU A 104 13.20 -0.53 -7.72
N LYS A 105 14.00 -1.20 -6.89
CA LYS A 105 13.87 -1.04 -5.44
C LYS A 105 13.92 0.43 -5.05
N ASN A 106 13.43 0.71 -3.84
CA ASN A 106 13.41 2.07 -3.30
C ASN A 106 13.13 3.13 -4.37
N SER A 107 12.33 2.74 -5.35
CA SER A 107 11.98 3.63 -6.45
C SER A 107 10.49 3.99 -6.39
N ASN A 108 10.17 5.22 -6.78
CA ASN A 108 8.78 5.68 -6.78
C ASN A 108 8.11 5.40 -8.11
N GLN A 109 6.93 4.79 -8.05
CA GLN A 109 6.17 4.47 -9.25
C GLN A 109 4.74 4.97 -9.12
N LEU A 110 4.14 5.35 -10.24
CA LEU A 110 2.77 5.84 -10.24
C LEU A 110 1.79 4.70 -9.99
N LEU A 111 1.09 4.77 -8.86
CA LEU A 111 0.13 3.73 -8.49
C LEU A 111 -0.86 3.45 -9.61
N SER A 112 -1.44 2.27 -9.56
CA SER A 112 -2.43 1.84 -10.56
C SER A 112 -3.72 1.42 -9.87
N GLN A 113 -4.83 1.53 -10.57
CA GLN A 113 -6.13 1.16 -10.01
C GLN A 113 -6.23 -0.35 -9.87
N GLY A 114 -6.50 -0.81 -8.64
CA GLY A 114 -6.61 -2.22 -8.38
C GLY A 114 -5.33 -2.97 -8.74
N ASP A 115 -4.22 -2.23 -8.78
CA ASP A 115 -2.92 -2.81 -9.11
C ASP A 115 -2.60 -3.96 -8.17
N GLU A 116 -1.48 -4.63 -8.43
CA GLU A 116 -1.06 -5.76 -7.60
C GLU A 116 0.45 -5.82 -7.48
N ILE A 117 0.94 -6.05 -6.25
CA ILE A 117 2.37 -6.15 -6.01
C ILE A 117 2.73 -7.56 -5.57
N THR A 118 3.68 -8.16 -6.27
CA THR A 118 4.12 -9.51 -5.95
C THR A 118 5.48 -9.47 -5.24
N VAL A 119 5.65 -10.32 -4.24
CA VAL A 119 6.90 -10.35 -3.48
C VAL A 119 7.32 -11.77 -3.14
N GLY A 120 8.62 -11.94 -2.87
CA GLY A 120 9.15 -13.22 -2.52
C GLY A 120 9.54 -14.03 -3.73
N VAL A 121 9.90 -13.32 -4.80
CA VAL A 121 10.28 -13.96 -6.04
C VAL A 121 11.64 -14.64 -5.95
N GLY A 122 11.71 -15.81 -6.57
CA GLY A 122 12.90 -16.60 -6.58
C GLY A 122 12.56 -18.06 -6.73
N VAL A 123 11.46 -18.44 -6.10
CA VAL A 123 10.94 -19.79 -6.17
C VAL A 123 9.48 -19.76 -6.62
N GLU A 124 9.14 -20.58 -7.58
CA GLU A 124 7.78 -20.62 -8.11
C GLU A 124 6.74 -20.74 -7.00
N SER A 125 7.03 -21.55 -6.00
CA SER A 125 6.11 -21.78 -4.91
C SER A 125 6.36 -20.84 -3.71
N ASP A 126 7.27 -19.88 -3.84
CA ASP A 126 7.57 -18.98 -2.75
C ASP A 126 7.30 -17.52 -3.07
N ILE A 127 6.34 -17.31 -3.96
CA ILE A 127 5.94 -15.98 -4.35
C ILE A 127 4.58 -15.63 -3.77
N LEU A 128 4.46 -14.39 -3.32
CA LEU A 128 3.22 -13.89 -2.73
C LEU A 128 2.74 -12.65 -3.48
N SER A 129 1.44 -12.60 -3.78
CA SER A 129 0.88 -11.48 -4.51
C SER A 129 -0.03 -10.63 -3.64
N LEU A 130 -0.08 -9.36 -3.97
CA LEU A 130 -0.91 -8.39 -3.25
C LEU A 130 -1.66 -7.49 -4.21
N VAL A 131 -2.77 -6.91 -3.75
CA VAL A 131 -3.57 -6.03 -4.58
C VAL A 131 -3.77 -4.67 -3.91
N ILE A 132 -3.65 -3.61 -4.70
CA ILE A 132 -3.80 -2.27 -4.19
C ILE A 132 -5.12 -1.65 -4.65
N PHE A 133 -5.92 -1.22 -3.68
CA PHE A 133 -7.21 -0.61 -3.97
C PHE A 133 -7.20 0.87 -3.64
N ILE A 134 -7.35 1.71 -4.66
CA ILE A 134 -7.35 3.16 -4.46
C ILE A 134 -8.73 3.66 -4.08
N ASN A 135 -8.78 4.52 -3.07
CA ASN A 135 -10.04 5.10 -2.61
C ASN A 135 -10.45 6.29 -3.47
N ASP A 136 -11.54 6.13 -4.20
CA ASP A 136 -12.04 7.19 -5.08
C ASP A 136 -12.44 8.43 -4.27
N LYS A 137 -12.87 8.20 -3.03
CA LYS A 137 -13.30 9.29 -2.17
C LYS A 137 -12.15 10.26 -1.92
N PHE A 138 -10.97 9.71 -1.62
CA PHE A 138 -9.79 10.52 -1.37
C PHE A 138 -9.45 11.38 -2.58
N LYS A 139 -9.51 10.79 -3.76
CA LYS A 139 -9.21 11.51 -5.00
C LYS A 139 -10.21 12.63 -5.24
N GLN A 140 -11.45 12.40 -4.84
CA GLN A 140 -12.52 13.39 -5.01
C GLN A 140 -12.16 14.70 -4.30
N CYS A 141 -11.72 14.58 -3.05
CA CYS A 141 -11.36 15.75 -2.26
C CYS A 141 -10.13 16.45 -2.84
N LEU A 142 -9.12 15.66 -3.17
CA LEU A 142 -7.88 16.20 -3.74
C LEU A 142 -8.14 16.81 -5.11
N GLU A 143 -8.97 16.17 -5.91
CA GLU A 143 -9.30 16.65 -7.24
C GLU A 143 -9.95 18.03 -7.18
N GLN A 144 -10.84 18.21 -6.21
CA GLN A 144 -11.52 19.49 -6.05
C GLN A 144 -10.66 20.47 -5.24
N ASN A 145 -9.96 19.93 -4.24
CA ASN A 145 -9.09 20.74 -3.39
C ASN A 145 -9.76 22.05 -2.99
N LYS A 146 -11.08 22.02 -2.80
CA LYS A 146 -11.83 23.20 -2.42
C LYS A 146 -12.62 22.96 -1.13
N VAL A 147 -12.52 23.92 -0.20
CA VAL A 147 -13.23 23.80 1.06
C VAL A 147 -14.55 24.57 1.03
N ASP A 148 -15.58 24.00 1.65
CA ASP A 148 -16.89 24.62 1.69
C ASP A 148 -17.77 23.98 2.76
N ARG A 149 -17.73 22.65 2.84
CA ARG A 149 -18.52 21.92 3.82
C ARG A 149 -17.64 21.42 4.96
N ILE A 150 -17.61 22.16 6.06
CA ILE A 150 -16.79 21.79 7.22
C ILE A 150 -17.64 21.06 8.25
N ARG A 151 -17.06 20.03 8.86
CA ARG A 151 -17.76 19.26 9.88
C ARG A 151 -16.85 18.99 11.07
N ASN B 1 25.93 -10.08 7.14
CA ASN B 1 24.84 -10.71 6.34
C ASN B 1 23.49 -10.56 7.04
N ILE B 2 22.55 -9.89 6.37
CA ILE B 2 21.22 -9.67 6.92
C ILE B 2 20.14 -10.05 5.91
N TPO B 3 19.10 -10.73 6.39
CA TPO B 3 17.99 -11.16 5.54
CB TPO B 3 17.25 -9.94 4.95
CG2 TPO B 3 16.12 -10.38 4.02
OG1 TPO B 3 16.72 -9.14 5.98
P TPO B 3 15.80 -9.82 7.04
O1P TPO B 3 16.75 -10.21 8.20
O2P TPO B 3 14.86 -8.69 7.51
O3P TPO B 3 15.04 -11.00 6.49
C TPO B 3 18.49 -12.04 4.40
O TPO B 3 18.89 -11.54 3.35
H TPO B 3 19.07 -10.93 7.36
HA TPO B 3 17.30 -11.72 6.14
HB TPO B 3 17.95 -9.35 4.37
HG21 TPO B 3 16.32 -10.06 3.02
HG22 TPO B 3 15.19 -9.96 4.36
HG23 TPO B 3 16.04 -11.46 4.04
N GLN B 4 18.49 -13.35 4.63
CA GLN B 4 18.94 -14.30 3.63
C GLN B 4 18.14 -14.17 2.33
N PRO B 5 18.76 -13.66 1.25
CA PRO B 5 18.09 -13.49 -0.04
C PRO B 5 17.89 -14.81 -0.77
N THR B 6 17.51 -14.73 -2.05
CA THR B 6 17.29 -15.91 -2.86
C THR B 6 18.57 -16.34 -3.56
N GLN B 7 18.74 -17.64 -3.74
CA GLN B 7 19.93 -18.17 -4.40
C GLN B 7 19.83 -17.98 -5.92
N GLN B 8 20.36 -16.87 -6.40
CA GLN B 8 20.33 -16.56 -7.83
C GLN B 8 21.27 -15.40 -8.16
N SER B 9 21.65 -15.28 -9.42
CA SER B 9 22.53 -14.21 -9.86
C SER B 9 21.83 -13.30 -10.87
N THR B 10 21.24 -12.22 -10.37
CA THR B 10 20.54 -11.27 -11.22
C THR B 10 19.38 -11.95 -11.94
N ALA A 1 -18.24 12.27 21.14
CA ALA A 1 -17.86 10.97 21.74
C ALA A 1 -16.41 10.63 21.46
N THR A 2 -15.76 9.99 22.43
CA THR A 2 -14.35 9.62 22.28
C THR A 2 -14.17 8.12 22.50
N GLN A 3 -14.44 7.66 23.71
CA GLN A 3 -14.30 6.25 24.04
C GLN A 3 -15.40 5.42 23.39
N ARG A 4 -16.63 5.94 23.42
CA ARG A 4 -17.77 5.25 22.83
C ARG A 4 -17.55 5.02 21.34
N PHE A 5 -16.98 6.01 20.67
CA PHE A 5 -16.72 5.92 19.24
C PHE A 5 -15.78 4.75 18.93
N LEU A 6 -14.77 4.57 19.78
CA LEU A 6 -13.80 3.49 19.60
C LEU A 6 -14.49 2.13 19.65
N ILE A 7 -15.38 1.95 20.63
CA ILE A 7 -16.11 0.71 20.79
C ILE A 7 -17.08 0.48 19.63
N GLU A 8 -17.67 1.56 19.13
CA GLU A 8 -18.61 1.46 18.03
C GLU A 8 -17.96 0.78 16.83
N LYS A 9 -16.68 1.04 16.63
CA LYS A 9 -15.94 0.44 15.53
C LYS A 9 -15.78 -1.06 15.74
N PHE A 10 -15.86 -1.49 17.00
CA PHE A 10 -15.72 -2.90 17.34
C PHE A 10 -16.74 -3.76 16.61
N SER A 11 -17.99 -3.31 16.63
CA SER A 11 -19.07 -4.02 15.97
C SER A 11 -18.94 -3.92 14.45
N GLN A 12 -18.65 -2.72 13.97
CA GLN A 12 -18.50 -2.48 12.53
C GLN A 12 -17.63 -1.26 12.27
N GLU A 13 -16.73 -1.38 11.30
CA GLU A 13 -15.83 -0.29 10.95
C GLU A 13 -16.37 0.50 9.76
N GLN A 14 -16.37 1.83 9.89
CA GLN A 14 -16.87 2.70 8.84
C GLN A 14 -15.75 3.04 7.85
N ILE A 15 -15.83 2.47 6.66
CA ILE A 15 -14.83 2.70 5.63
C ILE A 15 -15.09 3.99 4.87
N GLY A 16 -14.03 4.71 4.62
CA GLY A 16 -14.12 5.97 3.91
C GLY A 16 -13.90 7.17 4.81
N GLU A 17 -13.04 7.00 5.83
CA GLU A 17 -12.76 8.07 6.77
C GLU A 17 -11.78 9.07 6.16
N ASN A 18 -10.74 8.57 5.51
CA ASN A 18 -9.73 9.41 4.88
C ASN A 18 -8.67 8.50 4.30
N ILE A 19 -9.15 7.41 3.76
CA ILE A 19 -8.33 6.37 3.20
C ILE A 19 -7.70 6.79 1.88
N VAL A 20 -6.42 6.48 1.75
CA VAL A 20 -5.66 6.77 0.59
C VAL A 20 -5.70 5.60 -0.38
N CYS A 21 -5.25 4.46 0.11
CA CYS A 21 -5.23 3.22 -0.68
C CYS A 21 -5.46 2.02 0.22
N ARG A 22 -5.77 0.87 -0.39
CA ARG A 22 -6.02 -0.35 0.37
C ARG A 22 -5.18 -1.51 -0.13
N VAL A 23 -4.62 -2.30 0.78
CA VAL A 23 -3.80 -3.45 0.42
C VAL A 23 -4.57 -4.74 0.65
N ILE A 24 -4.72 -5.53 -0.41
CA ILE A 24 -5.44 -6.79 -0.33
C ILE A 24 -4.64 -7.95 -0.92
N CYS A 25 -4.34 -8.94 -0.09
CA CYS A 25 -3.58 -10.11 -0.53
C CYS A 25 -4.49 -11.09 -1.27
N THR A 26 -4.31 -11.16 -2.59
CA THR A 26 -5.13 -12.04 -3.43
C THR A 26 -4.76 -13.51 -3.22
N THR A 27 -3.53 -13.76 -2.80
CA THR A 27 -3.07 -15.13 -2.58
C THR A 27 -3.55 -15.67 -1.23
N GLY A 28 -4.25 -14.83 -0.47
CA GLY A 28 -4.76 -15.25 0.82
C GLY A 28 -3.66 -15.63 1.79
N GLN A 29 -2.99 -14.62 2.35
CA GLN A 29 -1.91 -14.86 3.31
C GLN A 29 -1.88 -13.76 4.36
N ILE A 30 -2.01 -12.52 3.91
CA ILE A 30 -1.99 -11.37 4.80
C ILE A 30 -3.37 -10.71 4.86
N PRO A 31 -3.80 -10.24 6.05
CA PRO A 31 -5.11 -9.59 6.21
C PRO A 31 -5.15 -8.20 5.59
N ILE A 32 -6.24 -7.89 4.91
CA ILE A 32 -6.41 -6.60 4.26
C ILE A 32 -6.25 -5.45 5.25
N ARG A 33 -5.54 -4.42 4.82
CA ARG A 33 -5.31 -3.24 5.66
C ARG A 33 -5.77 -1.98 4.93
N ASP A 34 -5.93 -0.89 5.67
CA ASP A 34 -6.37 0.37 5.09
C ASP A 34 -5.33 1.48 5.27
N LEU A 35 -4.86 2.01 4.16
CA LEU A 35 -3.88 3.10 4.18
C LEU A 35 -4.63 4.42 4.07
N SER A 36 -4.38 5.34 5.00
CA SER A 36 -5.06 6.62 4.95
C SER A 36 -4.15 7.79 5.24
N ALA A 37 -4.58 8.93 4.76
CA ALA A 37 -3.86 10.18 4.94
C ALA A 37 -4.80 11.37 4.96
N ASP A 38 -4.47 12.38 5.76
CA ASP A 38 -5.30 13.56 5.89
C ASP A 38 -5.13 14.47 4.66
N ILE A 39 -6.26 14.85 4.08
CA ILE A 39 -6.28 15.70 2.90
C ILE A 39 -5.72 17.10 3.17
N SER A 40 -6.14 17.68 4.29
CA SER A 40 -5.69 19.02 4.66
C SER A 40 -4.18 19.07 4.75
N GLN A 41 -3.60 18.02 5.29
CA GLN A 41 -2.16 17.92 5.45
C GLN A 41 -1.49 17.77 4.09
N VAL A 42 -2.14 17.05 3.19
CA VAL A 42 -1.60 16.83 1.85
C VAL A 42 -1.67 18.12 1.01
N LEU A 43 -2.77 18.86 1.18
CA LEU A 43 -2.95 20.10 0.43
C LEU A 43 -1.98 21.17 0.92
N LYS A 44 -1.61 21.10 2.19
CA LYS A 44 -0.68 22.06 2.77
C LYS A 44 0.75 21.76 2.36
N GLU A 45 1.19 20.53 2.60
CA GLU A 45 2.54 20.12 2.24
C GLU A 45 2.68 19.95 0.73
N LYS A 46 3.55 20.76 0.13
CA LYS A 46 3.78 20.71 -1.31
C LYS A 46 5.26 20.46 -1.64
N ARG A 47 6.09 20.40 -0.60
CA ARG A 47 7.52 20.17 -0.80
C ARG A 47 7.97 18.89 -0.08
N SER A 48 7.44 18.69 1.13
CA SER A 48 7.78 17.50 1.91
C SER A 48 6.75 16.39 1.72
N ILE A 49 7.15 15.16 1.99
CA ILE A 49 6.26 14.02 1.84
C ILE A 49 5.09 14.11 2.81
N LYS A 50 3.95 13.55 2.42
CA LYS A 50 2.75 13.57 3.26
C LYS A 50 2.74 12.38 4.21
N LYS A 51 2.57 11.19 3.66
CA LYS A 51 2.53 9.97 4.48
C LYS A 51 2.95 8.75 3.66
N VAL A 52 3.76 7.89 4.28
CA VAL A 52 4.23 6.69 3.61
C VAL A 52 4.04 5.46 4.47
N TRP A 53 3.61 4.38 3.83
CA TRP A 53 3.39 3.10 4.52
C TRP A 53 4.49 2.09 4.23
N THR A 54 4.90 1.35 5.25
CA THR A 54 5.90 0.31 5.07
C THR A 54 5.27 -1.06 5.30
N PHE A 55 5.52 -1.98 4.38
CA PHE A 55 4.96 -3.33 4.46
C PHE A 55 6.05 -4.39 4.55
N GLY A 56 5.78 -5.46 5.30
CA GLY A 56 6.75 -6.53 5.45
C GLY A 56 6.48 -7.40 6.65
N ARG A 57 7.45 -8.25 6.99
CA ARG A 57 7.33 -9.16 8.13
C ARG A 57 7.63 -8.45 9.45
N ASN A 58 7.88 -7.16 9.40
CA ASN A 58 8.18 -6.39 10.61
C ASN A 58 6.91 -5.93 11.31
N PRO A 59 6.82 -6.14 12.63
CA PRO A 59 5.64 -5.73 13.42
C PRO A 59 5.49 -4.22 13.46
N ALA A 60 6.55 -3.52 13.07
CA ALA A 60 6.54 -2.08 13.03
C ALA A 60 5.91 -1.62 11.75
N CYS A 61 6.31 -2.31 10.69
CA CYS A 61 5.82 -2.03 9.37
C CYS A 61 4.33 -1.75 9.38
N ASP A 62 3.94 -0.77 8.60
CA ASP A 62 2.54 -0.40 8.51
C ASP A 62 1.71 -1.61 8.08
N TYR A 63 2.37 -2.63 7.51
CA TYR A 63 1.67 -3.83 7.07
C TYR A 63 2.37 -5.08 7.61
N HIS A 64 1.68 -5.82 8.48
CA HIS A 64 2.23 -7.03 9.05
C HIS A 64 1.91 -8.24 8.17
N LEU A 65 2.93 -8.75 7.48
CA LEU A 65 2.75 -9.89 6.61
C LEU A 65 2.72 -11.20 7.39
N GLY A 66 3.89 -11.69 7.77
CA GLY A 66 3.97 -12.93 8.52
C GLY A 66 5.39 -13.25 8.95
N ASN A 67 6.10 -13.99 8.12
CA ASN A 67 7.48 -14.37 8.43
C ASN A 67 8.10 -15.19 7.31
N ILE A 68 7.92 -14.72 6.08
CA ILE A 68 8.46 -15.42 4.91
C ILE A 68 9.92 -15.02 4.67
N SER A 69 10.81 -16.01 4.73
CA SER A 69 12.23 -15.77 4.53
C SER A 69 12.49 -15.06 3.21
N ARG A 70 11.64 -15.30 2.22
CA ARG A 70 11.78 -14.68 0.91
C ARG A 70 11.50 -13.18 0.98
N LEU A 71 10.70 -12.78 1.96
CA LEU A 71 10.36 -11.36 2.13
C LEU A 71 11.15 -10.75 3.28
N SER A 72 11.41 -9.45 3.20
CA SER A 72 12.16 -8.75 4.23
C SER A 72 11.23 -8.10 5.26
N ASN A 73 11.80 -7.73 6.43
CA ASN A 73 11.02 -7.09 7.49
C ASN A 73 10.07 -6.06 6.89
N LYS A 74 10.64 -5.19 6.07
CA LYS A 74 9.89 -4.16 5.37
C LYS A 74 10.11 -4.40 3.89
N HIS A 75 9.34 -5.32 3.34
CA HIS A 75 9.47 -5.72 1.95
C HIS A 75 9.22 -4.57 1.00
N PHE A 76 8.16 -3.83 1.23
CA PHE A 76 7.82 -2.71 0.35
C PHE A 76 7.22 -1.54 1.12
N GLN A 77 7.29 -0.36 0.53
CA GLN A 77 6.78 0.85 1.17
C GLN A 77 5.98 1.70 0.18
N ILE A 78 4.85 2.25 0.62
CA ILE A 78 4.04 3.10 -0.25
C ILE A 78 4.05 4.55 0.22
N LEU A 79 4.35 5.48 -0.68
CA LEU A 79 4.39 6.89 -0.33
C LEU A 79 3.28 7.67 -1.04
N LEU A 80 2.73 8.65 -0.33
CA LEU A 80 1.67 9.48 -0.88
C LEU A 80 2.08 10.95 -0.85
N GLY A 81 1.93 11.63 -1.98
CA GLY A 81 2.29 13.03 -2.07
C GLY A 81 2.44 13.50 -3.51
N GLU A 82 3.64 13.97 -3.85
CA GLU A 82 3.92 14.45 -5.19
C GLU A 82 3.07 15.68 -5.52
N ASP A 83 1.81 15.47 -5.87
CA ASP A 83 0.91 16.56 -6.20
C ASP A 83 -0.54 16.09 -6.18
N GLY A 84 -0.86 15.20 -5.24
CA GLY A 84 -2.22 14.69 -5.14
C GLY A 84 -2.36 13.30 -5.71
N ASN A 85 -1.26 12.55 -5.74
CA ASN A 85 -1.27 11.19 -6.27
C ASN A 85 -0.63 10.22 -5.29
N LEU A 86 -0.54 8.96 -5.69
CA LEU A 86 0.05 7.93 -4.84
C LEU A 86 1.27 7.31 -5.51
N LEU A 87 2.27 6.97 -4.70
CA LEU A 87 3.50 6.37 -5.22
C LEU A 87 3.80 5.08 -4.48
N LEU A 88 4.37 4.11 -5.19
CA LEU A 88 4.72 2.83 -4.60
C LEU A 88 6.23 2.67 -4.56
N ASN A 89 6.78 2.42 -3.38
CA ASN A 89 8.22 2.28 -3.24
C ASN A 89 8.61 0.90 -2.74
N ASP A 90 9.32 0.15 -3.57
CA ASP A 90 9.78 -1.17 -3.19
C ASP A 90 10.98 -1.05 -2.25
N ILE A 91 11.02 -1.90 -1.23
CA ILE A 91 12.11 -1.85 -0.26
C ILE A 91 12.45 -3.24 0.30
N SER A 92 12.43 -4.26 -0.55
CA SER A 92 12.71 -5.60 -0.13
C SER A 92 14.15 -5.99 -0.43
N THR A 93 14.68 -6.91 0.37
CA THR A 93 16.02 -7.41 0.16
C THR A 93 16.09 -8.24 -1.11
N ASN A 94 14.97 -8.92 -1.42
CA ASN A 94 14.89 -9.77 -2.61
C ASN A 94 14.23 -9.08 -3.80
N GLY A 95 13.47 -8.02 -3.56
CA GLY A 95 12.84 -7.31 -4.64
C GLY A 95 11.32 -7.30 -4.57
N THR A 96 10.73 -6.31 -5.22
CA THR A 96 9.28 -6.15 -5.29
C THR A 96 8.81 -6.27 -6.72
N TRP A 97 7.70 -6.96 -6.95
CA TRP A 97 7.20 -7.16 -8.30
C TRP A 97 5.86 -6.50 -8.56
N LEU A 98 5.69 -6.08 -9.81
CA LEU A 98 4.45 -5.47 -10.25
C LEU A 98 3.92 -6.27 -11.44
N ASN A 99 2.78 -6.92 -11.25
CA ASN A 99 2.16 -7.72 -12.30
C ASN A 99 3.17 -8.60 -13.05
N GLY A 100 4.08 -9.23 -12.30
CA GLY A 100 5.06 -10.09 -12.93
C GLY A 100 6.31 -9.37 -13.36
N GLN A 101 6.27 -8.04 -13.39
CA GLN A 101 7.43 -7.26 -13.79
C GLN A 101 8.09 -6.64 -12.57
N LYS A 102 9.34 -7.01 -12.34
CA LYS A 102 10.10 -6.51 -11.22
C LYS A 102 10.47 -5.04 -11.42
N VAL A 103 10.14 -4.22 -10.42
CA VAL A 103 10.44 -2.79 -10.46
C VAL A 103 11.75 -2.47 -9.74
N GLU A 104 12.28 -1.28 -9.98
CA GLU A 104 13.52 -0.86 -9.36
C GLU A 104 13.30 -0.60 -7.86
N LYS A 105 14.09 -1.27 -7.03
CA LYS A 105 13.98 -1.11 -5.59
C LYS A 105 14.04 0.36 -5.20
N ASN A 106 13.60 0.66 -3.99
CA ASN A 106 13.57 2.03 -3.46
C ASN A 106 13.29 3.06 -4.54
N SER A 107 12.45 2.68 -5.49
CA SER A 107 12.07 3.57 -6.59
C SER A 107 10.61 3.97 -6.50
N ASN A 108 10.31 5.21 -6.89
CA ASN A 108 8.95 5.73 -6.85
C ASN A 108 8.20 5.39 -8.14
N GLN A 109 7.01 4.82 -8.00
CA GLN A 109 6.21 4.44 -9.16
C GLN A 109 4.79 4.98 -9.01
N LEU A 110 4.18 5.35 -10.13
CA LEU A 110 2.81 5.86 -10.12
C LEU A 110 1.83 4.74 -9.85
N LEU A 111 0.99 4.92 -8.82
CA LEU A 111 0.02 3.90 -8.45
C LEU A 111 -0.92 3.58 -9.61
N SER A 112 -1.47 2.38 -9.55
CA SER A 112 -2.39 1.90 -10.57
C SER A 112 -3.71 1.45 -9.94
N GLN A 113 -4.79 1.52 -10.70
CA GLN A 113 -6.10 1.12 -10.20
C GLN A 113 -6.15 -0.40 -10.05
N GLY A 114 -6.44 -0.85 -8.82
CA GLY A 114 -6.50 -2.27 -8.56
C GLY A 114 -5.17 -2.96 -8.85
N ASP A 115 -4.09 -2.18 -8.84
CA ASP A 115 -2.76 -2.69 -9.10
C ASP A 115 -2.45 -3.89 -8.21
N GLU A 116 -1.35 -4.56 -8.51
CA GLU A 116 -0.94 -5.73 -7.74
C GLU A 116 0.58 -5.81 -7.63
N ILE A 117 1.06 -6.10 -6.43
CA ILE A 117 2.50 -6.23 -6.19
C ILE A 117 2.85 -7.64 -5.73
N THR A 118 3.82 -8.25 -6.40
CA THR A 118 4.24 -9.59 -6.06
C THR A 118 5.57 -9.55 -5.32
N VAL A 119 5.72 -10.42 -4.32
CA VAL A 119 6.95 -10.44 -3.53
C VAL A 119 7.38 -11.86 -3.20
N GLY A 120 8.67 -12.02 -2.89
CA GLY A 120 9.20 -13.32 -2.56
C GLY A 120 9.50 -14.14 -3.79
N VAL A 121 10.12 -13.49 -4.78
CA VAL A 121 10.44 -14.14 -6.02
C VAL A 121 11.78 -14.87 -5.97
N GLY A 122 11.80 -16.03 -6.58
CA GLY A 122 12.97 -16.87 -6.62
C GLY A 122 12.56 -18.32 -6.75
N VAL A 123 11.47 -18.64 -6.07
CA VAL A 123 10.89 -19.96 -6.09
C VAL A 123 9.42 -19.85 -6.47
N GLU A 124 9.03 -20.49 -7.56
CA GLU A 124 7.65 -20.44 -8.04
C GLU A 124 6.67 -20.76 -6.91
N SER A 125 7.09 -21.58 -5.97
CA SER A 125 6.25 -21.96 -4.86
C SER A 125 6.44 -21.07 -3.63
N ASP A 126 7.21 -19.99 -3.77
CA ASP A 126 7.45 -19.12 -2.63
C ASP A 126 7.24 -17.64 -2.95
N ILE A 127 6.33 -17.39 -3.86
CA ILE A 127 5.98 -16.04 -4.25
C ILE A 127 4.60 -15.67 -3.71
N LEU A 128 4.50 -14.45 -3.23
CA LEU A 128 3.24 -13.93 -2.67
C LEU A 128 2.79 -12.68 -3.42
N SER A 129 1.51 -12.63 -3.76
CA SER A 129 0.97 -11.48 -4.49
C SER A 129 0.06 -10.62 -3.62
N LEU A 130 0.05 -9.35 -3.96
CA LEU A 130 -0.75 -8.36 -3.23
C LEU A 130 -1.48 -7.44 -4.21
N VAL A 131 -2.66 -6.98 -3.83
CA VAL A 131 -3.45 -6.09 -4.67
C VAL A 131 -3.71 -4.75 -3.98
N ILE A 132 -3.63 -3.66 -4.74
CA ILE A 132 -3.83 -2.34 -4.22
C ILE A 132 -5.17 -1.78 -4.67
N PHE A 133 -5.95 -1.30 -3.70
CA PHE A 133 -7.26 -0.73 -3.99
C PHE A 133 -7.29 0.77 -3.66
N ILE A 134 -7.46 1.59 -4.69
CA ILE A 134 -7.49 3.03 -4.51
C ILE A 134 -8.89 3.52 -4.13
N ASN A 135 -8.94 4.38 -3.12
CA ASN A 135 -10.22 4.92 -2.66
C ASN A 135 -10.64 6.12 -3.51
N ASP A 136 -11.69 5.94 -4.30
CA ASP A 136 -12.19 7.00 -5.16
C ASP A 136 -12.68 8.19 -4.34
N LYS A 137 -13.07 7.93 -3.10
CA LYS A 137 -13.55 8.99 -2.23
C LYS A 137 -12.48 10.04 -2.00
N PHE A 138 -11.27 9.58 -1.73
CA PHE A 138 -10.14 10.48 -1.50
C PHE A 138 -9.89 11.37 -2.71
N LYS A 139 -9.93 10.77 -3.90
CA LYS A 139 -9.70 11.51 -5.14
C LYS A 139 -10.81 12.52 -5.37
N GLN A 140 -12.04 12.14 -5.05
CA GLN A 140 -13.19 13.02 -5.23
C GLN A 140 -13.02 14.31 -4.43
N CYS A 141 -12.57 14.19 -3.19
CA CYS A 141 -12.37 15.34 -2.32
C CYS A 141 -11.22 16.21 -2.84
N LEU A 142 -10.15 15.57 -3.27
CA LEU A 142 -8.98 16.28 -3.78
C LEU A 142 -9.31 16.99 -5.09
N GLU A 143 -10.14 16.37 -5.91
CA GLU A 143 -10.53 16.95 -7.19
C GLU A 143 -11.33 18.23 -6.99
N GLN A 144 -12.20 18.24 -5.98
CA GLN A 144 -13.02 19.41 -5.68
C GLN A 144 -12.29 20.37 -4.75
N ASN A 145 -11.54 19.81 -3.80
CA ASN A 145 -10.78 20.60 -2.83
C ASN A 145 -11.64 21.74 -2.26
N LYS A 146 -11.00 22.60 -1.47
CA LYS A 146 -11.69 23.73 -0.86
C LYS A 146 -11.07 25.06 -1.27
N VAL A 147 -11.88 26.12 -1.27
CA VAL A 147 -11.40 27.44 -1.65
C VAL A 147 -10.80 28.17 -0.45
N ASP A 148 -9.68 28.85 -0.69
CA ASP A 148 -9.01 29.59 0.38
C ASP A 148 -8.87 31.07 0.00
N ARG A 149 -8.88 31.93 1.01
CA ARG A 149 -8.75 33.37 0.79
C ARG A 149 -7.37 33.71 0.24
N ILE A 150 -6.35 33.48 1.04
CA ILE A 150 -4.98 33.77 0.64
C ILE A 150 -4.29 32.53 0.08
N ARG A 151 -3.73 32.65 -1.11
CA ARG A 151 -3.04 31.53 -1.76
C ARG A 151 -2.14 32.03 -2.89
N ASN B 1 24.89 -13.23 8.25
CA ASN B 1 24.11 -12.64 7.13
C ASN B 1 22.72 -12.21 7.59
N ILE B 2 22.28 -11.05 7.11
CA ILE B 2 20.97 -10.53 7.48
C ILE B 2 19.95 -10.79 6.37
N TPO B 3 18.74 -11.20 6.78
CA TPO B 3 17.68 -11.49 5.83
CB TPO B 3 17.35 -10.26 4.96
CG2 TPO B 3 16.26 -10.57 3.93
OG1 TPO B 3 16.95 -9.18 5.77
P TPO B 3 15.75 -9.41 6.74
O1P TPO B 3 16.41 -9.67 8.12
O2P TPO B 3 15.02 -8.05 6.79
O3P TPO B 3 14.85 -10.55 6.32
C TPO B 3 18.06 -12.66 4.92
O TPO B 3 19.23 -12.87 4.63
H TPO B 3 18.57 -11.30 7.74
HA TPO B 3 16.79 -11.75 6.39
HB TPO B 3 18.25 -9.96 4.42
HG21 TPO B 3 15.69 -9.68 3.73
HG22 TPO B 3 15.61 -11.34 4.34
HG23 TPO B 3 16.72 -10.92 3.02
N GLN B 4 17.06 -13.41 4.49
CA GLN B 4 17.29 -14.57 3.62
C GLN B 4 17.13 -14.18 2.15
N PRO B 5 18.26 -14.07 1.42
CA PRO B 5 18.24 -13.71 0.00
C PRO B 5 17.78 -14.86 -0.89
N THR B 6 17.61 -14.59 -2.18
CA THR B 6 17.18 -15.59 -3.14
C THR B 6 17.72 -15.28 -4.52
N GLN B 7 18.00 -16.33 -5.30
CA GLN B 7 18.51 -16.17 -6.65
C GLN B 7 17.54 -15.37 -7.52
N GLN B 8 17.94 -15.11 -8.76
CA GLN B 8 17.10 -14.36 -9.68
C GLN B 8 16.98 -15.09 -11.02
N SER B 9 15.87 -14.87 -11.70
CA SER B 9 15.63 -15.51 -13.00
C SER B 9 16.33 -14.75 -14.12
N THR B 10 16.61 -15.45 -15.22
CA THR B 10 17.28 -14.83 -16.36
C THR B 10 16.26 -14.37 -17.40
N ALA A 1 -8.76 10.03 23.59
CA ALA A 1 -7.34 10.44 23.69
C ALA A 1 -6.60 10.19 22.39
N THR A 2 -5.39 10.73 22.28
CA THR A 2 -4.57 10.56 21.08
C THR A 2 -4.12 9.12 20.92
N GLN A 3 -3.53 8.57 21.97
CA GLN A 3 -3.05 7.18 21.93
C GLN A 3 -4.23 6.21 21.96
N ARG A 4 -5.23 6.53 22.77
CA ARG A 4 -6.41 5.67 22.89
C ARG A 4 -7.10 5.51 21.54
N PHE A 5 -7.09 6.58 20.74
CA PHE A 5 -7.70 6.55 19.42
C PHE A 5 -7.05 5.48 18.55
N LEU A 6 -5.74 5.33 18.69
CA LEU A 6 -4.99 4.34 17.93
C LEU A 6 -5.42 2.93 18.31
N ILE A 7 -5.77 2.75 19.57
CA ILE A 7 -6.21 1.44 20.06
C ILE A 7 -7.61 1.12 19.55
N GLU A 8 -8.45 2.14 19.44
CA GLU A 8 -9.81 1.96 18.96
C GLU A 8 -9.81 1.32 17.58
N LYS A 9 -8.90 1.78 16.73
CA LYS A 9 -8.78 1.24 15.38
C LYS A 9 -8.30 -0.21 15.41
N PHE A 10 -7.62 -0.58 16.50
CA PHE A 10 -7.11 -1.93 16.65
C PHE A 10 -8.22 -2.97 16.54
N SER A 11 -9.32 -2.72 17.24
CA SER A 11 -10.46 -3.63 17.22
C SER A 11 -11.16 -3.59 15.87
N GLN A 12 -11.40 -2.39 15.35
CA GLN A 12 -12.05 -2.22 14.06
C GLN A 12 -11.53 -0.99 13.34
N GLU A 13 -11.31 -1.12 12.03
CA GLU A 13 -10.81 -0.01 11.23
C GLU A 13 -11.97 0.72 10.54
N GLN A 14 -11.96 2.05 10.63
CA GLN A 14 -13.00 2.86 10.01
C GLN A 14 -12.74 3.03 8.52
N ILE A 15 -13.53 2.34 7.70
CA ILE A 15 -13.42 2.39 6.29
C ILE A 15 -14.12 3.62 5.73
N GLY A 16 -13.45 4.28 4.80
CA GLY A 16 -14.01 5.47 4.18
C GLY A 16 -13.90 6.69 5.06
N GLU A 17 -12.95 6.66 6.00
CA GLU A 17 -12.75 7.77 6.91
C GLU A 17 -11.76 8.78 6.32
N ASN A 18 -10.76 8.29 5.61
CA ASN A 18 -9.75 9.14 4.99
C ASN A 18 -8.70 8.24 4.38
N ILE A 19 -9.20 7.17 3.79
CA ILE A 19 -8.38 6.16 3.20
C ILE A 19 -7.75 6.60 1.90
N VAL A 20 -6.47 6.30 1.77
CA VAL A 20 -5.70 6.64 0.61
C VAL A 20 -5.72 5.50 -0.38
N CYS A 21 -5.23 4.35 0.06
CA CYS A 21 -5.20 3.14 -0.75
C CYS A 21 -5.43 1.90 0.10
N ARG A 22 -5.79 0.80 -0.53
CA ARG A 22 -6.04 -0.45 0.19
C ARG A 22 -5.22 -1.60 -0.39
N VAL A 23 -4.67 -2.43 0.50
CA VAL A 23 -3.87 -3.57 0.07
C VAL A 23 -4.59 -4.88 0.37
N ILE A 24 -4.81 -5.68 -0.66
CA ILE A 24 -5.52 -6.94 -0.53
C ILE A 24 -4.69 -8.11 -1.06
N CYS A 25 -4.43 -9.09 -0.20
CA CYS A 25 -3.66 -10.26 -0.59
C CYS A 25 -4.56 -11.25 -1.36
N THR A 26 -4.46 -11.22 -2.68
CA THR A 26 -5.27 -12.09 -3.53
C THR A 26 -4.88 -13.56 -3.38
N THR A 27 -3.64 -13.82 -2.96
CA THR A 27 -3.16 -15.18 -2.80
C THR A 27 -3.65 -15.79 -1.48
N GLY A 28 -4.36 -14.99 -0.69
CA GLY A 28 -4.87 -15.48 0.58
C GLY A 28 -3.78 -15.92 1.53
N GLN A 29 -3.14 -14.94 2.17
CA GLN A 29 -2.06 -15.22 3.11
C GLN A 29 -2.03 -14.18 4.22
N ILE A 30 -2.19 -12.92 3.84
CA ILE A 30 -2.18 -11.82 4.80
C ILE A 30 -3.54 -11.11 4.83
N PRO A 31 -4.00 -10.67 6.02
CA PRO A 31 -5.29 -9.99 6.16
C PRO A 31 -5.27 -8.60 5.54
N ILE A 32 -6.35 -8.25 4.86
CA ILE A 32 -6.47 -6.95 4.20
C ILE A 32 -6.27 -5.80 5.19
N ARG A 33 -5.67 -4.71 4.71
CA ARG A 33 -5.42 -3.53 5.51
C ARG A 33 -5.82 -2.27 4.74
N ASP A 34 -5.96 -1.15 5.45
CA ASP A 34 -6.35 0.09 4.80
C ASP A 34 -5.35 1.22 5.08
N LEU A 35 -4.77 1.76 4.01
CA LEU A 35 -3.83 2.86 4.12
C LEU A 35 -4.59 4.17 4.03
N SER A 36 -4.40 5.06 5.00
CA SER A 36 -5.10 6.33 4.98
C SER A 36 -4.21 7.51 5.32
N ALA A 37 -4.67 8.66 4.86
CA ALA A 37 -3.96 9.92 5.10
C ALA A 37 -4.95 11.08 5.22
N ASP A 38 -4.55 12.12 5.95
CA ASP A 38 -5.41 13.28 6.14
C ASP A 38 -5.28 14.26 4.98
N ILE A 39 -6.41 14.81 4.56
CA ILE A 39 -6.46 15.77 3.45
C ILE A 39 -5.71 17.06 3.79
N SER A 40 -5.93 17.57 4.99
CA SER A 40 -5.30 18.81 5.42
C SER A 40 -3.78 18.69 5.32
N GLN A 41 -3.28 17.51 5.62
CA GLN A 41 -1.86 17.23 5.56
C GLN A 41 -1.38 17.24 4.11
N VAL A 42 -2.22 16.74 3.22
CA VAL A 42 -1.89 16.69 1.80
C VAL A 42 -1.94 18.08 1.18
N LEU A 43 -2.99 18.84 1.47
CA LEU A 43 -3.13 20.18 0.94
C LEU A 43 -2.13 21.14 1.58
N LYS A 44 -1.72 20.83 2.82
CA LYS A 44 -0.78 21.65 3.54
C LYS A 44 0.63 21.49 2.98
N GLU A 45 1.03 20.25 2.75
CA GLU A 45 2.36 19.96 2.22
C GLU A 45 2.46 20.39 0.76
N LYS A 46 3.59 21.01 0.41
CA LYS A 46 3.81 21.47 -0.95
C LYS A 46 4.78 20.56 -1.69
N ARG A 47 4.25 19.54 -2.35
CA ARG A 47 5.07 18.57 -3.10
C ARG A 47 6.31 18.16 -2.30
N SER A 48 6.10 17.84 -1.03
CA SER A 48 7.20 17.42 -0.17
C SER A 48 6.79 16.24 0.71
N ILE A 49 6.27 15.18 0.07
CA ILE A 49 5.82 13.98 0.76
C ILE A 49 4.85 14.30 1.90
N LYS A 50 4.05 13.31 2.29
CA LYS A 50 3.08 13.50 3.36
C LYS A 50 3.02 12.28 4.27
N LYS A 51 2.59 11.14 3.73
CA LYS A 51 2.49 9.92 4.51
C LYS A 51 2.90 8.70 3.70
N VAL A 52 3.71 7.84 4.30
CA VAL A 52 4.18 6.64 3.63
C VAL A 52 4.02 5.40 4.50
N TRP A 53 3.59 4.32 3.87
CA TRP A 53 3.39 3.05 4.56
C TRP A 53 4.53 2.07 4.29
N THR A 54 4.95 1.35 5.33
CA THR A 54 6.01 0.36 5.17
C THR A 54 5.45 -1.04 5.47
N PHE A 55 5.66 -1.94 4.51
CA PHE A 55 5.20 -3.32 4.63
C PHE A 55 6.36 -4.28 4.80
N GLY A 56 6.16 -5.34 5.57
CA GLY A 56 7.21 -6.31 5.78
C GLY A 56 7.01 -7.19 7.00
N ARG A 57 7.95 -8.11 7.21
CA ARG A 57 7.90 -9.04 8.34
C ARG A 57 8.10 -8.33 9.68
N ASN A 58 8.44 -7.05 9.64
CA ASN A 58 8.67 -6.29 10.87
C ASN A 58 7.36 -5.77 11.44
N PRO A 59 7.15 -5.92 12.77
CA PRO A 59 5.95 -5.44 13.44
C PRO A 59 5.91 -3.92 13.51
N ALA A 60 6.99 -3.28 13.08
CA ALA A 60 7.08 -1.84 13.06
C ALA A 60 6.41 -1.34 11.82
N CYS A 61 6.71 -2.06 10.73
CA CYS A 61 6.15 -1.77 9.45
C CYS A 61 4.68 -1.48 9.57
N ASP A 62 4.24 -0.46 8.87
CA ASP A 62 2.84 -0.10 8.90
C ASP A 62 1.96 -1.29 8.49
N TYR A 63 2.58 -2.27 7.82
CA TYR A 63 1.85 -3.46 7.39
C TYR A 63 2.58 -4.73 7.79
N HIS A 64 1.86 -5.66 8.41
CA HIS A 64 2.44 -6.94 8.82
C HIS A 64 1.90 -8.07 7.96
N LEU A 65 2.78 -8.98 7.54
CA LEU A 65 2.37 -10.11 6.71
C LEU A 65 2.45 -11.42 7.48
N GLY A 66 3.61 -11.69 8.07
CA GLY A 66 3.78 -12.92 8.83
C GLY A 66 5.24 -13.22 9.14
N ASN A 67 5.74 -14.32 8.58
CA ASN A 67 7.12 -14.71 8.80
C ASN A 67 7.65 -15.57 7.64
N ILE A 68 7.74 -14.96 6.47
CA ILE A 68 8.24 -15.66 5.29
C ILE A 68 9.68 -15.25 4.97
N SER A 69 10.58 -16.23 4.97
CA SER A 69 11.99 -15.96 4.69
C SER A 69 12.17 -15.24 3.36
N ARG A 70 11.20 -15.41 2.46
CA ARG A 70 11.26 -14.78 1.15
C ARG A 70 10.97 -13.28 1.25
N LEU A 71 10.38 -12.85 2.36
CA LEU A 71 10.07 -11.44 2.57
C LEU A 71 11.02 -10.80 3.59
N SER A 72 11.26 -9.51 3.43
CA SER A 72 12.15 -8.79 4.33
C SER A 72 11.37 -8.02 5.41
N ASN A 73 12.08 -7.60 6.47
CA ASN A 73 11.46 -6.84 7.56
C ASN A 73 10.51 -5.80 7.00
N LYS A 74 11.05 -5.01 6.09
CA LYS A 74 10.30 -3.98 5.38
C LYS A 74 10.39 -4.30 3.90
N HIS A 75 9.52 -5.20 3.46
CA HIS A 75 9.53 -5.65 2.10
C HIS A 75 9.25 -4.55 1.11
N PHE A 76 8.24 -3.76 1.39
CA PHE A 76 7.89 -2.65 0.47
C PHE A 76 7.28 -1.48 1.22
N GLN A 77 7.35 -0.30 0.62
CA GLN A 77 6.81 0.90 1.23
C GLN A 77 6.02 1.75 0.22
N ILE A 78 4.89 2.32 0.65
CA ILE A 78 4.08 3.14 -0.24
C ILE A 78 3.99 4.59 0.27
N LEU A 79 4.24 5.55 -0.62
CA LEU A 79 4.18 6.97 -0.23
C LEU A 79 3.07 7.69 -0.99
N LEU A 80 2.45 8.66 -0.31
CA LEU A 80 1.38 9.45 -0.90
C LEU A 80 1.70 10.94 -0.80
N GLY A 81 1.63 11.63 -1.93
CA GLY A 81 1.91 13.06 -1.96
C GLY A 81 2.18 13.58 -3.35
N GLU A 82 3.21 14.40 -3.48
CA GLU A 82 3.58 14.98 -4.77
C GLU A 82 2.54 16.00 -5.22
N ASP A 83 1.34 15.51 -5.53
CA ASP A 83 0.26 16.38 -5.98
C ASP A 83 -1.06 15.61 -6.05
N GLY A 84 -1.34 14.82 -5.03
CA GLY A 84 -2.56 14.04 -5.00
C GLY A 84 -2.35 12.62 -5.49
N ASN A 85 -1.36 12.43 -6.35
CA ASN A 85 -1.06 11.11 -6.90
C ASN A 85 -0.37 10.24 -5.85
N LEU A 86 -0.45 8.93 -6.03
CA LEU A 86 0.17 7.99 -5.11
C LEU A 86 1.41 7.35 -5.74
N LEU A 87 2.36 6.97 -4.90
CA LEU A 87 3.60 6.36 -5.38
C LEU A 87 3.92 5.11 -4.56
N LEU A 88 4.48 4.10 -5.22
CA LEU A 88 4.84 2.85 -4.56
C LEU A 88 6.36 2.68 -4.54
N ASN A 89 6.91 2.42 -3.36
CA ASN A 89 8.35 2.25 -3.22
C ASN A 89 8.71 0.86 -2.72
N ASP A 90 9.47 0.13 -3.52
CA ASP A 90 9.90 -1.21 -3.16
C ASP A 90 11.10 -1.13 -2.21
N ILE A 91 11.11 -1.97 -1.17
CA ILE A 91 12.20 -1.93 -0.20
C ILE A 91 12.53 -3.33 0.36
N SER A 92 12.34 -4.38 -0.44
CA SER A 92 12.61 -5.73 -0.01
C SER A 92 14.06 -6.12 -0.29
N THR A 93 14.53 -7.12 0.45
CA THR A 93 15.88 -7.62 0.27
C THR A 93 16.02 -8.33 -1.07
N ASN A 94 14.97 -9.04 -1.47
CA ASN A 94 14.99 -9.79 -2.73
C ASN A 94 14.31 -9.04 -3.88
N GLY A 95 13.46 -8.06 -3.58
CA GLY A 95 12.81 -7.31 -4.64
C GLY A 95 11.29 -7.31 -4.55
N THR A 96 10.69 -6.30 -5.17
CA THR A 96 9.24 -6.14 -5.20
C THR A 96 8.76 -6.21 -6.64
N TRP A 97 7.65 -6.90 -6.88
CA TRP A 97 7.14 -7.07 -8.23
C TRP A 97 5.80 -6.38 -8.45
N LEU A 98 5.61 -5.93 -9.69
CA LEU A 98 4.38 -5.30 -10.11
C LEU A 98 3.83 -6.06 -11.31
N ASN A 99 2.68 -6.71 -11.12
CA ASN A 99 2.05 -7.48 -12.17
C ASN A 99 3.04 -8.35 -12.95
N GLY A 100 3.95 -9.00 -12.23
CA GLY A 100 4.91 -9.87 -12.87
C GLY A 100 6.16 -9.14 -13.33
N GLN A 101 6.13 -7.82 -13.30
CA GLN A 101 7.29 -7.04 -13.71
C GLN A 101 8.02 -6.46 -12.49
N LYS A 102 9.27 -6.86 -12.33
CA LYS A 102 10.08 -6.41 -11.24
C LYS A 102 10.51 -4.95 -11.41
N VAL A 103 10.10 -4.10 -10.48
CA VAL A 103 10.43 -2.69 -10.53
C VAL A 103 11.76 -2.40 -9.84
N GLU A 104 12.29 -1.21 -10.06
CA GLU A 104 13.56 -0.82 -9.45
C GLU A 104 13.38 -0.61 -7.95
N LYS A 105 14.24 -1.26 -7.17
CA LYS A 105 14.17 -1.14 -5.71
C LYS A 105 14.24 0.32 -5.28
N ASN A 106 13.75 0.59 -4.08
CA ASN A 106 13.73 1.93 -3.52
C ASN A 106 13.41 2.98 -4.57
N SER A 107 12.59 2.59 -5.53
CA SER A 107 12.17 3.50 -6.60
C SER A 107 10.68 3.82 -6.49
N ASN A 108 10.31 5.04 -6.85
CA ASN A 108 8.93 5.46 -6.79
C ASN A 108 8.24 5.29 -8.14
N GLN A 109 7.05 4.72 -8.12
CA GLN A 109 6.27 4.50 -9.34
C GLN A 109 4.87 5.03 -9.18
N LEU A 110 4.26 5.42 -10.30
CA LEU A 110 2.90 5.96 -10.28
C LEU A 110 1.90 4.83 -10.02
N LEU A 111 1.09 5.00 -8.97
CA LEU A 111 0.11 3.98 -8.61
C LEU A 111 -0.80 3.64 -9.78
N SER A 112 -1.36 2.45 -9.72
CA SER A 112 -2.27 1.94 -10.74
C SER A 112 -3.60 1.52 -10.13
N GLN A 113 -4.67 1.58 -10.91
CA GLN A 113 -5.99 1.19 -10.42
C GLN A 113 -6.07 -0.32 -10.24
N GLY A 114 -6.34 -0.74 -9.02
CA GLY A 114 -6.42 -2.16 -8.72
C GLY A 114 -5.13 -2.89 -9.02
N ASP A 115 -4.02 -2.13 -9.00
CA ASP A 115 -2.71 -2.70 -9.26
C ASP A 115 -2.42 -3.86 -8.32
N GLU A 116 -1.32 -4.55 -8.56
CA GLU A 116 -0.94 -5.69 -7.73
C GLU A 116 0.58 -5.78 -7.58
N ILE A 117 1.04 -6.03 -6.35
CA ILE A 117 2.46 -6.16 -6.09
C ILE A 117 2.80 -7.58 -5.65
N THR A 118 3.75 -8.19 -6.35
CA THR A 118 4.17 -9.55 -6.04
C THR A 118 5.52 -9.53 -5.32
N VAL A 119 5.68 -10.44 -4.35
CA VAL A 119 6.91 -10.50 -3.58
C VAL A 119 7.35 -11.93 -3.30
N GLY A 120 8.64 -12.10 -3.02
CA GLY A 120 9.17 -13.41 -2.73
C GLY A 120 9.46 -14.21 -3.98
N VAL A 121 10.05 -13.53 -4.96
CA VAL A 121 10.35 -14.16 -6.22
C VAL A 121 11.68 -14.90 -6.20
N GLY A 122 11.68 -16.04 -6.85
CA GLY A 122 12.84 -16.89 -6.91
C GLY A 122 12.41 -18.34 -7.01
N VAL A 123 11.38 -18.66 -6.24
CA VAL A 123 10.79 -19.97 -6.22
C VAL A 123 9.29 -19.85 -6.45
N GLU A 124 8.80 -20.49 -7.51
CA GLU A 124 7.38 -20.42 -7.85
C GLU A 124 6.50 -20.74 -6.64
N SER A 125 7.04 -21.49 -5.70
CA SER A 125 6.32 -21.88 -4.51
C SER A 125 6.55 -20.92 -3.34
N ASP A 126 7.25 -19.80 -3.57
CA ASP A 126 7.52 -18.86 -2.50
C ASP A 126 7.23 -17.42 -2.88
N ILE A 127 6.31 -17.25 -3.79
CA ILE A 127 5.90 -15.93 -4.22
C ILE A 127 4.53 -15.59 -3.69
N LEU A 128 4.38 -14.34 -3.26
CA LEU A 128 3.12 -13.84 -2.72
C LEU A 128 2.67 -12.60 -3.47
N SER A 129 1.39 -12.55 -3.83
CA SER A 129 0.86 -11.41 -4.55
C SER A 129 -0.06 -10.56 -3.70
N LEU A 130 -0.08 -9.28 -4.02
CA LEU A 130 -0.90 -8.31 -3.30
C LEU A 130 -1.60 -7.38 -4.29
N VAL A 131 -2.80 -6.93 -3.93
CA VAL A 131 -3.56 -6.03 -4.79
C VAL A 131 -3.77 -4.67 -4.12
N ILE A 132 -3.63 -3.60 -4.89
CA ILE A 132 -3.78 -2.27 -4.40
C ILE A 132 -5.09 -1.65 -4.86
N PHE A 133 -5.93 -1.27 -3.92
CA PHE A 133 -7.21 -0.65 -4.23
C PHE A 133 -7.22 0.83 -3.87
N ILE A 134 -7.39 1.67 -4.87
CA ILE A 134 -7.39 3.12 -4.67
C ILE A 134 -8.76 3.62 -4.25
N ASN A 135 -8.79 4.47 -3.23
CA ASN A 135 -10.05 5.03 -2.74
C ASN A 135 -10.52 6.18 -3.62
N ASP A 136 -11.70 6.01 -4.21
CA ASP A 136 -12.27 7.03 -5.09
C ASP A 136 -12.69 8.27 -4.30
N LYS A 137 -12.87 8.10 -2.98
CA LYS A 137 -13.27 9.21 -2.13
C LYS A 137 -12.27 10.36 -2.21
N PHE A 138 -10.99 10.01 -2.15
CA PHE A 138 -9.93 11.01 -2.22
C PHE A 138 -10.01 11.81 -3.51
N LYS A 139 -10.29 11.12 -4.62
CA LYS A 139 -10.40 11.77 -5.92
C LYS A 139 -11.50 12.82 -5.92
N GLN A 140 -12.59 12.53 -5.22
CA GLN A 140 -13.71 13.45 -5.14
C GLN A 140 -13.32 14.74 -4.43
N CYS A 141 -12.64 14.60 -3.28
CA CYS A 141 -12.21 15.75 -2.51
C CYS A 141 -11.12 16.52 -3.25
N LEU A 142 -10.15 15.80 -3.78
CA LEU A 142 -9.05 16.41 -4.52
C LEU A 142 -9.57 17.23 -5.70
N GLU A 143 -10.63 16.73 -6.33
CA GLU A 143 -11.22 17.42 -7.47
C GLU A 143 -11.79 18.77 -7.06
N GLN A 144 -12.39 18.82 -5.87
CA GLN A 144 -12.98 20.06 -5.36
C GLN A 144 -11.90 21.00 -4.85
N ASN A 145 -10.79 20.43 -4.37
CA ASN A 145 -9.68 21.22 -3.86
C ASN A 145 -8.39 20.92 -4.62
N LYS A 146 -8.02 21.82 -5.52
CA LYS A 146 -6.81 21.65 -6.31
C LYS A 146 -5.88 22.85 -6.15
N VAL A 147 -4.60 22.63 -6.39
CA VAL A 147 -3.61 23.70 -6.27
C VAL A 147 -3.67 24.64 -7.46
N ASP A 148 -3.58 25.94 -7.18
CA ASP A 148 -3.63 26.96 -8.23
C ASP A 148 -2.33 27.75 -8.27
N ARG A 149 -2.15 28.53 -9.33
CA ARG A 149 -0.95 29.34 -9.49
C ARG A 149 -0.98 30.55 -8.54
N ILE A 150 -0.18 30.50 -7.49
CA ILE A 150 -0.12 31.59 -6.52
C ILE A 150 0.80 32.71 -7.00
N ARG A 151 0.25 33.90 -7.14
CA ARG A 151 1.02 35.06 -7.58
C ARG A 151 0.28 36.36 -7.28
N ASN B 1 23.75 -12.64 9.81
CA ASN B 1 22.95 -11.83 8.85
C ASN B 1 21.46 -11.89 9.19
N ILE B 2 20.65 -11.20 8.39
CA ILE B 2 19.21 -11.19 8.60
C ILE B 2 18.45 -11.26 7.28
N TPO B 3 17.29 -11.89 7.31
CA TPO B 3 16.46 -12.04 6.12
CB TPO B 3 16.10 -10.67 5.49
CG2 TPO B 3 15.27 -10.85 4.23
OG1 TPO B 3 15.40 -9.91 6.43
P TPO B 3 15.79 -8.40 6.59
O1P TPO B 3 15.33 -8.03 8.03
O2P TPO B 3 17.34 -8.38 6.52
O3P TPO B 3 15.15 -7.53 5.55
C TPO B 3 17.17 -12.91 5.08
O TPO B 3 17.84 -12.40 4.18
H TPO B 3 16.96 -12.26 8.16
HA TPO B 3 15.54 -12.53 6.40
HB TPO B 3 17.02 -10.17 5.23
HG21 TPO B 3 14.60 -10.00 4.13
HG22 TPO B 3 14.69 -11.76 4.30
HG23 TPO B 3 15.91 -10.91 3.37
N GLN B 4 17.00 -14.22 5.19
CA GLN B 4 17.62 -15.16 4.26
C GLN B 4 17.21 -14.86 2.82
N PRO B 5 18.13 -14.35 1.99
CA PRO B 5 17.84 -14.03 0.59
C PRO B 5 17.26 -15.23 -0.16
N THR B 6 16.65 -14.95 -1.32
CA THR B 6 16.05 -16.00 -2.13
C THR B 6 17.07 -16.63 -3.06
N GLN B 7 16.84 -17.88 -3.45
CA GLN B 7 17.75 -18.58 -4.35
C GLN B 7 17.72 -17.98 -5.74
N GLN B 8 18.50 -16.91 -5.94
CA GLN B 8 18.57 -16.24 -7.23
C GLN B 8 20.01 -15.91 -7.60
N SER B 9 20.75 -16.93 -8.01
CA SER B 9 22.15 -16.75 -8.39
C SER B 9 22.29 -16.65 -9.91
N THR B 10 22.20 -15.43 -10.42
CA THR B 10 22.31 -15.19 -11.85
C THR B 10 21.23 -15.94 -12.62
N ALA A 1 -21.77 -20.29 11.57
CA ALA A 1 -21.24 -20.42 10.18
C ALA A 1 -21.91 -19.43 9.25
N THR A 2 -23.24 -19.43 9.24
CA THR A 2 -24.00 -18.54 8.38
C THR A 2 -24.31 -17.23 9.11
N GLN A 3 -24.91 -17.34 10.29
CA GLN A 3 -25.25 -16.17 11.09
C GLN A 3 -24.00 -15.44 11.56
N ARG A 4 -23.02 -16.21 12.04
CA ARG A 4 -21.77 -15.63 12.53
C ARG A 4 -21.08 -14.84 11.42
N PHE A 5 -21.14 -15.35 10.20
CA PHE A 5 -20.53 -14.68 9.06
C PHE A 5 -21.11 -13.29 8.86
N LEU A 6 -22.43 -13.18 9.03
CA LEU A 6 -23.12 -11.91 8.89
C LEU A 6 -22.60 -10.89 9.90
N ILE A 7 -22.21 -11.39 11.07
CA ILE A 7 -21.69 -10.52 12.13
C ILE A 7 -20.29 -10.02 11.78
N GLU A 8 -19.51 -10.86 11.12
CA GLU A 8 -18.15 -10.49 10.73
C GLU A 8 -18.17 -9.23 9.86
N LYS A 9 -19.12 -9.18 8.94
CA LYS A 9 -19.26 -8.04 8.05
C LYS A 9 -19.69 -6.79 8.84
N PHE A 10 -20.33 -7.02 9.99
CA PHE A 10 -20.79 -5.93 10.84
C PHE A 10 -19.65 -5.00 11.22
N SER A 11 -18.54 -5.59 11.65
CA SER A 11 -17.37 -4.83 12.05
C SER A 11 -16.59 -4.34 10.83
N GLN A 12 -16.53 -5.19 9.81
CA GLN A 12 -15.82 -4.85 8.58
C GLN A 12 -16.52 -3.71 7.85
N GLU A 13 -16.28 -2.48 8.31
CA GLU A 13 -16.88 -1.31 7.69
C GLU A 13 -15.95 -0.68 6.67
N GLN A 14 -16.48 -0.34 5.50
CA GLN A 14 -15.69 0.26 4.44
C GLN A 14 -15.45 1.75 4.72
N ILE A 15 -14.26 2.07 5.19
CA ILE A 15 -13.90 3.45 5.50
C ILE A 15 -13.45 4.20 4.27
N GLY A 16 -13.90 5.43 4.19
CA GLY A 16 -13.56 6.29 3.07
C GLY A 16 -13.53 7.76 3.46
N GLU A 17 -13.22 8.02 4.71
CA GLU A 17 -13.16 9.39 5.22
C GLU A 17 -11.81 10.04 4.91
N ASN A 18 -10.78 9.21 4.71
CA ASN A 18 -9.45 9.69 4.41
C ASN A 18 -8.56 8.50 4.11
N ILE A 19 -9.20 7.51 3.53
CA ILE A 19 -8.58 6.27 3.20
C ILE A 19 -7.93 6.31 1.83
N VAL A 20 -6.64 6.60 1.82
CA VAL A 20 -5.86 6.69 0.62
C VAL A 20 -6.02 5.43 -0.23
N CYS A 21 -5.58 4.31 0.31
CA CYS A 21 -5.68 3.03 -0.38
C CYS A 21 -5.87 1.88 0.61
N ARG A 22 -6.28 0.72 0.10
CA ARG A 22 -6.49 -0.45 0.93
C ARG A 22 -5.78 -1.67 0.37
N VAL A 23 -4.96 -2.31 1.19
CA VAL A 23 -4.22 -3.49 0.75
C VAL A 23 -5.02 -4.77 0.99
N ILE A 24 -5.25 -5.53 -0.07
CA ILE A 24 -6.00 -6.77 0.01
C ILE A 24 -5.22 -7.93 -0.59
N CYS A 25 -4.89 -8.92 0.24
CA CYS A 25 -4.16 -10.09 -0.22
C CYS A 25 -5.08 -11.07 -0.93
N THR A 26 -4.79 -11.33 -2.20
CA THR A 26 -5.60 -12.24 -3.00
C THR A 26 -5.08 -13.67 -2.95
N THR A 27 -3.79 -13.82 -2.69
CA THR A 27 -3.18 -15.16 -2.62
C THR A 27 -3.45 -15.82 -1.27
N GLY A 28 -4.13 -15.10 -0.38
CA GLY A 28 -4.44 -15.65 0.93
C GLY A 28 -3.21 -15.87 1.79
N GLN A 29 -2.68 -14.78 2.35
CA GLN A 29 -1.50 -14.86 3.20
C GLN A 29 -1.59 -13.85 4.34
N ILE A 30 -2.00 -12.63 4.00
CA ILE A 30 -2.12 -11.56 4.99
C ILE A 30 -3.55 -11.01 5.03
N PRO A 31 -4.05 -10.66 6.23
CA PRO A 31 -5.40 -10.11 6.36
C PRO A 31 -5.50 -8.70 5.82
N ILE A 32 -6.61 -8.39 5.16
CA ILE A 32 -6.82 -7.07 4.57
C ILE A 32 -6.64 -5.96 5.59
N ARG A 33 -5.78 -4.99 5.25
CA ARG A 33 -5.51 -3.85 6.11
C ARG A 33 -5.93 -2.57 5.41
N ASP A 34 -6.13 -1.50 6.19
CA ASP A 34 -6.55 -0.22 5.61
C ASP A 34 -5.51 0.88 5.83
N LEU A 35 -5.02 1.42 4.72
CA LEU A 35 -4.04 2.50 4.76
C LEU A 35 -4.75 3.83 4.51
N SER A 36 -4.41 4.87 5.29
CA SER A 36 -5.07 6.15 5.11
C SER A 36 -4.20 7.34 5.44
N ALA A 37 -4.59 8.45 4.87
CA ALA A 37 -3.90 9.72 5.09
C ALA A 37 -4.91 10.87 5.18
N ASP A 38 -4.63 11.82 6.08
CA ASP A 38 -5.52 12.96 6.27
C ASP A 38 -5.23 14.07 5.26
N ILE A 39 -6.30 14.62 4.69
CA ILE A 39 -6.20 15.68 3.70
C ILE A 39 -5.59 16.95 4.27
N SER A 40 -6.06 17.34 5.45
CA SER A 40 -5.59 18.54 6.10
C SER A 40 -4.09 18.48 6.33
N GLN A 41 -3.62 17.30 6.69
CA GLN A 41 -2.21 17.07 6.93
C GLN A 41 -1.42 17.15 5.63
N VAL A 42 -2.01 16.65 4.55
CA VAL A 42 -1.39 16.67 3.24
C VAL A 42 -1.34 18.08 2.68
N LEU A 43 -2.43 18.81 2.85
CA LEU A 43 -2.52 20.19 2.36
C LEU A 43 -1.63 21.12 3.18
N LYS A 44 -1.44 20.77 4.45
CA LYS A 44 -0.62 21.58 5.34
C LYS A 44 0.86 21.28 5.13
N GLU A 45 1.21 20.00 5.17
CA GLU A 45 2.59 19.59 4.98
C GLU A 45 3.10 19.96 3.59
N LYS A 46 4.04 20.90 3.55
CA LYS A 46 4.61 21.35 2.29
C LYS A 46 6.00 20.77 2.07
N ARG A 47 6.06 19.44 1.97
CA ARG A 47 7.33 18.75 1.76
C ARG A 47 7.24 17.82 0.56
N SER A 48 8.34 17.11 0.29
CA SER A 48 8.39 16.18 -0.84
C SER A 48 7.47 15.00 -0.61
N ILE A 49 7.22 14.67 0.66
CA ILE A 49 6.37 13.55 1.01
C ILE A 49 5.44 13.90 2.17
N LYS A 50 4.30 13.21 2.24
CA LYS A 50 3.33 13.45 3.30
C LYS A 50 3.24 12.25 4.24
N LYS A 51 2.79 11.11 3.72
CA LYS A 51 2.66 9.91 4.52
C LYS A 51 3.02 8.66 3.70
N VAL A 52 3.83 7.79 4.30
CA VAL A 52 4.25 6.57 3.62
C VAL A 52 4.09 5.34 4.50
N TRP A 53 3.64 4.26 3.90
CA TRP A 53 3.44 2.99 4.60
C TRP A 53 4.56 2.00 4.33
N THR A 54 4.98 1.29 5.37
CA THR A 54 6.01 0.27 5.23
C THR A 54 5.39 -1.10 5.42
N PHE A 55 5.67 -2.01 4.49
CA PHE A 55 5.11 -3.35 4.54
C PHE A 55 6.20 -4.41 4.62
N GLY A 56 5.92 -5.49 5.33
CA GLY A 56 6.89 -6.55 5.47
C GLY A 56 6.63 -7.44 6.67
N ARG A 57 7.61 -8.28 7.02
CA ARG A 57 7.48 -9.19 8.15
C ARG A 57 7.81 -8.49 9.48
N ASN A 58 8.06 -7.19 9.43
CA ASN A 58 8.40 -6.44 10.64
C ASN A 58 7.14 -6.00 11.37
N PRO A 59 7.08 -6.22 12.71
CA PRO A 59 5.92 -5.82 13.52
C PRO A 59 5.76 -4.31 13.56
N ALA A 60 6.81 -3.60 13.14
CA ALA A 60 6.79 -2.16 13.11
C ALA A 60 6.13 -1.72 11.83
N CYS A 61 6.51 -2.41 10.76
CA CYS A 61 5.98 -2.16 9.46
C CYS A 61 4.48 -1.98 9.51
N ASP A 62 4.00 -1.00 8.78
CA ASP A 62 2.58 -0.74 8.72
C ASP A 62 1.83 -2.00 8.26
N TYR A 63 2.58 -2.94 7.66
CA TYR A 63 1.98 -4.19 7.19
C TYR A 63 2.74 -5.39 7.75
N HIS A 64 2.02 -6.24 8.49
CA HIS A 64 2.63 -7.43 9.07
C HIS A 64 2.33 -8.67 8.23
N LEU A 65 3.36 -9.28 7.68
CA LEU A 65 3.21 -10.47 6.86
C LEU A 65 3.27 -11.74 7.71
N GLY A 66 3.34 -12.89 7.05
CA GLY A 66 3.41 -14.15 7.77
C GLY A 66 4.82 -14.58 8.10
N ASN A 67 5.77 -13.64 7.98
CA ASN A 67 7.17 -13.93 8.27
C ASN A 67 7.74 -14.95 7.30
N ILE A 68 8.08 -14.50 6.10
CA ILE A 68 8.64 -15.39 5.08
C ILE A 68 10.14 -15.19 4.96
N SER A 69 10.89 -16.28 4.95
CA SER A 69 12.35 -16.22 4.85
C SER A 69 12.78 -15.43 3.61
N ARG A 70 11.94 -15.44 2.58
CA ARG A 70 12.24 -14.72 1.35
C ARG A 70 11.96 -13.23 1.49
N LEU A 71 10.80 -12.90 2.04
CA LEU A 71 10.43 -11.50 2.22
C LEU A 71 11.23 -10.86 3.35
N SER A 72 11.45 -9.55 3.26
CA SER A 72 12.21 -8.83 4.27
C SER A 72 11.31 -8.16 5.30
N ASN A 73 11.89 -7.77 6.44
CA ASN A 73 11.14 -7.09 7.51
C ASN A 73 10.19 -6.07 6.91
N LYS A 74 10.77 -5.21 6.09
CA LYS A 74 10.03 -4.18 5.36
C LYS A 74 10.24 -4.44 3.88
N HIS A 75 9.46 -5.36 3.36
CA HIS A 75 9.57 -5.78 1.98
C HIS A 75 9.29 -4.64 1.01
N PHE A 76 8.21 -3.91 1.26
CA PHE A 76 7.84 -2.81 0.37
C PHE A 76 7.24 -1.65 1.15
N GLN A 77 7.26 -0.46 0.54
CA GLN A 77 6.74 0.74 1.18
C GLN A 77 5.89 1.57 0.20
N ILE A 78 4.80 2.16 0.69
CA ILE A 78 3.96 2.98 -0.17
C ILE A 78 3.94 4.43 0.30
N LEU A 79 4.21 5.36 -0.62
CA LEU A 79 4.24 6.78 -0.28
C LEU A 79 3.08 7.54 -0.92
N LEU A 80 2.61 8.56 -0.23
CA LEU A 80 1.52 9.39 -0.72
C LEU A 80 1.92 10.86 -0.75
N GLY A 81 1.84 11.47 -1.92
CA GLY A 81 2.20 12.87 -2.06
C GLY A 81 2.51 13.26 -3.48
N GLU A 82 3.24 14.35 -3.66
CA GLU A 82 3.61 14.83 -4.99
C GLU A 82 2.37 15.14 -5.82
N ASP A 83 2.07 16.44 -5.94
CA ASP A 83 0.91 16.89 -6.71
C ASP A 83 -0.39 16.47 -6.02
N GLY A 84 -0.68 15.17 -6.04
CA GLY A 84 -1.89 14.67 -5.42
C GLY A 84 -2.23 13.26 -5.85
N ASN A 85 -1.21 12.41 -5.93
CA ASN A 85 -1.41 11.02 -6.35
C ASN A 85 -0.71 10.07 -5.39
N LEU A 86 -0.78 8.77 -5.70
CA LEU A 86 -0.14 7.76 -4.86
C LEU A 86 1.10 7.20 -5.55
N LEU A 87 2.08 6.81 -4.74
CA LEU A 87 3.32 6.24 -5.25
C LEU A 87 3.69 4.98 -4.49
N LEU A 88 4.31 4.03 -5.19
CA LEU A 88 4.71 2.77 -4.57
C LEU A 88 6.23 2.67 -4.49
N ASN A 89 6.75 2.44 -3.29
CA ASN A 89 8.19 2.34 -3.10
C ASN A 89 8.59 0.94 -2.66
N ASP A 90 9.35 0.26 -3.50
CA ASP A 90 9.82 -1.08 -3.19
C ASP A 90 11.02 -1.01 -2.25
N ILE A 91 11.03 -1.85 -1.22
CA ILE A 91 12.11 -1.83 -0.23
C ILE A 91 12.46 -3.25 0.24
N SER A 92 12.47 -4.22 -0.66
CA SER A 92 12.77 -5.58 -0.30
C SER A 92 14.21 -5.95 -0.64
N THR A 93 14.71 -6.97 0.05
CA THR A 93 16.07 -7.44 -0.19
C THR A 93 16.16 -8.12 -1.56
N ASN A 94 15.08 -8.80 -1.97
CA ASN A 94 15.07 -9.51 -3.25
C ASN A 94 14.36 -8.71 -4.35
N GLY A 95 13.53 -7.74 -3.97
CA GLY A 95 12.84 -6.95 -4.96
C GLY A 95 11.33 -7.00 -4.83
N THR A 96 10.69 -6.02 -5.44
CA THR A 96 9.23 -5.89 -5.44
C THR A 96 8.71 -5.99 -6.87
N TRP A 97 7.61 -6.72 -7.06
CA TRP A 97 7.07 -6.91 -8.40
C TRP A 97 5.71 -6.29 -8.60
N LEU A 98 5.47 -5.86 -9.83
CA LEU A 98 4.20 -5.29 -10.22
C LEU A 98 3.67 -6.08 -11.42
N ASN A 99 2.58 -6.80 -11.21
CA ASN A 99 1.97 -7.61 -12.25
C ASN A 99 3.00 -8.43 -13.03
N GLY A 100 3.96 -9.02 -12.32
CA GLY A 100 4.97 -9.82 -12.96
C GLY A 100 6.17 -9.03 -13.42
N GLN A 101 6.09 -7.70 -13.36
CA GLN A 101 7.20 -6.87 -13.78
C GLN A 101 7.92 -6.27 -12.57
N LYS A 102 9.19 -6.61 -12.43
CA LYS A 102 10.01 -6.13 -11.33
C LYS A 102 10.38 -4.67 -11.53
N VAL A 103 10.19 -3.88 -10.48
CA VAL A 103 10.51 -2.45 -10.52
C VAL A 103 11.80 -2.15 -9.78
N GLU A 104 12.34 -0.95 -9.99
CA GLU A 104 13.57 -0.53 -9.33
C GLU A 104 13.34 -0.32 -7.85
N LYS A 105 14.14 -0.98 -7.01
CA LYS A 105 14.02 -0.85 -5.57
C LYS A 105 14.05 0.61 -5.15
N ASN A 106 13.58 0.88 -3.94
CA ASN A 106 13.51 2.23 -3.37
C ASN A 106 13.21 3.28 -4.43
N SER A 107 12.41 2.90 -5.42
CA SER A 107 12.02 3.80 -6.49
C SER A 107 10.53 4.13 -6.42
N ASN A 108 10.18 5.36 -6.79
CA ASN A 108 8.79 5.79 -6.78
C ASN A 108 8.09 5.42 -8.07
N GLN A 109 6.91 4.80 -7.95
CA GLN A 109 6.14 4.39 -9.12
C GLN A 109 4.71 4.89 -9.01
N LEU A 110 4.12 5.24 -10.15
CA LEU A 110 2.75 5.71 -10.17
C LEU A 110 1.78 4.56 -9.92
N LEU A 111 1.08 4.62 -8.80
CA LEU A 111 0.13 3.57 -8.44
C LEU A 111 -0.88 3.32 -9.56
N SER A 112 -1.45 2.13 -9.52
CA SER A 112 -2.45 1.71 -10.51
C SER A 112 -3.73 1.29 -9.81
N GLN A 113 -4.87 1.42 -10.50
CA GLN A 113 -6.15 1.04 -9.92
C GLN A 113 -6.26 -0.47 -9.80
N GLY A 114 -6.54 -0.94 -8.58
CA GLY A 114 -6.66 -2.35 -8.34
C GLY A 114 -5.38 -3.10 -8.66
N ASP A 115 -4.27 -2.37 -8.73
CA ASP A 115 -2.98 -2.97 -9.03
C ASP A 115 -2.63 -4.05 -8.03
N GLU A 116 -1.53 -4.75 -8.28
CA GLU A 116 -1.09 -5.81 -7.39
C GLU A 116 0.44 -5.90 -7.36
N ILE A 117 0.99 -6.03 -6.15
CA ILE A 117 2.42 -6.13 -5.98
C ILE A 117 2.82 -7.56 -5.61
N THR A 118 3.77 -8.11 -6.34
CA THR A 118 4.23 -9.46 -6.09
C THR A 118 5.59 -9.42 -5.40
N VAL A 119 5.79 -10.28 -4.41
CA VAL A 119 7.04 -10.30 -3.67
C VAL A 119 7.51 -11.71 -3.34
N GLY A 120 8.81 -11.84 -3.07
CA GLY A 120 9.38 -13.12 -2.74
C GLY A 120 9.75 -13.92 -3.97
N VAL A 121 10.07 -13.20 -5.04
CA VAL A 121 10.43 -13.84 -6.29
C VAL A 121 11.78 -14.54 -6.22
N GLY A 122 11.82 -15.70 -6.86
CA GLY A 122 13.01 -16.52 -6.88
C GLY A 122 12.63 -17.97 -6.96
N VAL A 123 11.56 -18.31 -6.24
CA VAL A 123 11.01 -19.64 -6.22
C VAL A 123 9.53 -19.58 -6.57
N GLU A 124 9.10 -20.38 -7.52
CA GLU A 124 7.71 -20.39 -7.95
C GLU A 124 6.75 -20.51 -6.78
N SER A 125 7.15 -21.29 -5.77
CA SER A 125 6.31 -21.51 -4.61
C SER A 125 6.62 -20.52 -3.47
N ASP A 126 7.49 -19.54 -3.71
CA ASP A 126 7.85 -18.60 -2.66
C ASP A 126 7.52 -17.16 -3.01
N ILE A 127 6.54 -17.00 -3.86
CA ILE A 127 6.08 -15.69 -4.28
C ILE A 127 4.74 -15.35 -3.65
N LEU A 128 4.60 -14.11 -3.22
CA LEU A 128 3.39 -13.62 -2.59
C LEU A 128 2.79 -12.46 -3.39
N SER A 129 1.48 -12.50 -3.61
CA SER A 129 0.80 -11.45 -4.37
C SER A 129 -0.13 -10.61 -3.49
N LEU A 130 -0.05 -9.30 -3.66
CA LEU A 130 -0.88 -8.38 -2.89
C LEU A 130 -1.57 -7.38 -3.82
N VAL A 131 -2.86 -7.15 -3.60
CA VAL A 131 -3.62 -6.21 -4.42
C VAL A 131 -3.99 -4.96 -3.63
N ILE A 132 -3.84 -3.80 -4.27
CA ILE A 132 -4.13 -2.54 -3.64
C ILE A 132 -5.43 -1.95 -4.18
N PHE A 133 -6.25 -1.40 -3.28
CA PHE A 133 -7.52 -0.80 -3.66
C PHE A 133 -7.50 0.69 -3.38
N ILE A 134 -7.76 1.49 -4.41
CA ILE A 134 -7.78 2.94 -4.27
C ILE A 134 -9.19 3.49 -4.11
N ASN A 135 -9.37 4.34 -3.10
CA ASN A 135 -10.66 4.94 -2.83
C ASN A 135 -10.90 6.15 -3.73
N ASP A 136 -11.91 6.06 -4.59
CA ASP A 136 -12.23 7.15 -5.51
C ASP A 136 -12.65 8.41 -4.74
N LYS A 137 -13.09 8.24 -3.51
CA LYS A 137 -13.51 9.36 -2.68
C LYS A 137 -12.37 10.34 -2.49
N PHE A 138 -11.19 9.82 -2.20
CA PHE A 138 -10.01 10.65 -2.00
C PHE A 138 -9.72 11.50 -3.23
N LYS A 139 -9.89 10.90 -4.41
CA LYS A 139 -9.64 11.60 -5.66
C LYS A 139 -10.64 12.75 -5.84
N GLN A 140 -11.86 12.55 -5.37
CA GLN A 140 -12.90 13.56 -5.48
C GLN A 140 -12.56 14.79 -4.65
N CYS A 141 -11.99 14.57 -3.47
CA CYS A 141 -11.61 15.66 -2.58
C CYS A 141 -10.57 16.56 -3.22
N LEU A 142 -9.55 15.94 -3.81
CA LEU A 142 -8.48 16.69 -4.46
C LEU A 142 -8.99 17.40 -5.71
N GLU A 143 -9.85 16.72 -6.47
CA GLU A 143 -10.42 17.28 -7.69
C GLU A 143 -11.18 18.57 -7.39
N GLN A 144 -12.03 18.52 -6.36
CA GLN A 144 -12.82 19.69 -5.97
C GLN A 144 -12.00 20.65 -5.12
N ASN A 145 -11.12 20.08 -4.29
CA ASN A 145 -10.26 20.87 -3.40
C ASN A 145 -11.03 22.02 -2.76
N LYS A 146 -11.65 21.74 -1.62
CA LYS A 146 -12.43 22.74 -0.90
C LYS A 146 -11.71 23.15 0.38
N VAL A 147 -11.83 24.43 0.74
CA VAL A 147 -11.20 24.95 1.94
C VAL A 147 -12.19 25.03 3.09
N ASP A 148 -11.73 24.64 4.29
CA ASP A 148 -12.58 24.67 5.47
C ASP A 148 -13.76 23.72 5.31
N ARG A 149 -13.82 22.69 6.16
CA ARG A 149 -14.89 21.71 6.11
C ARG A 149 -16.21 22.34 6.55
N ILE A 150 -16.14 23.30 7.45
CA ILE A 150 -17.33 23.98 7.95
C ILE A 150 -17.63 25.22 7.13
N ARG A 151 -18.91 25.44 6.83
CA ARG A 151 -19.34 26.60 6.06
C ARG A 151 -20.34 27.44 6.84
N ASN B 1 18.51 -9.62 13.64
CA ASN B 1 17.66 -10.14 12.53
C ASN B 1 18.33 -9.95 11.18
N ILE B 2 18.51 -11.05 10.45
CA ILE B 2 19.15 -11.00 9.14
C ILE B 2 18.21 -11.53 8.06
N TPO B 3 18.12 -10.81 6.95
CA TPO B 3 17.26 -11.20 5.84
CB TPO B 3 16.56 -9.99 5.21
CG2 TPO B 3 15.69 -10.41 4.03
OG1 TPO B 3 15.76 -9.34 6.17
P TPO B 3 16.10 -7.85 6.51
O1P TPO B 3 15.10 -7.48 7.64
O2P TPO B 3 17.53 -7.90 7.09
O3P TPO B 3 15.99 -6.95 5.32
C TPO B 3 18.07 -11.94 4.77
O TPO B 3 19.00 -11.38 4.19
H TPO B 3 18.65 -9.97 6.87
HA TPO B 3 16.51 -11.87 6.23
HB TPO B 3 17.31 -9.30 4.85
HG21 TPO B 3 15.78 -11.47 3.87
HG22 TPO B 3 16.01 -9.88 3.14
HG23 TPO B 3 14.66 -10.16 4.25
N GLN B 4 17.70 -13.18 4.50
CA GLN B 4 18.38 -13.99 3.51
C GLN B 4 17.90 -13.64 2.10
N PRO B 5 18.81 -13.58 1.12
CA PRO B 5 18.46 -13.25 -0.27
C PRO B 5 17.75 -14.40 -0.97
N THR B 6 17.59 -14.27 -2.29
CA THR B 6 16.92 -15.30 -3.08
C THR B 6 17.69 -15.56 -4.38
N GLN B 7 17.47 -16.73 -4.97
CA GLN B 7 18.14 -17.10 -6.21
C GLN B 7 17.27 -16.75 -7.41
N GLN B 8 17.92 -16.58 -8.56
CA GLN B 8 17.21 -16.24 -9.79
C GLN B 8 17.60 -17.19 -10.92
N SER B 9 16.83 -18.25 -11.07
CA SER B 9 17.09 -19.24 -12.12
C SER B 9 16.17 -19.04 -13.31
N THR B 10 16.66 -18.38 -14.34
CA THR B 10 15.88 -18.11 -15.55
C THR B 10 16.46 -18.85 -16.75
N ALA A 1 -20.36 -14.18 -2.62
CA ALA A 1 -18.99 -13.68 -2.36
C ALA A 1 -18.98 -12.72 -1.17
N THR A 2 -18.00 -12.89 -0.29
CA THR A 2 -17.88 -12.04 0.88
C THR A 2 -19.16 -12.07 1.71
N GLN A 3 -19.61 -13.27 2.05
CA GLN A 3 -20.84 -13.44 2.83
C GLN A 3 -20.70 -12.76 4.20
N ARG A 4 -19.58 -13.01 4.86
CA ARG A 4 -19.33 -12.41 6.17
C ARG A 4 -19.12 -10.91 6.04
N PHE A 5 -18.47 -10.51 4.95
CA PHE A 5 -18.19 -9.11 4.69
C PHE A 5 -19.49 -8.31 4.59
N LEU A 6 -20.46 -8.86 3.87
CA LEU A 6 -21.75 -8.21 3.68
C LEU A 6 -22.42 -7.93 5.03
N ILE A 7 -22.40 -8.93 5.90
CA ILE A 7 -23.01 -8.80 7.22
C ILE A 7 -22.29 -7.74 8.04
N GLU A 8 -20.97 -7.79 8.05
CA GLU A 8 -20.17 -6.84 8.78
C GLU A 8 -20.38 -5.42 8.27
N LYS A 9 -20.62 -5.29 6.97
CA LYS A 9 -20.82 -3.98 6.35
C LYS A 9 -21.95 -3.21 7.01
N PHE A 10 -23.09 -3.87 7.22
CA PHE A 10 -24.24 -3.21 7.85
C PHE A 10 -23.98 -2.97 9.34
N SER A 11 -23.50 -4.00 10.02
CA SER A 11 -23.21 -3.92 11.44
C SER A 11 -22.21 -2.81 11.73
N GLN A 12 -21.13 -2.77 10.94
CA GLN A 12 -20.10 -1.76 11.12
C GLN A 12 -20.41 -0.51 10.30
N GLU A 13 -19.51 0.47 10.34
CA GLU A 13 -19.70 1.71 9.60
C GLU A 13 -19.04 1.62 8.22
N GLN A 14 -19.51 2.47 7.31
CA GLN A 14 -18.98 2.49 5.95
C GLN A 14 -17.53 2.97 5.94
N ILE A 15 -16.69 2.31 5.14
CA ILE A 15 -15.28 2.66 5.05
C ILE A 15 -15.06 3.83 4.10
N GLY A 16 -14.19 4.71 4.53
CA GLY A 16 -13.86 5.89 3.73
C GLY A 16 -13.70 7.13 4.58
N GLU A 17 -12.99 6.99 5.70
CA GLU A 17 -12.75 8.12 6.60
C GLU A 17 -11.71 9.06 6.02
N ASN A 18 -10.69 8.50 5.40
CA ASN A 18 -9.61 9.29 4.79
C ASN A 18 -8.60 8.33 4.23
N ILE A 19 -9.13 7.26 3.67
CA ILE A 19 -8.34 6.20 3.12
C ILE A 19 -7.72 6.57 1.79
N VAL A 20 -6.44 6.26 1.68
CA VAL A 20 -5.67 6.53 0.51
C VAL A 20 -5.72 5.35 -0.45
N CYS A 21 -5.21 4.22 0.04
CA CYS A 21 -5.19 2.99 -0.73
C CYS A 21 -5.31 1.78 0.19
N ARG A 22 -5.98 0.73 -0.28
CA ARG A 22 -6.17 -0.48 0.51
C ARG A 22 -5.42 -1.67 -0.09
N VAL A 23 -4.79 -2.46 0.77
CA VAL A 23 -4.04 -3.64 0.33
C VAL A 23 -4.85 -4.90 0.55
N ILE A 24 -5.07 -5.66 -0.52
CA ILE A 24 -5.84 -6.89 -0.43
C ILE A 24 -5.05 -8.08 -0.97
N CYS A 25 -4.93 -9.13 -0.16
CA CYS A 25 -4.21 -10.33 -0.56
C CYS A 25 -5.18 -11.37 -1.13
N THR A 26 -5.13 -11.56 -2.45
CA THR A 26 -6.01 -12.52 -3.11
C THR A 26 -5.41 -13.92 -3.14
N THR A 27 -4.09 -14.01 -2.97
CA THR A 27 -3.41 -15.31 -2.99
C THR A 27 -3.56 -16.03 -1.65
N GLY A 28 -4.20 -15.38 -0.69
CA GLY A 28 -4.40 -15.97 0.62
C GLY A 28 -3.12 -16.10 1.41
N GLN A 29 -2.65 -14.99 1.96
CA GLN A 29 -1.42 -14.97 2.74
C GLN A 29 -1.50 -13.94 3.86
N ILE A 30 -2.03 -12.76 3.54
CA ILE A 30 -2.16 -11.69 4.52
C ILE A 30 -3.57 -11.11 4.51
N PRO A 31 -4.10 -10.73 5.70
CA PRO A 31 -5.44 -10.16 5.81
C PRO A 31 -5.50 -8.73 5.28
N ILE A 32 -6.64 -8.37 4.69
CA ILE A 32 -6.82 -7.03 4.13
C ILE A 32 -6.58 -5.94 5.18
N ARG A 33 -6.10 -4.80 4.71
CA ARG A 33 -5.84 -3.65 5.58
C ARG A 33 -6.16 -2.35 4.86
N ASP A 34 -6.38 -1.27 5.62
CA ASP A 34 -6.71 0.01 5.01
C ASP A 34 -5.66 1.08 5.33
N LEU A 35 -5.05 1.61 4.28
CA LEU A 35 -4.05 2.66 4.41
C LEU A 35 -4.73 4.01 4.22
N SER A 36 -4.39 5.00 5.06
CA SER A 36 -5.03 6.30 4.95
C SER A 36 -4.12 7.46 5.27
N ALA A 37 -4.53 8.60 4.76
CA ALA A 37 -3.81 9.85 4.96
C ALA A 37 -4.78 11.01 5.20
N ASP A 38 -4.42 11.91 6.11
CA ASP A 38 -5.27 13.05 6.43
C ASP A 38 -5.17 14.12 5.35
N ILE A 39 -6.33 14.63 4.95
CA ILE A 39 -6.42 15.66 3.92
C ILE A 39 -5.75 16.97 4.36
N SER A 40 -5.98 17.35 5.61
CA SER A 40 -5.41 18.58 6.15
C SER A 40 -3.89 18.56 6.04
N GLN A 41 -3.33 17.39 6.28
CA GLN A 41 -1.89 17.20 6.21
C GLN A 41 -1.41 17.32 4.76
N VAL A 42 -2.22 16.83 3.83
CA VAL A 42 -1.89 16.87 2.42
C VAL A 42 -1.97 18.30 1.89
N LEU A 43 -2.99 19.02 2.31
CA LEU A 43 -3.19 20.40 1.88
C LEU A 43 -2.14 21.31 2.51
N LYS A 44 -1.71 20.97 3.72
CA LYS A 44 -0.71 21.76 4.43
C LYS A 44 0.69 21.50 3.87
N GLU A 45 1.04 20.23 3.75
CA GLU A 45 2.35 19.85 3.23
C GLU A 45 2.46 20.18 1.74
N LYS A 46 3.34 21.14 1.44
CA LYS A 46 3.55 21.57 0.05
C LYS A 46 4.71 20.81 -0.58
N ARG A 47 5.67 20.42 0.25
CA ARG A 47 6.84 19.69 -0.23
C ARG A 47 6.96 18.34 0.48
N SER A 48 7.92 17.54 0.04
CA SER A 48 8.14 16.22 0.63
C SER A 48 6.91 15.34 0.47
N ILE A 49 6.90 14.20 1.15
CA ILE A 49 5.79 13.26 1.08
C ILE A 49 4.88 13.39 2.30
N LYS A 50 3.58 13.23 2.09
CA LYS A 50 2.60 13.33 3.17
C LYS A 50 2.80 12.20 4.18
N LYS A 51 2.43 10.99 3.80
CA LYS A 51 2.57 9.84 4.68
C LYS A 51 2.84 8.56 3.90
N VAL A 52 3.96 7.93 4.20
CA VAL A 52 4.35 6.69 3.52
C VAL A 52 4.22 5.48 4.43
N TRP A 53 3.74 4.41 3.81
CA TRP A 53 3.55 3.14 4.52
C TRP A 53 4.67 2.15 4.24
N THR A 54 5.11 1.44 5.27
CA THR A 54 6.13 0.43 5.11
C THR A 54 5.53 -0.94 5.41
N PHE A 55 5.70 -1.86 4.48
CA PHE A 55 5.14 -3.21 4.60
C PHE A 55 6.24 -4.25 4.74
N GLY A 56 5.97 -5.29 5.53
CA GLY A 56 6.93 -6.35 5.72
C GLY A 56 6.64 -7.21 6.94
N ARG A 57 7.53 -8.15 7.23
CA ARG A 57 7.36 -9.04 8.38
C ARG A 57 7.66 -8.35 9.70
N ASN A 58 8.05 -7.08 9.65
CA ASN A 58 8.36 -6.33 10.85
C ASN A 58 7.10 -5.74 11.47
N PRO A 59 6.92 -5.90 12.80
CA PRO A 59 5.76 -5.37 13.51
C PRO A 59 5.79 -3.84 13.57
N ALA A 60 6.91 -3.26 13.14
CA ALA A 60 7.07 -1.83 13.12
C ALA A 60 6.44 -1.30 11.87
N CYS A 61 6.71 -2.01 10.79
CA CYS A 61 6.19 -1.68 9.50
C CYS A 61 4.75 -1.24 9.60
N ASP A 62 4.42 -0.21 8.87
CA ASP A 62 3.06 0.29 8.87
C ASP A 62 2.08 -0.82 8.47
N TYR A 63 2.61 -1.87 7.84
CA TYR A 63 1.79 -2.99 7.43
C TYR A 63 2.39 -4.32 7.87
N HIS A 64 1.61 -5.12 8.58
CA HIS A 64 2.09 -6.43 9.05
C HIS A 64 1.56 -7.54 8.16
N LEU A 65 2.42 -8.50 7.84
CA LEU A 65 2.04 -9.62 6.99
C LEU A 65 2.31 -10.96 7.68
N GLY A 66 3.58 -11.28 7.85
CA GLY A 66 3.95 -12.53 8.50
C GLY A 66 5.42 -12.60 8.86
N ASN A 67 6.08 -13.67 8.45
CA ASN A 67 7.50 -13.85 8.73
C ASN A 67 8.13 -14.84 7.77
N ILE A 68 8.19 -14.47 6.49
CA ILE A 68 8.79 -15.32 5.47
C ILE A 68 10.28 -15.04 5.33
N SER A 69 11.07 -16.10 5.41
CA SER A 69 12.53 -15.97 5.29
C SER A 69 12.91 -15.26 4.00
N ARG A 70 12.04 -15.34 3.01
CA ARG A 70 12.30 -14.70 1.71
C ARG A 70 12.04 -13.20 1.79
N LEU A 71 10.88 -12.82 2.33
CA LEU A 71 10.52 -11.42 2.46
C LEU A 71 11.35 -10.72 3.53
N SER A 72 11.54 -9.42 3.38
CA SER A 72 12.33 -8.65 4.35
C SER A 72 11.44 -7.97 5.38
N ASN A 73 12.07 -7.52 6.49
CA ASN A 73 11.35 -6.82 7.56
C ASN A 73 10.36 -5.83 6.96
N LYS A 74 10.90 -4.98 6.10
CA LYS A 74 10.12 -3.98 5.38
C LYS A 74 10.27 -4.28 3.90
N HIS A 75 9.49 -5.25 3.45
CA HIS A 75 9.56 -5.71 2.07
C HIS A 75 9.26 -4.62 1.07
N PHE A 76 8.22 -3.85 1.32
CA PHE A 76 7.85 -2.78 0.40
C PHE A 76 7.28 -1.57 1.13
N GLN A 77 7.30 -0.41 0.48
CA GLN A 77 6.80 0.82 1.09
C GLN A 77 5.96 1.62 0.10
N ILE A 78 4.87 2.23 0.59
CA ILE A 78 4.01 3.03 -0.27
C ILE A 78 3.98 4.49 0.19
N LEU A 79 4.20 5.42 -0.73
CA LEU A 79 4.19 6.84 -0.36
C LEU A 79 3.01 7.58 -0.97
N LEU A 80 2.44 8.49 -0.19
CA LEU A 80 1.30 9.28 -0.64
C LEU A 80 1.63 10.76 -0.59
N GLY A 81 1.32 11.47 -1.67
CA GLY A 81 1.60 12.89 -1.73
C GLY A 81 1.94 13.36 -3.13
N GLU A 82 2.54 14.55 -3.22
CA GLU A 82 2.93 15.12 -4.51
C GLU A 82 1.72 15.35 -5.40
N ASP A 83 1.33 16.62 -5.53
CA ASP A 83 0.19 17.00 -6.36
C ASP A 83 -1.10 16.41 -5.79
N GLY A 84 -1.34 15.13 -6.07
CA GLY A 84 -2.53 14.47 -5.58
C GLY A 84 -2.66 13.04 -6.10
N ASN A 85 -1.54 12.35 -6.19
CA ASN A 85 -1.52 10.97 -6.66
C ASN A 85 -0.85 10.06 -5.64
N LEU A 86 -0.67 8.80 -6.02
CA LEU A 86 -0.04 7.81 -5.14
C LEU A 86 1.22 7.24 -5.78
N LEU A 87 2.18 6.86 -4.94
CA LEU A 87 3.44 6.29 -5.41
C LEU A 87 3.77 5.02 -4.64
N LEU A 88 4.37 4.06 -5.32
CA LEU A 88 4.74 2.80 -4.69
C LEU A 88 6.26 2.68 -4.62
N ASN A 89 6.77 2.41 -3.42
CA ASN A 89 8.21 2.28 -3.24
C ASN A 89 8.59 0.89 -2.79
N ASP A 90 9.32 0.18 -3.62
CA ASP A 90 9.76 -1.17 -3.28
C ASP A 90 10.98 -1.10 -2.37
N ILE A 91 11.00 -1.95 -1.35
CA ILE A 91 12.11 -1.94 -0.39
C ILE A 91 12.42 -3.34 0.14
N SER A 92 12.38 -4.34 -0.73
CA SER A 92 12.64 -5.70 -0.33
C SER A 92 14.08 -6.11 -0.66
N THR A 93 14.56 -7.13 0.04
CA THR A 93 15.90 -7.64 -0.20
C THR A 93 15.97 -8.33 -1.56
N ASN A 94 14.87 -8.99 -1.94
CA ASN A 94 14.82 -9.71 -3.21
C ASN A 94 14.13 -8.90 -4.32
N GLY A 95 13.34 -7.89 -3.94
CA GLY A 95 12.67 -7.10 -4.93
C GLY A 95 11.15 -7.13 -4.81
N THR A 96 10.52 -6.13 -5.40
CA THR A 96 9.07 -6.01 -5.39
C THR A 96 8.53 -6.08 -6.82
N TRP A 97 7.45 -6.80 -7.02
CA TRP A 97 6.88 -6.95 -8.36
C TRP A 97 5.50 -6.34 -8.51
N LEU A 98 5.23 -5.88 -9.72
CA LEU A 98 3.93 -5.33 -10.04
C LEU A 98 3.37 -6.09 -11.24
N ASN A 99 2.30 -6.83 -11.02
CA ASN A 99 1.67 -7.62 -12.07
C ASN A 99 2.68 -8.41 -12.89
N GLY A 100 3.68 -9.01 -12.22
CA GLY A 100 4.66 -9.79 -12.91
C GLY A 100 5.84 -8.98 -13.42
N GLN A 101 5.78 -7.66 -13.23
CA GLN A 101 6.87 -6.81 -13.68
C GLN A 101 7.70 -6.31 -12.50
N LYS A 102 8.97 -6.67 -12.50
CA LYS A 102 9.89 -6.28 -11.44
C LYS A 102 10.30 -4.82 -11.60
N VAL A 103 10.02 -4.01 -10.57
CA VAL A 103 10.37 -2.59 -10.59
C VAL A 103 11.67 -2.34 -9.86
N GLU A 104 12.25 -1.17 -10.07
CA GLU A 104 13.50 -0.79 -9.42
C GLU A 104 13.29 -0.57 -7.94
N LYS A 105 14.08 -1.24 -7.10
CA LYS A 105 13.95 -1.11 -5.66
C LYS A 105 14.01 0.36 -5.26
N ASN A 106 13.54 0.64 -4.05
CA ASN A 106 13.52 1.99 -3.50
C ASN A 106 13.25 3.05 -4.56
N SER A 107 12.45 2.69 -5.54
CA SER A 107 12.09 3.60 -6.63
C SER A 107 10.62 3.99 -6.57
N ASN A 108 10.32 5.23 -6.94
CA ASN A 108 8.95 5.72 -6.94
C ASN A 108 8.24 5.36 -8.24
N GLN A 109 7.05 4.78 -8.12
CA GLN A 109 6.27 4.40 -9.30
C GLN A 109 4.85 4.93 -9.20
N LEU A 110 4.27 5.28 -10.33
CA LEU A 110 2.90 5.78 -10.35
C LEU A 110 1.92 4.65 -10.08
N LEU A 111 1.14 4.79 -9.01
CA LEU A 111 0.18 3.77 -8.63
C LEU A 111 -0.76 3.42 -9.78
N SER A 112 -1.32 2.23 -9.71
CA SER A 112 -2.24 1.74 -10.74
C SER A 112 -3.57 1.33 -10.12
N GLN A 113 -4.63 1.39 -10.91
CA GLN A 113 -5.96 1.01 -10.42
C GLN A 113 -6.05 -0.50 -10.23
N GLY A 114 -6.38 -0.90 -9.01
CA GLY A 114 -6.48 -2.32 -8.71
C GLY A 114 -5.18 -3.06 -8.97
N ASP A 115 -4.07 -2.32 -9.00
CA ASP A 115 -2.76 -2.89 -9.24
C ASP A 115 -2.49 -4.05 -8.29
N GLU A 116 -1.38 -4.73 -8.49
CA GLU A 116 -1.01 -5.85 -7.64
C GLU A 116 0.50 -5.92 -7.45
N ILE A 117 0.94 -6.15 -6.22
CA ILE A 117 2.36 -6.24 -5.94
C ILE A 117 2.73 -7.67 -5.56
N THR A 118 3.68 -8.23 -6.31
CA THR A 118 4.14 -9.59 -6.06
C THR A 118 5.50 -9.57 -5.39
N VAL A 119 5.71 -10.46 -4.42
CA VAL A 119 6.97 -10.51 -3.70
C VAL A 119 7.42 -11.94 -3.43
N GLY A 120 8.72 -12.10 -3.19
CA GLY A 120 9.27 -13.41 -2.91
C GLY A 120 9.58 -14.17 -4.18
N VAL A 121 10.03 -13.45 -5.21
CA VAL A 121 10.37 -14.04 -6.48
C VAL A 121 11.74 -14.71 -6.46
N GLY A 122 11.79 -15.85 -7.12
CA GLY A 122 13.00 -16.64 -7.17
C GLY A 122 12.65 -18.11 -6.97
N VAL A 123 11.59 -18.32 -6.21
CA VAL A 123 11.07 -19.63 -5.93
C VAL A 123 9.59 -19.66 -6.29
N GLU A 124 9.21 -20.51 -7.24
CA GLU A 124 7.84 -20.61 -7.70
C GLU A 124 6.85 -20.76 -6.54
N SER A 125 7.26 -21.48 -5.50
CA SER A 125 6.40 -21.72 -4.36
C SER A 125 6.61 -20.69 -3.24
N ASP A 126 7.40 -19.65 -3.48
CA ASP A 126 7.65 -18.67 -2.43
C ASP A 126 7.34 -17.24 -2.86
N ILE A 127 6.40 -17.11 -3.76
CA ILE A 127 5.97 -15.81 -4.23
C ILE A 127 4.59 -15.47 -3.67
N LEU A 128 4.42 -14.22 -3.29
CA LEU A 128 3.17 -13.73 -2.73
C LEU A 128 2.62 -12.59 -3.56
N SER A 129 1.32 -12.63 -3.85
CA SER A 129 0.68 -11.58 -4.65
C SER A 129 -0.28 -10.75 -3.82
N LEU A 130 -0.17 -9.43 -3.96
CA LEU A 130 -1.02 -8.50 -3.23
C LEU A 130 -1.71 -7.55 -4.20
N VAL A 131 -2.91 -7.10 -3.84
CA VAL A 131 -3.66 -6.18 -4.69
C VAL A 131 -3.89 -4.84 -4.00
N ILE A 132 -3.79 -3.76 -4.78
CA ILE A 132 -3.95 -2.43 -4.26
C ILE A 132 -5.29 -1.84 -4.71
N PHE A 133 -6.11 -1.46 -3.73
CA PHE A 133 -7.42 -0.87 -4.02
C PHE A 133 -7.41 0.62 -3.70
N ILE A 134 -7.49 1.45 -4.73
CA ILE A 134 -7.48 2.89 -4.56
C ILE A 134 -8.88 3.43 -4.27
N ASN A 135 -8.96 4.31 -3.26
CA ASN A 135 -10.23 4.91 -2.88
C ASN A 135 -10.53 6.14 -3.74
N ASP A 136 -11.46 5.99 -4.67
CA ASP A 136 -11.84 7.09 -5.56
C ASP A 136 -12.33 8.30 -4.76
N LYS A 137 -12.93 8.04 -3.60
CA LYS A 137 -13.44 9.10 -2.75
C LYS A 137 -12.32 10.05 -2.34
N PHE A 138 -11.20 9.46 -1.95
CA PHE A 138 -10.04 10.24 -1.52
C PHE A 138 -9.58 11.19 -2.64
N LYS A 139 -9.57 10.68 -3.87
CA LYS A 139 -9.16 11.47 -5.02
C LYS A 139 -10.08 12.67 -5.22
N GLN A 140 -11.36 12.48 -4.95
CA GLN A 140 -12.35 13.55 -5.10
C GLN A 140 -12.06 14.70 -4.16
N CYS A 141 -11.67 14.37 -2.93
CA CYS A 141 -11.37 15.38 -1.92
C CYS A 141 -10.12 16.17 -2.30
N LEU A 142 -9.09 15.45 -2.74
CA LEU A 142 -7.83 16.09 -3.13
C LEU A 142 -8.01 16.90 -4.41
N GLU A 143 -8.78 16.36 -5.35
CA GLU A 143 -9.02 17.04 -6.62
C GLU A 143 -9.78 18.35 -6.40
N GLN A 144 -10.85 18.29 -5.62
CA GLN A 144 -11.65 19.47 -5.34
C GLN A 144 -11.00 20.35 -4.29
N ASN A 145 -10.35 19.70 -3.31
CA ASN A 145 -9.67 20.42 -2.22
C ASN A 145 -10.50 21.60 -1.72
N LYS A 146 -11.82 21.41 -1.66
CA LYS A 146 -12.72 22.45 -1.21
C LYS A 146 -13.59 21.94 -0.06
N VAL A 147 -13.98 22.85 0.83
CA VAL A 147 -14.82 22.49 1.97
C VAL A 147 -16.28 22.33 1.55
N ASP A 148 -16.85 21.18 1.87
CA ASP A 148 -18.24 20.90 1.53
C ASP A 148 -19.06 20.62 2.78
N ARG A 149 -19.81 21.63 3.23
CA ARG A 149 -20.64 21.49 4.42
C ARG A 149 -22.07 21.96 4.15
N ILE A 150 -22.95 21.77 5.13
CA ILE A 150 -24.34 22.18 4.99
C ILE A 150 -24.50 23.68 5.22
N ARG A 151 -25.19 24.35 4.31
CA ARG A 151 -25.42 25.78 4.41
C ARG A 151 -26.42 26.25 3.37
N ASN B 1 15.93 -8.88 11.50
CA ASN B 1 17.37 -8.62 11.27
C ASN B 1 17.94 -9.55 10.22
N ILE B 2 18.84 -9.03 9.39
CA ILE B 2 19.48 -9.81 8.33
C ILE B 2 18.47 -10.70 7.60
N TPO B 3 17.91 -10.19 6.51
CA TPO B 3 16.93 -10.94 5.73
CB TPO B 3 16.08 -10.00 4.85
CG2 TPO B 3 15.08 -10.79 4.01
OG1 TPO B 3 15.40 -9.08 5.65
P TPO B 3 16.15 -7.81 6.12
O1P TPO B 3 15.06 -6.70 6.17
O2P TPO B 3 16.62 -8.12 7.56
O3P TPO B 3 17.29 -7.44 5.22
C TPO B 3 17.62 -11.97 4.84
O TPO B 3 18.58 -11.66 4.15
H TPO B 3 18.16 -9.29 6.23
HA TPO B 3 16.27 -11.45 6.42
HB TPO B 3 16.74 -9.46 4.19
HG21 TPO B 3 15.61 -11.53 3.43
HG22 TPO B 3 14.56 -10.12 3.35
HG23 TPO B 3 14.38 -11.28 4.66
N GLN B 4 17.12 -13.21 4.88
CA GLN B 4 17.69 -14.28 4.08
C GLN B 4 17.50 -14.01 2.59
N PRO B 5 18.60 -13.98 1.81
CA PRO B 5 18.53 -13.73 0.36
C PRO B 5 17.93 -14.91 -0.40
N THR B 6 17.78 -14.74 -1.70
CA THR B 6 17.20 -15.79 -2.55
C THR B 6 18.32 -16.63 -3.18
N GLN B 7 17.92 -17.74 -3.80
CA GLN B 7 18.88 -18.64 -4.43
C GLN B 7 19.10 -18.24 -5.89
N GLN B 8 20.33 -18.45 -6.37
CA GLN B 8 20.67 -18.10 -7.75
C GLN B 8 21.44 -19.24 -8.40
N SER B 9 21.40 -19.29 -9.73
CA SER B 9 22.10 -20.33 -10.48
C SER B 9 21.59 -21.72 -10.09
N THR B 10 20.52 -22.14 -10.75
CA THR B 10 19.93 -23.46 -10.47
C THR B 10 19.47 -23.55 -9.02
N ALA A 1 -40.38 -5.78 6.19
CA ALA A 1 -38.91 -5.56 6.15
C ALA A 1 -38.16 -6.74 6.75
N THR A 2 -37.74 -7.65 5.87
CA THR A 2 -37.01 -8.84 6.29
C THR A 2 -35.89 -9.18 5.31
N GLN A 3 -36.26 -9.43 4.06
CA GLN A 3 -35.29 -9.76 3.03
C GLN A 3 -34.46 -8.54 2.64
N ARG A 4 -35.13 -7.38 2.58
CA ARG A 4 -34.44 -6.14 2.23
C ARG A 4 -33.31 -5.83 3.19
N PHE A 5 -33.54 -6.09 4.47
CA PHE A 5 -32.54 -5.85 5.50
C PHE A 5 -31.28 -6.68 5.23
N LEU A 6 -31.48 -7.91 4.77
CA LEU A 6 -30.37 -8.81 4.47
C LEU A 6 -29.51 -8.24 3.35
N ILE A 7 -30.14 -7.51 2.44
CA ILE A 7 -29.44 -6.90 1.31
C ILE A 7 -28.57 -5.74 1.79
N GLU A 8 -29.05 -5.00 2.78
CA GLU A 8 -28.31 -3.86 3.31
C GLU A 8 -26.94 -4.31 3.81
N LYS A 9 -26.92 -5.40 4.56
CA LYS A 9 -25.68 -5.95 5.09
C LYS A 9 -24.81 -6.48 3.95
N PHE A 10 -25.44 -6.82 2.84
CA PHE A 10 -24.74 -7.35 1.68
C PHE A 10 -23.66 -6.38 1.20
N SER A 11 -24.03 -5.11 1.07
CA SER A 11 -23.11 -4.08 0.64
C SER A 11 -22.08 -3.76 1.73
N GLN A 12 -22.44 -4.06 2.98
CA GLN A 12 -21.55 -3.80 4.11
C GLN A 12 -21.28 -2.30 4.25
N GLU A 13 -20.66 -1.93 5.37
CA GLU A 13 -20.35 -0.53 5.63
C GLU A 13 -19.37 0.01 4.60
N GLN A 14 -19.67 1.19 4.06
CA GLN A 14 -18.81 1.82 3.06
C GLN A 14 -17.80 2.74 3.72
N ILE A 15 -16.54 2.31 3.73
CA ILE A 15 -15.47 3.10 4.33
C ILE A 15 -14.96 4.16 3.38
N GLY A 16 -14.73 5.33 3.94
CA GLY A 16 -14.23 6.45 3.17
C GLY A 16 -13.91 7.66 4.03
N GLU A 17 -13.31 7.42 5.19
CA GLU A 17 -12.96 8.49 6.12
C GLU A 17 -11.80 9.31 5.56
N ASN A 18 -10.76 8.64 5.10
CA ASN A 18 -9.58 9.30 4.55
C ASN A 18 -8.59 8.23 4.16
N ILE A 19 -9.13 7.18 3.59
CA ILE A 19 -8.37 6.02 3.22
C ILE A 19 -7.75 6.17 1.84
N VAL A 20 -6.49 6.59 1.84
CA VAL A 20 -5.72 6.77 0.64
C VAL A 20 -5.87 5.57 -0.29
N CYS A 21 -5.44 4.41 0.19
CA CYS A 21 -5.52 3.17 -0.58
C CYS A 21 -5.65 1.95 0.35
N ARG A 22 -6.04 0.82 -0.20
CA ARG A 22 -6.19 -0.41 0.58
C ARG A 22 -5.35 -1.55 0.01
N VAL A 23 -4.71 -2.32 0.89
CA VAL A 23 -3.88 -3.44 0.48
C VAL A 23 -4.60 -4.77 0.72
N ILE A 24 -4.76 -5.55 -0.34
CA ILE A 24 -5.45 -6.83 -0.25
C ILE A 24 -4.59 -7.96 -0.83
N CYS A 25 -4.25 -8.94 0.01
CA CYS A 25 -3.46 -10.07 -0.43
C CYS A 25 -4.34 -11.09 -1.16
N THR A 26 -4.27 -11.08 -2.49
CA THR A 26 -5.08 -11.98 -3.31
C THR A 26 -4.67 -13.45 -3.14
N THR A 27 -3.45 -13.69 -2.67
CA THR A 27 -2.97 -15.05 -2.48
C THR A 27 -3.51 -15.67 -1.20
N GLY A 28 -4.26 -14.88 -0.44
CA GLY A 28 -4.84 -15.38 0.80
C GLY A 28 -3.79 -15.81 1.80
N GLN A 29 -3.14 -14.84 2.43
CA GLN A 29 -2.12 -15.12 3.43
C GLN A 29 -2.15 -14.08 4.54
N ILE A 30 -2.28 -12.81 4.15
CA ILE A 30 -2.32 -11.71 5.09
C ILE A 30 -3.71 -11.07 5.12
N PRO A 31 -4.18 -10.63 6.31
CA PRO A 31 -5.49 -10.01 6.46
C PRO A 31 -5.52 -8.61 5.84
N ILE A 32 -6.58 -8.32 5.10
CA ILE A 32 -6.72 -7.02 4.44
C ILE A 32 -6.64 -5.87 5.45
N ARG A 33 -5.99 -4.79 5.03
CA ARG A 33 -5.83 -3.60 5.87
C ARG A 33 -6.09 -2.35 5.04
N ASP A 34 -6.31 -1.23 5.69
CA ASP A 34 -6.59 0.01 4.99
C ASP A 34 -5.56 1.09 5.28
N LEU A 35 -4.88 1.55 4.24
CA LEU A 35 -3.88 2.61 4.36
C LEU A 35 -4.59 3.95 4.26
N SER A 36 -4.35 4.85 5.20
CA SER A 36 -5.02 6.14 5.14
C SER A 36 -4.14 7.32 5.47
N ALA A 37 -4.56 8.44 4.92
CA ALA A 37 -3.87 9.71 5.12
C ALA A 37 -4.86 10.88 5.09
N ASP A 38 -4.57 11.92 5.84
CA ASP A 38 -5.42 13.10 5.89
C ASP A 38 -5.18 13.99 4.69
N ILE A 39 -6.26 14.30 3.97
CA ILE A 39 -6.17 15.14 2.77
C ILE A 39 -5.74 16.57 3.11
N SER A 40 -6.32 17.14 4.15
CA SER A 40 -6.01 18.49 4.56
C SER A 40 -4.53 18.64 4.87
N GLN A 41 -3.99 17.63 5.54
CA GLN A 41 -2.59 17.61 5.92
C GLN A 41 -1.69 17.47 4.70
N VAL A 42 -2.15 16.69 3.72
CA VAL A 42 -1.40 16.48 2.50
C VAL A 42 -1.42 17.71 1.61
N LEU A 43 -2.58 18.36 1.53
CA LEU A 43 -2.73 19.55 0.72
C LEU A 43 -2.00 20.74 1.34
N LYS A 44 -1.89 20.74 2.67
CA LYS A 44 -1.22 21.81 3.39
C LYS A 44 0.29 21.61 3.38
N GLU A 45 0.73 20.41 3.74
CA GLU A 45 2.16 20.09 3.77
C GLU A 45 2.76 20.15 2.37
N LYS A 46 3.91 20.81 2.25
CA LYS A 46 4.59 20.95 0.97
C LYS A 46 5.88 20.13 0.95
N ARG A 47 6.41 19.83 2.13
CA ARG A 47 7.65 19.06 2.24
C ARG A 47 7.56 17.77 1.43
N SER A 48 8.72 17.12 1.24
CA SER A 48 8.78 15.87 0.49
C SER A 48 7.89 14.80 1.12
N ILE A 49 6.99 14.24 0.31
CA ILE A 49 6.07 13.21 0.77
C ILE A 49 5.29 13.67 1.99
N LYS A 50 4.30 12.87 2.39
CA LYS A 50 3.47 13.21 3.55
C LYS A 50 3.34 12.01 4.49
N LYS A 51 2.74 10.94 3.99
CA LYS A 51 2.57 9.73 4.78
C LYS A 51 2.94 8.49 3.98
N VAL A 52 3.86 7.69 4.51
CA VAL A 52 4.31 6.49 3.81
C VAL A 52 4.16 5.25 4.68
N TRP A 53 3.72 4.17 4.06
CA TRP A 53 3.53 2.89 4.75
C TRP A 53 4.64 1.91 4.43
N THR A 54 5.10 1.18 5.43
CA THR A 54 6.14 0.18 5.23
C THR A 54 5.58 -1.21 5.52
N PHE A 55 5.73 -2.10 4.55
CA PHE A 55 5.22 -3.48 4.66
C PHE A 55 6.35 -4.48 4.85
N GLY A 56 6.08 -5.53 5.62
CA GLY A 56 7.08 -6.54 5.87
C GLY A 56 6.71 -7.48 7.00
N ARG A 57 7.63 -8.37 7.34
CA ARG A 57 7.40 -9.34 8.42
C ARG A 57 7.66 -8.73 9.79
N ASN A 58 8.13 -7.50 9.82
CA ASN A 58 8.41 -6.81 11.08
C ASN A 58 7.16 -6.16 11.65
N PRO A 59 6.93 -6.28 12.97
CA PRO A 59 5.78 -5.69 13.64
C PRO A 59 5.87 -4.17 13.68
N ALA A 60 7.00 -3.63 13.23
CA ALA A 60 7.21 -2.19 13.17
C ALA A 60 6.57 -1.67 11.93
N CYS A 61 6.80 -2.40 10.85
CA CYS A 61 6.27 -2.07 9.57
C CYS A 61 4.82 -1.69 9.69
N ASP A 62 4.45 -0.64 8.97
CA ASP A 62 3.07 -0.19 8.98
C ASP A 62 2.13 -1.31 8.58
N TYR A 63 2.69 -2.34 7.93
CA TYR A 63 1.90 -3.49 7.49
C TYR A 63 2.54 -4.79 7.95
N HIS A 64 1.82 -5.58 8.75
CA HIS A 64 2.33 -6.85 9.24
C HIS A 64 1.95 -7.98 8.30
N LEU A 65 2.95 -8.56 7.64
CA LEU A 65 2.71 -9.65 6.69
C LEU A 65 2.67 -11.00 7.41
N GLY A 66 3.85 -11.54 7.72
CA GLY A 66 3.92 -12.82 8.40
C GLY A 66 5.31 -13.13 8.92
N ASN A 67 5.99 -14.07 8.29
CA ASN A 67 7.34 -14.45 8.71
C ASN A 67 8.03 -15.30 7.65
N ILE A 68 7.92 -14.87 6.39
CA ILE A 68 8.54 -15.60 5.28
C ILE A 68 10.01 -15.19 5.13
N SER A 69 10.90 -16.17 5.21
CA SER A 69 12.33 -15.90 5.08
C SER A 69 12.64 -15.16 3.79
N ARG A 70 11.83 -15.39 2.77
CA ARG A 70 12.02 -14.74 1.48
C ARG A 70 11.81 -13.23 1.60
N LEU A 71 10.71 -12.84 2.23
CA LEU A 71 10.39 -11.42 2.41
C LEU A 71 11.30 -10.77 3.46
N SER A 72 11.57 -9.49 3.28
CA SER A 72 12.43 -8.76 4.21
C SER A 72 11.62 -8.03 5.29
N ASN A 73 12.32 -7.59 6.35
CA ASN A 73 11.69 -6.86 7.45
C ASN A 73 10.68 -5.86 6.91
N LYS A 74 11.16 -5.02 6.00
CA LYS A 74 10.34 -4.03 5.32
C LYS A 74 10.44 -4.33 3.83
N HIS A 75 9.62 -5.29 3.41
CA HIS A 75 9.64 -5.74 2.03
C HIS A 75 9.32 -4.63 1.04
N PHE A 76 8.29 -3.86 1.34
CA PHE A 76 7.91 -2.77 0.44
C PHE A 76 7.29 -1.61 1.22
N GLN A 77 7.31 -0.42 0.62
CA GLN A 77 6.78 0.77 1.27
C GLN A 77 5.93 1.60 0.31
N ILE A 78 4.83 2.16 0.80
CA ILE A 78 3.97 2.99 -0.05
C ILE A 78 3.98 4.44 0.43
N LEU A 79 4.27 5.37 -0.48
CA LEU A 79 4.32 6.78 -0.12
C LEU A 79 3.21 7.59 -0.79
N LEU A 80 2.72 8.59 -0.05
CA LEU A 80 1.66 9.47 -0.55
C LEU A 80 2.10 10.92 -0.47
N GLY A 81 2.08 11.61 -1.62
CA GLY A 81 2.48 13.00 -1.65
C GLY A 81 3.49 13.30 -2.72
N GLU A 82 3.13 14.19 -3.65
CA GLU A 82 4.02 14.56 -4.74
C GLU A 82 3.38 15.64 -5.61
N ASP A 83 2.08 15.52 -5.84
CA ASP A 83 1.35 16.48 -6.65
C ASP A 83 -0.16 16.28 -6.51
N GLY A 84 -0.58 15.02 -6.52
CA GLY A 84 -1.99 14.71 -6.39
C GLY A 84 -2.29 13.25 -6.67
N ASN A 85 -1.41 12.37 -6.20
CA ASN A 85 -1.59 10.93 -6.41
C ASN A 85 -0.81 10.14 -5.36
N LEU A 86 -0.82 8.82 -5.51
CA LEU A 86 -0.10 7.94 -4.58
C LEU A 86 1.15 7.37 -5.24
N LEU A 87 2.10 6.93 -4.42
CA LEU A 87 3.34 6.37 -4.92
C LEU A 87 3.68 5.07 -4.20
N LEU A 88 4.23 4.11 -4.94
CA LEU A 88 4.61 2.83 -4.38
C LEU A 88 6.13 2.69 -4.37
N ASN A 89 6.71 2.47 -3.20
CA ASN A 89 8.16 2.33 -3.10
C ASN A 89 8.56 0.92 -2.67
N ASP A 90 9.25 0.23 -3.55
CA ASP A 90 9.71 -1.11 -3.25
C ASP A 90 10.95 -1.05 -2.35
N ILE A 91 11.02 -1.94 -1.36
CA ILE A 91 12.15 -1.93 -0.42
C ILE A 91 12.48 -3.33 0.09
N SER A 92 12.39 -4.33 -0.78
CA SER A 92 12.66 -5.69 -0.39
C SER A 92 14.08 -6.11 -0.77
N THR A 93 14.59 -7.12 -0.07
CA THR A 93 15.92 -7.63 -0.34
C THR A 93 15.97 -8.33 -1.69
N ASN A 94 14.86 -8.97 -2.07
CA ASN A 94 14.79 -9.69 -3.34
C ASN A 94 14.10 -8.88 -4.43
N GLY A 95 13.32 -7.87 -4.05
CA GLY A 95 12.66 -7.05 -5.04
C GLY A 95 11.14 -7.08 -4.92
N THR A 96 10.52 -6.07 -5.50
CA THR A 96 9.06 -5.94 -5.51
C THR A 96 8.54 -5.99 -6.93
N TRP A 97 7.44 -6.70 -7.15
CA TRP A 97 6.90 -6.84 -8.49
C TRP A 97 5.54 -6.20 -8.67
N LEU A 98 5.31 -5.72 -9.89
CA LEU A 98 4.05 -5.11 -10.24
C LEU A 98 3.49 -5.86 -11.45
N ASN A 99 2.38 -6.54 -11.26
CA ASN A 99 1.74 -7.31 -12.32
C ASN A 99 2.75 -8.12 -13.14
N GLY A 100 3.69 -8.77 -12.47
CA GLY A 100 4.67 -9.58 -13.15
C GLY A 100 5.88 -8.80 -13.61
N GLN A 101 5.82 -7.48 -13.51
CA GLN A 101 6.94 -6.64 -13.92
C GLN A 101 7.69 -6.12 -12.70
N LYS A 102 8.96 -6.49 -12.59
CA LYS A 102 9.80 -6.07 -11.49
C LYS A 102 10.19 -4.60 -11.63
N VAL A 103 9.85 -3.80 -10.60
CA VAL A 103 10.17 -2.39 -10.60
C VAL A 103 11.50 -2.12 -9.90
N GLU A 104 12.04 -0.92 -10.11
CA GLU A 104 13.30 -0.54 -9.50
C GLU A 104 13.14 -0.35 -8.00
N LYS A 105 13.94 -1.08 -7.22
CA LYS A 105 13.87 -0.99 -5.76
C LYS A 105 13.95 0.46 -5.29
N ASN A 106 13.52 0.69 -4.06
CA ASN A 106 13.52 2.01 -3.44
C ASN A 106 13.22 3.13 -4.44
N SER A 107 12.40 2.80 -5.41
CA SER A 107 12.00 3.77 -6.43
C SER A 107 10.52 4.12 -6.31
N ASN A 108 10.18 5.37 -6.61
CA ASN A 108 8.80 5.83 -6.53
C ASN A 108 8.07 5.57 -7.85
N GLN A 109 6.88 4.97 -7.75
CA GLN A 109 6.08 4.66 -8.94
C GLN A 109 4.66 5.17 -8.76
N LEU A 110 4.02 5.53 -9.88
CA LEU A 110 2.66 6.03 -9.84
C LEU A 110 1.69 4.89 -9.54
N LEU A 111 0.77 5.12 -8.62
CA LEU A 111 -0.19 4.10 -8.24
C LEU A 111 -1.12 3.74 -9.39
N SER A 112 -1.66 2.54 -9.32
CA SER A 112 -2.58 2.04 -10.34
C SER A 112 -3.89 1.59 -9.70
N GLN A 113 -4.98 1.64 -10.47
CA GLN A 113 -6.27 1.23 -9.96
C GLN A 113 -6.33 -0.28 -9.80
N GLY A 114 -6.64 -0.74 -8.59
CA GLY A 114 -6.71 -2.16 -8.32
C GLY A 114 -5.39 -2.86 -8.65
N ASP A 115 -4.30 -2.10 -8.66
CA ASP A 115 -2.98 -2.62 -8.96
C ASP A 115 -2.66 -3.82 -8.07
N GLU A 116 -1.55 -4.48 -8.36
CA GLU A 116 -1.14 -5.64 -7.58
C GLU A 116 0.38 -5.71 -7.47
N ILE A 117 0.87 -5.99 -6.27
CA ILE A 117 2.31 -6.10 -6.05
C ILE A 117 2.70 -7.52 -5.67
N THR A 118 3.64 -8.09 -6.43
CA THR A 118 4.11 -9.44 -6.17
C THR A 118 5.49 -9.40 -5.52
N VAL A 119 5.72 -10.31 -4.58
CA VAL A 119 7.00 -10.34 -3.87
C VAL A 119 7.48 -11.77 -3.63
N GLY A 120 8.79 -11.92 -3.41
CA GLY A 120 9.36 -13.21 -3.16
C GLY A 120 9.58 -14.00 -4.43
N VAL A 121 10.10 -13.32 -5.44
CA VAL A 121 10.35 -13.94 -6.72
C VAL A 121 11.68 -14.66 -6.76
N GLY A 122 11.67 -15.81 -7.41
CA GLY A 122 12.83 -16.65 -7.54
C GLY A 122 12.43 -18.10 -7.48
N VAL A 123 11.46 -18.37 -6.61
CA VAL A 123 10.90 -19.68 -6.43
C VAL A 123 9.38 -19.60 -6.58
N GLU A 124 8.84 -20.31 -7.55
CA GLU A 124 7.40 -20.27 -7.80
C GLU A 124 6.61 -20.52 -6.52
N SER A 125 7.21 -21.23 -5.58
CA SER A 125 6.57 -21.55 -4.32
C SER A 125 6.90 -20.53 -3.22
N ASP A 126 7.59 -19.44 -3.57
CA ASP A 126 7.95 -18.44 -2.57
C ASP A 126 7.56 -17.03 -2.98
N ILE A 127 6.57 -16.92 -3.82
CA ILE A 127 6.07 -15.64 -4.25
C ILE A 127 4.72 -15.32 -3.62
N LEU A 128 4.56 -14.08 -3.23
CA LEU A 128 3.33 -13.59 -2.61
C LEU A 128 2.79 -12.40 -3.38
N SER A 129 1.49 -12.38 -3.64
CA SER A 129 0.89 -11.27 -4.38
C SER A 129 -0.01 -10.42 -3.51
N LEU A 130 -0.07 -9.15 -3.87
CA LEU A 130 -0.88 -8.16 -3.16
C LEU A 130 -1.66 -7.30 -4.14
N VAL A 131 -2.78 -6.76 -3.68
CA VAL A 131 -3.61 -5.90 -4.51
C VAL A 131 -3.87 -4.56 -3.82
N ILE A 132 -3.80 -3.48 -4.60
CA ILE A 132 -4.01 -2.15 -4.08
C ILE A 132 -5.37 -1.61 -4.51
N PHE A 133 -6.21 -1.28 -3.54
CA PHE A 133 -7.53 -0.74 -3.82
C PHE A 133 -7.62 0.74 -3.46
N ILE A 134 -7.77 1.58 -4.47
CA ILE A 134 -7.85 3.02 -4.26
C ILE A 134 -9.29 3.45 -3.96
N ASN A 135 -9.45 4.28 -2.95
CA ASN A 135 -10.77 4.77 -2.55
C ASN A 135 -11.23 5.88 -3.51
N ASP A 136 -12.49 5.80 -3.93
CA ASP A 136 -13.05 6.77 -4.84
C ASP A 136 -13.23 8.13 -4.15
N LYS A 137 -13.51 8.09 -2.85
CA LYS A 137 -13.69 9.31 -2.09
C LYS A 137 -12.43 10.17 -2.12
N PHE A 138 -11.29 9.53 -1.90
CA PHE A 138 -10.02 10.23 -1.91
C PHE A 138 -9.76 10.90 -3.24
N LYS A 139 -10.04 10.19 -4.33
CA LYS A 139 -9.84 10.72 -5.67
C LYS A 139 -10.74 11.92 -5.93
N GLN A 140 -12.01 11.79 -5.56
CA GLN A 140 -12.98 12.88 -5.76
C GLN A 140 -12.54 14.14 -5.04
N CYS A 141 -12.14 13.99 -3.78
CA CYS A 141 -11.70 15.13 -2.97
C CYS A 141 -10.39 15.68 -3.51
N LEU A 142 -9.44 14.80 -3.80
CA LEU A 142 -8.15 15.21 -4.32
C LEU A 142 -8.30 15.94 -5.65
N GLU A 143 -9.26 15.50 -6.45
CA GLU A 143 -9.51 16.11 -7.75
C GLU A 143 -9.86 17.59 -7.60
N GLN A 144 -10.69 17.89 -6.60
CA GLN A 144 -11.10 19.27 -6.34
C GLN A 144 -10.07 19.98 -5.46
N ASN A 145 -9.40 19.22 -4.61
CA ASN A 145 -8.38 19.75 -3.70
C ASN A 145 -8.83 21.07 -3.05
N LYS A 146 -8.51 22.19 -3.69
CA LYS A 146 -8.90 23.50 -3.17
C LYS A 146 -10.31 23.87 -3.59
N VAL A 147 -10.97 24.67 -2.77
CA VAL A 147 -12.35 25.09 -3.06
C VAL A 147 -12.37 26.48 -3.68
N ASP A 148 -13.10 26.63 -4.78
CA ASP A 148 -13.21 27.91 -5.46
C ASP A 148 -14.64 28.44 -5.41
N ARG A 149 -14.78 29.75 -5.58
CA ARG A 149 -16.10 30.39 -5.54
C ARG A 149 -16.62 30.62 -6.96
N ILE A 150 -17.58 29.79 -7.37
CA ILE A 150 -18.17 29.92 -8.70
C ILE A 150 -19.29 30.94 -8.72
N ARG A 151 -19.28 31.83 -9.71
CA ARG A 151 -20.30 32.86 -9.84
C ARG A 151 -21.47 32.38 -10.69
N ASN B 1 25.12 -10.17 9.49
CA ASN B 1 23.64 -10.14 9.66
C ASN B 1 22.97 -9.46 8.48
N ILE B 2 21.98 -10.14 7.90
CA ILE B 2 21.24 -9.60 6.75
C ILE B 2 20.08 -10.51 6.38
N TPO B 3 19.09 -9.94 5.70
CA TPO B 3 17.91 -10.69 5.28
CB TPO B 3 16.90 -9.79 4.54
CG2 TPO B 3 15.70 -10.58 4.07
OG1 TPO B 3 16.47 -8.74 5.37
P TPO B 3 16.01 -9.08 6.83
O1P TPO B 3 15.34 -7.78 7.34
O2P TPO B 3 14.93 -10.17 6.66
O3P TPO B 3 17.14 -9.52 7.72
C TPO B 3 18.30 -11.86 4.38
O TPO B 3 19.32 -11.80 3.69
H TPO B 3 19.14 -8.98 5.48
HA TPO B 3 17.43 -11.08 6.16
HB TPO B 3 17.40 -9.36 3.68
HG21 TPO B 3 15.46 -11.34 4.79
HG22 TPO B 3 15.93 -11.06 3.12
HG23 TPO B 3 14.86 -9.93 3.94
N GLN B 4 17.50 -12.90 4.38
CA GLN B 4 17.76 -14.09 3.56
C GLN B 4 17.45 -13.80 2.09
N PRO B 5 18.49 -13.76 1.23
CA PRO B 5 18.32 -13.49 -0.20
C PRO B 5 17.73 -14.70 -0.93
N THR B 6 17.18 -14.45 -2.12
CA THR B 6 16.58 -15.50 -2.92
C THR B 6 17.65 -16.26 -3.71
N GLN B 7 17.45 -17.57 -3.87
CA GLN B 7 18.39 -18.40 -4.60
C GLN B 7 18.09 -18.39 -6.09
N GLN B 8 18.97 -19.03 -6.86
CA GLN B 8 18.79 -19.09 -8.32
C GLN B 8 18.04 -20.36 -8.71
N SER B 9 17.21 -20.26 -9.75
CA SER B 9 16.44 -21.39 -10.24
C SER B 9 17.29 -22.28 -11.14
N THR B 10 17.25 -23.59 -10.88
CA THR B 10 18.01 -24.54 -11.67
C THR B 10 17.34 -24.78 -13.02
N ALA A 1 -35.56 -0.92 20.28
CA ALA A 1 -34.25 -1.22 19.64
C ALA A 1 -34.34 -2.49 18.79
N THR A 2 -35.52 -2.72 18.23
CA THR A 2 -35.73 -3.90 17.39
C THR A 2 -35.79 -3.50 15.91
N GLN A 3 -36.88 -2.86 15.51
CA GLN A 3 -37.05 -2.42 14.13
C GLN A 3 -35.99 -1.41 13.74
N ARG A 4 -35.58 -0.58 14.70
CA ARG A 4 -34.56 0.43 14.46
C ARG A 4 -33.23 -0.22 14.07
N PHE A 5 -32.91 -1.32 14.73
CA PHE A 5 -31.67 -2.04 14.45
C PHE A 5 -31.63 -2.50 12.99
N LEU A 6 -32.80 -2.88 12.48
CA LEU A 6 -32.91 -3.33 11.10
C LEU A 6 -32.60 -2.20 10.13
N ILE A 7 -32.96 -0.98 10.52
CA ILE A 7 -32.71 0.19 9.68
C ILE A 7 -31.23 0.55 9.68
N GLU A 8 -30.57 0.35 10.82
CA GLU A 8 -29.15 0.65 10.94
C GLU A 8 -28.36 -0.14 9.90
N LYS A 9 -28.71 -1.40 9.72
CA LYS A 9 -28.05 -2.26 8.76
C LYS A 9 -28.33 -1.78 7.33
N PHE A 10 -29.43 -1.07 7.16
CA PHE A 10 -29.81 -0.55 5.85
C PHE A 10 -28.71 0.31 5.26
N SER A 11 -28.19 1.22 6.07
CA SER A 11 -27.12 2.11 5.63
C SER A 11 -25.77 1.41 5.70
N GLN A 12 -25.63 0.49 6.65
CA GLN A 12 -24.39 -0.25 6.82
C GLN A 12 -23.23 0.68 7.13
N GLU A 13 -22.17 0.13 7.71
CA GLU A 13 -21.00 0.91 8.07
C GLU A 13 -20.34 1.50 6.82
N GLN A 14 -20.25 2.82 6.78
CA GLN A 14 -19.64 3.51 5.65
C GLN A 14 -18.15 3.73 5.87
N ILE A 15 -17.34 2.91 5.23
CA ILE A 15 -15.89 3.02 5.36
C ILE A 15 -15.32 4.09 4.44
N GLY A 16 -14.39 4.83 4.99
CA GLY A 16 -13.75 5.92 4.25
C GLY A 16 -13.64 7.19 5.07
N GLU A 17 -12.81 7.16 6.10
CA GLU A 17 -12.61 8.32 6.97
C GLU A 17 -11.60 9.28 6.36
N ASN A 18 -10.55 8.72 5.76
CA ASN A 18 -9.50 9.52 5.13
C ASN A 18 -8.48 8.57 4.56
N ILE A 19 -9.01 7.49 4.02
CA ILE A 19 -8.23 6.42 3.47
C ILE A 19 -7.62 6.79 2.13
N VAL A 20 -6.35 6.45 2.00
CA VAL A 20 -5.58 6.72 0.81
C VAL A 20 -5.67 5.52 -0.13
N CYS A 21 -5.20 4.38 0.36
CA CYS A 21 -5.22 3.15 -0.40
C CYS A 21 -5.34 1.95 0.54
N ARG A 22 -6.01 0.90 0.07
CA ARG A 22 -6.20 -0.31 0.89
C ARG A 22 -5.46 -1.50 0.30
N VAL A 23 -4.73 -2.22 1.15
CA VAL A 23 -3.99 -3.39 0.71
C VAL A 23 -4.79 -4.66 0.93
N ILE A 24 -5.01 -5.41 -0.15
CA ILE A 24 -5.76 -6.65 -0.09
C ILE A 24 -4.99 -7.81 -0.71
N CYS A 25 -4.82 -8.88 0.05
CA CYS A 25 -4.10 -10.05 -0.44
C CYS A 25 -5.07 -11.02 -1.13
N THR A 26 -4.96 -11.13 -2.44
CA THR A 26 -5.82 -12.01 -3.22
C THR A 26 -5.33 -13.45 -3.20
N THR A 27 -4.03 -13.65 -2.98
CA THR A 27 -3.46 -14.98 -2.94
C THR A 27 -3.71 -15.67 -1.60
N GLY A 28 -4.34 -14.95 -0.68
CA GLY A 28 -4.65 -15.52 0.62
C GLY A 28 -3.40 -15.80 1.45
N GLN A 29 -2.83 -14.73 2.03
CA GLN A 29 -1.63 -14.87 2.84
C GLN A 29 -1.62 -13.84 3.97
N ILE A 30 -2.06 -12.62 3.65
CA ILE A 30 -2.10 -11.54 4.63
C ILE A 30 -3.49 -10.92 4.71
N PRO A 31 -3.95 -10.54 5.92
CA PRO A 31 -5.27 -9.94 6.10
C PRO A 31 -5.32 -8.50 5.57
N ILE A 32 -6.47 -8.12 5.04
CA ILE A 32 -6.66 -6.78 4.49
C ILE A 32 -6.45 -5.71 5.54
N ARG A 33 -5.99 -4.54 5.09
CA ARG A 33 -5.75 -3.41 5.98
C ARG A 33 -6.11 -2.11 5.27
N ASP A 34 -6.26 -1.04 6.04
CA ASP A 34 -6.62 0.26 5.47
C ASP A 34 -5.56 1.31 5.72
N LEU A 35 -5.01 1.85 4.64
CA LEU A 35 -3.99 2.90 4.71
C LEU A 35 -4.66 4.25 4.52
N SER A 36 -4.27 5.25 5.33
CA SER A 36 -4.89 6.55 5.21
C SER A 36 -3.96 7.70 5.49
N ALA A 37 -4.36 8.84 4.97
CA ALA A 37 -3.61 10.08 5.16
C ALA A 37 -4.56 11.28 5.20
N ASP A 38 -4.25 12.25 6.07
CA ASP A 38 -5.06 13.45 6.20
C ASP A 38 -4.84 14.41 5.05
N ILE A 39 -5.93 14.80 4.41
CA ILE A 39 -5.88 15.71 3.27
C ILE A 39 -5.39 17.11 3.67
N SER A 40 -5.91 17.62 4.78
CA SER A 40 -5.55 18.94 5.26
C SER A 40 -4.06 19.00 5.56
N GLN A 41 -3.55 17.93 6.13
CA GLN A 41 -2.15 17.82 6.48
C GLN A 41 -1.29 17.76 5.23
N VAL A 42 -1.79 17.07 4.21
CA VAL A 42 -1.06 16.93 2.94
C VAL A 42 -1.05 18.25 2.18
N LEU A 43 -2.15 18.98 2.23
CA LEU A 43 -2.25 20.26 1.54
C LEU A 43 -1.37 21.32 2.18
N LYS A 44 -1.13 21.19 3.48
CA LYS A 44 -0.31 22.15 4.22
C LYS A 44 1.15 21.70 4.27
N GLU A 45 1.37 20.40 4.11
CA GLU A 45 2.73 19.85 4.15
C GLU A 45 3.57 20.41 3.01
N LYS A 46 4.66 21.09 3.37
CA LYS A 46 5.55 21.67 2.37
C LYS A 46 6.85 20.88 2.30
N ARG A 47 6.76 19.63 1.87
CA ARG A 47 7.93 18.77 1.73
C ARG A 47 7.78 17.82 0.55
N SER A 48 8.84 17.07 0.26
CA SER A 48 8.82 16.13 -0.85
C SER A 48 7.70 15.10 -0.66
N ILE A 49 7.70 14.42 0.49
CA ILE A 49 6.69 13.42 0.78
C ILE A 49 5.98 13.75 2.09
N LYS A 50 4.76 13.23 2.25
CA LYS A 50 3.99 13.47 3.46
C LYS A 50 3.91 12.22 4.34
N LYS A 51 3.08 11.26 3.93
CA LYS A 51 2.93 10.02 4.69
C LYS A 51 3.27 8.81 3.84
N VAL A 52 4.05 7.90 4.42
CA VAL A 52 4.46 6.69 3.72
C VAL A 52 4.26 5.45 4.56
N TRP A 53 3.78 4.40 3.92
CA TRP A 53 3.53 3.11 4.59
C TRP A 53 4.64 2.11 4.31
N THR A 54 5.03 1.37 5.33
CA THR A 54 6.04 0.33 5.17
C THR A 54 5.40 -1.04 5.39
N PHE A 55 5.62 -1.95 4.46
CA PHE A 55 5.04 -3.28 4.53
C PHE A 55 6.11 -4.35 4.60
N GLY A 56 5.82 -5.42 5.34
CA GLY A 56 6.77 -6.52 5.48
C GLY A 56 6.48 -7.40 6.67
N ARG A 57 7.43 -8.29 6.99
CA ARG A 57 7.27 -9.21 8.12
C ARG A 57 7.58 -8.54 9.45
N ASN A 58 7.87 -7.24 9.43
CA ASN A 58 8.20 -6.52 10.65
C ASN A 58 6.93 -6.04 11.36
N PRO A 59 6.84 -6.27 12.69
CA PRO A 59 5.68 -5.83 13.47
C PRO A 59 5.57 -4.31 13.53
N ALA A 60 6.65 -3.64 13.15
CA ALA A 60 6.68 -2.20 13.13
C ALA A 60 6.06 -1.71 11.86
N CYS A 61 6.42 -2.40 10.79
CA CYS A 61 5.92 -2.10 9.47
C CYS A 61 4.45 -1.78 9.52
N ASP A 62 4.08 -0.79 8.76
CA ASP A 62 2.69 -0.39 8.67
C ASP A 62 1.82 -1.58 8.25
N TYR A 63 2.46 -2.60 7.66
CA TYR A 63 1.74 -3.79 7.22
C TYR A 63 2.42 -5.06 7.73
N HIS A 64 1.67 -5.88 8.47
CA HIS A 64 2.21 -7.12 9.01
C HIS A 64 1.78 -8.31 8.14
N LEU A 65 2.73 -8.86 7.41
CA LEU A 65 2.45 -10.01 6.54
C LEU A 65 3.13 -11.28 7.06
N GLY A 66 2.90 -12.39 6.38
CA GLY A 66 3.49 -13.65 6.79
C GLY A 66 5.00 -13.58 6.89
N ASN A 67 5.55 -14.07 8.00
CA ASN A 67 6.99 -14.06 8.21
C ASN A 67 7.68 -15.07 7.30
N ILE A 68 8.03 -14.63 6.10
CA ILE A 68 8.69 -15.49 5.12
C ILE A 68 10.17 -15.14 4.99
N SER A 69 11.03 -16.15 4.98
CA SER A 69 12.47 -15.94 4.87
C SER A 69 12.80 -15.16 3.61
N ARG A 70 12.00 -15.34 2.57
CA ARG A 70 12.22 -14.64 1.30
C ARG A 70 11.93 -13.14 1.45
N LEU A 71 10.79 -12.81 2.02
CA LEU A 71 10.41 -11.41 2.20
C LEU A 71 11.20 -10.77 3.33
N SER A 72 11.42 -9.46 3.23
CA SER A 72 12.18 -8.73 4.25
C SER A 72 11.25 -8.09 5.29
N ASN A 73 11.83 -7.69 6.43
CA ASN A 73 11.08 -7.04 7.50
C ASN A 73 10.10 -6.03 6.91
N LYS A 74 10.67 -5.15 6.08
CA LYS A 74 9.91 -4.14 5.37
C LYS A 74 10.13 -4.38 3.88
N HIS A 75 9.35 -5.32 3.36
CA HIS A 75 9.48 -5.71 1.97
C HIS A 75 9.21 -4.57 1.01
N PHE A 76 8.15 -3.83 1.25
CA PHE A 76 7.82 -2.71 0.37
C PHE A 76 7.25 -1.53 1.14
N GLN A 77 7.30 -0.35 0.53
CA GLN A 77 6.82 0.87 1.16
C GLN A 77 5.98 1.72 0.18
N ILE A 78 4.92 2.34 0.67
CA ILE A 78 4.08 3.19 -0.18
C ILE A 78 4.10 4.64 0.31
N LEU A 79 4.32 5.58 -0.60
CA LEU A 79 4.36 6.99 -0.23
C LEU A 79 3.28 7.81 -0.94
N LEU A 80 2.69 8.74 -0.19
CA LEU A 80 1.65 9.60 -0.73
C LEU A 80 2.02 11.07 -0.51
N GLY A 81 2.08 11.84 -1.60
CA GLY A 81 2.43 13.23 -1.49
C GLY A 81 1.61 14.12 -2.42
N GLU A 82 2.31 14.98 -3.16
CA GLU A 82 1.64 15.90 -4.09
C GLU A 82 0.71 15.15 -5.04
N ASP A 83 -0.05 15.91 -5.82
CA ASP A 83 -0.98 15.33 -6.78
C ASP A 83 -2.01 14.44 -6.08
N GLY A 84 -3.06 14.07 -6.81
CA GLY A 84 -4.08 13.22 -6.24
C GLY A 84 -3.85 11.75 -6.51
N ASN A 85 -2.60 11.40 -6.81
CA ASN A 85 -2.23 10.01 -7.09
C ASN A 85 -1.41 9.43 -5.94
N LEU A 86 -0.97 8.18 -6.12
CA LEU A 86 -0.17 7.51 -5.10
C LEU A 86 1.15 7.02 -5.69
N LEU A 87 2.11 6.76 -4.81
CA LEU A 87 3.42 6.27 -5.25
C LEU A 87 3.77 4.99 -4.50
N LEU A 88 4.38 4.05 -5.22
CA LEU A 88 4.76 2.77 -4.61
C LEU A 88 6.28 2.66 -4.55
N ASN A 89 6.81 2.47 -3.35
CA ASN A 89 8.25 2.35 -3.17
C ASN A 89 8.64 0.96 -2.70
N ASP A 90 9.38 0.25 -3.54
CA ASP A 90 9.84 -1.09 -3.20
C ASP A 90 11.02 -1.01 -2.24
N ILE A 91 11.03 -1.87 -1.23
CA ILE A 91 12.12 -1.86 -0.24
C ILE A 91 12.43 -3.26 0.29
N SER A 92 12.43 -4.26 -0.61
CA SER A 92 12.69 -5.62 -0.21
C SER A 92 14.14 -6.01 -0.48
N THR A 93 14.59 -7.06 0.18
CA THR A 93 15.94 -7.57 -0.01
C THR A 93 16.10 -8.18 -1.40
N ASN A 94 15.06 -8.89 -1.87
CA ASN A 94 15.11 -9.54 -3.17
C ASN A 94 14.41 -8.73 -4.27
N GLY A 95 13.54 -7.79 -3.89
CA GLY A 95 12.86 -7.00 -4.88
C GLY A 95 11.35 -7.05 -4.78
N THR A 96 10.71 -6.06 -5.39
CA THR A 96 9.25 -5.94 -5.40
C THR A 96 8.75 -6.03 -6.83
N TRP A 97 7.67 -6.76 -7.05
CA TRP A 97 7.14 -6.92 -8.41
C TRP A 97 5.79 -6.28 -8.62
N LEU A 98 5.57 -5.83 -9.85
CA LEU A 98 4.31 -5.24 -10.24
C LEU A 98 3.79 -6.01 -11.46
N ASN A 99 2.67 -6.70 -11.26
CA ASN A 99 2.06 -7.50 -12.32
C ASN A 99 3.09 -8.33 -13.10
N GLY A 100 4.03 -8.95 -12.39
CA GLY A 100 5.01 -9.77 -13.03
C GLY A 100 6.24 -9.00 -13.48
N GLN A 101 6.17 -7.68 -13.43
CA GLN A 101 7.30 -6.87 -13.84
C GLN A 101 8.01 -6.28 -12.62
N LYS A 102 9.28 -6.64 -12.45
CA LYS A 102 10.08 -6.18 -11.35
C LYS A 102 10.47 -4.71 -11.53
N VAL A 103 10.26 -3.92 -10.47
CA VAL A 103 10.58 -2.51 -10.50
C VAL A 103 11.88 -2.22 -9.75
N GLU A 104 12.42 -1.03 -9.95
CA GLU A 104 13.66 -0.63 -9.29
C GLU A 104 13.42 -0.42 -7.80
N LYS A 105 14.22 -1.08 -6.96
CA LYS A 105 14.07 -0.96 -5.52
C LYS A 105 14.13 0.52 -5.11
N ASN A 106 13.66 0.78 -3.89
CA ASN A 106 13.61 2.15 -3.33
C ASN A 106 13.32 3.19 -4.40
N SER A 107 12.52 2.81 -5.37
CA SER A 107 12.13 3.71 -6.46
C SER A 107 10.65 4.05 -6.39
N ASN A 108 10.30 5.28 -6.77
CA ASN A 108 8.91 5.72 -6.74
C ASN A 108 8.22 5.41 -8.06
N GLN A 109 7.05 4.79 -7.99
CA GLN A 109 6.29 4.44 -9.18
C GLN A 109 4.86 4.93 -9.06
N LEU A 110 4.26 5.30 -10.18
CA LEU A 110 2.88 5.79 -10.19
C LEU A 110 1.91 4.64 -9.94
N LEU A 111 1.15 4.74 -8.86
CA LEU A 111 0.18 3.72 -8.49
C LEU A 111 -0.78 3.41 -9.64
N SER A 112 -1.35 2.23 -9.59
CA SER A 112 -2.29 1.78 -10.61
C SER A 112 -3.61 1.37 -9.95
N GLN A 113 -4.71 1.47 -10.71
CA GLN A 113 -6.02 1.12 -10.17
C GLN A 113 -6.13 -0.39 -9.99
N GLY A 114 -6.41 -0.82 -8.77
CA GLY A 114 -6.53 -2.23 -8.48
C GLY A 114 -5.26 -2.99 -8.80
N ASP A 115 -4.14 -2.27 -8.84
CA ASP A 115 -2.85 -2.87 -9.14
C ASP A 115 -2.53 -3.99 -8.16
N GLU A 116 -1.43 -4.70 -8.43
CA GLU A 116 -1.01 -5.79 -7.56
C GLU A 116 0.51 -5.87 -7.48
N ILE A 117 1.02 -6.06 -6.27
CA ILE A 117 2.46 -6.17 -6.06
C ILE A 117 2.84 -7.59 -5.70
N THR A 118 3.80 -8.14 -6.44
CA THR A 118 4.26 -9.50 -6.20
C THR A 118 5.62 -9.48 -5.49
N VAL A 119 5.80 -10.36 -4.51
CA VAL A 119 7.05 -10.40 -3.76
C VAL A 119 7.50 -11.82 -3.47
N GLY A 120 8.79 -11.98 -3.20
CA GLY A 120 9.35 -13.27 -2.90
C GLY A 120 9.66 -14.07 -4.15
N VAL A 121 10.13 -13.37 -5.18
CA VAL A 121 10.45 -14.00 -6.44
C VAL A 121 11.78 -14.74 -6.40
N GLY A 122 11.78 -15.90 -7.04
CA GLY A 122 12.94 -16.74 -7.08
C GLY A 122 12.51 -18.19 -7.04
N VAL A 123 11.50 -18.44 -6.23
CA VAL A 123 10.92 -19.76 -6.07
C VAL A 123 9.42 -19.67 -6.31
N GLU A 124 8.91 -20.46 -7.25
CA GLU A 124 7.48 -20.43 -7.57
C GLU A 124 6.63 -20.57 -6.31
N SER A 125 7.16 -21.26 -5.31
CA SER A 125 6.45 -21.48 -4.08
C SER A 125 6.78 -20.43 -3.02
N ASP A 126 7.54 -19.39 -3.38
CA ASP A 126 7.90 -18.37 -2.41
C ASP A 126 7.52 -16.97 -2.85
N ILE A 127 6.54 -16.89 -3.72
CA ILE A 127 6.04 -15.63 -4.20
C ILE A 127 4.67 -15.32 -3.60
N LEU A 128 4.49 -14.06 -3.25
CA LEU A 128 3.24 -13.58 -2.67
C LEU A 128 2.67 -12.42 -3.48
N SER A 129 1.38 -12.45 -3.77
CA SER A 129 0.74 -11.40 -4.54
C SER A 129 -0.21 -10.55 -3.68
N LEU A 130 -0.03 -9.24 -3.75
CA LEU A 130 -0.84 -8.30 -3.00
C LEU A 130 -1.54 -7.32 -3.93
N VAL A 131 -2.82 -7.04 -3.67
CA VAL A 131 -3.58 -6.11 -4.51
C VAL A 131 -3.90 -4.83 -3.74
N ILE A 132 -3.81 -3.70 -4.42
CA ILE A 132 -4.07 -2.42 -3.82
C ILE A 132 -5.41 -1.86 -4.29
N PHE A 133 -6.17 -1.31 -3.34
CA PHE A 133 -7.48 -0.73 -3.64
C PHE A 133 -7.47 0.77 -3.35
N ILE A 134 -7.56 1.57 -4.41
CA ILE A 134 -7.56 3.02 -4.26
C ILE A 134 -8.95 3.55 -3.97
N ASN A 135 -9.06 4.36 -2.92
CA ASN A 135 -10.33 4.94 -2.54
C ASN A 135 -10.71 6.08 -3.47
N ASP A 136 -11.98 6.10 -3.89
CA ASP A 136 -12.48 7.12 -4.79
C ASP A 136 -12.67 8.45 -4.06
N LYS A 137 -12.96 8.37 -2.77
CA LYS A 137 -13.17 9.56 -1.96
C LYS A 137 -11.93 10.43 -1.95
N PHE A 138 -10.77 9.80 -1.77
CA PHE A 138 -9.50 10.52 -1.74
C PHE A 138 -9.22 11.19 -3.08
N LYS A 139 -9.48 10.47 -4.17
CA LYS A 139 -9.25 10.99 -5.52
C LYS A 139 -10.15 12.18 -5.81
N GLN A 140 -11.44 12.02 -5.56
CA GLN A 140 -12.41 13.08 -5.81
C GLN A 140 -12.08 14.32 -5.01
N CYS A 141 -11.60 14.13 -3.79
CA CYS A 141 -11.24 15.24 -2.92
C CYS A 141 -10.03 15.99 -3.46
N LEU A 142 -9.01 15.24 -3.86
CA LEU A 142 -7.79 15.84 -4.39
C LEU A 142 -8.05 16.48 -5.75
N GLU A 143 -8.93 15.86 -6.54
CA GLU A 143 -9.27 16.37 -7.86
C GLU A 143 -9.90 17.76 -7.76
N GLN A 144 -10.75 17.94 -6.75
CA GLN A 144 -11.42 19.22 -6.53
C GLN A 144 -10.57 20.13 -5.66
N ASN A 145 -9.90 19.54 -4.67
CA ASN A 145 -9.05 20.29 -3.73
C ASN A 145 -9.73 21.57 -3.25
N LYS A 146 -8.98 22.41 -2.55
CA LYS A 146 -9.52 23.66 -2.03
C LYS A 146 -9.69 24.68 -3.15
N VAL A 147 -10.94 25.06 -3.41
CA VAL A 147 -11.25 26.02 -4.45
C VAL A 147 -10.78 27.42 -4.06
N ASP A 148 -10.21 28.14 -5.02
CA ASP A 148 -9.71 29.49 -4.78
C ASP A 148 -10.87 30.49 -4.76
N ARG A 149 -11.82 30.31 -5.66
CA ARG A 149 -12.98 31.20 -5.75
C ARG A 149 -14.22 30.42 -6.18
N ILE A 150 -15.27 30.49 -5.37
CA ILE A 150 -16.52 29.81 -5.67
C ILE A 150 -17.49 30.72 -6.41
N ARG A 151 -18.03 30.24 -7.52
CA ARG A 151 -18.98 31.01 -8.32
C ARG A 151 -20.41 30.62 -7.99
N ASN B 1 18.30 -12.11 13.72
CA ASN B 1 17.36 -11.79 12.62
C ASN B 1 18.11 -11.40 11.34
N ILE B 2 18.17 -12.32 10.39
CA ILE B 2 18.86 -12.08 9.13
C ILE B 2 17.97 -12.44 7.95
N TPO B 3 17.60 -11.43 7.16
CA TPO B 3 16.76 -11.64 5.98
CB TPO B 3 16.28 -10.31 5.39
CG2 TPO B 3 15.43 -10.54 4.15
OG1 TPO B 3 15.54 -9.59 6.34
P TPO B 3 16.31 -8.59 7.26
O1P TPO B 3 15.33 -7.39 7.41
O2P TPO B 3 16.43 -9.31 8.62
O3P TPO B 3 17.64 -8.19 6.69
C TPO B 3 17.50 -12.44 4.91
O TPO B 3 18.69 -12.23 4.68
H TPO B 3 17.91 -10.53 7.37
HA TPO B 3 15.89 -12.21 6.30
HB TPO B 3 17.14 -9.73 5.10
HG21 TPO B 3 14.67 -9.76 4.09
HG22 TPO B 3 14.94 -11.50 4.21
HG23 TPO B 3 16.05 -10.50 3.27
N GLN B 4 16.78 -13.36 4.26
CA GLN B 4 17.38 -14.18 3.21
C GLN B 4 16.99 -13.65 1.82
N PRO B 5 17.98 -13.25 1.01
CA PRO B 5 17.72 -12.74 -0.34
C PRO B 5 17.43 -13.83 -1.35
N THR B 6 16.42 -14.66 -1.05
CA THR B 6 16.04 -15.75 -1.94
C THR B 6 17.18 -16.74 -2.11
N GLN B 7 16.84 -18.01 -2.33
CA GLN B 7 17.84 -19.06 -2.50
C GLN B 7 18.78 -18.72 -3.65
N GLN B 8 19.80 -19.55 -3.85
CA GLN B 8 20.77 -19.33 -4.91
C GLN B 8 20.31 -19.99 -6.20
N SER B 9 20.38 -19.25 -7.30
CA SER B 9 19.98 -19.76 -8.60
C SER B 9 21.15 -19.79 -9.57
N THR B 10 21.35 -20.93 -10.22
CA THR B 10 22.44 -21.10 -11.17
C THR B 10 21.92 -21.07 -12.60
N ALA A 1 -24.92 -15.40 11.62
CA ALA A 1 -24.71 -14.48 10.47
C ALA A 1 -23.25 -14.07 10.37
N THR A 2 -22.57 -14.53 9.31
CA THR A 2 -21.17 -14.21 9.10
C THR A 2 -21.02 -13.22 7.95
N GLN A 3 -21.51 -13.59 6.77
CA GLN A 3 -21.41 -12.73 5.59
C GLN A 3 -22.37 -11.54 5.71
N ARG A 4 -23.61 -11.83 6.13
CA ARG A 4 -24.61 -10.79 6.29
C ARG A 4 -24.16 -9.72 7.28
N PHE A 5 -23.44 -10.15 8.31
CA PHE A 5 -22.94 -9.22 9.32
C PHE A 5 -21.94 -8.24 8.72
N LEU A 6 -21.14 -8.71 7.77
CA LEU A 6 -20.14 -7.88 7.12
C LEU A 6 -20.82 -6.81 6.25
N ILE A 7 -21.83 -7.23 5.49
CA ILE A 7 -22.56 -6.31 4.62
C ILE A 7 -23.34 -5.29 5.44
N GLU A 8 -23.86 -5.73 6.58
CA GLU A 8 -24.64 -4.84 7.44
C GLU A 8 -23.80 -3.62 7.82
N LYS A 9 -22.53 -3.85 8.15
CA LYS A 9 -21.62 -2.77 8.51
C LYS A 9 -21.34 -1.88 7.30
N PHE A 10 -21.52 -2.44 6.11
CA PHE A 10 -21.30 -1.71 4.86
C PHE A 10 -22.15 -0.45 4.80
N SER A 11 -23.43 -0.61 5.11
CA SER A 11 -24.37 0.52 5.10
C SER A 11 -24.24 1.34 6.37
N GLN A 12 -24.11 0.66 7.51
CA GLN A 12 -23.98 1.34 8.80
C GLN A 12 -22.77 2.26 8.82
N GLU A 13 -21.58 1.66 8.75
CA GLU A 13 -20.35 2.43 8.76
C GLU A 13 -20.00 2.94 7.36
N GLN A 14 -19.69 4.22 7.26
CA GLN A 14 -19.34 4.82 5.97
C GLN A 14 -17.96 4.38 5.52
N ILE A 15 -17.88 3.82 4.32
CA ILE A 15 -16.61 3.35 3.77
C ILE A 15 -15.82 4.50 3.16
N GLY A 16 -14.53 4.47 3.41
CA GLY A 16 -13.63 5.48 2.90
C GLY A 16 -13.59 6.72 3.77
N GLU A 17 -13.24 6.53 5.05
CA GLU A 17 -13.16 7.64 5.98
C GLU A 17 -12.16 8.68 5.51
N ASN A 18 -11.00 8.21 5.05
CA ASN A 18 -9.94 9.08 4.58
C ASN A 18 -8.82 8.22 4.05
N ILE A 19 -9.23 7.12 3.46
CA ILE A 19 -8.35 6.12 2.95
C ILE A 19 -7.68 6.54 1.64
N VAL A 20 -6.38 6.30 1.59
CA VAL A 20 -5.57 6.63 0.45
C VAL A 20 -5.52 5.44 -0.49
N CYS A 21 -4.98 4.34 0.01
CA CYS A 21 -4.86 3.10 -0.75
C CYS A 21 -5.07 1.90 0.17
N ARG A 22 -5.67 0.84 -0.36
CA ARG A 22 -5.93 -0.37 0.42
C ARG A 22 -5.13 -1.55 -0.08
N VAL A 23 -4.59 -2.33 0.86
CA VAL A 23 -3.79 -3.51 0.51
C VAL A 23 -4.59 -4.79 0.76
N ILE A 24 -4.75 -5.59 -0.28
CA ILE A 24 -5.49 -6.84 -0.17
C ILE A 24 -4.71 -8.01 -0.74
N CYS A 25 -4.41 -9.00 0.11
CA CYS A 25 -3.66 -10.18 -0.31
C CYS A 25 -4.59 -11.16 -1.02
N THR A 26 -4.35 -11.38 -2.31
CA THR A 26 -5.18 -12.29 -3.11
C THR A 26 -4.77 -13.74 -2.92
N THR A 27 -3.50 -13.97 -2.57
CA THR A 27 -2.99 -15.32 -2.38
C THR A 27 -3.40 -15.88 -1.01
N GLY A 28 -4.07 -15.07 -0.21
CA GLY A 28 -4.51 -15.50 1.10
C GLY A 28 -3.35 -15.81 2.03
N GLN A 29 -2.72 -14.76 2.56
CA GLN A 29 -1.59 -14.92 3.46
C GLN A 29 -1.58 -13.81 4.51
N ILE A 30 -1.82 -12.58 4.07
CA ILE A 30 -1.83 -11.43 4.96
C ILE A 30 -3.23 -10.83 5.05
N PRO A 31 -3.65 -10.38 6.24
CA PRO A 31 -4.97 -9.78 6.42
C PRO A 31 -5.07 -8.39 5.82
N ILE A 32 -6.17 -8.13 5.11
CA ILE A 32 -6.39 -6.84 4.47
C ILE A 32 -6.29 -5.69 5.47
N ARG A 33 -5.58 -4.65 5.08
CA ARG A 33 -5.40 -3.47 5.92
C ARG A 33 -5.83 -2.21 5.18
N ASP A 34 -6.04 -1.12 5.92
CA ASP A 34 -6.47 0.13 5.30
C ASP A 34 -5.44 1.23 5.50
N LEU A 35 -4.93 1.75 4.38
CA LEU A 35 -3.95 2.84 4.41
C LEU A 35 -4.69 4.15 4.19
N SER A 36 -4.42 5.16 5.03
CA SER A 36 -5.11 6.42 4.89
C SER A 36 -4.29 7.63 5.27
N ALA A 37 -4.73 8.76 4.75
CA ALA A 37 -4.10 10.04 5.01
C ALA A 37 -5.14 11.14 5.10
N ASP A 38 -4.94 12.08 6.02
CA ASP A 38 -5.88 13.18 6.21
C ASP A 38 -5.64 14.30 5.21
N ILE A 39 -6.72 14.96 4.81
CA ILE A 39 -6.67 16.06 3.85
C ILE A 39 -5.87 17.25 4.39
N SER A 40 -6.14 17.60 5.63
CA SER A 40 -5.47 18.74 6.27
C SER A 40 -3.97 18.57 6.23
N GLN A 41 -3.52 17.34 6.48
CA GLN A 41 -2.09 17.04 6.46
C GLN A 41 -1.54 17.16 5.05
N VAL A 42 -2.34 16.75 4.07
CA VAL A 42 -1.94 16.79 2.68
C VAL A 42 -1.85 18.23 2.18
N LEU A 43 -2.83 19.05 2.56
CA LEU A 43 -2.86 20.45 2.16
C LEU A 43 -1.75 21.25 2.85
N LYS A 44 -1.38 20.80 4.04
CA LYS A 44 -0.34 21.49 4.81
C LYS A 44 1.04 21.26 4.19
N GLU A 45 1.34 20.00 3.90
CA GLU A 45 2.63 19.64 3.31
C GLU A 45 2.61 19.84 1.80
N LYS A 46 3.44 20.76 1.31
CA LYS A 46 3.52 21.04 -0.12
C LYS A 46 4.91 20.74 -0.68
N ARG A 47 5.91 20.68 0.21
CA ARG A 47 7.27 20.41 -0.21
C ARG A 47 7.69 19.00 0.18
N SER A 48 7.87 18.76 1.48
CA SER A 48 8.27 17.45 1.98
C SER A 48 7.20 16.41 1.68
N ILE A 49 7.48 15.16 2.06
CA ILE A 49 6.55 14.07 1.84
C ILE A 49 5.40 14.12 2.84
N LYS A 50 4.22 13.67 2.40
CA LYS A 50 3.04 13.68 3.26
C LYS A 50 3.02 12.48 4.19
N LYS A 51 2.63 11.32 3.67
CA LYS A 51 2.56 10.10 4.45
C LYS A 51 2.98 8.88 3.64
N VAL A 52 3.73 7.98 4.27
CA VAL A 52 4.20 6.78 3.59
C VAL A 52 3.99 5.53 4.45
N TRP A 53 3.57 4.47 3.79
CA TRP A 53 3.33 3.18 4.44
C TRP A 53 4.45 2.19 4.18
N THR A 54 4.85 1.45 5.20
CA THR A 54 5.88 0.43 5.04
C THR A 54 5.28 -0.95 5.29
N PHE A 55 5.53 -1.87 4.37
CA PHE A 55 4.98 -3.22 4.47
C PHE A 55 6.09 -4.26 4.53
N GLY A 56 5.87 -5.33 5.29
CA GLY A 56 6.87 -6.37 5.39
C GLY A 56 6.71 -7.25 6.62
N ARG A 57 7.75 -8.05 6.91
CA ARG A 57 7.74 -8.96 8.05
C ARG A 57 8.04 -8.22 9.36
N ASN A 58 8.21 -6.91 9.29
CA ASN A 58 8.50 -6.11 10.48
C ASN A 58 7.22 -5.73 11.23
N PRO A 59 7.14 -6.03 12.54
CA PRO A 59 5.96 -5.69 13.34
C PRO A 59 5.75 -4.18 13.42
N ALA A 60 6.77 -3.44 13.04
CA ALA A 60 6.71 -1.99 13.04
C ALA A 60 6.06 -1.53 11.77
N CYS A 61 6.44 -2.20 10.69
CA CYS A 61 5.93 -1.91 9.39
C CYS A 61 4.44 -1.67 9.44
N ASP A 62 3.99 -0.68 8.71
CA ASP A 62 2.59 -0.36 8.67
C ASP A 62 1.78 -1.59 8.25
N TYR A 63 2.44 -2.58 7.63
CA TYR A 63 1.77 -3.79 7.21
C TYR A 63 2.52 -5.04 7.69
N HIS A 64 1.87 -5.82 8.55
CA HIS A 64 2.48 -7.03 9.07
C HIS A 64 2.18 -8.22 8.16
N LEU A 65 3.20 -8.68 7.45
CA LEU A 65 3.04 -9.81 6.54
C LEU A 65 2.86 -11.12 7.30
N GLY A 66 3.97 -11.65 7.83
CA GLY A 66 3.92 -12.89 8.57
C GLY A 66 5.29 -13.38 9.00
N ASN A 67 5.85 -14.31 8.23
CA ASN A 67 7.16 -14.86 8.54
C ASN A 67 7.76 -15.57 7.33
N ILE A 68 7.81 -14.88 6.20
CA ILE A 68 8.38 -15.45 4.98
C ILE A 68 9.86 -15.11 4.85
N SER A 69 10.70 -16.14 4.85
CA SER A 69 12.14 -15.96 4.75
C SER A 69 12.51 -15.15 3.51
N ARG A 70 11.67 -15.25 2.48
CA ARG A 70 11.90 -14.53 1.24
C ARG A 70 11.62 -13.04 1.40
N LEU A 71 10.48 -12.72 1.99
CA LEU A 71 10.10 -11.32 2.20
C LEU A 71 10.94 -10.69 3.31
N SER A 72 11.24 -9.40 3.16
CA SER A 72 12.04 -8.68 4.14
C SER A 72 11.17 -7.97 5.18
N ASN A 73 11.80 -7.59 6.31
CA ASN A 73 11.09 -6.88 7.38
C ASN A 73 10.14 -5.84 6.80
N LYS A 74 10.70 -5.02 5.93
CA LYS A 74 9.96 -3.99 5.22
C LYS A 74 10.12 -4.26 3.74
N HIS A 75 9.33 -5.20 3.25
CA HIS A 75 9.41 -5.62 1.86
C HIS A 75 9.12 -4.48 0.90
N PHE A 76 8.07 -3.74 1.16
CA PHE A 76 7.71 -2.63 0.27
C PHE A 76 7.13 -1.46 1.04
N GLN A 77 7.21 -0.27 0.46
CA GLN A 77 6.72 0.94 1.10
C GLN A 77 5.94 1.81 0.11
N ILE A 78 4.82 2.39 0.56
CA ILE A 78 4.01 3.24 -0.30
C ILE A 78 4.05 4.69 0.19
N LEU A 79 4.38 5.62 -0.70
CA LEU A 79 4.44 7.03 -0.31
C LEU A 79 3.31 7.84 -0.94
N LEU A 80 2.90 8.88 -0.22
CA LEU A 80 1.83 9.75 -0.68
C LEU A 80 2.33 11.20 -0.74
N GLY A 81 2.22 11.81 -1.91
CA GLY A 81 2.67 13.18 -2.06
C GLY A 81 2.06 13.87 -3.27
N GLU A 82 2.50 15.09 -3.55
CA GLU A 82 2.00 15.85 -4.68
C GLU A 82 0.51 16.13 -4.54
N ASP A 83 -0.01 16.00 -3.32
CA ASP A 83 -1.43 16.25 -3.06
C ASP A 83 -2.30 15.46 -4.02
N GLY A 84 -2.66 14.24 -3.65
CA GLY A 84 -3.50 13.41 -4.50
C GLY A 84 -2.75 12.24 -5.11
N ASN A 85 -1.78 12.55 -5.97
CA ASN A 85 -0.99 11.51 -6.63
C ASN A 85 -0.32 10.61 -5.60
N LEU A 86 -0.39 9.30 -5.84
CA LEU A 86 0.20 8.32 -4.93
C LEU A 86 1.41 7.65 -5.60
N LEU A 87 2.33 7.18 -4.78
CA LEU A 87 3.54 6.52 -5.28
C LEU A 87 3.81 5.23 -4.52
N LEU A 88 4.33 4.24 -5.23
CA LEU A 88 4.65 2.95 -4.62
C LEU A 88 6.16 2.76 -4.62
N ASN A 89 6.73 2.54 -3.43
CA ASN A 89 8.16 2.36 -3.32
C ASN A 89 8.53 0.97 -2.83
N ASP A 90 9.22 0.22 -3.68
CA ASP A 90 9.66 -1.12 -3.34
C ASP A 90 10.88 -1.03 -2.42
N ILE A 91 10.88 -1.82 -1.35
CA ILE A 91 11.99 -1.79 -0.39
C ILE A 91 12.32 -3.18 0.14
N SER A 92 12.29 -4.19 -0.73
CA SER A 92 12.56 -5.55 -0.33
C SER A 92 14.01 -5.93 -0.61
N THR A 93 14.47 -6.96 0.08
CA THR A 93 15.83 -7.47 -0.11
C THR A 93 15.97 -8.12 -1.49
N ASN A 94 14.92 -8.82 -1.92
CA ASN A 94 14.95 -9.50 -3.22
C ASN A 94 14.24 -8.69 -4.31
N GLY A 95 13.38 -7.75 -3.92
CA GLY A 95 12.69 -6.96 -4.91
C GLY A 95 11.17 -7.04 -4.79
N THR A 96 10.50 -6.09 -5.42
CA THR A 96 9.05 -6.01 -5.42
C THR A 96 8.54 -6.15 -6.85
N TRP A 97 7.46 -6.91 -7.04
CA TRP A 97 6.94 -7.14 -8.38
C TRP A 97 5.58 -6.52 -8.61
N LEU A 98 5.35 -6.12 -9.86
CA LEU A 98 4.09 -5.56 -10.27
C LEU A 98 3.57 -6.39 -11.45
N ASN A 99 2.46 -7.08 -11.22
CA ASN A 99 1.84 -7.92 -12.25
C ASN A 99 2.87 -8.74 -13.03
N GLY A 100 3.84 -9.33 -12.33
CA GLY A 100 4.84 -10.14 -12.99
C GLY A 100 6.05 -9.36 -13.43
N GLN A 101 5.96 -8.04 -13.42
CA GLN A 101 7.08 -7.20 -13.83
C GLN A 101 7.76 -6.60 -12.61
N LYS A 102 9.03 -6.94 -12.44
CA LYS A 102 9.80 -6.45 -11.32
C LYS A 102 10.18 -4.98 -11.50
N VAL A 103 9.81 -4.17 -10.51
CA VAL A 103 10.11 -2.74 -10.55
C VAL A 103 11.44 -2.44 -9.87
N GLU A 104 11.99 -1.27 -10.16
CA GLU A 104 13.27 -0.87 -9.57
C GLU A 104 13.10 -0.59 -8.08
N LYS A 105 13.87 -1.29 -7.25
CA LYS A 105 13.80 -1.12 -5.81
C LYS A 105 13.89 0.35 -5.43
N ASN A 106 13.46 0.67 -4.22
CA ASN A 106 13.47 2.02 -3.68
C ASN A 106 13.19 3.07 -4.76
N SER A 107 12.33 2.71 -5.70
CA SER A 107 11.96 3.60 -6.79
C SER A 107 10.51 4.04 -6.68
N ASN A 108 10.23 5.28 -7.07
CA ASN A 108 8.88 5.81 -7.02
C ASN A 108 8.10 5.43 -8.28
N GLN A 109 6.94 4.82 -8.09
CA GLN A 109 6.12 4.40 -9.22
C GLN A 109 4.67 4.88 -9.04
N LEU A 110 4.02 5.19 -10.15
CA LEU A 110 2.63 5.64 -10.11
C LEU A 110 1.70 4.46 -9.89
N LEU A 111 1.01 4.45 -8.76
CA LEU A 111 0.09 3.36 -8.43
C LEU A 111 -0.92 3.12 -9.54
N SER A 112 -1.53 1.94 -9.48
CA SER A 112 -2.54 1.55 -10.46
C SER A 112 -3.84 1.15 -9.76
N GLN A 113 -4.96 1.30 -10.47
CA GLN A 113 -6.26 0.96 -9.89
C GLN A 113 -6.40 -0.55 -9.75
N GLY A 114 -6.60 -1.00 -8.52
CA GLY A 114 -6.74 -2.42 -8.25
C GLY A 114 -5.53 -3.21 -8.71
N ASP A 115 -4.39 -2.55 -8.79
CA ASP A 115 -3.16 -3.18 -9.21
C ASP A 115 -2.79 -4.32 -8.26
N GLU A 116 -1.66 -4.97 -8.53
CA GLU A 116 -1.21 -6.07 -7.69
C GLU A 116 0.32 -6.10 -7.59
N ILE A 117 0.82 -6.30 -6.37
CA ILE A 117 2.26 -6.37 -6.16
C ILE A 117 2.66 -7.77 -5.71
N THR A 118 3.63 -8.34 -6.40
CA THR A 118 4.12 -9.68 -6.08
C THR A 118 5.46 -9.59 -5.36
N VAL A 119 5.65 -10.45 -4.37
CA VAL A 119 6.89 -10.44 -3.60
C VAL A 119 7.39 -11.84 -3.27
N GLY A 120 8.68 -11.95 -2.98
CA GLY A 120 9.27 -13.22 -2.65
C GLY A 120 9.58 -14.05 -3.87
N VAL A 121 10.14 -13.40 -4.88
CA VAL A 121 10.47 -14.05 -6.13
C VAL A 121 11.82 -14.76 -6.06
N GLY A 122 11.86 -15.92 -6.68
CA GLY A 122 13.04 -16.74 -6.71
C GLY A 122 12.66 -18.20 -6.79
N VAL A 123 11.60 -18.54 -6.06
CA VAL A 123 11.07 -19.87 -6.04
C VAL A 123 9.58 -19.82 -6.36
N GLU A 124 9.16 -20.53 -7.39
CA GLU A 124 7.75 -20.53 -7.81
C GLU A 124 6.83 -20.79 -6.64
N SER A 125 7.31 -21.55 -5.66
CA SER A 125 6.53 -21.89 -4.49
C SER A 125 6.76 -20.93 -3.33
N ASP A 126 7.52 -19.84 -3.55
CA ASP A 126 7.79 -18.89 -2.48
C ASP A 126 7.47 -17.46 -2.85
N ILE A 127 6.53 -17.31 -3.75
CA ILE A 127 6.07 -16.00 -4.18
C ILE A 127 4.70 -15.68 -3.63
N LEU A 128 4.53 -14.44 -3.20
CA LEU A 128 3.27 -13.97 -2.64
C LEU A 128 2.76 -12.75 -3.40
N SER A 129 1.48 -12.74 -3.73
CA SER A 129 0.88 -11.63 -4.46
C SER A 129 -0.02 -10.79 -3.59
N LEU A 130 -0.11 -9.52 -3.94
CA LEU A 130 -0.93 -8.57 -3.22
C LEU A 130 -1.71 -7.68 -4.19
N VAL A 131 -2.81 -7.10 -3.72
CA VAL A 131 -3.64 -6.22 -4.53
C VAL A 131 -3.85 -4.88 -3.85
N ILE A 132 -3.61 -3.80 -4.59
CA ILE A 132 -3.76 -2.47 -4.06
C ILE A 132 -5.02 -1.80 -4.59
N PHE A 133 -5.90 -1.41 -3.68
CA PHE A 133 -7.15 -0.76 -4.05
C PHE A 133 -7.10 0.73 -3.70
N ILE A 134 -7.08 1.57 -4.74
CA ILE A 134 -7.01 3.01 -4.54
C ILE A 134 -8.41 3.60 -4.32
N ASN A 135 -8.52 4.43 -3.28
CA ASN A 135 -9.78 5.06 -2.94
C ASN A 135 -10.08 6.21 -3.90
N ASP A 136 -11.17 6.09 -4.65
CA ASP A 136 -11.57 7.11 -5.61
C ASP A 136 -12.13 8.34 -4.89
N LYS A 137 -12.81 8.11 -3.77
CA LYS A 137 -13.38 9.19 -2.99
C LYS A 137 -12.31 10.17 -2.53
N PHE A 138 -11.22 9.62 -2.02
CA PHE A 138 -10.11 10.43 -1.53
C PHE A 138 -9.57 11.32 -2.64
N LYS A 139 -9.44 10.77 -3.84
CA LYS A 139 -8.93 11.52 -4.99
C LYS A 139 -9.82 12.72 -5.29
N GLN A 140 -11.13 12.55 -5.09
CA GLN A 140 -12.09 13.61 -5.35
C GLN A 140 -11.80 14.84 -4.48
N CYS A 141 -11.52 14.59 -3.21
CA CYS A 141 -11.22 15.67 -2.26
C CYS A 141 -9.98 16.44 -2.69
N LEU A 142 -8.93 15.71 -3.04
CA LEU A 142 -7.68 16.33 -3.47
C LEU A 142 -7.85 17.06 -4.80
N GLU A 143 -8.68 16.49 -5.68
CA GLU A 143 -8.92 17.09 -6.99
C GLU A 143 -9.58 18.46 -6.84
N GLN A 144 -10.46 18.60 -5.85
CA GLN A 144 -11.14 19.86 -5.61
C GLN A 144 -10.37 20.72 -4.62
N ASN A 145 -9.77 20.07 -3.62
CA ASN A 145 -8.99 20.77 -2.59
C ASN A 145 -9.73 22.00 -2.06
N LYS A 146 -9.05 22.77 -1.23
CA LYS A 146 -9.65 23.98 -0.66
C LYS A 146 -9.66 25.12 -1.68
N VAL A 147 -10.56 26.07 -1.48
CA VAL A 147 -10.68 27.21 -2.38
C VAL A 147 -10.02 28.45 -1.78
N ASP A 148 -9.05 29.00 -2.49
CA ASP A 148 -8.33 30.18 -2.03
C ASP A 148 -8.23 31.21 -3.15
N ARG A 149 -7.42 32.25 -2.92
CA ARG A 149 -7.24 33.32 -3.90
C ARG A 149 -5.94 33.12 -4.67
N ILE A 150 -5.54 31.86 -4.84
CA ILE A 150 -4.32 31.54 -5.57
C ILE A 150 -4.63 31.03 -6.97
N ARG A 151 -4.26 31.82 -7.98
CA ARG A 151 -4.50 31.44 -9.37
C ARG A 151 -3.60 32.23 -10.30
N ASN B 1 16.37 -11.27 13.96
CA ASN B 1 15.90 -11.97 12.74
C ASN B 1 16.91 -11.84 11.60
N ILE B 2 16.55 -12.33 10.42
CA ILE B 2 17.42 -12.27 9.26
C ILE B 2 16.65 -12.57 7.98
N TPO B 3 16.96 -11.83 6.92
CA TPO B 3 16.30 -12.01 5.63
CB TPO B 3 15.86 -10.66 5.02
CG2 TPO B 3 15.20 -10.87 3.66
OG1 TPO B 3 14.97 -10.02 5.88
P TPO B 3 15.54 -8.91 6.83
O1P TPO B 3 15.01 -7.57 6.24
O2P TPO B 3 14.85 -9.16 8.19
O3P TPO B 3 17.04 -8.94 6.92
C TPO B 3 17.22 -12.74 4.65
O TPO B 3 18.05 -12.12 3.99
H TPO B 3 17.65 -11.13 7.01
HA TPO B 3 15.41 -12.62 5.80
HB TPO B 3 16.74 -10.04 4.89
HG21 TPO B 3 14.18 -10.51 3.70
HG22 TPO B 3 15.21 -11.91 3.41
HG23 TPO B 3 15.74 -10.31 2.91
N GLN B 4 17.06 -14.05 4.56
CA GLN B 4 17.88 -14.86 3.67
C GLN B 4 17.70 -14.41 2.21
N PRO B 5 18.81 -14.08 1.52
CA PRO B 5 18.76 -13.63 0.13
C PRO B 5 18.41 -14.77 -0.83
N THR B 6 17.58 -14.47 -1.82
CA THR B 6 17.17 -15.46 -2.81
C THR B 6 18.07 -15.40 -4.03
N GLN B 7 17.95 -16.40 -4.90
CA GLN B 7 18.75 -16.46 -6.12
C GLN B 7 18.29 -15.40 -7.12
N GLN B 8 19.24 -14.63 -7.64
CA GLN B 8 18.94 -13.59 -8.61
C GLN B 8 20.12 -13.33 -9.53
N SER B 9 19.85 -13.26 -10.83
CA SER B 9 20.90 -13.03 -11.81
C SER B 9 21.37 -11.58 -11.77
N THR B 10 22.49 -11.35 -11.07
CA THR B 10 23.05 -10.01 -10.96
C THR B 10 22.06 -9.06 -10.28
N ALA A 1 -23.53 -13.95 5.95
CA ALA A 1 -23.35 -14.98 4.89
C ALA A 1 -23.82 -14.46 3.53
N THR A 2 -25.07 -14.02 3.47
CA THR A 2 -25.64 -13.50 2.24
C THR A 2 -26.80 -12.55 2.54
N GLN A 3 -27.74 -13.01 3.37
CA GLN A 3 -28.89 -12.22 3.73
C GLN A 3 -28.47 -10.96 4.51
N ARG A 4 -27.57 -11.15 5.46
CA ARG A 4 -27.09 -10.04 6.28
C ARG A 4 -26.43 -8.97 5.41
N PHE A 5 -25.76 -9.41 4.36
CA PHE A 5 -25.08 -8.48 3.44
C PHE A 5 -26.09 -7.52 2.81
N LEU A 6 -27.23 -8.07 2.37
CA LEU A 6 -28.26 -7.26 1.75
C LEU A 6 -28.77 -6.18 2.70
N ILE A 7 -29.00 -6.57 3.96
CA ILE A 7 -29.49 -5.65 4.96
C ILE A 7 -28.45 -4.58 5.28
N GLU A 8 -27.17 -4.96 5.24
CA GLU A 8 -26.09 -4.03 5.52
C GLU A 8 -26.16 -2.84 4.58
N LYS A 9 -26.54 -3.10 3.32
CA LYS A 9 -26.66 -2.05 2.33
C LYS A 9 -27.81 -1.10 2.68
N PHE A 10 -28.77 -1.60 3.45
CA PHE A 10 -29.92 -0.81 3.86
C PHE A 10 -29.49 0.46 4.59
N SER A 11 -28.57 0.31 5.53
CA SER A 11 -28.07 1.45 6.30
C SER A 11 -27.28 2.40 5.40
N GLN A 12 -26.55 1.83 4.45
CA GLN A 12 -25.75 2.63 3.52
C GLN A 12 -24.71 3.45 4.28
N GLU A 13 -23.57 2.83 4.56
CA GLU A 13 -22.49 3.51 5.27
C GLU A 13 -21.43 4.00 4.30
N GLN A 14 -20.91 5.20 4.56
CA GLN A 14 -19.88 5.80 3.71
C GLN A 14 -18.50 5.30 4.11
N ILE A 15 -17.95 4.37 3.33
CA ILE A 15 -16.63 3.81 3.60
C ILE A 15 -15.53 4.72 3.10
N GLY A 16 -14.50 4.84 3.91
CA GLY A 16 -13.37 5.68 3.57
C GLY A 16 -13.36 6.98 4.34
N GLU A 17 -12.65 7.00 5.46
CA GLU A 17 -12.56 8.19 6.29
C GLU A 17 -11.54 9.17 5.73
N ASN A 18 -10.46 8.63 5.13
CA ASN A 18 -9.41 9.45 4.55
C ASN A 18 -8.37 8.51 4.00
N ILE A 19 -8.86 7.43 3.44
CA ILE A 19 -8.04 6.39 2.92
C ILE A 19 -7.39 6.77 1.60
N VAL A 20 -6.11 6.48 1.51
CA VAL A 20 -5.31 6.77 0.37
C VAL A 20 -5.33 5.58 -0.59
N CYS A 21 -4.84 4.45 -0.10
CA CYS A 21 -4.81 3.21 -0.86
C CYS A 21 -5.02 2.01 0.06
N ARG A 22 -5.66 0.97 -0.46
CA ARG A 22 -5.93 -0.23 0.33
C ARG A 22 -5.16 -1.44 -0.20
N VAL A 23 -4.61 -2.23 0.72
CA VAL A 23 -3.85 -3.42 0.34
C VAL A 23 -4.66 -4.68 0.62
N ILE A 24 -4.87 -5.48 -0.42
CA ILE A 24 -5.65 -6.71 -0.30
C ILE A 24 -4.87 -7.91 -0.85
N CYS A 25 -4.64 -8.91 0.01
CA CYS A 25 -3.92 -10.10 -0.40
C CYS A 25 -4.84 -11.05 -1.17
N THR A 26 -4.53 -11.28 -2.44
CA THR A 26 -5.35 -12.14 -3.28
C THR A 26 -4.91 -13.61 -3.17
N THR A 27 -3.65 -13.83 -2.80
CA THR A 27 -3.13 -15.18 -2.67
C THR A 27 -3.54 -15.81 -1.34
N GLY A 28 -4.25 -15.05 -0.52
CA GLY A 28 -4.70 -15.56 0.77
C GLY A 28 -3.56 -15.88 1.71
N GLN A 29 -2.97 -14.86 2.30
CA GLN A 29 -1.86 -15.04 3.23
C GLN A 29 -1.88 -13.97 4.33
N ILE A 30 -2.17 -12.74 3.94
CA ILE A 30 -2.22 -11.62 4.87
C ILE A 30 -3.59 -10.94 4.85
N PRO A 31 -4.10 -10.51 6.02
CA PRO A 31 -5.40 -9.85 6.10
C PRO A 31 -5.38 -8.45 5.53
N ILE A 32 -6.49 -8.05 4.90
CA ILE A 32 -6.60 -6.73 4.30
C ILE A 32 -6.33 -5.61 5.31
N ARG A 33 -5.75 -4.52 4.83
CA ARG A 33 -5.44 -3.37 5.67
C ARG A 33 -5.85 -2.08 4.97
N ASP A 34 -5.99 -1.00 5.74
CA ASP A 34 -6.37 0.28 5.16
C ASP A 34 -5.30 1.34 5.39
N LEU A 35 -4.78 1.87 4.28
CA LEU A 35 -3.78 2.92 4.33
C LEU A 35 -4.46 4.26 4.11
N SER A 36 -4.15 5.25 4.95
CA SER A 36 -4.79 6.55 4.81
C SER A 36 -3.90 7.71 5.17
N ALA A 37 -4.29 8.85 4.65
CA ALA A 37 -3.58 10.11 4.90
C ALA A 37 -4.58 11.24 5.09
N ASP A 38 -4.27 12.15 6.02
CA ASP A 38 -5.14 13.27 6.31
C ASP A 38 -4.91 14.41 5.34
N ILE A 39 -6.00 14.97 4.83
CA ILE A 39 -5.95 16.08 3.88
C ILE A 39 -5.35 17.34 4.50
N SER A 40 -5.78 17.65 5.71
CA SER A 40 -5.30 18.84 6.41
C SER A 40 -3.80 18.77 6.62
N GLN A 41 -3.34 17.56 6.93
CA GLN A 41 -1.92 17.32 7.17
C GLN A 41 -1.14 17.47 5.87
N VAL A 42 -1.75 17.02 4.78
CA VAL A 42 -1.12 17.09 3.46
C VAL A 42 -0.95 18.54 3.03
N LEU A 43 -2.01 19.33 3.15
CA LEU A 43 -1.97 20.74 2.79
C LEU A 43 -1.13 21.54 3.77
N LYS A 44 -1.14 21.13 5.03
CA LYS A 44 -0.38 21.81 6.07
C LYS A 44 1.10 21.44 6.00
N GLU A 45 1.38 20.16 5.79
CA GLU A 45 2.75 19.69 5.70
C GLU A 45 3.48 20.32 4.51
N LYS A 46 4.56 21.03 4.80
CA LYS A 46 5.34 21.69 3.76
C LYS A 46 6.61 20.90 3.45
N ARG A 47 6.44 19.74 2.82
CA ARG A 47 7.57 18.89 2.48
C ARG A 47 7.33 18.16 1.17
N SER A 48 8.35 17.49 0.65
CA SER A 48 8.23 16.75 -0.60
C SER A 48 7.39 15.50 -0.41
N ILE A 49 7.41 14.94 0.79
CA ILE A 49 6.65 13.74 1.09
C ILE A 49 5.56 14.03 2.14
N LYS A 50 4.44 13.32 2.03
CA LYS A 50 3.34 13.51 2.96
C LYS A 50 3.28 12.36 3.96
N LYS A 51 2.97 11.16 3.47
CA LYS A 51 2.88 9.98 4.32
C LYS A 51 3.23 8.72 3.55
N VAL A 52 4.11 7.90 4.12
CA VAL A 52 4.53 6.67 3.47
C VAL A 52 4.32 5.45 4.35
N TRP A 53 3.86 4.37 3.73
CA TRP A 53 3.61 3.10 4.44
C TRP A 53 4.70 2.08 4.18
N THR A 54 5.09 1.36 5.23
CA THR A 54 6.09 0.31 5.09
C THR A 54 5.44 -1.04 5.31
N PHE A 55 5.65 -1.96 4.38
CA PHE A 55 5.07 -3.30 4.47
C PHE A 55 6.13 -4.37 4.55
N GLY A 56 5.84 -5.43 5.30
CA GLY A 56 6.79 -6.52 5.45
C GLY A 56 6.49 -7.38 6.66
N ARG A 57 7.45 -8.23 7.02
CA ARG A 57 7.29 -9.12 8.18
C ARG A 57 7.65 -8.42 9.48
N ASN A 58 7.93 -7.13 9.42
CA ASN A 58 8.29 -6.36 10.61
C ASN A 58 7.06 -5.87 11.34
N PRO A 59 7.00 -6.05 12.68
CA PRO A 59 5.86 -5.61 13.49
C PRO A 59 5.75 -4.09 13.50
N ALA A 60 6.82 -3.42 13.07
CA ALA A 60 6.84 -1.98 13.01
C ALA A 60 6.18 -1.55 11.73
N CYS A 61 6.53 -2.27 10.67
CA CYS A 61 6.00 -2.01 9.37
C CYS A 61 4.52 -1.75 9.42
N ASP A 62 4.09 -0.78 8.65
CA ASP A 62 2.68 -0.45 8.60
C ASP A 62 1.86 -1.68 8.22
N TYR A 63 2.53 -2.69 7.65
CA TYR A 63 1.85 -3.92 7.25
C TYR A 63 2.58 -5.15 7.76
N HIS A 64 1.87 -6.00 8.49
CA HIS A 64 2.45 -7.23 9.04
C HIS A 64 2.03 -8.44 8.22
N LEU A 65 2.98 -9.06 7.54
CA LEU A 65 2.70 -10.22 6.70
C LEU A 65 3.49 -11.45 7.19
N GLY A 66 3.07 -12.00 8.32
CA GLY A 66 3.74 -13.17 8.86
C GLY A 66 5.25 -13.02 8.91
N ASN A 67 5.96 -14.04 8.43
CA ASN A 67 7.42 -14.00 8.42
C ASN A 67 7.98 -14.98 7.38
N ILE A 68 8.06 -14.53 6.13
CA ILE A 68 8.58 -15.37 5.05
C ILE A 68 10.05 -15.06 4.80
N SER A 69 10.86 -16.11 4.77
CA SER A 69 12.30 -15.96 4.54
C SER A 69 12.58 -15.26 3.22
N ARG A 70 11.67 -15.41 2.27
CA ARG A 70 11.82 -14.79 0.96
C ARG A 70 11.55 -13.28 1.03
N LEU A 71 10.72 -12.88 1.99
CA LEU A 71 10.39 -11.47 2.16
C LEU A 71 11.21 -10.84 3.27
N SER A 72 11.45 -9.53 3.17
CA SER A 72 12.23 -8.83 4.19
C SER A 72 11.33 -8.18 5.25
N ASN A 73 11.94 -7.75 6.36
CA ASN A 73 11.19 -7.09 7.44
C ASN A 73 10.20 -6.09 6.85
N LYS A 74 10.74 -5.20 6.04
CA LYS A 74 9.96 -4.21 5.33
C LYS A 74 10.16 -4.46 3.85
N HIS A 75 9.38 -5.38 3.32
CA HIS A 75 9.49 -5.79 1.93
C HIS A 75 9.25 -4.64 0.98
N PHE A 76 8.20 -3.88 1.21
CA PHE A 76 7.89 -2.76 0.33
C PHE A 76 7.31 -1.57 1.09
N GLN A 77 7.38 -0.39 0.46
CA GLN A 77 6.88 0.83 1.08
C GLN A 77 6.07 1.66 0.09
N ILE A 78 4.99 2.28 0.55
CA ILE A 78 4.16 3.11 -0.33
C ILE A 78 4.16 4.56 0.13
N LEU A 79 4.37 5.50 -0.79
CA LEU A 79 4.39 6.91 -0.43
C LEU A 79 3.19 7.65 -1.01
N LEU A 80 2.78 8.71 -0.33
CA LEU A 80 1.65 9.52 -0.77
C LEU A 80 2.05 10.98 -0.90
N GLY A 81 1.86 11.54 -2.09
CA GLY A 81 2.22 12.93 -2.32
C GLY A 81 1.03 13.87 -2.25
N GLU A 82 1.30 15.16 -2.16
CA GLU A 82 0.24 16.16 -2.09
C GLU A 82 -0.66 16.09 -3.32
N ASP A 83 -0.08 15.69 -4.45
CA ASP A 83 -0.83 15.58 -5.69
C ASP A 83 -2.02 14.64 -5.54
N GLY A 84 -2.75 14.43 -6.62
CA GLY A 84 -3.91 13.55 -6.58
C GLY A 84 -3.57 12.14 -7.03
N ASN A 85 -2.32 11.73 -6.81
CA ASN A 85 -1.89 10.39 -7.18
C ASN A 85 -1.10 9.73 -6.05
N LEU A 86 -0.62 8.52 -6.30
CA LEU A 86 0.15 7.78 -5.30
C LEU A 86 1.42 7.21 -5.90
N LEU A 87 2.38 6.88 -5.04
CA LEU A 87 3.65 6.32 -5.49
C LEU A 87 3.98 5.06 -4.70
N LEU A 88 4.58 4.09 -5.39
CA LEU A 88 4.94 2.82 -4.75
C LEU A 88 6.45 2.68 -4.67
N ASN A 89 6.96 2.41 -3.47
CA ASN A 89 8.39 2.26 -3.28
C ASN A 89 8.74 0.86 -2.78
N ASP A 90 9.48 0.13 -3.59
CA ASP A 90 9.90 -1.21 -3.23
C ASP A 90 11.10 -1.13 -2.27
N ILE A 91 11.11 -1.97 -1.24
CA ILE A 91 12.18 -1.95 -0.26
C ILE A 91 12.49 -3.35 0.28
N SER A 92 12.47 -4.34 -0.59
CA SER A 92 12.71 -5.70 -0.20
C SER A 92 14.15 -6.13 -0.49
N THR A 93 14.65 -7.05 0.32
CA THR A 93 15.99 -7.58 0.12
C THR A 93 16.04 -8.41 -1.15
N ASN A 94 14.90 -9.05 -1.47
CA ASN A 94 14.81 -9.90 -2.65
C ASN A 94 14.17 -9.18 -3.85
N GLY A 95 13.45 -8.10 -3.59
CA GLY A 95 12.83 -7.37 -4.67
C GLY A 95 11.31 -7.34 -4.60
N THR A 96 10.73 -6.35 -5.25
CA THR A 96 9.28 -6.18 -5.29
C THR A 96 8.80 -6.29 -6.73
N TRP A 97 7.68 -6.98 -6.93
CA TRP A 97 7.18 -7.19 -8.28
C TRP A 97 5.83 -6.55 -8.53
N LEU A 98 5.63 -6.14 -9.78
CA LEU A 98 4.38 -5.55 -10.20
C LEU A 98 3.85 -6.35 -11.39
N ASN A 99 2.72 -7.01 -11.18
CA ASN A 99 2.10 -7.84 -12.22
C ASN A 99 3.12 -8.70 -12.98
N GLY A 100 4.04 -9.31 -12.24
CA GLY A 100 5.03 -10.17 -12.87
C GLY A 100 6.26 -9.42 -13.32
N GLN A 101 6.20 -8.09 -13.33
CA GLN A 101 7.35 -7.30 -13.74
C GLN A 101 8.03 -6.68 -12.53
N LYS A 102 9.30 -7.04 -12.33
CA LYS A 102 10.08 -6.54 -11.22
C LYS A 102 10.45 -5.08 -11.42
N VAL A 103 10.21 -4.27 -10.39
CA VAL A 103 10.52 -2.85 -10.44
C VAL A 103 11.83 -2.55 -9.72
N GLU A 104 12.40 -1.38 -9.98
CA GLU A 104 13.65 -0.97 -9.36
C GLU A 104 13.44 -0.69 -7.87
N LYS A 105 14.21 -1.37 -7.02
CA LYS A 105 14.10 -1.20 -5.58
C LYS A 105 14.15 0.28 -5.21
N ASN A 106 13.68 0.58 -4.00
CA ASN A 106 13.65 1.94 -3.47
C ASN A 106 13.40 2.98 -4.55
N SER A 107 12.60 2.61 -5.53
CA SER A 107 12.26 3.50 -6.63
C SER A 107 10.79 3.91 -6.58
N ASN A 108 10.50 5.15 -6.98
CA ASN A 108 9.13 5.66 -6.99
C ASN A 108 8.42 5.28 -8.28
N GLN A 109 7.24 4.70 -8.15
CA GLN A 109 6.46 4.29 -9.32
C GLN A 109 5.03 4.81 -9.22
N LEU A 110 4.43 5.12 -10.35
CA LEU A 110 3.06 5.63 -10.39
C LEU A 110 2.08 4.50 -10.08
N LEU A 111 1.31 4.67 -9.01
CA LEU A 111 0.34 3.66 -8.61
C LEU A 111 -0.64 3.34 -9.74
N SER A 112 -1.23 2.17 -9.64
CA SER A 112 -2.20 1.70 -10.65
C SER A 112 -3.51 1.33 -9.97
N GLN A 113 -4.61 1.42 -10.72
CA GLN A 113 -5.93 1.09 -10.18
C GLN A 113 -6.06 -0.41 -9.98
N GLY A 114 -6.33 -0.82 -8.75
CA GLY A 114 -6.46 -2.23 -8.44
C GLY A 114 -5.22 -3.01 -8.80
N ASP A 115 -4.08 -2.31 -8.83
CA ASP A 115 -2.80 -2.94 -9.16
C ASP A 115 -2.49 -4.08 -8.20
N GLU A 116 -1.40 -4.77 -8.46
CA GLU A 116 -0.99 -5.89 -7.62
C GLU A 116 0.53 -5.97 -7.52
N ILE A 117 1.04 -6.18 -6.30
CA ILE A 117 2.47 -6.30 -6.08
C ILE A 117 2.83 -7.71 -5.66
N THR A 118 3.79 -8.31 -6.34
CA THR A 118 4.23 -9.65 -6.04
C THR A 118 5.57 -9.61 -5.30
N VAL A 119 5.72 -10.45 -4.28
CA VAL A 119 6.94 -10.47 -3.50
C VAL A 119 7.37 -11.88 -3.13
N GLY A 120 8.66 -12.02 -2.81
CA GLY A 120 9.20 -13.31 -2.45
C GLY A 120 9.58 -14.13 -3.65
N VAL A 121 10.02 -13.44 -4.70
CA VAL A 121 10.41 -14.08 -5.94
C VAL A 121 11.75 -14.77 -5.82
N GLY A 122 11.82 -15.94 -6.45
CA GLY A 122 13.01 -16.75 -6.43
C GLY A 122 12.63 -18.20 -6.56
N VAL A 123 11.53 -18.55 -5.90
CA VAL A 123 10.98 -19.88 -5.92
C VAL A 123 9.52 -19.80 -6.34
N GLU A 124 9.16 -20.51 -7.40
CA GLU A 124 7.79 -20.48 -7.91
C GLU A 124 6.78 -20.74 -6.80
N SER A 125 7.16 -21.55 -5.82
CA SER A 125 6.29 -21.88 -4.72
C SER A 125 6.50 -20.96 -3.51
N ASP A 126 7.31 -19.92 -3.65
CA ASP A 126 7.57 -19.02 -2.54
C ASP A 126 7.30 -17.57 -2.86
N ILE A 127 6.37 -17.35 -3.76
CA ILE A 127 5.98 -16.01 -4.15
C ILE A 127 4.60 -15.66 -3.58
N LEU A 128 4.49 -14.42 -3.12
CA LEU A 128 3.24 -13.93 -2.54
C LEU A 128 2.79 -12.65 -3.27
N SER A 129 1.50 -12.58 -3.61
CA SER A 129 0.99 -11.41 -4.31
C SER A 129 0.02 -10.61 -3.46
N LEU A 130 -0.02 -9.31 -3.73
CA LEU A 130 -0.88 -8.38 -3.02
C LEU A 130 -1.58 -7.45 -4.02
N VAL A 131 -2.78 -7.02 -3.69
CA VAL A 131 -3.55 -6.13 -4.57
C VAL A 131 -3.74 -4.76 -3.92
N ILE A 132 -3.53 -3.71 -4.70
CA ILE A 132 -3.67 -2.37 -4.22
C ILE A 132 -4.94 -1.71 -4.75
N PHE A 133 -5.79 -1.26 -3.84
CA PHE A 133 -7.05 -0.62 -4.23
C PHE A 133 -7.01 0.87 -3.87
N ILE A 134 -7.17 1.72 -4.87
CA ILE A 134 -7.14 3.16 -4.64
C ILE A 134 -8.51 3.69 -4.22
N ASN A 135 -8.52 4.53 -3.20
CA ASN A 135 -9.76 5.10 -2.69
C ASN A 135 -10.16 6.33 -3.49
N ASP A 136 -11.37 6.30 -4.04
CA ASP A 136 -11.87 7.42 -4.83
C ASP A 136 -12.19 8.62 -3.95
N LYS A 137 -12.33 8.38 -2.65
CA LYS A 137 -12.64 9.45 -1.71
C LYS A 137 -11.57 10.54 -1.77
N PHE A 138 -10.32 10.13 -1.82
CA PHE A 138 -9.20 11.06 -1.90
C PHE A 138 -9.32 11.94 -3.14
N LYS A 139 -9.65 11.32 -4.26
CA LYS A 139 -9.80 12.04 -5.52
C LYS A 139 -10.97 13.02 -5.45
N GLN A 140 -12.00 12.65 -4.72
CA GLN A 140 -13.19 13.49 -4.58
C GLN A 140 -12.87 14.74 -3.76
N CYS A 141 -12.17 14.57 -2.65
CA CYS A 141 -11.81 15.69 -1.79
C CYS A 141 -10.95 16.71 -2.56
N LEU A 142 -9.97 16.21 -3.28
CA LEU A 142 -9.07 17.07 -4.06
C LEU A 142 -9.87 17.88 -5.09
N GLU A 143 -10.86 17.24 -5.70
CA GLU A 143 -11.67 17.89 -6.71
C GLU A 143 -12.44 19.06 -6.10
N GLN A 144 -13.00 18.85 -4.92
CA GLN A 144 -13.75 19.88 -4.23
C GLN A 144 -12.82 20.89 -3.56
N ASN A 145 -11.70 20.39 -3.02
CA ASN A 145 -10.72 21.24 -2.36
C ASN A 145 -11.38 22.28 -1.46
N LYS A 146 -12.39 21.84 -0.70
CA LYS A 146 -13.10 22.74 0.19
C LYS A 146 -12.17 23.28 1.28
N VAL A 147 -11.93 24.59 1.25
CA VAL A 147 -11.06 25.22 2.23
C VAL A 147 -11.77 25.40 3.56
N ASP A 148 -11.09 25.01 4.64
CA ASP A 148 -11.67 25.12 5.99
C ASP A 148 -11.71 26.57 6.43
N ARG A 149 -12.15 26.79 7.67
CA ARG A 149 -12.24 28.14 8.22
C ARG A 149 -10.90 28.58 8.82
N ILE A 150 -10.79 29.87 9.13
CA ILE A 150 -9.58 30.41 9.70
C ILE A 150 -9.55 30.26 11.21
N ARG A 151 -8.49 29.65 11.73
CA ARG A 151 -8.36 29.44 13.17
C ARG A 151 -7.31 30.37 13.76
N ASN B 1 24.75 -13.29 7.20
CA ASN B 1 24.41 -11.87 6.94
C ASN B 1 22.98 -11.55 7.36
N ILE B 2 22.62 -10.27 7.30
CA ILE B 2 21.29 -9.84 7.69
C ILE B 2 20.26 -10.22 6.63
N TPO B 3 19.06 -10.61 7.08
CA TPO B 3 18.00 -10.99 6.16
CB TPO B 3 17.65 -9.86 5.19
CG2 TPO B 3 16.56 -10.28 4.22
OG1 TPO B 3 17.24 -8.72 5.90
P TPO B 3 16.03 -8.87 6.89
O1P TPO B 3 16.67 -8.94 8.29
O2P TPO B 3 15.24 -7.54 6.75
O3P TPO B 3 15.18 -10.07 6.58
C TPO B 3 18.39 -12.24 5.37
O TPO B 3 19.55 -12.43 5.02
H TPO B 3 18.90 -10.63 8.04
HA TPO B 3 17.12 -11.22 6.75
HB TPO B 3 18.53 -9.61 4.62
HG21 TPO B 3 17.00 -10.54 3.27
HG22 TPO B 3 15.87 -9.46 4.07
HG23 TPO B 3 16.03 -11.12 4.62
N GLN B 4 17.40 -13.10 5.09
CA GLN B 4 17.65 -14.33 4.35
C GLN B 4 17.47 -14.09 2.84
N PRO B 5 18.58 -14.07 2.08
CA PRO B 5 18.53 -13.86 0.62
C PRO B 5 17.97 -15.06 -0.12
N THR B 6 18.11 -15.04 -1.45
CA THR B 6 17.62 -16.14 -2.28
C THR B 6 18.35 -16.17 -3.62
N GLN B 7 18.35 -17.33 -4.26
CA GLN B 7 19.01 -17.48 -5.55
C GLN B 7 18.04 -17.24 -6.70
N GLN B 8 18.53 -16.61 -7.76
CA GLN B 8 17.70 -16.32 -8.93
C GLN B 8 18.29 -16.93 -10.19
N SER B 9 17.44 -17.26 -11.14
CA SER B 9 17.88 -17.86 -12.40
C SER B 9 18.59 -19.18 -12.15
N THR B 10 19.04 -19.83 -13.22
CA THR B 10 19.74 -21.10 -13.13
C THR B 10 21.19 -20.90 -12.72
#